data_6BPO
#
_entry.id   6BPO
#
_cell.length_a   81.674
_cell.length_b   133.159
_cell.length_c   135.100
_cell.angle_alpha   101.50
_cell.angle_beta   107.42
_cell.angle_gamma   92.88
#
_symmetry.space_group_name_H-M   'P 1'
#
loop_
_entity.id
_entity.type
_entity.pdbx_description
1 polymer 'Catecholate siderophore receptor Fiu'
2 non-polymer 'octyl beta-D-glucopyranoside'
3 water water
#
_entity_poly.entity_id   1
_entity_poly.type   'polypeptide(L)'
_entity_poly.pdbx_seq_one_letter_code
;AEGQTNADDTLVVEASTPSLYAPQQSADPKFSRPVADTTRTMTVISEQVIKDQGATNLTDALKNVPGVGAFFAGENGNST
TGDAIYMRGADTSNSIYIDGIRDIGSVSRDTFNTEQVEVIKGPSGTDYGRSAPTGSINMISKQPRNDSGIDASASIGSAW
FRRGTLDVNQVIGDTTAVRLNVMGEKTHDAGRDKVKNERYGVAPSVAFGLGTANRLYLNYLHVTQHNTPDGGIPTIGLPG
YSAPSAGTAALNHSGKVDTHNFYGTDSDYDDSTTDTATMRFEHDINDNTTIRNTTRWSRVKQDYLMTAIMGGASNITQPT
SDVNSWTWSRTANTKDVSNKILTNQTNLTSTFYTGSIGHDVSTGVEFTRETQTNYGVNPVTLPAVNIYHPDSSIHPGGLT
RNGANANGQTDTFAIYAFDTLQITRDFELNGGIRLDNYHTEYDSATACGGSGRGAITCPTGVAKGSPVTTVDTAKSGNLM
NWKAGALYHLTENGNVYINYAVSQQPPGGNNFALAQSGSGNSANRTDFKPQKANTSEIGTKWQVLDKRLLLTAALFRTDI
ENEVEQNDDGTYSQYGKKRVEGYEISVAGNITPAWQVIGGYTQQKATIKNGKDVAQDGSSSLPYTPEHAFTLWSQYQATD
DISVGAGARYIGSMHKGSDGAVGTPAFTEGYWVADAKLGYRVNRNLDFQLNVYNLFDTDYVASINKSGYRYHPGEPRTFL
LTANMHF
;
_entity_poly.pdbx_strand_id   A,B,C,D
#
loop_
_chem_comp.id
_chem_comp.type
_chem_comp.name
_chem_comp.formula
BOG D-saccharide 'octyl beta-D-glucopyranoside' 'C14 H28 O6'
#
# COMPACT_ATOMS: atom_id res chain seq x y z
N THR A 17 -71.62 -4.22 31.18
CA THR A 17 -70.28 -3.62 31.11
C THR A 17 -69.61 -3.85 29.71
N PRO A 18 -68.88 -2.86 29.14
CA PRO A 18 -68.28 -3.06 27.80
C PRO A 18 -67.00 -3.89 27.82
N SER A 19 -66.78 -4.68 26.76
CA SER A 19 -65.59 -5.50 26.61
C SER A 19 -64.45 -4.64 26.10
N LEU A 20 -63.24 -4.92 26.58
CA LEU A 20 -62.03 -4.19 26.21
C LEU A 20 -61.60 -4.47 24.76
N TYR A 21 -62.04 -5.60 24.18
CA TYR A 21 -61.75 -6.05 22.82
C TYR A 21 -62.72 -5.49 21.76
N ALA A 22 -63.88 -4.95 22.20
CA ALA A 22 -64.91 -4.37 21.32
C ALA A 22 -65.43 -3.01 21.85
N PRO A 23 -64.75 -1.87 21.50
CA PRO A 23 -65.22 -0.56 21.96
C PRO A 23 -66.60 -0.22 21.42
N GLN A 24 -67.49 0.24 22.30
CA GLN A 24 -68.87 0.53 21.98
C GLN A 24 -69.09 1.66 20.99
N GLN A 25 -68.23 2.70 20.98
CA GLN A 25 -68.46 3.82 20.04
C GLN A 25 -67.20 4.47 19.49
N SER A 26 -67.35 5.08 18.30
CA SER A 26 -66.32 5.84 17.62
C SER A 26 -66.06 7.16 18.40
N ALA A 27 -64.78 7.58 18.44
CA ALA A 27 -64.40 8.83 19.10
C ALA A 27 -64.71 10.05 18.21
N ASP A 28 -65.07 9.80 16.93
CA ASP A 28 -65.41 10.84 15.95
C ASP A 28 -66.87 11.28 16.15
N PRO A 29 -67.13 12.60 16.38
CA PRO A 29 -68.52 13.05 16.60
C PRO A 29 -69.41 12.97 15.37
N LYS A 30 -68.83 12.65 14.18
CA LYS A 30 -69.49 12.46 12.89
C LYS A 30 -70.36 11.19 12.91
N PHE A 31 -70.06 10.28 13.86
CA PHE A 31 -70.76 9.02 14.05
C PHE A 31 -71.68 9.11 15.25
N SER A 32 -72.99 9.27 14.95
CA SER A 32 -74.09 9.50 15.89
C SER A 32 -74.68 8.25 16.57
N ARG A 33 -74.15 7.04 16.28
CA ARG A 33 -74.64 5.79 16.88
C ARG A 33 -73.51 4.83 17.31
N PRO A 34 -73.74 3.88 18.26
CA PRO A 34 -72.67 2.91 18.62
C PRO A 34 -72.35 2.00 17.44
N VAL A 35 -71.15 1.37 17.43
CA VAL A 35 -70.71 0.48 16.34
C VAL A 35 -71.80 -0.50 15.91
N ALA A 36 -72.51 -1.08 16.88
CA ALA A 36 -73.60 -2.04 16.66
C ALA A 36 -74.82 -1.43 15.95
N ASP A 37 -75.12 -0.16 16.21
CA ASP A 37 -76.25 0.56 15.64
C ASP A 37 -75.83 1.41 14.43
N THR A 38 -74.57 1.26 13.99
CA THR A 38 -74.00 1.97 12.85
C THR A 38 -74.19 1.15 11.58
N THR A 39 -74.74 1.78 10.53
CA THR A 39 -75.04 1.13 9.25
C THR A 39 -73.79 1.02 8.36
N ARG A 40 -72.63 0.63 8.94
CA ARG A 40 -71.35 0.53 8.22
C ARG A 40 -70.54 -0.71 8.60
N THR A 41 -69.59 -1.14 7.72
CA THR A 41 -68.67 -2.25 7.98
C THR A 41 -67.52 -1.66 8.81
N MET A 42 -67.83 -1.41 10.10
CA MET A 42 -66.93 -0.78 11.05
C MET A 42 -66.29 -1.76 12.02
N THR A 43 -64.99 -1.55 12.26
CA THR A 43 -64.17 -2.32 13.19
C THR A 43 -63.39 -1.35 14.06
N VAL A 44 -63.42 -1.55 15.38
CA VAL A 44 -62.68 -0.70 16.29
C VAL A 44 -61.61 -1.53 17.01
N ILE A 45 -60.33 -1.34 16.61
CA ILE A 45 -59.19 -2.04 17.22
C ILE A 45 -58.76 -1.21 18.43
N SER A 46 -58.97 -1.74 19.65
CA SER A 46 -58.65 -1.05 20.90
C SER A 46 -57.16 -1.08 21.27
N GLU A 47 -56.76 -0.27 22.27
CA GLU A 47 -55.40 -0.21 22.79
C GLU A 47 -55.06 -1.55 23.44
N GLN A 48 -56.06 -2.15 24.10
CA GLN A 48 -55.98 -3.44 24.79
C GLN A 48 -55.52 -4.57 23.87
N VAL A 49 -56.13 -4.70 22.67
CA VAL A 49 -55.77 -5.72 21.67
C VAL A 49 -54.29 -5.54 21.23
N ILE A 50 -53.92 -4.31 20.82
CA ILE A 50 -52.58 -3.89 20.39
C ILE A 50 -51.52 -4.30 21.44
N LYS A 51 -51.80 -4.04 22.73
CA LYS A 51 -50.91 -4.37 23.84
C LYS A 51 -50.72 -5.89 24.04
N ASP A 52 -51.82 -6.67 23.89
CA ASP A 52 -51.83 -8.14 24.05
C ASP A 52 -51.14 -8.82 22.89
N GLN A 53 -51.26 -8.23 21.69
CA GLN A 53 -50.66 -8.74 20.46
C GLN A 53 -49.23 -8.26 20.31
N GLY A 54 -48.88 -7.20 21.00
CA GLY A 54 -47.54 -6.60 20.94
C GLY A 54 -47.35 -5.72 19.71
N ALA A 55 -48.48 -5.29 19.11
CA ALA A 55 -48.50 -4.40 17.94
C ALA A 55 -48.01 -3.03 18.38
N THR A 56 -47.09 -2.46 17.60
CA THR A 56 -46.44 -1.20 17.92
C THR A 56 -46.63 -0.17 16.79
N ASN A 57 -47.31 -0.57 15.69
CA ASN A 57 -47.58 0.27 14.53
C ASN A 57 -48.94 0.00 13.91
N LEU A 58 -49.34 0.89 13.00
CA LEU A 58 -50.61 0.80 12.29
C LEU A 58 -50.76 -0.49 11.49
N THR A 59 -49.77 -0.84 10.65
CA THR A 59 -49.81 -2.05 9.81
C THR A 59 -50.10 -3.29 10.65
N ASP A 60 -49.34 -3.51 11.73
CA ASP A 60 -49.50 -4.68 12.60
C ASP A 60 -50.87 -4.72 13.28
N ALA A 61 -51.36 -3.55 13.77
CA ALA A 61 -52.69 -3.42 14.39
C ALA A 61 -53.78 -3.70 13.35
N LEU A 62 -53.55 -3.31 12.06
CA LEU A 62 -54.46 -3.52 10.92
C LEU A 62 -54.59 -5.00 10.48
N LYS A 63 -53.71 -5.88 11.03
CA LYS A 63 -53.80 -7.31 10.78
C LYS A 63 -55.11 -7.84 11.40
N ASN A 64 -55.70 -7.07 12.33
CA ASN A 64 -56.96 -7.41 12.99
C ASN A 64 -58.18 -7.27 12.07
N VAL A 65 -57.98 -6.70 10.86
CA VAL A 65 -59.03 -6.55 9.86
C VAL A 65 -58.61 -7.39 8.64
N PRO A 66 -59.46 -8.35 8.20
CA PRO A 66 -59.05 -9.22 7.08
C PRO A 66 -58.87 -8.52 5.74
N GLY A 67 -57.84 -8.94 5.01
CA GLY A 67 -57.49 -8.42 3.69
C GLY A 67 -57.06 -6.97 3.67
N VAL A 68 -56.30 -6.55 4.70
CA VAL A 68 -55.81 -5.18 4.86
C VAL A 68 -54.32 -5.28 5.20
N GLY A 69 -53.47 -4.79 4.29
CA GLY A 69 -52.02 -4.78 4.42
C GLY A 69 -51.27 -4.26 3.22
N ALA A 70 -49.94 -4.09 3.34
CA ALA A 70 -49.08 -3.58 2.25
C ALA A 70 -48.69 -4.69 1.25
N PHE A 71 -49.63 -5.04 0.34
CA PHE A 71 -49.51 -6.14 -0.63
C PHE A 71 -48.70 -5.83 -1.91
N PHE A 72 -48.27 -4.57 -2.10
CA PHE A 72 -47.54 -4.14 -3.28
C PHE A 72 -46.19 -3.49 -2.93
N ALA A 73 -45.10 -3.94 -3.57
CA ALA A 73 -43.73 -3.47 -3.36
C ALA A 73 -43.32 -2.19 -4.13
N GLY A 74 -44.03 -1.86 -5.20
CA GLY A 74 -43.74 -0.68 -6.01
C GLY A 74 -43.49 -1.02 -7.48
N GLU A 75 -42.87 -0.07 -8.22
CA GLU A 75 -42.56 -0.23 -9.63
C GLU A 75 -41.04 -0.54 -9.80
N ASN A 76 -40.31 0.19 -10.66
CA ASN A 76 -38.86 -0.01 -10.78
C ASN A 76 -38.08 1.27 -10.39
N GLY A 77 -38.68 2.42 -10.65
CA GLY A 77 -38.13 3.72 -10.31
C GLY A 77 -38.61 4.19 -8.95
N ASN A 78 -39.63 3.50 -8.43
CA ASN A 78 -40.24 3.78 -7.13
C ASN A 78 -40.56 2.48 -6.43
N SER A 79 -40.49 2.49 -5.09
CA SER A 79 -40.81 1.35 -4.24
C SER A 79 -41.57 1.81 -3.01
N THR A 80 -42.60 1.05 -2.60
CA THR A 80 -43.46 1.43 -1.47
C THR A 80 -42.77 1.25 -0.11
N THR A 81 -42.99 2.26 0.76
CA THR A 81 -42.46 2.38 2.11
C THR A 81 -43.60 2.63 3.10
N GLY A 82 -43.35 2.36 4.39
CA GLY A 82 -44.30 2.58 5.47
C GLY A 82 -45.63 1.87 5.32
N ASP A 83 -46.70 2.48 5.88
CA ASP A 83 -48.04 1.92 5.83
C ASP A 83 -48.66 2.09 4.43
N ALA A 84 -48.14 1.34 3.42
CA ALA A 84 -48.62 1.34 2.03
C ALA A 84 -49.77 0.32 1.92
N ILE A 85 -50.75 0.52 2.82
CA ILE A 85 -51.96 -0.27 3.03
C ILE A 85 -52.87 -0.31 1.81
N TYR A 86 -53.20 -1.54 1.42
CA TYR A 86 -54.15 -1.92 0.39
C TYR A 86 -55.31 -2.55 1.14
N MET A 87 -56.49 -2.06 0.86
CA MET A 87 -57.74 -2.48 1.47
C MET A 87 -58.76 -2.41 0.34
N ARG A 88 -59.69 -3.39 0.29
CA ARG A 88 -60.74 -3.46 -0.72
C ARG A 88 -60.29 -3.21 -2.20
N GLY A 89 -59.16 -3.79 -2.59
CA GLY A 89 -58.65 -3.74 -3.97
C GLY A 89 -57.92 -2.51 -4.47
N ALA A 90 -57.39 -1.66 -3.59
CA ALA A 90 -56.67 -0.46 -4.00
C ALA A 90 -55.86 0.16 -2.87
N ASP A 91 -54.80 0.91 -3.24
CA ASP A 91 -53.95 1.61 -2.29
C ASP A 91 -54.78 2.66 -1.55
N THR A 92 -54.87 2.50 -0.22
CA THR A 92 -55.65 3.38 0.66
C THR A 92 -54.74 4.21 1.57
N SER A 93 -53.42 4.24 1.27
CA SER A 93 -52.39 4.96 2.02
C SER A 93 -52.67 6.46 2.23
N ASN A 94 -53.33 7.11 1.25
CA ASN A 94 -53.71 8.53 1.28
C ASN A 94 -55.00 8.77 2.11
N SER A 95 -55.74 7.70 2.42
CA SER A 95 -56.96 7.76 3.22
C SER A 95 -56.69 7.23 4.65
N ILE A 96 -55.56 7.69 5.26
CA ILE A 96 -55.16 7.35 6.63
C ILE A 96 -55.29 8.64 7.42
N TYR A 97 -56.25 8.67 8.34
CA TYR A 97 -56.55 9.84 9.14
C TYR A 97 -56.11 9.65 10.54
N ILE A 98 -55.62 10.74 11.14
CA ILE A 98 -55.32 10.81 12.57
C ILE A 98 -56.33 11.84 13.10
N ASP A 99 -57.23 11.41 14.01
CA ASP A 99 -58.30 12.21 14.63
C ASP A 99 -59.23 12.90 13.59
N GLY A 100 -59.54 12.15 12.53
CA GLY A 100 -60.39 12.60 11.43
C GLY A 100 -59.74 13.62 10.53
N ILE A 101 -58.40 13.73 10.59
CA ILE A 101 -57.56 14.63 9.79
C ILE A 101 -56.58 13.81 8.94
N ARG A 102 -56.57 14.04 7.62
CA ARG A 102 -55.69 13.36 6.68
C ARG A 102 -54.22 13.39 7.10
N ASP A 103 -53.55 12.24 7.02
CA ASP A 103 -52.13 12.10 7.32
C ASP A 103 -51.49 11.42 6.11
N ILE A 104 -50.69 12.18 5.33
CA ILE A 104 -50.03 11.67 4.12
C ILE A 104 -48.52 11.63 4.31
N GLY A 105 -47.94 10.45 4.06
CA GLY A 105 -46.52 10.22 4.21
C GLY A 105 -46.24 8.73 4.20
N SER A 106 -45.37 8.28 3.27
CA SER A 106 -44.99 6.88 3.11
C SER A 106 -44.02 6.48 4.23
N VAL A 107 -44.44 6.74 5.48
CA VAL A 107 -43.76 6.52 6.74
C VAL A 107 -44.62 5.65 7.66
N SER A 108 -43.97 4.86 8.53
CA SER A 108 -44.65 3.99 9.48
C SER A 108 -45.19 4.81 10.67
N ARG A 109 -46.49 4.59 11.00
CA ARG A 109 -47.19 5.28 12.08
C ARG A 109 -47.22 4.36 13.31
N ASP A 110 -46.59 4.82 14.41
CA ASP A 110 -46.47 4.10 15.68
C ASP A 110 -47.72 4.26 16.54
N THR A 111 -48.10 3.20 17.28
CA THR A 111 -49.31 3.20 18.11
C THR A 111 -49.09 3.62 19.57
N PHE A 112 -47.93 4.25 19.89
CA PHE A 112 -47.55 4.68 21.25
C PHE A 112 -48.47 5.75 21.81
N ASN A 113 -49.14 6.53 20.94
CA ASN A 113 -50.05 7.60 21.35
C ASN A 113 -51.47 7.43 20.79
N THR A 114 -51.86 6.19 20.44
CA THR A 114 -53.22 5.95 19.94
C THR A 114 -53.99 5.03 20.89
N GLU A 115 -55.23 5.44 21.27
CA GLU A 115 -56.08 4.63 22.14
C GLU A 115 -56.83 3.58 21.34
N GLN A 116 -57.25 3.91 20.12
CA GLN A 116 -57.97 2.98 19.24
C GLN A 116 -57.85 3.34 17.77
N VAL A 117 -57.97 2.33 16.88
CA VAL A 117 -57.94 2.50 15.43
C VAL A 117 -59.31 2.14 14.89
N GLU A 118 -59.88 3.01 14.07
CA GLU A 118 -61.21 2.81 13.50
C GLU A 118 -61.13 2.47 12.02
N VAL A 119 -61.58 1.27 11.64
CA VAL A 119 -61.53 0.88 10.25
C VAL A 119 -62.93 0.71 9.69
N ILE A 120 -63.18 1.40 8.58
CA ILE A 120 -64.45 1.32 7.86
C ILE A 120 -64.16 0.87 6.43
N LYS A 121 -64.77 -0.22 6.03
CA LYS A 121 -64.68 -0.78 4.70
C LYS A 121 -65.93 -0.28 3.93
N GLY A 122 -65.69 0.34 2.79
CA GLY A 122 -66.75 0.91 1.96
C GLY A 122 -66.67 2.40 2.10
N PRO A 123 -66.15 3.13 1.08
CA PRO A 123 -65.97 4.58 1.22
C PRO A 123 -67.26 5.42 1.22
N SER A 124 -67.15 6.62 1.79
CA SER A 124 -68.19 7.62 1.88
C SER A 124 -67.48 8.99 1.85
N GLY A 125 -67.84 9.80 0.86
CA GLY A 125 -67.26 11.12 0.65
C GLY A 125 -67.69 12.13 1.69
N THR A 126 -68.75 11.77 2.44
CA THR A 126 -69.33 12.58 3.51
C THR A 126 -68.46 12.52 4.77
N ASP A 127 -67.91 11.33 5.04
CA ASP A 127 -67.10 11.05 6.21
C ASP A 127 -65.89 11.97 6.35
N TYR A 128 -64.87 11.87 5.47
CA TYR A 128 -63.68 12.70 5.62
C TYR A 128 -63.27 13.50 4.34
N GLY A 129 -64.17 13.58 3.37
CA GLY A 129 -63.92 14.28 2.11
C GLY A 129 -63.54 13.30 1.02
N ARG A 130 -62.60 13.71 0.13
CA ARG A 130 -62.08 12.89 -1.00
C ARG A 130 -61.36 11.66 -0.46
N SER A 131 -61.50 10.51 -1.12
CA SER A 131 -60.82 9.29 -0.63
C SER A 131 -60.64 8.22 -1.70
N ALA A 132 -59.92 7.16 -1.33
CA ALA A 132 -59.70 6.01 -2.19
C ALA A 132 -61.02 5.21 -2.22
N PRO A 133 -61.31 4.43 -3.30
CA PRO A 133 -62.57 3.66 -3.32
C PRO A 133 -62.45 2.38 -2.47
N THR A 134 -62.05 2.56 -1.20
CA THR A 134 -61.75 1.51 -0.23
C THR A 134 -62.54 1.69 1.07
N GLY A 135 -62.33 2.84 1.73
CA GLY A 135 -62.95 3.22 2.99
C GLY A 135 -62.02 4.08 3.80
N SER A 136 -62.17 4.05 5.15
CA SER A 136 -61.33 4.87 6.03
C SER A 136 -60.64 4.13 7.17
N ILE A 137 -59.41 4.57 7.49
CA ILE A 137 -58.56 4.10 8.61
C ILE A 137 -58.29 5.35 9.45
N ASN A 138 -58.71 5.33 10.73
CA ASN A 138 -58.58 6.48 11.59
C ASN A 138 -57.95 6.12 12.93
N MET A 139 -56.75 6.67 13.18
CA MET A 139 -55.98 6.46 14.41
C MET A 139 -56.40 7.51 15.44
N ILE A 140 -57.14 7.09 16.48
CA ILE A 140 -57.63 7.97 17.55
C ILE A 140 -56.53 8.25 18.61
N SER A 141 -56.17 9.53 18.79
CA SER A 141 -55.13 9.94 19.72
C SER A 141 -55.51 9.92 21.20
N LYS A 142 -54.51 9.60 22.07
CA LYS A 142 -54.60 9.56 23.51
C LYS A 142 -54.79 10.97 24.05
N GLN A 143 -55.76 11.15 24.96
CA GLN A 143 -56.08 12.44 25.59
C GLN A 143 -55.95 12.38 27.11
N PRO A 144 -55.73 13.52 27.83
CA PRO A 144 -55.65 13.47 29.29
C PRO A 144 -56.91 12.90 29.98
N ARG A 145 -56.68 12.01 30.97
CA ARG A 145 -57.72 11.30 31.71
C ARG A 145 -58.04 11.97 33.06
N ASN A 146 -59.19 11.61 33.67
CA ASN A 146 -59.62 12.13 34.98
C ASN A 146 -58.72 11.59 36.10
N ASP A 147 -58.37 10.30 36.04
CA ASP A 147 -57.53 9.59 37.01
C ASP A 147 -56.02 9.84 36.75
N SER A 148 -55.18 9.59 37.78
CA SER A 148 -53.73 9.71 37.67
C SER A 148 -53.04 8.35 37.77
N GLY A 149 -51.99 8.20 36.96
CA GLY A 149 -51.19 6.98 36.90
C GLY A 149 -50.05 7.08 35.91
N ILE A 150 -49.11 6.11 35.99
CA ILE A 150 -47.93 5.98 35.13
C ILE A 150 -47.93 4.55 34.60
N ASP A 151 -47.61 4.39 33.30
CA ASP A 151 -47.55 3.08 32.63
C ASP A 151 -46.26 2.97 31.85
N ALA A 152 -45.46 1.93 32.14
CA ALA A 152 -44.17 1.70 31.47
C ALA A 152 -44.11 0.35 30.81
N SER A 153 -43.38 0.26 29.69
CA SER A 153 -43.17 -1.00 28.96
C SER A 153 -41.77 -1.08 28.42
N ALA A 154 -41.02 -2.08 28.90
CA ALA A 154 -39.67 -2.39 28.46
C ALA A 154 -39.75 -3.67 27.64
N SER A 155 -39.19 -3.67 26.43
CA SER A 155 -39.26 -4.84 25.55
C SER A 155 -37.93 -5.23 24.97
N ILE A 156 -37.64 -6.54 24.98
CA ILE A 156 -36.47 -7.17 24.36
C ILE A 156 -36.99 -8.29 23.45
N GLY A 157 -36.59 -8.26 22.19
CA GLY A 157 -37.04 -9.26 21.23
C GLY A 157 -35.97 -9.81 20.32
N SER A 158 -36.41 -10.64 19.35
CA SER A 158 -35.58 -11.28 18.31
C SER A 158 -34.90 -10.22 17.46
N ALA A 159 -33.63 -10.46 17.10
CA ALA A 159 -32.76 -9.59 16.30
C ALA A 159 -32.52 -8.23 16.94
N TRP A 160 -32.12 -8.24 18.24
CA TRP A 160 -31.79 -7.06 19.05
C TRP A 160 -32.87 -5.98 19.10
N PHE A 161 -34.14 -6.39 19.22
CA PHE A 161 -35.27 -5.46 19.32
C PHE A 161 -35.29 -4.88 20.73
N ARG A 162 -35.48 -3.56 20.86
CA ARG A 162 -35.57 -2.88 22.15
C ARG A 162 -36.66 -1.82 22.10
N ARG A 163 -37.56 -1.81 23.10
CA ARG A 163 -38.65 -0.83 23.15
C ARG A 163 -38.94 -0.32 24.56
N GLY A 164 -39.05 0.99 24.67
CA GLY A 164 -39.34 1.68 25.91
C GLY A 164 -40.42 2.70 25.68
N THR A 165 -41.55 2.55 26.41
CA THR A 165 -42.71 3.44 26.32
C THR A 165 -43.14 3.87 27.71
N LEU A 166 -43.61 5.12 27.84
CA LEU A 166 -44.08 5.71 29.09
C LEU A 166 -45.38 6.46 28.83
N ASP A 167 -46.40 6.24 29.69
CA ASP A 167 -47.72 6.86 29.60
C ASP A 167 -48.10 7.45 30.97
N VAL A 168 -47.76 8.74 31.16
CA VAL A 168 -47.99 9.45 32.41
C VAL A 168 -49.19 10.38 32.34
N ASN A 169 -50.24 10.08 33.12
CA ASN A 169 -51.41 10.95 33.25
C ASN A 169 -51.40 11.48 34.66
N GLN A 170 -51.44 12.81 34.80
CA GLN A 170 -51.38 13.46 36.09
C GLN A 170 -52.41 14.57 36.15
N VAL A 171 -53.26 14.53 37.17
CA VAL A 171 -54.28 15.55 37.39
C VAL A 171 -53.66 16.68 38.22
N ILE A 172 -53.84 17.93 37.77
CA ILE A 172 -53.25 19.09 38.43
C ILE A 172 -54.26 19.77 39.36
N GLY A 173 -55.37 20.22 38.79
CA GLY A 173 -56.43 20.86 39.56
C GLY A 173 -57.69 20.04 39.61
N ASP A 174 -58.82 20.69 39.88
CA ASP A 174 -60.12 20.02 39.90
C ASP A 174 -60.64 19.78 38.48
N THR A 175 -60.18 20.61 37.50
CA THR A 175 -60.62 20.56 36.10
C THR A 175 -59.47 20.53 35.06
N THR A 176 -58.23 20.27 35.50
CA THR A 176 -57.06 20.25 34.60
C THR A 176 -56.16 19.04 34.87
N ALA A 177 -55.68 18.40 33.78
CA ALA A 177 -54.81 17.24 33.82
C ALA A 177 -53.88 17.21 32.60
N VAL A 178 -52.66 16.68 32.79
CA VAL A 178 -51.65 16.55 31.72
C VAL A 178 -51.40 15.10 31.33
N ARG A 179 -50.98 14.87 30.08
CA ARG A 179 -50.64 13.53 29.61
C ARG A 179 -49.35 13.55 28.80
N LEU A 180 -48.43 12.63 29.11
CA LEU A 180 -47.17 12.52 28.40
C LEU A 180 -46.90 11.09 27.93
N ASN A 181 -46.70 10.94 26.61
CA ASN A 181 -46.38 9.66 25.97
C ASN A 181 -45.00 9.73 25.39
N VAL A 182 -44.11 8.86 25.88
CA VAL A 182 -42.73 8.79 25.43
C VAL A 182 -42.52 7.44 24.73
N MET A 183 -41.58 7.38 23.77
CA MET A 183 -41.32 6.16 23.00
C MET A 183 -39.87 6.11 22.53
N GLY A 184 -39.35 4.89 22.45
CA GLY A 184 -38.02 4.59 21.97
C GLY A 184 -37.98 3.18 21.42
N GLU A 185 -37.60 3.04 20.14
CA GLU A 185 -37.50 1.74 19.46
C GLU A 185 -36.23 1.69 18.61
N LYS A 186 -35.35 0.74 18.91
CA LYS A 186 -34.11 0.54 18.17
C LYS A 186 -34.04 -0.94 17.87
N THR A 187 -34.04 -1.30 16.58
CA THR A 187 -34.05 -2.73 16.21
C THR A 187 -33.25 -3.03 14.94
N HIS A 188 -33.16 -4.33 14.60
CA HIS A 188 -32.53 -4.91 13.42
C HIS A 188 -33.65 -5.70 12.70
N ASP A 189 -33.28 -6.54 11.71
CA ASP A 189 -34.29 -7.36 11.02
C ASP A 189 -33.96 -8.83 11.15
N ALA A 190 -34.94 -9.62 11.62
CA ALA A 190 -34.80 -11.05 11.84
C ALA A 190 -34.63 -11.87 10.56
N GLY A 191 -35.29 -11.46 9.48
CA GLY A 191 -35.23 -12.16 8.20
C GLY A 191 -34.54 -11.42 7.06
N ARG A 192 -33.95 -10.24 7.35
CA ARG A 192 -33.28 -9.40 6.35
C ARG A 192 -31.95 -8.90 6.90
N ASP A 193 -30.86 -9.05 6.12
CA ASP A 193 -29.52 -8.58 6.50
C ASP A 193 -29.45 -7.07 6.39
N LYS A 194 -28.60 -6.42 7.21
CA LYS A 194 -28.28 -4.98 7.24
C LYS A 194 -29.46 -4.01 7.52
N VAL A 195 -30.72 -4.48 7.40
CA VAL A 195 -31.90 -3.65 7.65
C VAL A 195 -31.99 -3.31 9.15
N LYS A 196 -31.89 -2.00 9.47
CA LYS A 196 -31.95 -1.46 10.84
C LYS A 196 -33.03 -0.38 10.93
N ASN A 197 -33.90 -0.44 11.96
CA ASN A 197 -34.99 0.53 12.14
C ASN A 197 -34.94 1.20 13.52
N GLU A 198 -34.67 2.51 13.52
CA GLU A 198 -34.57 3.29 14.76
C GLU A 198 -35.62 4.41 14.75
N ARG A 199 -36.30 4.62 15.89
CA ARG A 199 -37.32 5.65 16.04
C ARG A 199 -37.57 6.02 17.50
N TYR A 200 -38.04 7.24 17.73
CA TYR A 200 -38.39 7.75 19.06
C TYR A 200 -39.51 8.79 18.95
N GLY A 201 -40.28 8.93 20.04
CA GLY A 201 -41.40 9.87 20.07
C GLY A 201 -41.70 10.47 21.41
N VAL A 202 -42.23 11.70 21.39
CA VAL A 202 -42.69 12.50 22.54
C VAL A 202 -44.07 13.05 22.20
N ALA A 203 -45.03 12.94 23.13
CA ALA A 203 -46.40 13.38 22.91
C ALA A 203 -47.00 14.08 24.13
N PRO A 204 -46.63 15.37 24.34
CA PRO A 204 -47.19 16.10 25.49
C PRO A 204 -48.60 16.59 25.19
N SER A 205 -49.47 16.56 26.20
CA SER A 205 -50.85 16.97 26.06
C SER A 205 -51.32 17.64 27.32
N VAL A 206 -52.15 18.66 27.17
CA VAL A 206 -52.72 19.41 28.29
C VAL A 206 -54.20 19.68 28.02
N ALA A 207 -55.06 19.37 29.01
CA ALA A 207 -56.51 19.57 28.91
C ALA A 207 -57.01 20.40 30.08
N PHE A 208 -57.79 21.44 29.78
CA PHE A 208 -58.37 22.33 30.78
C PHE A 208 -59.91 22.16 30.79
N GLY A 209 -60.53 22.51 31.90
CA GLY A 209 -61.98 22.46 32.06
C GLY A 209 -62.66 21.09 32.01
N LEU A 210 -61.92 20.01 32.32
CA LEU A 210 -62.48 18.64 32.34
C LEU A 210 -63.53 18.55 33.43
N GLY A 211 -64.72 18.10 33.04
CA GLY A 211 -65.85 18.01 33.96
C GLY A 211 -66.77 19.21 33.86
N THR A 212 -66.39 20.20 33.01
CA THR A 212 -67.22 21.38 32.81
C THR A 212 -67.73 21.47 31.35
N ALA A 213 -68.59 22.48 31.06
CA ALA A 213 -69.18 22.74 29.76
C ALA A 213 -68.17 23.36 28.80
N ASN A 214 -67.02 23.85 29.31
CA ASN A 214 -65.96 24.45 28.50
C ASN A 214 -64.67 23.65 28.64
N ARG A 215 -64.07 23.24 27.52
CA ARG A 215 -62.86 22.41 27.55
C ARG A 215 -61.88 22.77 26.45
N LEU A 216 -60.60 22.84 26.79
CA LEU A 216 -59.54 23.10 25.81
C LEU A 216 -58.52 21.98 25.88
N TYR A 217 -58.31 21.30 24.73
CA TYR A 217 -57.35 20.22 24.59
C TYR A 217 -56.21 20.66 23.67
N LEU A 218 -54.98 20.66 24.19
CA LEU A 218 -53.79 21.00 23.41
C LEU A 218 -52.87 19.80 23.36
N ASN A 219 -52.47 19.40 22.16
CA ASN A 219 -51.63 18.23 21.93
C ASN A 219 -50.50 18.53 20.97
N TYR A 220 -49.33 17.92 21.21
CA TYR A 220 -48.15 17.99 20.35
C TYR A 220 -47.64 16.55 20.17
N LEU A 221 -47.08 16.23 18.99
CA LEU A 221 -46.56 14.89 18.68
C LEU A 221 -45.32 15.01 17.82
N HIS A 222 -44.21 14.42 18.27
CA HIS A 222 -42.95 14.45 17.52
C HIS A 222 -42.36 13.07 17.41
N VAL A 223 -42.14 12.61 16.17
CA VAL A 223 -41.54 11.31 15.87
C VAL A 223 -40.39 11.49 14.90
N THR A 224 -39.20 10.98 15.26
CA THR A 224 -38.01 10.98 14.40
C THR A 224 -37.67 9.51 14.07
N GLN A 225 -37.38 9.21 12.80
CA GLN A 225 -37.02 7.86 12.39
C GLN A 225 -35.77 7.88 11.56
N HIS A 226 -34.88 6.90 11.78
CA HIS A 226 -33.63 6.67 11.02
C HIS A 226 -33.57 5.18 10.70
N ASN A 227 -34.09 4.80 9.52
CA ASN A 227 -34.18 3.40 9.06
C ASN A 227 -33.24 3.10 7.90
N THR A 228 -33.07 1.80 7.60
CA THR A 228 -32.32 1.26 6.47
C THR A 228 -33.41 0.59 5.62
N PRO A 229 -33.78 1.18 4.46
CA PRO A 229 -34.91 0.64 3.71
C PRO A 229 -34.54 -0.52 2.80
N ASP A 230 -35.47 -1.49 2.78
CA ASP A 230 -35.39 -2.72 2.01
C ASP A 230 -36.24 -2.56 0.76
N GLY A 231 -35.68 -3.01 -0.38
CA GLY A 231 -36.35 -2.98 -1.68
C GLY A 231 -36.61 -4.38 -2.22
N GLY A 232 -36.60 -5.35 -1.31
CA GLY A 232 -36.84 -6.75 -1.65
C GLY A 232 -35.66 -7.50 -2.24
N ILE A 233 -35.94 -8.76 -2.64
CA ILE A 233 -34.99 -9.75 -3.16
C ILE A 233 -35.47 -10.38 -4.51
N PRO A 234 -34.57 -10.91 -5.38
CA PRO A 234 -35.02 -11.55 -6.63
C PRO A 234 -36.10 -12.60 -6.47
N THR A 235 -37.09 -12.61 -7.40
CA THR A 235 -38.20 -13.57 -7.43
C THR A 235 -37.83 -14.94 -8.01
N ILE A 236 -36.55 -15.14 -8.40
CA ILE A 236 -36.02 -16.42 -8.89
C ILE A 236 -36.43 -17.55 -7.90
N GLY A 237 -36.86 -18.69 -8.45
CA GLY A 237 -37.24 -19.86 -7.66
C GLY A 237 -38.68 -19.91 -7.18
N LEU A 238 -39.35 -18.75 -7.16
CA LEU A 238 -40.76 -18.68 -6.72
C LEU A 238 -41.66 -19.44 -7.70
N PRO A 239 -42.90 -19.86 -7.31
CA PRO A 239 -43.77 -20.55 -8.26
C PRO A 239 -44.19 -19.55 -9.36
N GLY A 240 -43.97 -19.95 -10.63
CA GLY A 240 -44.28 -19.11 -11.78
C GLY A 240 -43.10 -18.32 -12.32
N TYR A 241 -41.91 -18.51 -11.71
CA TYR A 241 -40.71 -17.85 -12.21
C TYR A 241 -40.09 -18.68 -13.34
N SER A 242 -39.84 -18.02 -14.48
CA SER A 242 -39.19 -18.57 -15.66
C SER A 242 -37.98 -17.69 -15.92
N ALA A 243 -36.91 -18.27 -16.52
CA ALA A 243 -35.72 -17.52 -16.91
C ALA A 243 -36.15 -16.54 -18.02
N PRO A 244 -35.59 -15.31 -18.07
CA PRO A 244 -36.07 -14.35 -19.08
C PRO A 244 -35.72 -14.71 -20.53
N SER A 245 -34.68 -15.57 -20.73
CA SER A 245 -34.17 -15.95 -22.04
C SER A 245 -33.32 -17.22 -22.02
N ALA A 246 -33.19 -17.83 -23.22
CA ALA A 246 -32.38 -19.01 -23.52
C ALA A 246 -30.91 -18.84 -23.05
N GLY A 247 -30.39 -17.61 -23.12
CA GLY A 247 -29.04 -17.27 -22.71
C GLY A 247 -28.84 -17.35 -21.20
N THR A 248 -29.91 -17.04 -20.44
CA THR A 248 -29.98 -17.02 -18.98
C THR A 248 -30.77 -18.23 -18.43
N ALA A 249 -30.83 -19.33 -19.22
CA ALA A 249 -31.56 -20.57 -18.93
C ALA A 249 -31.28 -21.16 -17.57
N ALA A 250 -30.03 -21.05 -17.08
CA ALA A 250 -29.59 -21.58 -15.79
C ALA A 250 -30.49 -21.18 -14.63
N LEU A 251 -31.06 -19.94 -14.67
CA LEU A 251 -31.93 -19.38 -13.64
C LEU A 251 -33.20 -20.19 -13.38
N ASN A 252 -33.55 -21.11 -14.28
CA ASN A 252 -34.70 -22.00 -14.11
C ASN A 252 -34.40 -23.16 -13.15
N HIS A 253 -33.10 -23.41 -12.86
CA HIS A 253 -32.65 -24.52 -12.04
C HIS A 253 -31.86 -24.12 -10.81
N SER A 254 -31.33 -22.88 -10.79
CA SER A 254 -30.49 -22.39 -9.70
C SER A 254 -31.20 -22.24 -8.33
N GLY A 255 -32.53 -22.21 -8.30
CA GLY A 255 -33.31 -22.11 -7.07
C GLY A 255 -33.52 -20.74 -6.44
N LYS A 256 -34.32 -20.67 -5.38
CA LYS A 256 -34.66 -19.46 -4.65
C LYS A 256 -33.42 -18.81 -4.01
N VAL A 257 -33.41 -17.47 -3.92
CA VAL A 257 -32.32 -16.74 -3.26
C VAL A 257 -32.53 -16.83 -1.74
N ASP A 258 -31.43 -16.76 -0.95
CA ASP A 258 -31.48 -16.79 0.52
C ASP A 258 -32.25 -15.54 0.98
N THR A 259 -33.44 -15.75 1.60
CA THR A 259 -34.34 -14.69 2.06
C THR A 259 -33.65 -13.58 2.89
N HIS A 260 -32.54 -13.91 3.58
CA HIS A 260 -31.78 -12.94 4.37
C HIS A 260 -30.95 -11.97 3.50
N ASN A 261 -30.52 -12.38 2.28
CA ASN A 261 -29.69 -11.62 1.34
C ASN A 261 -30.14 -10.17 1.15
N PHE A 262 -29.24 -9.21 1.41
CA PHE A 262 -29.55 -7.80 1.24
C PHE A 262 -28.86 -7.28 -0.02
N TYR A 263 -29.68 -6.77 -0.97
CA TYR A 263 -29.28 -6.29 -2.30
C TYR A 263 -29.10 -4.79 -2.40
N GLY A 264 -29.28 -4.10 -1.28
CA GLY A 264 -29.11 -2.66 -1.23
C GLY A 264 -27.66 -2.23 -1.22
N THR A 265 -27.43 -1.06 -0.64
CA THR A 265 -26.14 -0.40 -0.55
C THR A 265 -25.92 0.09 0.89
N ASP A 266 -24.65 0.22 1.34
CA ASP A 266 -24.37 0.70 2.70
C ASP A 266 -24.68 2.19 2.88
N SER A 267 -25.06 2.89 1.80
CA SER A 267 -25.47 4.29 1.80
C SER A 267 -26.99 4.41 1.99
N ASP A 268 -27.75 3.29 1.78
CA ASP A 268 -29.21 3.27 1.96
C ASP A 268 -29.63 3.78 3.34
N TYR A 269 -30.64 4.65 3.36
CA TYR A 269 -31.19 5.28 4.55
C TYR A 269 -32.60 5.69 4.27
N ASP A 270 -33.39 5.87 5.34
CA ASP A 270 -34.79 6.29 5.31
C ASP A 270 -35.00 7.15 6.54
N ASP A 271 -34.86 8.48 6.39
CA ASP A 271 -35.01 9.43 7.49
C ASP A 271 -36.33 10.18 7.38
N SER A 272 -37.11 10.20 8.48
CA SER A 272 -38.39 10.91 8.48
C SER A 272 -38.75 11.54 9.82
N THR A 273 -39.29 12.76 9.79
CA THR A 273 -39.75 13.46 10.99
C THR A 273 -41.24 13.79 10.87
N THR A 274 -41.95 13.69 11.99
CA THR A 274 -43.37 13.96 12.09
C THR A 274 -43.62 14.96 13.22
N ASP A 275 -44.15 16.14 12.90
CA ASP A 275 -44.46 17.15 13.89
C ASP A 275 -45.93 17.54 13.69
N THR A 276 -46.79 17.32 14.74
CA THR A 276 -48.22 17.63 14.65
C THR A 276 -48.75 18.35 15.92
N ALA A 277 -49.15 19.62 15.78
CA ALA A 277 -49.73 20.43 16.87
C ALA A 277 -51.25 20.50 16.68
N THR A 278 -52.02 20.22 17.74
CA THR A 278 -53.49 20.17 17.68
C THR A 278 -54.12 20.92 18.86
N MET A 279 -55.18 21.70 18.57
CA MET A 279 -55.88 22.52 19.55
C MET A 279 -57.41 22.37 19.39
N ARG A 280 -58.07 21.72 20.38
CA ARG A 280 -59.52 21.48 20.37
C ARG A 280 -60.31 22.22 21.48
N PHE A 281 -61.27 23.07 21.08
CA PHE A 281 -62.17 23.78 22.01
C PHE A 281 -63.55 23.13 21.94
N GLU A 282 -64.04 22.57 23.06
CA GLU A 282 -65.38 21.97 23.12
C GLU A 282 -66.26 22.77 24.08
N HIS A 283 -67.46 23.17 23.63
CA HIS A 283 -68.46 23.88 24.43
C HIS A 283 -69.82 23.20 24.42
N ASP A 284 -70.29 22.78 25.60
CA ASP A 284 -71.61 22.14 25.76
C ASP A 284 -72.64 23.23 25.99
N ILE A 285 -73.39 23.61 24.93
CA ILE A 285 -74.46 24.61 25.01
C ILE A 285 -75.51 24.07 26.00
N ASN A 286 -75.78 22.75 25.91
CA ASN A 286 -76.69 21.98 26.77
C ASN A 286 -76.25 20.52 26.86
N ASP A 287 -76.87 19.74 27.76
CA ASP A 287 -76.58 18.31 27.96
C ASP A 287 -76.87 17.47 26.70
N ASN A 288 -77.41 18.12 25.64
CA ASN A 288 -77.76 17.54 24.34
C ASN A 288 -76.85 18.06 23.21
N THR A 289 -76.67 19.40 23.14
CA THR A 289 -75.93 20.11 22.10
C THR A 289 -74.52 20.48 22.55
N THR A 290 -73.53 20.21 21.68
CA THR A 290 -72.11 20.51 21.91
C THR A 290 -71.46 21.01 20.61
N ILE A 291 -70.64 22.07 20.71
CA ILE A 291 -69.88 22.65 19.60
C ILE A 291 -68.38 22.43 19.84
N ARG A 292 -67.65 22.04 18.77
CA ARG A 292 -66.21 21.73 18.80
C ARG A 292 -65.48 22.49 17.71
N ASN A 293 -64.25 22.91 17.99
CA ASN A 293 -63.42 23.55 16.97
C ASN A 293 -62.02 23.01 17.10
N THR A 294 -61.54 22.31 16.05
CA THR A 294 -60.20 21.70 16.02
C THR A 294 -59.26 22.42 15.05
N THR A 295 -58.07 22.81 15.52
CA THR A 295 -57.06 23.44 14.67
C THR A 295 -55.83 22.55 14.71
N ARG A 296 -55.31 22.19 13.52
CA ARG A 296 -54.13 21.35 13.43
C ARG A 296 -53.13 21.80 12.38
N TRP A 297 -51.87 21.88 12.81
CA TRP A 297 -50.74 22.08 11.94
C TRP A 297 -49.94 20.78 12.02
N SER A 298 -49.52 20.24 10.87
CA SER A 298 -48.76 19.00 10.80
C SER A 298 -47.81 18.97 9.61
N ARG A 299 -46.59 18.46 9.83
CA ARG A 299 -45.58 18.35 8.77
C ARG A 299 -44.87 17.01 8.85
N VAL A 300 -44.85 16.28 7.72
CA VAL A 300 -44.20 14.98 7.61
C VAL A 300 -43.06 15.05 6.57
N LYS A 301 -41.82 15.06 7.05
CA LYS A 301 -40.62 15.11 6.21
C LYS A 301 -40.21 13.67 6.00
N GLN A 302 -39.55 13.37 4.88
CA GLN A 302 -39.05 12.05 4.53
C GLN A 302 -38.07 12.18 3.39
N ASP A 303 -36.85 11.65 3.59
CA ASP A 303 -35.80 11.60 2.58
C ASP A 303 -35.10 10.24 2.65
N TYR A 304 -35.10 9.50 1.52
CA TYR A 304 -34.50 8.19 1.49
C TYR A 304 -33.77 7.84 0.20
N LEU A 305 -32.81 6.90 0.33
CA LEU A 305 -32.02 6.30 -0.73
C LEU A 305 -32.27 4.78 -0.58
N MET A 306 -32.83 4.17 -1.63
CA MET A 306 -33.23 2.77 -1.65
C MET A 306 -32.71 2.06 -2.87
N THR A 307 -32.80 0.72 -2.88
CA THR A 307 -32.32 -0.05 -4.03
C THR A 307 -33.38 -1.04 -4.56
N ALA A 308 -33.77 -0.82 -5.83
CA ALA A 308 -34.64 -1.67 -6.63
C ALA A 308 -33.71 -2.48 -7.55
N ILE A 309 -34.02 -3.76 -7.79
CA ILE A 309 -33.21 -4.64 -8.62
C ILE A 309 -33.98 -5.05 -9.84
N MET A 310 -33.24 -5.31 -10.94
CA MET A 310 -33.79 -5.68 -12.22
C MET A 310 -33.08 -6.86 -12.84
N GLY A 311 -33.85 -7.84 -13.27
CA GLY A 311 -33.32 -9.07 -13.84
C GLY A 311 -33.89 -9.55 -15.14
N GLY A 312 -34.08 -8.64 -16.08
CA GLY A 312 -34.48 -8.98 -17.44
C GLY A 312 -33.25 -9.42 -18.20
N ALA A 313 -33.41 -9.97 -19.43
CA ALA A 313 -32.25 -10.40 -20.23
C ALA A 313 -31.16 -9.30 -20.36
N SER A 314 -31.56 -8.06 -20.67
CA SER A 314 -30.69 -6.88 -20.79
C SER A 314 -30.13 -6.39 -19.45
N ASN A 315 -30.58 -6.93 -18.30
CA ASN A 315 -30.09 -6.52 -16.97
C ASN A 315 -29.15 -7.55 -16.35
N ILE A 316 -29.01 -8.72 -16.99
CA ILE A 316 -28.17 -9.81 -16.49
C ILE A 316 -26.79 -9.84 -17.17
N THR A 317 -25.72 -9.77 -16.35
CA THR A 317 -24.33 -9.82 -16.78
C THR A 317 -23.78 -11.20 -16.40
N GLN A 318 -23.16 -11.89 -17.38
CA GLN A 318 -22.63 -13.23 -17.19
C GLN A 318 -21.11 -13.24 -17.31
N PRO A 319 -20.37 -12.99 -16.20
CA PRO A 319 -18.90 -12.98 -16.27
C PRO A 319 -18.28 -14.34 -16.62
N THR A 320 -18.69 -15.43 -15.91
CA THR A 320 -18.13 -16.78 -16.10
C THR A 320 -19.16 -17.90 -16.39
N SER A 321 -20.38 -17.57 -16.88
CA SER A 321 -21.43 -18.57 -17.20
C SER A 321 -21.89 -19.43 -16.00
N ASP A 322 -21.22 -19.29 -14.85
CA ASP A 322 -21.56 -19.94 -13.59
C ASP A 322 -22.46 -18.93 -12.87
N VAL A 323 -23.69 -19.35 -12.53
CA VAL A 323 -24.72 -18.51 -11.91
C VAL A 323 -24.23 -17.76 -10.67
N ASN A 324 -23.24 -18.33 -9.94
CA ASN A 324 -22.68 -17.68 -8.75
C ASN A 324 -21.85 -16.40 -9.07
N SER A 325 -21.59 -16.12 -10.38
CA SER A 325 -20.88 -14.95 -10.90
C SER A 325 -21.85 -13.91 -11.50
N TRP A 326 -23.05 -14.38 -11.90
CA TRP A 326 -24.10 -13.60 -12.56
C TRP A 326 -24.62 -12.43 -11.74
N THR A 327 -24.82 -11.27 -12.39
CA THR A 327 -25.29 -10.06 -11.70
C THR A 327 -26.59 -9.52 -12.33
N TRP A 328 -27.37 -8.81 -11.49
CA TRP A 328 -28.64 -8.11 -11.76
C TRP A 328 -28.34 -6.62 -11.57
N SER A 329 -28.96 -5.73 -12.38
CA SER A 329 -28.72 -4.30 -12.24
C SER A 329 -29.44 -3.70 -11.00
N ARG A 330 -28.87 -2.63 -10.45
CA ARG A 330 -29.41 -1.88 -9.31
C ARG A 330 -29.94 -0.55 -9.86
N THR A 331 -31.08 -0.10 -9.34
CA THR A 331 -31.69 1.18 -9.70
C THR A 331 -31.99 1.90 -8.39
N ALA A 332 -31.53 3.15 -8.28
CA ALA A 332 -31.76 3.95 -7.10
C ALA A 332 -33.19 4.44 -7.09
N ASN A 333 -33.83 4.36 -5.93
CA ASN A 333 -35.16 4.84 -5.68
C ASN A 333 -34.98 5.89 -4.61
N THR A 334 -35.15 7.15 -4.99
CA THR A 334 -34.93 8.27 -4.08
C THR A 334 -36.25 9.00 -3.72
N LYS A 335 -36.24 9.73 -2.61
CA LYS A 335 -37.36 10.55 -2.16
C LYS A 335 -36.85 11.64 -1.25
N ASP A 336 -37.31 12.86 -1.50
CA ASP A 336 -37.02 14.04 -0.66
C ASP A 336 -38.35 14.78 -0.76
N VAL A 337 -39.17 14.66 0.29
CA VAL A 337 -40.54 15.17 0.30
C VAL A 337 -40.96 15.77 1.65
N SER A 338 -42.00 16.61 1.62
CA SER A 338 -42.61 17.21 2.78
C SER A 338 -44.11 17.35 2.54
N ASN A 339 -44.91 16.86 3.49
CA ASN A 339 -46.37 16.95 3.45
C ASN A 339 -46.79 17.81 4.61
N LYS A 340 -47.47 18.92 4.32
CA LYS A 340 -47.93 19.89 5.32
C LYS A 340 -49.43 19.99 5.26
N ILE A 341 -50.09 20.01 6.42
CA ILE A 341 -51.55 20.13 6.51
C ILE A 341 -51.94 21.13 7.59
N LEU A 342 -52.65 22.15 7.15
CA LEU A 342 -53.16 23.19 8.01
C LEU A 342 -54.65 23.12 7.85
N THR A 343 -55.36 22.88 8.97
CA THR A 343 -56.81 22.70 8.93
C THR A 343 -57.53 23.23 10.15
N ASN A 344 -58.79 23.60 9.95
CA ASN A 344 -59.72 24.00 10.99
C ASN A 344 -61.03 23.28 10.75
N GLN A 345 -61.55 22.58 11.77
CA GLN A 345 -62.80 21.85 11.62
C GLN A 345 -63.79 22.19 12.73
N THR A 346 -64.98 22.67 12.33
CA THR A 346 -66.03 22.99 13.30
C THR A 346 -67.09 21.91 13.23
N ASN A 347 -67.54 21.42 14.39
CA ASN A 347 -68.56 20.37 14.45
C ASN A 347 -69.53 20.68 15.57
N LEU A 348 -70.82 20.51 15.27
CA LEU A 348 -71.91 20.69 16.20
C LEU A 348 -72.77 19.42 16.22
N THR A 349 -73.00 18.86 17.41
CA THR A 349 -73.84 17.68 17.61
C THR A 349 -74.94 18.01 18.58
N SER A 350 -76.20 17.82 18.17
CA SER A 350 -77.40 18.07 18.96
C SER A 350 -78.39 16.91 18.89
N THR A 351 -79.11 16.66 19.99
CA THR A 351 -80.14 15.64 20.04
C THR A 351 -81.46 16.32 20.42
N PHE A 352 -82.48 16.20 19.56
CA PHE A 352 -83.79 16.85 19.74
C PHE A 352 -84.93 16.06 19.11
N TYR A 353 -86.19 16.36 19.50
CA TYR A 353 -87.36 15.72 18.91
C TYR A 353 -88.12 16.65 17.99
N THR A 354 -88.70 16.08 16.92
CA THR A 354 -89.57 16.76 15.96
C THR A 354 -90.82 15.89 15.95
N GLY A 355 -91.61 16.07 17.00
CA GLY A 355 -92.79 15.27 17.27
C GLY A 355 -92.35 13.95 17.84
N SER A 356 -92.87 12.85 17.27
CA SER A 356 -92.53 11.50 17.68
C SER A 356 -91.15 11.02 17.17
N ILE A 357 -90.49 11.82 16.30
CA ILE A 357 -89.18 11.44 15.73
C ILE A 357 -88.02 12.07 16.50
N GLY A 358 -87.10 11.20 16.91
CA GLY A 358 -85.88 11.56 17.59
C GLY A 358 -84.78 11.82 16.58
N HIS A 359 -83.96 12.85 16.83
CA HIS A 359 -82.88 13.24 15.93
C HIS A 359 -81.54 13.22 16.65
N ASP A 360 -80.50 12.86 15.89
CA ASP A 360 -79.11 12.85 16.32
C ASP A 360 -78.37 13.49 15.16
N VAL A 361 -78.11 14.80 15.28
CA VAL A 361 -77.49 15.58 14.24
C VAL A 361 -76.03 15.86 14.54
N SER A 362 -75.19 15.73 13.49
CA SER A 362 -73.74 16.03 13.45
C SER A 362 -73.51 16.81 12.16
N THR A 363 -73.04 18.06 12.32
CA THR A 363 -72.84 18.99 11.21
C THR A 363 -71.58 19.82 11.43
N GLY A 364 -70.98 20.33 10.36
CA GLY A 364 -69.79 21.15 10.48
C GLY A 364 -69.20 21.78 9.25
N VAL A 365 -68.22 22.69 9.47
CA VAL A 365 -67.50 23.46 8.46
C VAL A 365 -65.98 23.23 8.61
N GLU A 366 -65.31 22.77 7.52
CA GLU A 366 -63.87 22.48 7.51
C GLU A 366 -63.14 23.32 6.46
N PHE A 367 -61.98 23.92 6.82
CA PHE A 367 -61.10 24.72 5.97
C PHE A 367 -59.73 24.07 6.04
N THR A 368 -59.13 23.72 4.89
CA THR A 368 -57.85 23.00 4.87
C THR A 368 -56.96 23.43 3.73
N ARG A 369 -55.65 23.41 3.98
CA ARG A 369 -54.62 23.62 2.96
C ARG A 369 -53.65 22.47 3.11
N GLU A 370 -53.47 21.71 2.02
CA GLU A 370 -52.57 20.57 1.98
C GLU A 370 -51.48 20.86 1.00
N THR A 371 -50.24 20.66 1.43
CA THR A 371 -49.05 20.96 0.65
C THR A 371 -48.18 19.74 0.53
N GLN A 372 -47.63 19.50 -0.68
CA GLN A 372 -46.70 18.42 -0.95
C GLN A 372 -45.66 18.89 -1.92
N THR A 373 -44.39 18.95 -1.47
CA THR A 373 -43.30 19.36 -2.35
C THR A 373 -42.27 18.24 -2.38
N ASN A 374 -41.93 17.80 -3.59
CA ASN A 374 -40.95 16.74 -3.79
C ASN A 374 -39.71 17.40 -4.32
N TYR A 375 -38.74 17.61 -3.43
CA TYR A 375 -37.47 18.22 -3.78
C TYR A 375 -36.68 17.28 -4.65
N GLY A 376 -36.39 17.70 -5.86
CA GLY A 376 -35.62 16.90 -6.80
C GLY A 376 -34.20 16.71 -6.31
N VAL A 377 -33.61 15.53 -6.64
CA VAL A 377 -32.24 15.14 -6.27
C VAL A 377 -31.44 14.71 -7.52
N ASN A 378 -30.10 14.69 -7.43
CA ASN A 378 -29.27 14.26 -8.55
C ASN A 378 -29.36 12.75 -8.75
N PRO A 379 -29.31 12.21 -10.00
CA PRO A 379 -29.42 10.74 -10.16
C PRO A 379 -28.27 9.97 -9.52
N VAL A 380 -28.61 8.88 -8.81
CA VAL A 380 -27.66 8.02 -8.13
C VAL A 380 -27.44 6.79 -9.02
N THR A 381 -26.22 6.67 -9.59
CA THR A 381 -25.83 5.57 -10.48
C THR A 381 -25.27 4.44 -9.60
N LEU A 382 -26.01 3.34 -9.51
CA LEU A 382 -25.62 2.19 -8.68
C LEU A 382 -25.04 1.04 -9.52
N PRO A 383 -24.02 0.31 -8.98
CA PRO A 383 -23.46 -0.82 -9.74
C PRO A 383 -24.26 -2.12 -9.59
N ALA A 384 -24.06 -3.06 -10.54
CA ALA A 384 -24.71 -4.38 -10.57
C ALA A 384 -24.43 -5.17 -9.30
N VAL A 385 -25.35 -6.08 -8.93
CA VAL A 385 -25.29 -6.90 -7.72
C VAL A 385 -25.31 -8.39 -8.03
N ASN A 386 -24.44 -9.22 -7.37
CA ASN A 386 -24.44 -10.69 -7.61
C ASN A 386 -25.74 -11.28 -7.10
N ILE A 387 -26.38 -12.12 -7.93
CA ILE A 387 -27.68 -12.75 -7.65
C ILE A 387 -27.69 -13.53 -6.35
N TYR A 388 -26.83 -14.56 -6.22
CA TYR A 388 -26.89 -15.42 -5.04
C TYR A 388 -26.02 -14.97 -3.87
N HIS A 389 -25.03 -14.10 -4.12
CA HIS A 389 -24.16 -13.58 -3.06
C HIS A 389 -23.95 -12.06 -3.24
N PRO A 390 -24.97 -11.25 -2.87
CA PRO A 390 -24.83 -9.79 -3.03
C PRO A 390 -23.81 -9.16 -2.11
N ASP A 391 -23.13 -8.10 -2.59
CA ASP A 391 -22.18 -7.29 -1.82
C ASP A 391 -22.75 -5.87 -1.67
N SER A 392 -23.29 -5.57 -0.46
CA SER A 392 -23.89 -4.29 -0.12
C SER A 392 -22.92 -3.33 0.60
N SER A 393 -21.68 -3.81 0.88
N SER A 393 -21.69 -3.81 0.89
CA SER A 393 -20.62 -3.04 1.54
CA SER A 393 -20.66 -3.03 1.57
C SER A 393 -20.00 -2.00 0.59
C SER A 393 -19.99 -2.00 0.61
N ILE A 394 -20.84 -1.16 -0.03
CA ILE A 394 -20.45 -0.11 -0.97
C ILE A 394 -21.10 1.22 -0.57
N HIS A 395 -20.42 2.33 -0.87
CA HIS A 395 -20.89 3.64 -0.46
C HIS A 395 -20.99 4.65 -1.61
N PRO A 396 -22.11 4.65 -2.38
CA PRO A 396 -22.27 5.60 -3.48
C PRO A 396 -22.64 7.02 -3.04
N GLY A 397 -22.82 7.19 -1.73
CA GLY A 397 -23.13 8.48 -1.14
C GLY A 397 -24.61 8.77 -1.04
N GLY A 398 -24.94 9.81 -0.29
CA GLY A 398 -26.32 10.24 -0.07
C GLY A 398 -26.88 11.05 -1.21
N LEU A 399 -27.85 11.91 -0.89
CA LEU A 399 -28.52 12.74 -1.88
C LEU A 399 -28.04 14.19 -1.90
N THR A 400 -28.29 14.88 -3.03
CA THR A 400 -27.95 16.29 -3.26
C THR A 400 -29.08 16.89 -4.08
N ARG A 401 -29.81 17.86 -3.50
CA ARG A 401 -30.93 18.53 -4.15
C ARG A 401 -30.46 19.25 -5.42
N ASN A 402 -31.24 19.21 -6.51
CA ASN A 402 -30.86 19.80 -7.81
C ASN A 402 -31.72 21.04 -8.22
N GLY A 403 -32.65 21.44 -7.37
CA GLY A 403 -33.51 22.58 -7.63
C GLY A 403 -34.75 22.28 -8.43
N ALA A 404 -34.77 21.13 -9.15
CA ALA A 404 -35.89 20.71 -9.99
C ALA A 404 -36.90 19.93 -9.17
N ASN A 405 -37.84 20.64 -8.50
CA ASN A 405 -38.87 20.06 -7.61
C ASN A 405 -40.31 20.08 -8.15
N ALA A 406 -41.22 19.32 -7.48
CA ALA A 406 -42.65 19.24 -7.81
C ALA A 406 -43.45 19.87 -6.67
N ASN A 407 -44.34 20.82 -6.97
CA ASN A 407 -45.11 21.49 -5.93
C ASN A 407 -46.61 21.28 -6.09
N GLY A 408 -47.25 20.81 -5.03
CA GLY A 408 -48.67 20.56 -5.01
C GLY A 408 -49.40 21.20 -3.85
N GLN A 409 -50.48 21.93 -4.13
CA GLN A 409 -51.30 22.55 -3.09
C GLN A 409 -52.77 22.28 -3.32
N THR A 410 -53.52 22.09 -2.22
CA THR A 410 -54.95 21.82 -2.26
C THR A 410 -55.66 22.60 -1.16
N ASP A 411 -56.44 23.62 -1.57
CA ASP A 411 -57.28 24.39 -0.67
C ASP A 411 -58.67 23.74 -0.69
N THR A 412 -59.18 23.35 0.49
CA THR A 412 -60.47 22.67 0.59
C THR A 412 -61.43 23.28 1.60
N PHE A 413 -62.62 23.65 1.13
CA PHE A 413 -63.70 24.13 1.98
C PHE A 413 -64.84 23.15 1.88
N ALA A 414 -65.16 22.47 2.99
CA ALA A 414 -66.24 21.49 3.05
C ALA A 414 -67.32 21.87 4.05
N ILE A 415 -68.59 21.56 3.71
CA ILE A 415 -69.73 21.79 4.60
C ILE A 415 -70.60 20.51 4.60
N TYR A 416 -70.76 19.87 5.78
CA TYR A 416 -71.54 18.63 5.90
C TYR A 416 -72.70 18.74 6.90
N ALA A 417 -73.61 17.75 6.84
CA ALA A 417 -74.77 17.64 7.74
C ALA A 417 -75.24 16.19 7.71
N PHE A 418 -75.22 15.53 8.88
CA PHE A 418 -75.63 14.13 9.07
C PHE A 418 -76.77 14.04 10.08
N ASP A 419 -77.70 13.09 9.88
CA ASP A 419 -78.82 12.89 10.80
C ASP A 419 -79.25 11.45 10.92
N THR A 420 -79.51 11.01 12.16
CA THR A 420 -80.02 9.68 12.48
C THR A 420 -81.41 9.86 13.08
N LEU A 421 -82.45 9.62 12.25
CA LEU A 421 -83.83 9.75 12.69
C LEU A 421 -84.28 8.45 13.33
N GLN A 422 -84.61 8.50 14.65
CA GLN A 422 -85.12 7.36 15.41
C GLN A 422 -86.63 7.40 15.18
N ILE A 423 -87.09 6.70 14.13
CA ILE A 423 -88.50 6.65 13.73
C ILE A 423 -89.33 6.02 14.83
N THR A 424 -88.95 4.81 15.28
CA THR A 424 -89.57 4.08 16.40
C THR A 424 -88.42 3.59 17.29
N ARG A 425 -88.71 2.75 18.30
CA ARG A 425 -87.68 2.19 19.19
C ARG A 425 -86.91 1.12 18.39
N ASP A 426 -87.61 0.48 17.44
CA ASP A 426 -87.13 -0.58 16.56
C ASP A 426 -86.57 -0.09 15.21
N PHE A 427 -87.09 1.04 14.68
CA PHE A 427 -86.71 1.57 13.37
C PHE A 427 -85.85 2.86 13.42
N GLU A 428 -84.77 2.88 12.63
CA GLU A 428 -83.84 3.99 12.52
C GLU A 428 -83.51 4.24 11.06
N LEU A 429 -83.55 5.50 10.65
CA LEU A 429 -83.16 5.96 9.31
C LEU A 429 -82.01 6.90 9.54
N ASN A 430 -81.05 6.97 8.62
CA ASN A 430 -79.93 7.91 8.75
C ASN A 430 -79.43 8.37 7.38
N GLY A 431 -79.07 9.65 7.31
CA GLY A 431 -78.57 10.27 6.08
C GLY A 431 -77.39 11.18 6.30
N GLY A 432 -76.88 11.71 5.20
CA GLY A 432 -75.73 12.58 5.21
C GLY A 432 -75.41 13.16 3.86
N ILE A 433 -75.08 14.46 3.85
CA ILE A 433 -74.72 15.23 2.66
C ILE A 433 -73.51 16.12 2.99
N ARG A 434 -72.56 16.15 2.04
CA ARG A 434 -71.34 16.94 2.16
C ARG A 434 -71.00 17.56 0.82
N LEU A 435 -70.54 18.83 0.85
CA LEU A 435 -70.05 19.53 -0.32
C LEU A 435 -68.62 19.94 -0.03
N ASP A 436 -67.69 19.49 -0.90
CA ASP A 436 -66.27 19.83 -0.84
C ASP A 436 -65.98 20.74 -2.00
N ASN A 437 -65.55 21.96 -1.73
CA ASN A 437 -65.15 22.91 -2.75
C ASN A 437 -63.63 22.94 -2.68
N TYR A 438 -62.96 22.58 -3.80
CA TYR A 438 -61.51 22.50 -3.81
C TYR A 438 -60.82 23.28 -4.92
N HIS A 439 -59.50 23.48 -4.75
CA HIS A 439 -58.59 24.09 -5.72
C HIS A 439 -57.21 23.49 -5.52
N THR A 440 -56.75 22.74 -6.53
CA THR A 440 -55.43 22.08 -6.53
C THR A 440 -54.50 22.75 -7.55
N GLU A 441 -53.25 23.01 -7.16
CA GLU A 441 -52.24 23.64 -8.04
C GLU A 441 -51.03 22.73 -8.15
N TYR A 442 -50.59 22.45 -9.39
CA TYR A 442 -49.45 21.58 -9.59
C TYR A 442 -48.42 22.03 -10.60
N ASP A 443 -47.16 21.95 -10.20
CA ASP A 443 -46.05 22.19 -11.11
C ASP A 443 -44.93 21.21 -10.84
N SER A 444 -44.21 20.80 -11.88
CA SER A 444 -43.08 19.88 -11.78
C SER A 444 -42.03 20.21 -12.83
N ALA A 445 -40.74 20.26 -12.42
CA ALA A 445 -39.60 20.54 -13.29
C ALA A 445 -38.55 19.45 -13.17
N THR A 446 -37.78 19.26 -14.25
CA THR A 446 -36.72 18.26 -14.35
C THR A 446 -35.42 18.97 -14.74
N ALA A 447 -34.27 18.53 -14.20
CA ALA A 447 -32.97 19.07 -14.53
C ALA A 447 -32.65 18.64 -15.97
N CYS A 448 -32.38 19.62 -16.85
CA CYS A 448 -32.10 19.35 -18.26
C CYS A 448 -30.70 18.76 -18.50
N GLY A 449 -30.49 18.26 -19.71
CA GLY A 449 -29.21 17.67 -20.12
C GLY A 449 -28.96 16.27 -19.60
N GLY A 450 -29.98 15.65 -19.04
CA GLY A 450 -29.90 14.30 -18.48
C GLY A 450 -29.76 13.25 -19.55
N SER A 451 -29.54 11.99 -19.14
CA SER A 451 -29.35 10.87 -20.08
C SER A 451 -30.56 9.90 -20.17
N GLY A 452 -30.97 9.36 -19.02
CA GLY A 452 -32.00 8.34 -18.95
C GLY A 452 -33.46 8.70 -19.10
N ARG A 453 -34.27 8.10 -18.22
CA ARG A 453 -35.73 8.15 -18.07
C ARG A 453 -36.31 9.57 -17.95
N GLY A 454 -37.06 9.98 -18.98
CA GLY A 454 -37.72 11.28 -19.06
C GLY A 454 -36.78 12.47 -19.00
N ALA A 455 -35.58 12.35 -19.62
CA ALA A 455 -34.55 13.39 -19.66
C ALA A 455 -34.96 14.50 -20.61
N ILE A 456 -34.89 15.75 -20.13
CA ILE A 456 -35.27 16.91 -20.93
C ILE A 456 -33.99 17.51 -21.55
N THR A 457 -34.06 17.96 -22.80
CA THR A 457 -32.92 18.59 -23.45
C THR A 457 -32.85 20.06 -23.04
N CYS A 458 -31.63 20.56 -22.79
CA CYS A 458 -31.43 21.95 -22.38
C CYS A 458 -31.76 22.89 -23.54
N PRO A 459 -32.63 23.89 -23.33
CA PRO A 459 -32.89 24.86 -24.41
C PRO A 459 -31.69 25.80 -24.60
N THR A 460 -31.79 26.73 -25.56
CA THR A 460 -30.72 27.69 -25.84
C THR A 460 -30.50 28.64 -24.66
N GLY A 461 -29.23 28.90 -24.35
CA GLY A 461 -28.79 29.76 -23.25
C GLY A 461 -29.09 29.23 -21.86
N VAL A 462 -29.44 27.95 -21.76
CA VAL A 462 -29.77 27.33 -20.48
C VAL A 462 -28.67 26.33 -20.14
N ALA A 463 -27.85 26.64 -19.11
CA ALA A 463 -26.76 25.80 -18.61
C ALA A 463 -27.27 24.41 -18.20
N LYS A 464 -26.43 23.37 -18.33
CA LYS A 464 -26.73 21.97 -18.00
C LYS A 464 -27.19 21.82 -16.56
N GLY A 465 -28.16 20.92 -16.35
CA GLY A 465 -28.72 20.61 -15.03
C GLY A 465 -29.76 21.59 -14.52
N SER A 466 -30.12 22.58 -15.36
CA SER A 466 -31.08 23.61 -15.00
C SER A 466 -32.50 23.08 -14.99
N PRO A 467 -33.30 23.38 -13.92
CA PRO A 467 -34.70 22.92 -13.90
C PRO A 467 -35.55 23.48 -15.05
N VAL A 468 -36.15 22.56 -15.83
CA VAL A 468 -37.03 22.86 -16.97
C VAL A 468 -38.42 22.31 -16.63
N THR A 469 -39.40 23.22 -16.50
CA THR A 469 -40.79 22.88 -16.17
C THR A 469 -41.43 22.00 -17.26
N THR A 470 -42.14 20.93 -16.84
CA THR A 470 -42.82 19.97 -17.73
C THR A 470 -44.33 20.05 -17.52
N VAL A 471 -44.75 20.34 -16.27
CA VAL A 471 -46.14 20.49 -15.83
C VAL A 471 -46.22 21.75 -14.97
N ASP A 472 -47.23 22.59 -15.21
CA ASP A 472 -47.54 23.82 -14.48
C ASP A 472 -49.01 24.13 -14.79
N THR A 473 -49.91 23.51 -14.02
CA THR A 473 -51.36 23.65 -14.20
C THR A 473 -52.06 23.82 -12.83
N ALA A 474 -53.41 23.73 -12.82
CA ALA A 474 -54.30 23.87 -11.67
C ALA A 474 -55.69 23.35 -12.01
N LYS A 475 -56.49 22.98 -10.99
CA LYS A 475 -57.86 22.48 -11.13
C LYS A 475 -58.75 22.88 -9.94
N SER A 476 -59.96 23.41 -10.24
CA SER A 476 -60.98 23.79 -9.25
C SER A 476 -62.24 22.97 -9.53
N GLY A 477 -62.93 22.57 -8.47
CA GLY A 477 -64.14 21.77 -8.60
C GLY A 477 -64.92 21.63 -7.32
N ASN A 478 -66.17 21.17 -7.45
CA ASN A 478 -67.07 20.91 -6.33
C ASN A 478 -67.34 19.42 -6.29
N LEU A 479 -67.50 18.87 -5.08
CA LEU A 479 -67.74 17.44 -4.88
C LEU A 479 -68.95 17.27 -3.99
N MET A 480 -70.08 16.88 -4.59
CA MET A 480 -71.31 16.66 -3.82
C MET A 480 -71.44 15.17 -3.53
N ASN A 481 -71.24 14.79 -2.25
CA ASN A 481 -71.35 13.41 -1.79
C ASN A 481 -72.50 13.23 -0.82
N TRP A 482 -73.05 12.01 -0.77
CA TRP A 482 -74.14 11.69 0.14
C TRP A 482 -74.14 10.22 0.60
N LYS A 483 -74.96 9.92 1.62
CA LYS A 483 -75.14 8.56 2.17
C LYS A 483 -76.54 8.39 2.73
N ALA A 484 -77.03 7.15 2.80
CA ALA A 484 -78.36 6.82 3.33
C ALA A 484 -78.40 5.40 3.89
N GLY A 485 -79.03 5.24 5.05
CA GLY A 485 -79.15 3.95 5.72
C GLY A 485 -80.42 3.75 6.52
N ALA A 486 -80.82 2.48 6.68
CA ALA A 486 -81.99 2.07 7.45
C ALA A 486 -81.60 0.88 8.34
N LEU A 487 -82.08 0.86 9.59
CA LEU A 487 -81.78 -0.18 10.56
C LEU A 487 -83.03 -0.62 11.32
N TYR A 488 -83.22 -1.93 11.48
CA TYR A 488 -84.36 -2.49 12.18
C TYR A 488 -83.96 -3.49 13.26
N HIS A 489 -84.36 -3.23 14.52
CA HIS A 489 -84.08 -4.15 15.62
C HIS A 489 -85.03 -5.36 15.62
N LEU A 490 -84.53 -6.52 15.17
CA LEU A 490 -85.27 -7.78 15.12
C LEU A 490 -85.64 -8.21 16.55
N THR A 491 -84.61 -8.45 17.39
CA THR A 491 -84.71 -8.79 18.80
C THR A 491 -84.07 -7.64 19.58
N GLU A 492 -84.08 -7.71 20.94
CA GLU A 492 -83.43 -6.68 21.76
C GLU A 492 -81.89 -6.74 21.59
N ASN A 493 -81.38 -7.83 20.98
CA ASN A 493 -79.95 -8.12 20.78
C ASN A 493 -79.43 -7.95 19.33
N GLY A 494 -80.30 -8.11 18.33
CA GLY A 494 -79.88 -8.02 16.94
C GLY A 494 -80.69 -7.15 16.01
N ASN A 495 -80.00 -6.57 15.02
CA ASN A 495 -80.60 -5.70 14.01
C ASN A 495 -80.28 -6.14 12.59
N VAL A 496 -80.95 -5.51 11.61
CA VAL A 496 -80.77 -5.67 10.18
C VAL A 496 -80.68 -4.30 9.59
N TYR A 497 -79.69 -4.08 8.72
CA TYR A 497 -79.50 -2.79 8.09
C TYR A 497 -79.24 -2.85 6.58
N ILE A 498 -79.40 -1.68 5.94
CA ILE A 498 -79.11 -1.39 4.54
C ILE A 498 -78.42 -0.03 4.49
N ASN A 499 -77.45 0.13 3.59
CA ASN A 499 -76.72 1.38 3.43
C ASN A 499 -76.27 1.57 1.99
N TYR A 500 -76.23 2.84 1.54
CA TYR A 500 -75.76 3.25 0.22
C TYR A 500 -74.95 4.51 0.39
N ALA A 501 -73.78 4.60 -0.27
CA ALA A 501 -72.90 5.78 -0.17
C ALA A 501 -72.22 6.14 -1.48
N VAL A 502 -71.89 7.43 -1.65
CA VAL A 502 -71.18 7.98 -2.82
C VAL A 502 -69.83 8.53 -2.36
N SER A 503 -68.74 8.13 -3.03
CA SER A 503 -67.39 8.60 -2.74
C SER A 503 -66.70 9.02 -4.05
N GLN A 504 -65.91 10.12 -4.00
CA GLN A 504 -65.22 10.67 -5.16
C GLN A 504 -63.76 10.99 -4.88
N GLN A 505 -62.91 10.84 -5.91
CA GLN A 505 -61.49 11.16 -5.87
C GLN A 505 -61.20 11.98 -7.14
N PRO A 506 -61.09 13.33 -6.99
CA PRO A 506 -60.92 14.18 -8.17
C PRO A 506 -59.54 14.18 -8.83
N PRO A 507 -59.37 14.74 -10.07
CA PRO A 507 -58.02 14.87 -10.62
C PRO A 507 -57.19 15.72 -9.66
N GLY A 508 -56.06 15.18 -9.21
CA GLY A 508 -55.18 15.85 -8.25
C GLY A 508 -55.51 15.53 -6.81
N GLY A 509 -56.50 14.66 -6.62
CA GLY A 509 -56.92 14.23 -5.30
C GLY A 509 -56.01 13.20 -4.69
N ASN A 510 -55.56 12.24 -5.51
CA ASN A 510 -54.68 11.14 -5.10
C ASN A 510 -53.33 11.59 -4.49
N ASN A 511 -52.55 12.42 -5.23
CA ASN A 511 -51.23 12.86 -4.76
C ASN A 511 -50.83 14.26 -5.24
N PHE A 512 -51.81 15.18 -5.37
CA PHE A 512 -51.60 16.58 -5.76
C PHE A 512 -51.21 16.76 -7.22
N ALA A 513 -50.65 15.72 -7.87
CA ALA A 513 -50.21 15.76 -9.27
C ALA A 513 -51.37 16.01 -10.21
N LEU A 514 -51.13 16.80 -11.25
CA LEU A 514 -52.13 17.13 -12.28
C LEU A 514 -51.48 17.00 -13.67
N ALA A 515 -52.31 16.90 -14.71
CA ALA A 515 -51.82 16.75 -16.08
C ALA A 515 -52.51 17.74 -17.00
N GLN A 516 -51.78 18.24 -18.00
CA GLN A 516 -52.34 19.19 -18.96
C GLN A 516 -53.51 18.51 -19.73
N SER A 517 -54.63 19.24 -19.84
CA SER A 517 -55.87 18.78 -20.47
C SER A 517 -55.74 18.40 -21.94
N GLY A 518 -56.49 17.34 -22.32
CA GLY A 518 -56.63 16.81 -23.66
C GLY A 518 -55.54 15.94 -24.26
N SER A 519 -54.78 15.16 -23.44
CA SER A 519 -53.70 14.38 -24.06
C SER A 519 -53.50 12.93 -23.59
N GLY A 520 -53.08 12.73 -22.33
CA GLY A 520 -52.68 11.42 -21.86
C GLY A 520 -53.69 10.42 -21.34
N ASN A 521 -53.17 9.48 -20.53
CA ASN A 521 -53.89 8.40 -19.88
C ASN A 521 -54.07 8.67 -18.37
N SER A 522 -53.64 9.85 -17.91
CA SER A 522 -53.71 10.27 -16.51
C SER A 522 -55.12 10.56 -16.02
N ALA A 523 -55.44 10.05 -14.83
CA ALA A 523 -56.73 10.33 -14.16
C ALA A 523 -56.67 11.76 -13.62
N ASN A 524 -55.42 12.29 -13.46
CA ASN A 524 -55.10 13.61 -12.96
C ASN A 524 -55.21 14.71 -14.03
N ARG A 525 -55.64 14.34 -15.28
CA ARG A 525 -55.91 15.24 -16.42
C ARG A 525 -56.96 16.24 -15.91
N THR A 526 -56.68 17.56 -16.01
CA THR A 526 -57.55 18.63 -15.47
C THR A 526 -58.95 18.70 -16.18
N ASP A 527 -59.08 18.10 -17.38
CA ASP A 527 -60.35 18.05 -18.11
C ASP A 527 -61.17 16.81 -17.73
N PHE A 528 -60.56 15.87 -16.99
CA PHE A 528 -61.20 14.63 -16.59
C PHE A 528 -62.09 14.82 -15.40
N LYS A 529 -63.04 13.88 -15.21
CA LYS A 529 -64.02 13.85 -14.11
C LYS A 529 -63.39 13.10 -12.91
N PRO A 530 -63.96 13.13 -11.68
CA PRO A 530 -63.37 12.33 -10.58
C PRO A 530 -63.73 10.85 -10.73
N GLN A 531 -63.11 9.98 -9.92
CA GLN A 531 -63.43 8.55 -9.92
C GLN A 531 -64.54 8.33 -8.86
N LYS A 532 -65.75 7.94 -9.32
CA LYS A 532 -66.90 7.72 -8.44
C LYS A 532 -67.01 6.28 -7.94
N ALA A 533 -67.20 6.13 -6.62
CA ALA A 533 -67.39 4.84 -5.96
C ALA A 533 -68.77 4.80 -5.31
N ASN A 534 -69.67 4.03 -5.94
CA ASN A 534 -71.03 3.83 -5.48
C ASN A 534 -71.03 2.53 -4.68
N THR A 535 -71.45 2.60 -3.38
CA THR A 535 -71.41 1.47 -2.45
C THR A 535 -72.76 1.10 -1.88
N SER A 536 -73.24 -0.09 -2.24
CA SER A 536 -74.49 -0.67 -1.74
C SER A 536 -74.08 -1.72 -0.70
N GLU A 537 -74.87 -1.84 0.38
CA GLU A 537 -74.56 -2.75 1.49
C GLU A 537 -75.82 -3.15 2.27
N ILE A 538 -75.96 -4.46 2.55
CA ILE A 538 -77.00 -5.03 3.40
C ILE A 538 -76.27 -5.87 4.47
N GLY A 539 -76.57 -5.60 5.74
CA GLY A 539 -75.93 -6.29 6.84
C GLY A 539 -76.78 -6.56 8.07
N THR A 540 -76.17 -7.20 9.07
CA THR A 540 -76.78 -7.60 10.33
C THR A 540 -75.75 -7.59 11.48
N LYS A 541 -76.02 -6.85 12.55
CA LYS A 541 -75.15 -6.79 13.72
C LYS A 541 -75.90 -7.31 14.95
N TRP A 542 -75.21 -8.10 15.82
CA TRP A 542 -75.79 -8.74 17.00
C TRP A 542 -74.91 -8.67 18.24
N GLN A 543 -75.46 -8.07 19.34
CA GLN A 543 -74.82 -7.95 20.65
C GLN A 543 -75.34 -9.05 21.58
N VAL A 544 -74.54 -10.12 21.76
CA VAL A 544 -74.90 -11.29 22.57
C VAL A 544 -74.06 -11.42 23.85
N LEU A 545 -74.42 -12.41 24.71
CA LEU A 545 -73.79 -12.74 26.00
C LEU A 545 -73.70 -11.48 26.87
N ASP A 546 -74.88 -10.97 27.27
CA ASP A 546 -75.06 -9.73 28.05
C ASP A 546 -74.44 -8.54 27.31
N LYS A 547 -74.69 -8.51 25.99
CA LYS A 547 -74.20 -7.51 25.02
C LYS A 547 -72.65 -7.43 24.95
N ARG A 548 -71.94 -8.41 25.56
CA ARG A 548 -70.47 -8.45 25.63
C ARG A 548 -69.77 -9.03 24.39
N LEU A 549 -70.54 -9.49 23.39
CA LEU A 549 -69.95 -10.04 22.17
C LEU A 549 -70.70 -9.54 20.94
N LEU A 550 -69.96 -8.96 19.97
CA LEU A 550 -70.51 -8.43 18.73
C LEU A 550 -70.25 -9.34 17.51
N LEU A 551 -71.35 -9.85 16.92
CA LEU A 551 -71.31 -10.69 15.72
C LEU A 551 -71.89 -9.89 14.56
N THR A 552 -71.18 -9.84 13.42
CA THR A 552 -71.61 -9.06 12.25
C THR A 552 -71.55 -9.90 10.97
N ALA A 553 -72.40 -9.55 9.97
CA ALA A 553 -72.45 -10.20 8.67
C ALA A 553 -73.04 -9.23 7.63
N ALA A 554 -72.24 -8.91 6.58
CA ALA A 554 -72.67 -8.01 5.50
C ALA A 554 -72.35 -8.55 4.10
N LEU A 555 -73.14 -8.09 3.12
CA LEU A 555 -73.05 -8.38 1.70
C LEU A 555 -72.82 -7.01 1.09
N PHE A 556 -71.76 -6.86 0.27
CA PHE A 556 -71.44 -5.54 -0.28
C PHE A 556 -71.17 -5.52 -1.76
N ARG A 557 -71.28 -4.33 -2.35
CA ARG A 557 -70.94 -4.06 -3.75
C ARG A 557 -70.42 -2.62 -3.86
N THR A 558 -69.14 -2.46 -4.23
CA THR A 558 -68.56 -1.15 -4.47
C THR A 558 -68.26 -1.09 -5.97
N ASP A 559 -69.01 -0.24 -6.69
CA ASP A 559 -68.87 -0.02 -8.13
C ASP A 559 -68.04 1.23 -8.31
N ILE A 560 -66.93 1.14 -9.05
CA ILE A 560 -66.04 2.26 -9.34
C ILE A 560 -66.22 2.65 -10.81
N GLU A 561 -66.51 3.92 -11.10
CA GLU A 561 -66.72 4.40 -12.45
C GLU A 561 -65.83 5.60 -12.80
N ASN A 562 -65.83 6.01 -14.10
CA ASN A 562 -65.01 7.10 -14.65
C ASN A 562 -63.52 6.76 -14.68
N GLU A 563 -63.20 5.46 -14.76
CA GLU A 563 -61.81 4.97 -14.87
C GLU A 563 -61.30 5.27 -16.29
N VAL A 564 -60.00 5.62 -16.43
CA VAL A 564 -59.36 5.98 -17.71
C VAL A 564 -59.04 4.75 -18.51
N GLU A 565 -59.40 4.76 -19.81
CA GLU A 565 -59.20 3.67 -20.76
C GLU A 565 -58.93 4.22 -22.16
N GLN A 566 -58.16 3.48 -22.97
CA GLN A 566 -57.78 3.87 -24.33
C GLN A 566 -58.85 3.55 -25.35
N ASN A 567 -59.26 4.55 -26.17
CA ASN A 567 -60.24 4.39 -27.25
C ASN A 567 -59.61 3.63 -28.43
N ASP A 568 -60.42 3.29 -29.46
CA ASP A 568 -59.95 2.55 -30.63
C ASP A 568 -58.74 3.27 -31.26
N ASP A 569 -58.86 4.59 -31.50
CA ASP A 569 -57.74 5.44 -31.94
C ASP A 569 -56.94 5.74 -30.68
N GLY A 570 -55.65 5.98 -30.81
CA GLY A 570 -54.73 6.20 -29.68
C GLY A 570 -55.22 6.93 -28.44
N THR A 571 -56.15 7.90 -28.63
CA THR A 571 -56.79 8.78 -27.65
C THR A 571 -57.38 8.02 -26.42
N TYR A 572 -57.47 8.69 -25.25
CA TYR A 572 -57.99 8.11 -24.00
C TYR A 572 -59.29 8.76 -23.51
N SER A 573 -60.10 8.00 -22.74
CA SER A 573 -61.40 8.41 -22.23
C SER A 573 -61.73 7.72 -20.90
N GLN A 574 -62.74 8.24 -20.17
CA GLN A 574 -63.17 7.76 -18.87
C GLN A 574 -64.36 6.80 -18.91
N TYR A 575 -64.34 5.80 -19.80
CA TYR A 575 -65.43 4.82 -19.93
C TYR A 575 -65.23 3.58 -19.05
N GLY A 576 -64.05 3.46 -18.42
CA GLY A 576 -63.70 2.34 -17.56
C GLY A 576 -64.58 2.19 -16.33
N LYS A 577 -64.73 0.94 -15.87
CA LYS A 577 -65.54 0.57 -14.69
C LYS A 577 -64.89 -0.59 -13.93
N LYS A 578 -64.96 -0.55 -12.59
CA LYS A 578 -64.45 -1.58 -11.69
C LYS A 578 -65.54 -1.97 -10.67
N ARG A 579 -65.41 -3.15 -10.06
CA ARG A 579 -66.36 -3.64 -9.07
C ARG A 579 -65.64 -4.49 -8.03
N VAL A 580 -65.84 -4.17 -6.75
CA VAL A 580 -65.32 -4.92 -5.61
C VAL A 580 -66.58 -5.35 -4.84
N GLU A 581 -66.94 -6.60 -5.02
CA GLU A 581 -68.15 -7.23 -4.51
C GLU A 581 -67.78 -8.31 -3.49
N GLY A 582 -68.62 -8.51 -2.48
CA GLY A 582 -68.33 -9.56 -1.52
C GLY A 582 -69.19 -9.72 -0.29
N TYR A 583 -68.62 -10.47 0.66
CA TYR A 583 -69.18 -10.90 1.95
C TYR A 583 -68.19 -10.55 3.08
N GLU A 584 -68.72 -10.03 4.18
CA GLU A 584 -67.95 -9.67 5.37
C GLU A 584 -68.61 -10.25 6.62
N ILE A 585 -67.82 -10.83 7.53
CA ILE A 585 -68.28 -11.34 8.84
C ILE A 585 -67.26 -10.94 9.89
N SER A 586 -67.71 -10.67 11.13
CA SER A 586 -66.78 -10.30 12.21
C SER A 586 -67.28 -10.67 13.60
N VAL A 587 -66.32 -10.93 14.51
CA VAL A 587 -66.48 -11.25 15.92
C VAL A 587 -65.56 -10.32 16.75
N ALA A 588 -66.08 -9.78 17.88
CA ALA A 588 -65.35 -8.90 18.79
C ALA A 588 -65.98 -8.88 20.18
N GLY A 589 -65.14 -8.98 21.21
CA GLY A 589 -65.60 -8.93 22.60
C GLY A 589 -65.26 -10.15 23.42
N ASN A 590 -66.07 -10.39 24.48
CA ASN A 590 -65.92 -11.49 25.44
C ASN A 590 -66.93 -12.64 25.22
N ILE A 591 -66.42 -13.88 25.12
CA ILE A 591 -67.24 -15.09 24.99
C ILE A 591 -67.75 -15.42 26.41
N THR A 592 -66.83 -15.55 27.37
CA THR A 592 -67.09 -15.76 28.80
C THR A 592 -66.28 -14.63 29.51
N PRO A 593 -66.48 -14.34 30.82
CA PRO A 593 -65.70 -13.25 31.45
C PRO A 593 -64.17 -13.37 31.34
N ALA A 594 -63.65 -14.58 31.05
CA ALA A 594 -62.21 -14.85 30.91
C ALA A 594 -61.74 -14.98 29.45
N TRP A 595 -62.68 -15.27 28.52
CA TRP A 595 -62.41 -15.48 27.09
C TRP A 595 -62.67 -14.22 26.22
N GLN A 596 -61.62 -13.71 25.56
CA GLN A 596 -61.68 -12.51 24.71
C GLN A 596 -61.41 -12.91 23.26
N VAL A 597 -62.13 -12.31 22.30
CA VAL A 597 -61.98 -12.65 20.88
C VAL A 597 -62.22 -11.46 19.94
N ILE A 598 -61.33 -11.28 18.97
CA ILE A 598 -61.37 -10.27 17.91
C ILE A 598 -61.01 -10.94 16.57
N GLY A 599 -61.73 -10.58 15.52
CA GLY A 599 -61.47 -11.12 14.19
C GLY A 599 -62.62 -11.15 13.21
N GLY A 600 -62.32 -11.65 12.02
CA GLY A 600 -63.29 -11.77 10.93
C GLY A 600 -62.75 -12.43 9.67
N TYR A 601 -63.67 -12.68 8.73
CA TYR A 601 -63.42 -13.28 7.42
C TYR A 601 -64.01 -12.39 6.32
N THR A 602 -63.34 -12.33 5.17
CA THR A 602 -63.83 -11.59 4.01
C THR A 602 -63.65 -12.39 2.73
N GLN A 603 -64.69 -12.39 1.89
CA GLN A 603 -64.72 -12.98 0.56
C GLN A 603 -64.96 -11.75 -0.33
N GLN A 604 -63.89 -11.22 -0.97
CA GLN A 604 -63.92 -10.02 -1.82
C GLN A 604 -63.41 -10.27 -3.24
N LYS A 605 -64.32 -10.14 -4.22
CA LYS A 605 -64.01 -10.35 -5.63
C LYS A 605 -63.88 -8.97 -6.28
N ALA A 606 -62.62 -8.58 -6.62
CA ALA A 606 -62.31 -7.27 -7.20
C ALA A 606 -61.95 -7.45 -8.68
N THR A 607 -62.84 -6.98 -9.56
CA THR A 607 -62.69 -7.17 -11.01
C THR A 607 -62.86 -5.87 -11.82
N ILE A 608 -62.37 -5.90 -13.08
CA ILE A 608 -62.51 -4.87 -14.10
C ILE A 608 -63.85 -5.19 -14.78
N LYS A 609 -64.81 -4.26 -14.76
CA LYS A 609 -66.07 -4.54 -15.44
C LYS A 609 -66.02 -4.08 -16.89
N ASN A 610 -65.46 -2.88 -17.13
CA ASN A 610 -65.28 -2.26 -18.45
C ASN A 610 -63.85 -1.75 -18.49
N GLY A 611 -63.13 -2.13 -19.53
CA GLY A 611 -61.74 -1.71 -19.71
C GLY A 611 -60.71 -2.80 -19.92
N LYS A 612 -59.44 -2.40 -20.11
CA LYS A 612 -58.31 -3.31 -20.32
C LYS A 612 -57.97 -4.08 -19.05
N ASP A 613 -57.49 -5.31 -19.22
CA ASP A 613 -57.06 -6.18 -18.14
C ASP A 613 -55.85 -5.59 -17.44
N VAL A 614 -55.89 -5.59 -16.10
CA VAL A 614 -54.85 -5.06 -15.22
C VAL A 614 -54.01 -6.18 -14.60
N ALA A 615 -54.54 -7.43 -14.58
CA ALA A 615 -53.86 -8.61 -14.04
C ALA A 615 -52.86 -9.16 -15.06
N GLN A 616 -51.73 -9.75 -14.58
CA GLN A 616 -50.70 -10.28 -15.49
C GLN A 616 -51.22 -11.46 -16.31
N ASP A 617 -51.96 -12.39 -15.69
CA ASP A 617 -52.51 -13.57 -16.35
C ASP A 617 -53.75 -13.26 -17.24
N GLY A 618 -53.93 -11.99 -17.59
CA GLY A 618 -55.03 -11.53 -18.42
C GLY A 618 -56.42 -11.74 -17.86
N SER A 619 -56.53 -12.20 -16.58
CA SER A 619 -57.84 -12.38 -15.96
C SER A 619 -58.47 -11.03 -15.66
N SER A 620 -59.81 -11.00 -15.53
CA SER A 620 -60.54 -9.76 -15.26
C SER A 620 -60.32 -9.19 -13.85
N SER A 621 -59.43 -9.83 -13.06
CA SER A 621 -59.08 -9.52 -11.67
C SER A 621 -58.20 -8.29 -11.47
N LEU A 622 -58.35 -7.66 -10.29
CA LEU A 622 -57.59 -6.50 -9.84
C LEU A 622 -56.38 -6.99 -9.04
N PRO A 623 -55.18 -6.42 -9.26
CA PRO A 623 -53.98 -6.93 -8.56
C PRO A 623 -53.83 -6.51 -7.11
N TYR A 624 -52.91 -7.18 -6.39
CA TYR A 624 -52.55 -6.94 -4.97
C TYR A 624 -53.79 -6.87 -4.08
N THR A 625 -54.68 -7.84 -4.30
CA THR A 625 -55.97 -7.98 -3.62
C THR A 625 -56.25 -9.46 -3.35
N PRO A 626 -56.19 -9.94 -2.09
CA PRO A 626 -56.56 -11.34 -1.83
C PRO A 626 -58.07 -11.49 -2.01
N GLU A 627 -58.54 -12.65 -2.53
CA GLU A 627 -59.98 -12.87 -2.68
C GLU A 627 -60.56 -13.32 -1.34
N HIS A 628 -59.77 -14.13 -0.62
CA HIS A 628 -60.14 -14.64 0.69
C HIS A 628 -59.11 -14.25 1.71
N ALA A 629 -59.59 -13.71 2.84
CA ALA A 629 -58.74 -13.32 3.95
C ALA A 629 -59.46 -13.56 5.26
N PHE A 630 -58.70 -14.08 6.23
CA PHE A 630 -59.18 -14.46 7.55
C PHE A 630 -58.22 -14.01 8.64
N THR A 631 -58.76 -13.52 9.75
CA THR A 631 -57.97 -13.10 10.90
C THR A 631 -58.74 -13.38 12.19
N LEU A 632 -58.15 -14.18 13.10
CA LEU A 632 -58.75 -14.52 14.38
C LEU A 632 -57.71 -14.42 15.49
N TRP A 633 -58.12 -13.89 16.64
CA TRP A 633 -57.28 -13.70 17.81
C TRP A 633 -58.12 -13.91 19.06
N SER A 634 -57.62 -14.75 19.97
CA SER A 634 -58.29 -15.06 21.21
C SER A 634 -57.33 -15.03 22.38
N GLN A 635 -57.85 -14.70 23.58
CA GLN A 635 -57.11 -14.66 24.84
C GLN A 635 -57.98 -15.18 25.98
N TYR A 636 -57.46 -16.15 26.73
CA TYR A 636 -58.15 -16.79 27.84
C TYR A 636 -57.38 -16.58 29.14
N GLN A 637 -58.11 -16.23 30.21
CA GLN A 637 -57.49 -16.05 31.52
C GLN A 637 -57.48 -17.41 32.24
N ALA A 638 -56.52 -18.29 31.86
CA ALA A 638 -56.35 -19.66 32.37
C ALA A 638 -56.53 -19.73 33.88
N THR A 639 -55.75 -18.92 34.61
CA THR A 639 -55.83 -18.80 36.08
C THR A 639 -55.84 -17.31 36.43
N ASP A 640 -55.82 -16.98 37.73
CA ASP A 640 -55.78 -15.59 38.20
C ASP A 640 -54.47 -14.87 37.79
N ASP A 641 -53.38 -15.65 37.58
CA ASP A 641 -52.04 -15.17 37.24
C ASP A 641 -51.64 -15.43 35.79
N ILE A 642 -52.10 -16.56 35.20
CA ILE A 642 -51.75 -16.95 33.83
C ILE A 642 -52.85 -16.65 32.81
N SER A 643 -52.51 -15.86 31.77
CA SER A 643 -53.38 -15.54 30.64
C SER A 643 -52.70 -16.11 29.40
N VAL A 644 -53.47 -16.76 28.53
CA VAL A 644 -52.94 -17.39 27.31
C VAL A 644 -53.69 -16.90 26.07
N GLY A 645 -52.97 -16.61 24.98
CA GLY A 645 -53.52 -16.11 23.73
C GLY A 645 -53.00 -16.78 22.47
N ALA A 646 -53.78 -16.70 21.37
CA ALA A 646 -53.44 -17.29 20.07
C ALA A 646 -54.10 -16.55 18.90
N GLY A 647 -53.41 -16.51 17.77
CA GLY A 647 -53.86 -15.84 16.56
C GLY A 647 -53.63 -16.62 15.28
N ALA A 648 -54.48 -16.39 14.29
CA ALA A 648 -54.40 -17.07 13.01
C ALA A 648 -54.83 -16.15 11.86
N ARG A 649 -53.91 -15.91 10.93
CA ARG A 649 -54.15 -15.07 9.76
C ARG A 649 -54.00 -15.82 8.44
N TYR A 650 -54.99 -15.68 7.56
CA TYR A 650 -54.94 -16.22 6.22
C TYR A 650 -55.08 -15.08 5.24
N ILE A 651 -54.12 -15.00 4.32
CA ILE A 651 -54.11 -14.03 3.22
C ILE A 651 -54.06 -14.87 1.96
N GLY A 652 -55.06 -14.70 1.10
CA GLY A 652 -55.21 -15.48 -0.12
C GLY A 652 -54.23 -15.17 -1.23
N SER A 653 -54.45 -15.80 -2.38
CA SER A 653 -53.64 -15.60 -3.57
C SER A 653 -53.98 -14.26 -4.21
N MET A 654 -52.93 -13.55 -4.66
CA MET A 654 -53.06 -12.24 -5.30
C MET A 654 -52.42 -12.22 -6.67
N HIS A 655 -53.01 -11.44 -7.58
CA HIS A 655 -52.50 -11.22 -8.92
C HIS A 655 -51.49 -10.09 -8.89
N LYS A 656 -50.50 -10.18 -9.78
CA LYS A 656 -49.50 -9.15 -9.96
C LYS A 656 -50.02 -8.33 -11.14
N GLY A 657 -49.82 -7.02 -11.08
CA GLY A 657 -50.24 -6.15 -12.16
C GLY A 657 -49.49 -6.49 -13.43
N SER A 658 -50.12 -6.19 -14.58
CA SER A 658 -49.57 -6.44 -15.91
C SER A 658 -48.27 -5.64 -16.09
N ASP A 659 -47.28 -6.22 -16.81
CA ASP A 659 -45.96 -5.60 -17.08
C ASP A 659 -45.19 -6.34 -18.18
N GLY A 660 -44.36 -5.58 -18.91
CA GLY A 660 -43.52 -6.06 -19.99
C GLY A 660 -42.50 -7.10 -19.60
N ALA A 661 -42.09 -7.10 -18.31
CA ALA A 661 -41.13 -8.05 -17.76
C ALA A 661 -41.57 -9.53 -18.01
N VAL A 662 -40.67 -10.30 -18.64
CA VAL A 662 -40.85 -11.70 -19.05
C VAL A 662 -40.37 -12.69 -17.96
N GLY A 663 -41.20 -13.69 -17.69
CA GLY A 663 -40.90 -14.78 -16.76
C GLY A 663 -41.06 -14.51 -15.29
N THR A 664 -41.62 -13.36 -14.93
CA THR A 664 -41.86 -12.97 -13.53
C THR A 664 -43.19 -13.56 -13.05
N PRO A 665 -43.28 -14.12 -11.81
CA PRO A 665 -44.56 -14.72 -11.35
C PRO A 665 -45.74 -13.76 -11.52
N ALA A 666 -46.80 -14.22 -12.22
CA ALA A 666 -48.01 -13.44 -12.52
C ALA A 666 -48.87 -13.28 -11.28
N PHE A 667 -48.55 -14.05 -10.23
CA PHE A 667 -49.28 -14.09 -8.97
C PHE A 667 -48.41 -14.63 -7.85
N THR A 668 -48.88 -14.42 -6.63
CA THR A 668 -48.28 -14.88 -5.38
C THR A 668 -49.31 -15.79 -4.74
N GLU A 669 -48.86 -16.92 -4.17
CA GLU A 669 -49.71 -17.92 -3.54
C GLU A 669 -50.14 -17.49 -2.14
N GLY A 670 -51.28 -18.02 -1.69
CA GLY A 670 -51.83 -17.73 -0.37
C GLY A 670 -50.97 -18.25 0.78
N TYR A 671 -51.18 -17.71 1.99
CA TYR A 671 -50.42 -18.13 3.16
C TYR A 671 -51.19 -18.05 4.47
N TRP A 672 -50.80 -18.90 5.43
CA TRP A 672 -51.34 -18.96 6.77
C TRP A 672 -50.23 -18.60 7.77
N VAL A 673 -50.47 -17.61 8.63
CA VAL A 673 -49.54 -17.21 9.71
C VAL A 673 -50.24 -17.45 11.04
N ALA A 674 -49.53 -18.08 12.02
CA ALA A 674 -50.05 -18.36 13.36
C ALA A 674 -49.21 -17.68 14.46
N ASP A 675 -49.88 -17.05 15.46
CA ASP A 675 -49.20 -16.35 16.57
C ASP A 675 -49.64 -16.87 17.96
N ALA A 676 -48.76 -16.73 18.97
CA ALA A 676 -49.06 -17.13 20.36
C ALA A 676 -48.62 -16.10 21.39
N LYS A 677 -49.26 -16.15 22.58
CA LYS A 677 -49.04 -15.25 23.70
C LYS A 677 -49.31 -15.94 25.03
N LEU A 678 -48.52 -15.61 26.05
CA LEU A 678 -48.74 -16.04 27.43
C LEU A 678 -48.22 -14.98 28.39
N GLY A 679 -49.11 -14.55 29.29
CA GLY A 679 -48.85 -13.52 30.27
C GLY A 679 -48.96 -14.01 31.70
N TYR A 680 -47.96 -13.66 32.50
CA TYR A 680 -47.89 -14.00 33.91
C TYR A 680 -47.86 -12.70 34.72
N ARG A 681 -48.75 -12.58 35.72
CA ARG A 681 -48.78 -11.37 36.53
C ARG A 681 -48.37 -11.59 37.97
N VAL A 682 -47.34 -10.83 38.38
CA VAL A 682 -46.82 -10.80 39.74
C VAL A 682 -47.39 -9.52 40.35
N ASN A 683 -48.12 -9.63 41.48
CA ASN A 683 -48.80 -8.50 42.14
C ASN A 683 -49.74 -7.75 41.15
N ARG A 684 -49.98 -6.43 41.35
CA ARG A 684 -50.86 -5.64 40.48
C ARG A 684 -50.15 -4.44 39.83
N ASN A 685 -48.81 -4.41 39.91
CA ASN A 685 -47.96 -3.35 39.36
C ASN A 685 -46.98 -3.88 38.30
N LEU A 686 -46.71 -5.20 38.30
CA LEU A 686 -45.79 -5.82 37.36
C LEU A 686 -46.35 -7.08 36.73
N ASP A 687 -46.23 -7.19 35.40
CA ASP A 687 -46.69 -8.37 34.65
C ASP A 687 -45.85 -8.56 33.42
N PHE A 688 -45.55 -9.81 33.09
CA PHE A 688 -44.74 -10.15 31.92
C PHE A 688 -45.56 -10.73 30.79
N GLN A 689 -45.07 -10.53 29.56
CA GLN A 689 -45.69 -10.97 28.32
C GLN A 689 -44.65 -11.61 27.43
N LEU A 690 -45.02 -12.71 26.77
CA LEU A 690 -44.17 -13.37 25.78
C LEU A 690 -44.99 -13.58 24.54
N ASN A 691 -44.58 -12.95 23.45
CA ASN A 691 -45.26 -13.06 22.17
C ASN A 691 -44.35 -13.72 21.17
N VAL A 692 -44.89 -14.73 20.49
CA VAL A 692 -44.19 -15.47 19.44
C VAL A 692 -45.02 -15.24 18.18
N TYR A 693 -44.39 -14.74 17.13
CA TYR A 693 -45.06 -14.49 15.86
C TYR A 693 -44.51 -15.44 14.81
N ASN A 694 -45.39 -15.89 13.86
CA ASN A 694 -45.07 -16.88 12.81
C ASN A 694 -44.56 -18.17 13.46
N LEU A 695 -45.35 -18.69 14.41
CA LEU A 695 -45.16 -19.86 15.24
C LEU A 695 -44.60 -21.09 14.52
N PHE A 696 -44.96 -21.29 13.22
CA PHE A 696 -44.49 -22.45 12.41
C PHE A 696 -43.34 -22.09 11.48
N ASP A 697 -42.71 -20.91 11.68
CA ASP A 697 -41.59 -20.40 10.88
C ASP A 697 -41.82 -20.59 9.35
N THR A 698 -43.07 -20.28 8.92
CA THR A 698 -43.55 -20.37 7.53
C THR A 698 -42.91 -19.28 6.67
N ASP A 699 -42.49 -19.65 5.46
CA ASP A 699 -42.00 -18.68 4.49
C ASP A 699 -43.15 -18.42 3.50
N TYR A 700 -43.22 -17.17 2.98
CA TYR A 700 -44.28 -16.71 2.06
C TYR A 700 -43.87 -15.41 1.36
N VAL A 701 -44.64 -15.01 0.34
CA VAL A 701 -44.39 -13.76 -0.39
C VAL A 701 -45.29 -12.70 0.23
N ALA A 702 -44.71 -11.80 1.05
CA ALA A 702 -45.44 -10.73 1.72
C ALA A 702 -45.98 -9.67 0.72
N SER A 703 -45.19 -9.35 -0.34
CA SER A 703 -45.51 -8.39 -1.42
C SER A 703 -44.54 -8.54 -2.61
N ILE A 704 -45.02 -8.22 -3.82
CA ILE A 704 -44.28 -8.31 -5.08
C ILE A 704 -44.37 -6.97 -5.83
N ASN A 705 -43.34 -6.62 -6.62
CA ASN A 705 -43.38 -5.37 -7.38
C ASN A 705 -44.08 -5.54 -8.74
N LYS A 706 -44.37 -4.42 -9.44
CA LYS A 706 -45.05 -4.38 -10.73
C LYS A 706 -44.39 -5.22 -11.80
N SER A 707 -43.06 -5.07 -12.02
CA SER A 707 -42.34 -5.83 -13.05
C SER A 707 -42.36 -7.29 -12.66
N GLY A 708 -42.17 -7.56 -11.37
CA GLY A 708 -42.18 -8.88 -10.80
C GLY A 708 -40.79 -9.43 -10.56
N TYR A 709 -39.76 -8.56 -10.62
CA TYR A 709 -38.37 -9.00 -10.41
C TYR A 709 -38.04 -9.22 -8.94
N ARG A 710 -38.71 -8.47 -8.05
CA ARG A 710 -38.44 -8.49 -6.62
C ARG A 710 -39.68 -8.69 -5.75
N TYR A 711 -39.46 -9.31 -4.59
CA TYR A 711 -40.50 -9.59 -3.61
C TYR A 711 -39.96 -9.42 -2.21
N HIS A 712 -40.86 -9.19 -1.27
CA HIS A 712 -40.51 -9.06 0.13
C HIS A 712 -40.87 -10.39 0.77
N PRO A 713 -39.89 -11.08 1.40
CA PRO A 713 -40.19 -12.37 2.02
C PRO A 713 -40.90 -12.26 3.37
N GLY A 714 -41.66 -13.29 3.69
CA GLY A 714 -42.41 -13.38 4.94
C GLY A 714 -41.51 -13.39 6.15
N GLU A 715 -41.87 -12.56 7.16
CA GLU A 715 -41.10 -12.43 8.40
C GLU A 715 -41.05 -13.78 9.13
N PRO A 716 -39.83 -14.29 9.42
CA PRO A 716 -39.72 -15.59 10.10
C PRO A 716 -40.20 -15.56 11.55
N ARG A 717 -40.11 -16.74 12.24
CA ARG A 717 -40.51 -16.84 13.65
C ARG A 717 -39.69 -15.87 14.49
N THR A 718 -40.40 -14.99 15.19
CA THR A 718 -39.83 -13.91 16.00
C THR A 718 -40.42 -13.92 17.42
N PHE A 719 -39.56 -13.72 18.45
CA PHE A 719 -39.94 -13.69 19.87
C PHE A 719 -40.00 -12.24 20.42
N LEU A 720 -40.83 -12.02 21.45
CA LEU A 720 -40.98 -10.70 22.11
C LEU A 720 -41.33 -10.79 23.59
N LEU A 721 -40.37 -10.42 24.46
CA LEU A 721 -40.54 -10.41 25.91
C LEU A 721 -40.74 -8.97 26.39
N THR A 722 -41.86 -8.73 27.11
CA THR A 722 -42.26 -7.41 27.61
C THR A 722 -42.51 -7.38 29.12
N ALA A 723 -41.98 -6.34 29.78
CA ALA A 723 -42.20 -6.08 31.20
C ALA A 723 -43.21 -4.93 31.25
N ASN A 724 -44.35 -5.14 31.93
CA ASN A 724 -45.39 -4.13 32.03
C ASN A 724 -45.58 -3.60 33.44
N MET A 725 -45.18 -2.33 33.66
CA MET A 725 -45.32 -1.69 34.97
C MET A 725 -46.40 -0.63 34.99
N HIS A 726 -47.40 -0.80 35.88
CA HIS A 726 -48.56 0.10 35.99
C HIS A 726 -48.66 0.76 37.36
N PHE A 727 -49.15 2.01 37.40
CA PHE A 727 -49.33 2.81 38.62
C PHE A 727 -50.55 3.71 38.49
N THR B 17 23.92 23.40 -34.34
CA THR B 17 22.48 23.30 -34.07
C THR B 17 22.00 24.38 -33.10
N PRO B 18 20.78 24.92 -33.29
CA PRO B 18 20.28 25.93 -32.33
C PRO B 18 19.68 25.29 -31.09
N SER B 19 19.68 26.03 -29.96
CA SER B 19 19.09 25.58 -28.71
C SER B 19 17.58 25.57 -28.84
N LEU B 20 16.93 24.59 -28.20
CA LEU B 20 15.46 24.42 -28.24
C LEU B 20 14.72 25.51 -27.46
N TYR B 21 15.43 26.24 -26.58
CA TYR B 21 14.85 27.30 -25.77
C TYR B 21 14.90 28.67 -26.49
N ALA B 22 15.75 28.81 -27.52
CA ALA B 22 15.92 30.04 -28.30
C ALA B 22 15.82 29.80 -29.83
N PRO B 23 14.58 29.74 -30.42
CA PRO B 23 14.45 29.53 -31.87
C PRO B 23 15.05 30.72 -32.61
N GLN B 24 15.97 30.42 -33.54
CA GLN B 24 16.78 31.39 -34.26
C GLN B 24 16.03 32.36 -35.13
N GLN B 25 14.91 31.96 -35.75
CA GLN B 25 14.19 32.87 -36.63
C GLN B 25 12.69 32.74 -36.63
N SER B 26 12.02 33.88 -36.89
CA SER B 26 10.57 33.99 -37.04
C SER B 26 10.12 33.19 -38.24
N ALA B 27 8.96 32.50 -38.11
CA ALA B 27 8.34 31.70 -39.17
C ALA B 27 7.66 32.58 -40.24
N ASP B 28 7.63 33.92 -40.00
CA ASP B 28 7.03 34.91 -40.89
C ASP B 28 8.01 35.39 -41.96
N PRO B 29 7.63 35.32 -43.27
CA PRO B 29 8.55 35.78 -44.33
C PRO B 29 8.77 37.29 -44.33
N LYS B 30 7.96 38.01 -43.53
CA LYS B 30 8.00 39.46 -43.34
C LYS B 30 9.29 39.87 -42.65
N PHE B 31 9.85 38.98 -41.79
CA PHE B 31 11.11 39.19 -41.07
C PHE B 31 12.24 38.49 -41.85
N SER B 32 13.14 39.30 -42.43
CA SER B 32 14.22 38.88 -43.33
C SER B 32 15.56 38.49 -42.65
N ARG B 33 15.68 38.67 -41.31
CA ARG B 33 16.90 38.33 -40.55
C ARG B 33 16.59 37.44 -39.30
N PRO B 34 17.59 36.70 -38.71
CA PRO B 34 17.31 35.96 -37.47
C PRO B 34 16.98 36.89 -36.30
N VAL B 35 16.32 36.37 -35.25
CA VAL B 35 15.94 37.14 -34.04
C VAL B 35 17.15 37.91 -33.48
N ALA B 36 18.36 37.32 -33.58
CA ALA B 36 19.61 37.90 -33.13
C ALA B 36 20.05 39.13 -33.95
N ASP B 37 19.62 39.21 -35.22
CA ASP B 37 19.95 40.33 -36.12
C ASP B 37 18.73 41.22 -36.45
N THR B 38 17.57 40.96 -35.80
CA THR B 38 16.33 41.70 -35.95
C THR B 38 16.43 42.94 -35.07
N THR B 39 16.28 44.14 -35.66
CA THR B 39 16.38 45.41 -34.89
C THR B 39 15.11 45.66 -34.02
N ARG B 40 14.62 44.64 -33.31
CA ARG B 40 13.39 44.75 -32.52
C ARG B 40 13.40 43.94 -31.22
N THR B 41 12.52 44.32 -30.26
CA THR B 41 12.37 43.54 -29.01
C THR B 41 11.58 42.32 -29.41
N MET B 42 12.28 41.18 -29.60
CA MET B 42 11.66 39.94 -30.05
C MET B 42 11.93 38.78 -29.13
N THR B 43 10.90 37.95 -28.88
CA THR B 43 10.98 36.78 -28.02
C THR B 43 10.26 35.61 -28.67
N VAL B 44 10.93 34.45 -28.83
CA VAL B 44 10.26 33.29 -29.42
C VAL B 44 10.10 32.17 -28.37
N ILE B 45 8.85 32.00 -27.91
CA ILE B 45 8.47 30.98 -26.93
C ILE B 45 8.31 29.65 -27.69
N SER B 46 9.32 28.78 -27.55
CA SER B 46 9.39 27.49 -28.21
C SER B 46 8.39 26.49 -27.67
N GLU B 47 7.99 25.51 -28.52
CA GLU B 47 7.07 24.40 -28.21
C GLU B 47 7.63 23.60 -27.02
N GLN B 48 8.98 23.41 -26.97
CA GLN B 48 9.67 22.70 -25.90
C GLN B 48 9.45 23.36 -24.55
N VAL B 49 9.71 24.68 -24.45
CA VAL B 49 9.53 25.49 -23.24
C VAL B 49 8.11 25.25 -22.69
N ILE B 50 7.09 25.40 -23.55
CA ILE B 50 5.67 25.20 -23.26
C ILE B 50 5.47 23.82 -22.62
N LYS B 51 5.81 22.73 -23.35
CA LYS B 51 5.69 21.34 -22.90
C LYS B 51 6.40 21.07 -21.56
N ASP B 52 7.64 21.57 -21.42
CA ASP B 52 8.49 21.46 -20.22
C ASP B 52 7.86 22.10 -18.99
N GLN B 53 7.16 23.22 -19.19
CA GLN B 53 6.49 23.98 -18.14
C GLN B 53 5.10 23.45 -17.80
N GLY B 54 4.54 22.63 -18.70
CA GLY B 54 3.20 22.08 -18.56
C GLY B 54 2.14 23.03 -19.07
N ALA B 55 2.58 24.11 -19.79
CA ALA B 55 1.75 25.15 -20.41
C ALA B 55 0.88 24.58 -21.52
N THR B 56 -0.42 24.93 -21.55
CA THR B 56 -1.35 24.38 -22.53
C THR B 56 -2.16 25.45 -23.25
N ASN B 57 -2.04 26.72 -22.82
CA ASN B 57 -2.71 27.83 -23.48
C ASN B 57 -1.79 29.04 -23.62
N LEU B 58 -2.23 30.03 -24.41
CA LEU B 58 -1.48 31.25 -24.70
C LEU B 58 -1.11 32.07 -23.45
N THR B 59 -2.07 32.30 -22.54
CA THR B 59 -1.85 33.07 -21.31
C THR B 59 -0.67 32.48 -20.50
N ASP B 60 -0.64 31.14 -20.33
CA ASP B 60 0.41 30.44 -19.60
C ASP B 60 1.75 30.54 -20.35
N ALA B 61 1.71 30.35 -21.69
CA ALA B 61 2.88 30.42 -22.56
C ALA B 61 3.49 31.83 -22.55
N LEU B 62 2.65 32.87 -22.34
CA LEU B 62 3.06 34.27 -22.28
C LEU B 62 3.71 34.63 -20.94
N LYS B 63 3.62 33.74 -19.93
CA LYS B 63 4.25 33.98 -18.63
C LYS B 63 5.77 34.03 -18.77
N ASN B 64 6.29 33.58 -19.94
CA ASN B 64 7.71 33.58 -20.31
C ASN B 64 8.23 34.96 -20.80
N VAL B 65 7.34 35.96 -20.88
CA VAL B 65 7.64 37.34 -21.26
C VAL B 65 7.17 38.20 -20.06
N PRO B 66 8.06 39.05 -19.47
CA PRO B 66 7.65 39.83 -18.28
C PRO B 66 6.64 40.94 -18.55
N GLY B 67 5.67 41.09 -17.63
CA GLY B 67 4.63 42.11 -17.66
C GLY B 67 3.64 41.98 -18.80
N VAL B 68 3.28 40.73 -19.10
CA VAL B 68 2.36 40.33 -20.17
C VAL B 68 1.45 39.30 -19.55
N GLY B 69 0.23 39.73 -19.21
CA GLY B 69 -0.78 38.88 -18.57
C GLY B 69 -2.14 39.55 -18.50
N ALA B 70 -3.18 38.78 -18.08
CA ALA B 70 -4.55 39.31 -17.95
C ALA B 70 -4.78 40.09 -16.64
N PHE B 71 -4.09 41.23 -16.49
CA PHE B 71 -4.07 42.10 -15.31
C PHE B 71 -5.35 42.89 -15.00
N PHE B 72 -6.33 42.91 -15.92
CA PHE B 72 -7.60 43.64 -15.73
C PHE B 72 -8.81 42.68 -15.64
N ALA B 73 -9.62 42.83 -14.58
CA ALA B 73 -10.78 41.94 -14.37
C ALA B 73 -12.05 42.33 -15.16
N GLY B 74 -12.14 43.59 -15.59
CA GLY B 74 -13.31 44.12 -16.32
C GLY B 74 -13.96 45.30 -15.61
N GLU B 75 -15.15 45.69 -16.06
CA GLU B 75 -15.86 46.81 -15.44
C GLU B 75 -16.99 46.22 -14.57
N ASN B 76 -18.18 46.86 -14.50
CA ASN B 76 -19.28 46.27 -13.73
C ASN B 76 -20.23 45.54 -14.67
N GLY B 77 -20.65 46.24 -15.72
CA GLY B 77 -21.58 45.71 -16.73
C GLY B 77 -20.98 44.66 -17.63
N ASN B 78 -19.62 44.58 -17.69
CA ASN B 78 -18.84 43.62 -18.48
C ASN B 78 -17.70 42.98 -17.68
N SER B 79 -17.05 41.95 -18.25
CA SER B 79 -15.92 41.24 -17.64
C SER B 79 -14.99 40.65 -18.70
N THR B 80 -13.68 40.61 -18.42
CA THR B 80 -12.65 40.06 -19.32
C THR B 80 -12.67 38.53 -19.25
N THR B 81 -12.50 37.86 -20.40
CA THR B 81 -12.49 36.40 -20.51
C THR B 81 -11.41 35.95 -21.46
N GLY B 82 -10.72 34.86 -21.11
CA GLY B 82 -9.65 34.19 -21.86
C GLY B 82 -8.75 35.04 -22.74
N ASP B 83 -7.44 35.07 -22.42
CA ASP B 83 -6.42 35.85 -23.17
C ASP B 83 -6.82 37.32 -23.31
N ALA B 84 -7.04 37.97 -22.15
CA ALA B 84 -7.38 39.38 -21.99
C ALA B 84 -6.07 40.13 -21.67
N ILE B 85 -5.01 39.70 -22.39
CA ILE B 85 -3.61 40.07 -22.27
C ILE B 85 -3.35 41.55 -22.29
N TYR B 86 -2.60 42.01 -21.29
CA TYR B 86 -2.14 43.39 -21.17
C TYR B 86 -0.64 43.35 -21.39
N MET B 87 -0.15 44.18 -22.30
CA MET B 87 1.27 44.29 -22.64
C MET B 87 1.65 45.76 -22.89
N ARG B 88 2.82 46.17 -22.40
CA ARG B 88 3.39 47.51 -22.57
C ARG B 88 2.41 48.67 -22.38
N GLY B 89 1.64 48.61 -21.29
CA GLY B 89 0.71 49.67 -20.90
C GLY B 89 -0.74 49.57 -21.27
N ALA B 90 -1.11 48.76 -22.29
CA ALA B 90 -2.51 48.64 -22.72
C ALA B 90 -2.94 47.22 -23.17
N ASP B 91 -4.27 47.03 -23.35
CA ASP B 91 -4.88 45.76 -23.79
C ASP B 91 -4.43 45.45 -25.24
N THR B 92 -3.82 44.27 -25.41
CA THR B 92 -3.31 43.80 -26.70
C THR B 92 -4.05 42.50 -27.18
N SER B 93 -5.28 42.30 -26.69
CA SER B 93 -6.11 41.15 -27.05
C SER B 93 -6.56 41.21 -28.52
N ASN B 94 -6.74 42.43 -29.05
CA ASN B 94 -7.12 42.66 -30.44
C ASN B 94 -5.92 42.49 -31.38
N SER B 95 -4.69 42.50 -30.83
CA SER B 95 -3.46 42.32 -31.61
C SER B 95 -2.79 40.97 -31.33
N ILE B 96 -3.61 39.88 -31.32
CA ILE B 96 -3.21 38.46 -31.19
C ILE B 96 -3.44 37.87 -32.57
N TYR B 97 -2.41 37.20 -33.09
CA TYR B 97 -2.37 36.64 -34.43
C TYR B 97 -2.08 35.15 -34.42
N ILE B 98 -2.62 34.46 -35.44
CA ILE B 98 -2.37 33.05 -35.72
C ILE B 98 -1.79 33.13 -37.12
N ASP B 99 -0.49 32.76 -37.26
CA ASP B 99 0.26 32.76 -38.53
C ASP B 99 0.23 34.12 -39.23
N GLY B 100 0.38 35.18 -38.44
CA GLY B 100 0.35 36.56 -38.92
C GLY B 100 -1.02 37.02 -39.41
N ILE B 101 -2.08 36.32 -38.99
CA ILE B 101 -3.47 36.63 -39.34
C ILE B 101 -4.28 36.87 -38.04
N ARG B 102 -4.92 38.05 -37.94
CA ARG B 102 -5.68 38.49 -36.77
C ARG B 102 -6.70 37.47 -36.26
N ASP B 103 -6.68 37.22 -34.93
CA ASP B 103 -7.60 36.31 -34.25
C ASP B 103 -8.28 37.00 -33.07
N ILE B 104 -9.43 37.66 -33.33
CA ILE B 104 -10.19 38.37 -32.30
C ILE B 104 -11.22 37.39 -31.72
N GLY B 105 -11.20 37.28 -30.40
CA GLY B 105 -12.08 36.37 -29.66
C GLY B 105 -11.66 36.28 -28.21
N SER B 106 -12.58 36.64 -27.31
CA SER B 106 -12.40 36.64 -25.86
C SER B 106 -12.45 35.21 -25.27
N VAL B 107 -11.74 34.28 -25.94
CA VAL B 107 -11.67 32.85 -25.60
C VAL B 107 -10.23 32.48 -25.22
N SER B 108 -10.04 31.29 -24.63
CA SER B 108 -8.72 30.77 -24.28
C SER B 108 -8.15 30.02 -25.47
N ARG B 109 -6.92 30.39 -25.89
CA ARG B 109 -6.26 29.78 -27.03
C ARG B 109 -5.36 28.62 -26.61
N ASP B 110 -5.72 27.40 -27.03
CA ASP B 110 -4.96 26.22 -26.67
C ASP B 110 -3.72 26.11 -27.57
N THR B 111 -2.61 25.63 -26.98
CA THR B 111 -1.32 25.49 -27.67
C THR B 111 -1.02 24.06 -28.12
N PHE B 112 -2.07 23.24 -28.30
CA PHE B 112 -1.96 21.86 -28.75
C PHE B 112 -1.50 21.78 -30.23
N ASN B 113 -1.81 22.83 -31.02
CA ASN B 113 -1.48 22.89 -32.44
C ASN B 113 -0.47 24.00 -32.79
N THR B 114 0.23 24.57 -31.79
CA THR B 114 1.19 25.61 -32.17
C THR B 114 2.62 25.16 -31.84
N GLU B 115 3.55 25.49 -32.78
CA GLU B 115 4.97 25.19 -32.72
C GLU B 115 5.72 26.25 -31.93
N GLN B 116 5.26 27.51 -31.96
CA GLN B 116 5.91 28.62 -31.23
C GLN B 116 5.02 29.84 -31.11
N VAL B 117 5.36 30.73 -30.17
CA VAL B 117 4.67 32.00 -29.94
C VAL B 117 5.71 33.12 -30.06
N GLU B 118 5.57 33.95 -31.08
CA GLU B 118 6.48 35.07 -31.35
C GLU B 118 5.94 36.35 -30.74
N VAL B 119 6.72 36.95 -29.80
CA VAL B 119 6.32 38.17 -29.11
C VAL B 119 7.27 39.33 -29.43
N ILE B 120 6.71 40.38 -30.06
CA ILE B 120 7.42 41.60 -30.38
C ILE B 120 6.82 42.69 -29.52
N LYS B 121 7.66 43.33 -28.68
CA LYS B 121 7.24 44.45 -27.83
C LYS B 121 7.65 45.71 -28.57
N GLY B 122 6.70 46.62 -28.74
CA GLY B 122 6.90 47.86 -29.48
C GLY B 122 6.19 47.74 -30.82
N PRO B 123 5.02 48.40 -30.98
CA PRO B 123 4.23 48.22 -32.20
C PRO B 123 4.82 48.79 -33.49
N SER B 124 4.37 48.22 -34.63
CA SER B 124 4.70 48.64 -35.99
C SER B 124 3.53 48.33 -36.88
N GLY B 125 3.01 49.38 -37.51
CA GLY B 125 1.88 49.30 -38.43
C GLY B 125 2.23 48.52 -39.67
N THR B 126 3.53 48.58 -40.06
CA THR B 126 4.08 47.85 -41.21
C THR B 126 3.97 46.34 -41.03
N ASP B 127 4.17 45.82 -39.80
CA ASP B 127 4.15 44.38 -39.51
C ASP B 127 2.82 43.69 -39.84
N TYR B 128 1.76 44.00 -39.11
CA TYR B 128 0.49 43.30 -39.30
C TYR B 128 -0.76 44.20 -39.48
N GLY B 129 -0.55 45.47 -39.81
CA GLY B 129 -1.63 46.43 -40.00
C GLY B 129 -1.98 47.20 -38.73
N ARG B 130 -3.28 47.54 -38.54
CA ARG B 130 -3.76 48.27 -37.34
C ARG B 130 -3.36 47.50 -36.09
N SER B 131 -2.98 48.19 -35.02
CA SER B 131 -2.52 47.52 -33.80
C SER B 131 -2.75 48.37 -32.55
N ALA B 132 -2.67 47.70 -31.39
CA ALA B 132 -2.74 48.35 -30.07
C ALA B 132 -1.37 49.02 -29.89
N PRO B 133 -1.24 50.12 -29.11
CA PRO B 133 0.09 50.75 -28.96
C PRO B 133 0.96 50.00 -27.97
N THR B 134 1.19 48.69 -28.25
CA THR B 134 1.83 47.72 -27.37
C THR B 134 2.85 46.84 -28.09
N GLY B 135 2.41 46.17 -29.15
CA GLY B 135 3.23 45.26 -29.95
C GLY B 135 2.40 44.11 -30.49
N SER B 136 3.06 43.06 -31.06
CA SER B 136 2.39 41.90 -31.66
C SER B 136 2.64 40.58 -30.94
N ILE B 137 1.61 39.70 -30.90
CA ILE B 137 1.66 38.35 -30.34
C ILE B 137 1.21 37.39 -31.45
N ASN B 138 2.15 36.63 -32.02
CA ASN B 138 1.87 35.72 -33.13
C ASN B 138 2.10 34.26 -32.77
N MET B 139 1.07 33.41 -32.94
CA MET B 139 1.10 31.97 -32.67
C MET B 139 1.35 31.21 -34.00
N ILE B 140 2.43 30.43 -34.08
CA ILE B 140 2.79 29.73 -35.32
C ILE B 140 2.23 28.31 -35.28
N SER B 141 1.28 28.00 -36.20
CA SER B 141 0.60 26.72 -36.29
C SER B 141 1.47 25.61 -36.84
N LYS B 142 1.29 24.39 -36.29
CA LYS B 142 2.02 23.18 -36.66
C LYS B 142 1.67 22.84 -38.10
N GLN B 143 2.68 22.36 -38.85
CA GLN B 143 2.51 22.00 -40.24
C GLN B 143 3.07 20.61 -40.52
N PRO B 144 2.54 19.85 -41.51
CA PRO B 144 3.10 18.52 -41.80
C PRO B 144 4.62 18.51 -42.00
N ARG B 145 5.31 17.55 -41.37
CA ARG B 145 6.77 17.40 -41.43
C ARG B 145 7.17 16.31 -42.42
N ASN B 146 8.49 16.21 -42.72
CA ASN B 146 9.07 15.20 -43.62
C ASN B 146 9.15 13.83 -42.94
N ASP B 147 9.30 13.81 -41.60
CA ASP B 147 9.40 12.62 -40.76
C ASP B 147 8.04 12.02 -40.36
N SER B 148 8.05 10.76 -39.88
CA SER B 148 6.84 10.08 -39.43
C SER B 148 7.02 9.52 -38.01
N GLY B 149 6.08 9.89 -37.15
CA GLY B 149 6.04 9.50 -35.75
C GLY B 149 4.77 9.98 -35.05
N ILE B 150 4.46 9.38 -33.88
CA ILE B 150 3.28 9.71 -33.06
C ILE B 150 3.72 10.26 -31.68
N ASP B 151 3.04 11.32 -31.20
CA ASP B 151 3.29 11.95 -29.90
C ASP B 151 2.00 11.99 -29.08
N ALA B 152 1.94 11.19 -28.02
CA ALA B 152 0.79 11.11 -27.12
C ALA B 152 1.14 11.68 -25.76
N SER B 153 0.13 12.22 -25.04
CA SER B 153 0.30 12.81 -23.70
C SER B 153 -0.97 12.74 -22.87
N ALA B 154 -0.91 11.99 -21.77
CA ALA B 154 -2.01 11.86 -20.81
C ALA B 154 -1.67 12.65 -19.55
N SER B 155 -2.61 13.49 -19.08
CA SER B 155 -2.40 14.35 -17.91
C SER B 155 -3.50 14.30 -16.86
N ILE B 156 -3.06 14.17 -15.60
CA ILE B 156 -3.89 14.16 -14.41
C ILE B 156 -3.34 15.19 -13.42
N GLY B 157 -4.23 15.86 -12.70
CA GLY B 157 -3.83 16.88 -11.74
C GLY B 157 -4.91 17.35 -10.80
N SER B 158 -4.58 18.42 -10.03
CA SER B 158 -5.45 19.05 -9.03
C SER B 158 -6.84 19.40 -9.56
N ALA B 159 -7.85 19.33 -8.67
CA ALA B 159 -9.27 19.60 -8.93
C ALA B 159 -9.85 18.78 -10.10
N TRP B 160 -9.49 17.48 -10.13
CA TRP B 160 -9.91 16.49 -11.13
C TRP B 160 -9.58 16.96 -12.55
N PHE B 161 -8.31 17.37 -12.75
CA PHE B 161 -7.82 17.78 -14.06
C PHE B 161 -7.55 16.54 -14.91
N ARG B 162 -8.02 16.59 -16.14
CA ARG B 162 -7.86 15.52 -17.13
C ARG B 162 -7.44 16.18 -18.45
N ARG B 163 -6.40 15.63 -19.10
CA ARG B 163 -5.94 16.12 -20.40
C ARG B 163 -5.37 15.04 -21.29
N GLY B 164 -5.62 15.17 -22.57
CA GLY B 164 -5.13 14.25 -23.59
C GLY B 164 -4.84 14.95 -24.89
N THR B 165 -3.67 14.65 -25.48
CA THR B 165 -3.21 15.19 -26.76
C THR B 165 -2.54 14.14 -27.60
N LEU B 166 -2.78 14.20 -28.91
CA LEU B 166 -2.18 13.32 -29.90
C LEU B 166 -1.55 14.18 -30.99
N ASP B 167 -0.41 13.74 -31.53
CA ASP B 167 0.32 14.44 -32.59
C ASP B 167 0.90 13.41 -33.54
N VAL B 168 0.12 13.11 -34.59
CA VAL B 168 0.47 12.12 -35.61
C VAL B 168 0.95 12.85 -36.86
N ASN B 169 2.12 12.44 -37.36
CA ASN B 169 2.67 12.92 -38.61
C ASN B 169 2.99 11.69 -39.47
N GLN B 170 2.43 11.64 -40.68
CA GLN B 170 2.62 10.50 -41.59
C GLN B 170 2.92 10.97 -43.01
N VAL B 171 4.07 10.55 -43.54
CA VAL B 171 4.45 10.89 -44.90
C VAL B 171 3.90 9.82 -45.87
N ILE B 172 3.13 10.24 -46.89
CA ILE B 172 2.49 9.31 -47.82
C ILE B 172 3.41 8.96 -49.02
N GLY B 173 3.73 9.96 -49.85
CA GLY B 173 4.57 9.74 -51.02
C GLY B 173 6.00 10.13 -50.80
N ASP B 174 6.51 11.01 -51.67
CA ASP B 174 7.87 11.54 -51.63
C ASP B 174 7.79 13.05 -51.50
N THR B 175 6.58 13.60 -51.72
CA THR B 175 6.28 15.03 -51.67
C THR B 175 5.00 15.33 -50.88
N THR B 176 4.37 14.28 -50.30
CA THR B 176 3.12 14.47 -49.57
C THR B 176 3.16 13.88 -48.15
N ALA B 177 2.69 14.66 -47.16
CA ALA B 177 2.63 14.30 -45.74
C ALA B 177 1.39 14.86 -45.05
N VAL B 178 0.85 14.10 -44.09
CA VAL B 178 -0.34 14.43 -43.32
C VAL B 178 -0.04 14.60 -41.81
N ARG B 179 -0.74 15.54 -41.17
CA ARG B 179 -0.60 15.80 -39.74
C ARG B 179 -1.95 16.00 -39.10
N LEU B 180 -2.13 15.41 -37.91
CA LEU B 180 -3.37 15.47 -37.16
C LEU B 180 -3.03 15.64 -35.69
N ASN B 181 -3.50 16.76 -35.11
CA ASN B 181 -3.35 17.11 -33.70
C ASN B 181 -4.70 17.09 -32.99
N VAL B 182 -4.84 16.20 -32.00
CA VAL B 182 -6.07 16.04 -31.21
C VAL B 182 -5.81 16.58 -29.79
N MET B 183 -6.88 17.03 -29.10
CA MET B 183 -6.82 17.61 -27.77
C MET B 183 -8.15 17.38 -27.04
N GLY B 184 -8.04 17.17 -25.74
CA GLY B 184 -9.17 16.98 -24.83
C GLY B 184 -8.78 17.42 -23.44
N GLU B 185 -9.65 18.19 -22.78
CA GLU B 185 -9.38 18.70 -21.45
C GLU B 185 -10.68 18.84 -20.68
N LYS B 186 -10.67 18.43 -19.41
CA LYS B 186 -11.82 18.51 -18.51
C LYS B 186 -11.30 18.68 -17.09
N THR B 187 -11.76 19.73 -16.40
CA THR B 187 -11.30 20.03 -15.03
C THR B 187 -12.32 20.85 -14.24
N HIS B 188 -12.05 21.01 -12.94
CA HIS B 188 -12.74 21.89 -12.02
C HIS B 188 -11.69 22.93 -11.63
N ASP B 189 -11.96 23.81 -10.65
CA ASP B 189 -10.92 24.78 -10.28
C ASP B 189 -10.36 24.49 -8.90
N ALA B 190 -9.03 24.56 -8.80
CA ALA B 190 -8.29 24.32 -7.57
C ALA B 190 -8.54 25.38 -6.49
N GLY B 191 -8.67 26.64 -6.92
CA GLY B 191 -8.93 27.74 -5.99
C GLY B 191 -10.32 28.33 -6.02
N ARG B 192 -11.22 27.76 -6.87
CA ARG B 192 -12.57 28.28 -7.04
C ARG B 192 -13.61 27.17 -7.01
N ASP B 193 -14.63 27.32 -6.14
CA ASP B 193 -15.74 26.39 -6.02
C ASP B 193 -16.65 26.56 -7.22
N LYS B 194 -17.21 25.45 -7.72
CA LYS B 194 -18.14 25.38 -8.87
C LYS B 194 -17.52 25.69 -10.25
N VAL B 195 -16.38 26.40 -10.29
CA VAL B 195 -15.73 26.75 -11.57
C VAL B 195 -15.21 25.48 -12.22
N LYS B 196 -15.73 25.18 -13.42
CA LYS B 196 -15.33 24.00 -14.21
C LYS B 196 -15.02 24.39 -15.68
N ASN B 197 -14.18 23.58 -16.36
CA ASN B 197 -13.77 23.83 -17.75
C ASN B 197 -13.69 22.53 -18.53
N GLU B 198 -14.05 22.58 -19.83
CA GLU B 198 -14.05 21.43 -20.74
C GLU B 198 -13.80 21.88 -22.18
N ARG B 199 -12.84 21.24 -22.90
CA ARG B 199 -12.57 21.58 -24.29
C ARG B 199 -11.99 20.43 -25.11
N TYR B 200 -12.28 20.41 -26.42
CA TYR B 200 -11.82 19.41 -27.38
C TYR B 200 -11.42 20.12 -28.66
N GLY B 201 -10.30 19.68 -29.22
CA GLY B 201 -9.76 20.25 -30.45
C GLY B 201 -9.27 19.23 -31.46
N VAL B 202 -9.52 19.50 -32.74
CA VAL B 202 -9.09 18.66 -33.87
C VAL B 202 -8.36 19.58 -34.85
N ALA B 203 -7.25 19.09 -35.44
CA ALA B 203 -6.44 19.87 -36.37
C ALA B 203 -5.89 19.00 -37.52
N PRO B 204 -6.72 18.69 -38.56
CA PRO B 204 -6.21 17.89 -39.68
C PRO B 204 -5.45 18.72 -40.71
N SER B 205 -4.32 18.22 -41.22
CA SER B 205 -3.47 18.91 -42.18
C SER B 205 -2.85 18.00 -43.24
N VAL B 206 -2.68 18.54 -44.46
CA VAL B 206 -2.04 17.86 -45.60
C VAL B 206 -1.18 18.85 -46.39
N ALA B 207 0.07 18.44 -46.69
CA ALA B 207 1.03 19.23 -47.44
C ALA B 207 1.46 18.46 -48.67
N PHE B 208 1.38 19.12 -49.82
CA PHE B 208 1.76 18.56 -51.11
C PHE B 208 3.00 19.28 -51.61
N GLY B 209 3.76 18.59 -52.48
CA GLY B 209 4.98 19.11 -53.10
C GLY B 209 6.11 19.46 -52.17
N LEU B 210 6.28 18.70 -51.07
CA LEU B 210 7.36 18.88 -50.08
C LEU B 210 8.70 18.46 -50.68
N GLY B 211 9.70 19.31 -50.47
CA GLY B 211 11.04 19.10 -50.99
C GLY B 211 11.15 19.50 -52.46
N THR B 212 10.13 20.21 -52.98
CA THR B 212 10.08 20.72 -54.35
C THR B 212 9.86 22.24 -54.32
N ALA B 213 9.94 22.89 -55.49
CA ALA B 213 9.75 24.33 -55.63
C ALA B 213 8.27 24.71 -55.63
N ASN B 214 7.38 23.72 -55.79
CA ASN B 214 5.94 23.99 -55.79
C ASN B 214 5.31 23.29 -54.59
N ARG B 215 4.80 24.08 -53.63
CA ARG B 215 4.23 23.54 -52.40
C ARG B 215 2.81 24.03 -52.14
N LEU B 216 1.97 23.16 -51.52
CA LEU B 216 0.61 23.50 -51.09
C LEU B 216 0.33 22.93 -49.70
N TYR B 217 -0.01 23.81 -48.74
CA TYR B 217 -0.35 23.40 -47.38
C TYR B 217 -1.83 23.66 -47.16
N LEU B 218 -2.59 22.62 -46.75
CA LEU B 218 -4.03 22.73 -46.44
C LEU B 218 -4.21 22.42 -44.97
N ASN B 219 -4.81 23.36 -44.21
CA ASN B 219 -4.99 23.23 -42.75
C ASN B 219 -6.40 23.49 -42.29
N TYR B 220 -6.81 22.81 -41.23
CA TYR B 220 -8.09 22.99 -40.60
C TYR B 220 -7.93 22.86 -39.09
N LEU B 221 -8.74 23.59 -38.33
CA LEU B 221 -8.73 23.60 -36.88
C LEU B 221 -10.15 23.75 -36.33
N HIS B 222 -10.52 22.91 -35.37
CA HIS B 222 -11.80 23.00 -34.69
C HIS B 222 -11.61 22.85 -33.19
N VAL B 223 -12.12 23.85 -32.40
CA VAL B 223 -12.04 23.84 -30.94
C VAL B 223 -13.40 24.19 -30.32
N THR B 224 -13.96 23.28 -29.49
CA THR B 224 -15.22 23.50 -28.78
C THR B 224 -14.93 23.65 -27.29
N GLN B 225 -15.43 24.74 -26.67
CA GLN B 225 -15.27 24.98 -25.24
C GLN B 225 -16.60 25.03 -24.52
N HIS B 226 -16.62 24.54 -23.26
CA HIS B 226 -17.78 24.51 -22.35
C HIS B 226 -17.21 24.80 -20.98
N ASN B 227 -17.34 26.05 -20.54
CA ASN B 227 -16.77 26.49 -19.28
C ASN B 227 -17.78 27.12 -18.32
N THR B 228 -17.43 27.21 -17.03
CA THR B 228 -18.20 27.86 -15.97
C THR B 228 -17.43 29.15 -15.64
N PRO B 229 -17.95 30.32 -16.08
CA PRO B 229 -17.20 31.56 -15.90
C PRO B 229 -17.14 32.06 -14.47
N ASP B 230 -15.98 32.64 -14.15
CA ASP B 230 -15.69 33.22 -12.85
C ASP B 230 -15.61 34.73 -13.02
N GLY B 231 -16.41 35.43 -12.21
CA GLY B 231 -16.45 36.89 -12.18
C GLY B 231 -15.61 37.45 -11.04
N GLY B 232 -15.15 36.59 -10.15
CA GLY B 232 -14.32 37.05 -9.03
C GLY B 232 -15.04 37.12 -7.70
N ILE B 233 -14.28 37.54 -6.67
CA ILE B 233 -14.72 37.59 -5.27
C ILE B 233 -14.65 39.01 -4.66
N PRO B 234 -15.41 39.33 -3.58
CA PRO B 234 -15.31 40.67 -2.97
C PRO B 234 -13.90 41.03 -2.55
N THR B 235 -13.51 42.30 -2.77
CA THR B 235 -12.19 42.83 -2.40
C THR B 235 -12.09 43.18 -0.92
N ILE B 236 -13.13 42.83 -0.11
CA ILE B 236 -13.17 43.07 1.34
C ILE B 236 -11.96 42.43 2.00
N GLY B 237 -11.30 43.21 2.85
CA GLY B 237 -10.15 42.79 3.65
C GLY B 237 -8.80 42.99 3.01
N LEU B 238 -8.77 43.25 1.68
CA LEU B 238 -7.53 43.45 0.92
C LEU B 238 -6.75 44.71 1.37
N PRO B 239 -5.42 44.85 1.06
CA PRO B 239 -4.73 46.12 1.40
C PRO B 239 -5.40 47.27 0.63
N GLY B 240 -5.85 48.28 1.37
CA GLY B 240 -6.51 49.43 0.78
C GLY B 240 -8.03 49.37 0.85
N TYR B 241 -8.61 48.19 1.17
CA TYR B 241 -10.07 48.07 1.27
C TYR B 241 -10.59 48.71 2.53
N SER B 242 -11.63 49.53 2.36
CA SER B 242 -12.36 50.23 3.43
C SER B 242 -13.85 50.06 3.17
N ALA B 243 -14.65 49.80 4.24
CA ALA B 243 -16.11 49.67 4.16
C ALA B 243 -16.63 50.99 3.58
N PRO B 244 -17.58 50.97 2.62
CA PRO B 244 -17.99 52.21 1.95
C PRO B 244 -18.66 53.28 2.80
N SER B 245 -19.37 52.89 3.86
CA SER B 245 -20.16 53.81 4.68
C SER B 245 -20.21 53.44 6.16
N ALA B 246 -20.62 54.42 6.99
CA ALA B 246 -20.77 54.23 8.43
C ALA B 246 -21.75 53.11 8.76
N GLY B 247 -22.74 52.93 7.88
CA GLY B 247 -23.78 51.91 8.03
C GLY B 247 -23.27 50.50 7.85
N THR B 248 -22.23 50.35 7.00
CA THR B 248 -21.60 49.07 6.65
C THR B 248 -20.23 48.87 7.33
N ALA B 249 -19.94 49.69 8.36
CA ALA B 249 -18.72 49.74 9.20
C ALA B 249 -18.12 48.38 9.56
N ALA B 250 -18.96 47.40 9.89
CA ALA B 250 -18.57 46.05 10.26
C ALA B 250 -17.65 45.37 9.25
N LEU B 251 -17.72 45.77 7.95
CA LEU B 251 -16.91 45.23 6.83
C LEU B 251 -15.42 45.55 6.94
N ASN B 252 -15.06 46.46 7.86
CA ASN B 252 -13.70 46.88 8.12
C ASN B 252 -12.95 45.95 9.09
N HIS B 253 -13.68 44.99 9.70
CA HIS B 253 -13.14 44.05 10.69
C HIS B 253 -13.47 42.60 10.38
N SER B 254 -14.47 42.37 9.47
CA SER B 254 -14.94 41.04 9.06
C SER B 254 -13.96 40.29 8.13
N GLY B 255 -12.88 40.95 7.72
CA GLY B 255 -11.79 40.37 6.93
C GLY B 255 -12.15 39.90 5.54
N LYS B 256 -11.19 39.19 4.90
CA LYS B 256 -11.34 38.65 3.54
C LYS B 256 -12.25 37.43 3.49
N VAL B 257 -12.93 37.25 2.34
CA VAL B 257 -13.81 36.10 2.09
C VAL B 257 -12.92 34.91 1.74
N ASP B 258 -13.44 33.68 1.90
CA ASP B 258 -12.73 32.45 1.53
C ASP B 258 -12.54 32.52 0.01
N THR B 259 -11.28 32.62 -0.47
CA THR B 259 -10.98 32.75 -1.91
C THR B 259 -11.59 31.63 -2.76
N HIS B 260 -12.14 30.57 -2.13
CA HIS B 260 -12.82 29.47 -2.83
C HIS B 260 -14.24 29.84 -3.22
N ASN B 261 -14.88 30.78 -2.50
CA ASN B 261 -16.27 31.23 -2.69
C ASN B 261 -16.64 31.62 -4.10
N PHE B 262 -17.75 31.04 -4.58
CA PHE B 262 -18.30 31.32 -5.89
C PHE B 262 -19.55 32.19 -5.72
N TYR B 263 -19.49 33.42 -6.25
CA TYR B 263 -20.56 34.42 -6.17
C TYR B 263 -21.47 34.42 -7.39
N GLY B 264 -21.26 33.45 -8.27
CA GLY B 264 -22.06 33.27 -9.46
C GLY B 264 -23.26 32.40 -9.19
N THR B 265 -23.86 31.81 -10.25
CA THR B 265 -25.04 30.95 -10.14
C THR B 265 -24.87 29.70 -11.00
N ASP B 266 -25.84 28.77 -10.91
CA ASP B 266 -25.83 27.54 -11.69
C ASP B 266 -26.43 27.73 -13.07
N SER B 267 -26.86 28.96 -13.36
CA SER B 267 -27.39 29.36 -14.66
C SER B 267 -26.23 29.82 -15.56
N ASP B 268 -25.09 30.19 -14.93
CA ASP B 268 -23.86 30.66 -15.57
C ASP B 268 -23.23 29.60 -16.47
N TYR B 269 -22.65 30.04 -17.61
CA TYR B 269 -22.01 29.18 -18.62
C TYR B 269 -21.17 30.02 -19.59
N ASP B 270 -20.23 29.37 -20.30
CA ASP B 270 -19.37 30.00 -21.31
C ASP B 270 -19.08 28.98 -22.40
N ASP B 271 -19.80 29.06 -23.52
CA ASP B 271 -19.62 28.15 -24.64
C ASP B 271 -19.02 28.90 -25.79
N SER B 272 -18.02 28.30 -26.47
CA SER B 272 -17.38 28.85 -27.65
C SER B 272 -16.91 27.79 -28.65
N THR B 273 -16.91 28.15 -29.96
CA THR B 273 -16.45 27.28 -31.05
C THR B 273 -15.53 28.05 -31.99
N THR B 274 -14.45 27.40 -32.45
CA THR B 274 -13.46 27.96 -33.36
C THR B 274 -13.30 27.05 -34.57
N ASP B 275 -13.47 27.63 -35.77
CA ASP B 275 -13.32 26.91 -37.03
C ASP B 275 -12.46 27.75 -37.96
N THR B 276 -11.22 27.30 -38.23
CA THR B 276 -10.34 28.05 -39.13
C THR B 276 -9.78 27.13 -40.22
N ALA B 277 -9.97 27.54 -41.49
CA ALA B 277 -9.48 26.84 -42.68
C ALA B 277 -8.39 27.70 -43.32
N THR B 278 -7.21 27.11 -43.60
CA THR B 278 -6.06 27.80 -44.19
C THR B 278 -5.49 27.05 -45.41
N MET B 279 -5.17 27.79 -46.47
CA MET B 279 -4.66 27.29 -47.74
C MET B 279 -3.46 28.17 -48.17
N ARG B 280 -2.26 27.54 -48.28
CA ARG B 280 -0.99 28.18 -48.59
C ARG B 280 -0.30 27.58 -49.81
N PHE B 281 0.03 28.43 -50.80
CA PHE B 281 0.77 28.04 -52.01
C PHE B 281 2.11 28.77 -52.02
N GLU B 282 3.20 28.02 -52.17
CA GLU B 282 4.53 28.61 -52.25
C GLU B 282 5.22 28.15 -53.56
N HIS B 283 5.77 29.10 -54.34
CA HIS B 283 6.47 28.80 -55.60
C HIS B 283 7.85 29.42 -55.60
N ASP B 284 8.88 28.58 -55.74
CA ASP B 284 10.25 29.06 -55.76
C ASP B 284 10.63 29.43 -57.20
N ILE B 285 10.77 30.75 -57.46
CA ILE B 285 11.16 31.28 -58.78
C ILE B 285 12.60 30.80 -59.00
N ASN B 286 13.41 30.81 -57.93
CA ASN B 286 14.80 30.37 -57.85
C ASN B 286 15.19 30.09 -56.40
N ASP B 287 16.44 29.67 -56.15
CA ASP B 287 16.92 29.38 -54.79
C ASP B 287 17.21 30.68 -54.00
N ASN B 288 16.72 31.83 -54.52
CA ASN B 288 16.81 33.15 -53.90
C ASN B 288 15.44 33.84 -53.81
N THR B 289 14.48 33.43 -54.66
CA THR B 289 13.15 34.04 -54.75
C THR B 289 12.03 33.02 -54.49
N THR B 290 11.12 33.36 -53.56
CA THR B 290 9.93 32.58 -53.19
C THR B 290 8.72 33.51 -53.16
N ILE B 291 7.62 33.09 -53.79
CA ILE B 291 6.34 33.79 -53.81
C ILE B 291 5.34 32.91 -53.06
N ARG B 292 4.51 33.53 -52.21
CA ARG B 292 3.53 32.85 -51.37
C ARG B 292 2.14 33.46 -51.52
N ASN B 293 1.10 32.61 -51.40
CA ASN B 293 -0.30 33.03 -51.40
C ASN B 293 -1.04 32.27 -50.33
N THR B 294 -1.44 32.97 -49.25
CA THR B 294 -2.18 32.41 -48.11
C THR B 294 -3.60 32.95 -48.06
N THR B 295 -4.57 32.03 -48.01
CA THR B 295 -6.00 32.32 -47.89
C THR B 295 -6.45 31.72 -46.56
N ARG B 296 -7.30 32.47 -45.84
CA ARG B 296 -7.86 32.00 -44.58
C ARG B 296 -9.26 32.51 -44.36
N TRP B 297 -10.11 31.57 -43.90
CA TRP B 297 -11.46 31.83 -43.45
C TRP B 297 -11.49 31.35 -41.99
N SER B 298 -11.72 32.26 -41.03
CA SER B 298 -11.81 31.87 -39.63
C SER B 298 -13.06 32.43 -38.96
N ARG B 299 -13.54 31.72 -37.93
CA ARG B 299 -14.72 32.11 -37.17
C ARG B 299 -14.63 31.75 -35.67
N VAL B 300 -14.90 32.73 -34.82
CA VAL B 300 -14.90 32.54 -33.36
C VAL B 300 -16.25 32.95 -32.78
N LYS B 301 -17.09 31.95 -32.45
CA LYS B 301 -18.39 32.09 -31.80
C LYS B 301 -18.21 31.98 -30.27
N GLN B 302 -18.87 32.86 -29.49
CA GLN B 302 -18.83 32.81 -28.02
C GLN B 302 -20.09 33.38 -27.41
N ASP B 303 -20.65 32.68 -26.42
CA ASP B 303 -21.83 33.11 -25.68
C ASP B 303 -21.72 32.70 -24.23
N TYR B 304 -21.98 33.65 -23.32
CA TYR B 304 -21.88 33.40 -21.89
C TYR B 304 -22.80 34.21 -21.03
N LEU B 305 -23.19 33.62 -19.87
CA LEU B 305 -23.89 34.26 -18.76
C LEU B 305 -22.87 34.15 -17.62
N MET B 306 -22.58 35.30 -16.99
CA MET B 306 -21.54 35.49 -15.99
C MET B 306 -22.04 36.39 -14.89
N THR B 307 -21.43 36.28 -13.69
CA THR B 307 -21.87 37.11 -12.55
C THR B 307 -20.80 38.06 -12.03
N ALA B 308 -21.10 39.36 -12.13
CA ALA B 308 -20.31 40.47 -11.60
C ALA B 308 -20.99 40.89 -10.29
N ILE B 309 -20.19 41.24 -9.27
CA ILE B 309 -20.75 41.65 -7.97
C ILE B 309 -20.39 43.09 -7.64
N MET B 310 -21.28 43.77 -6.91
CA MET B 310 -21.11 45.15 -6.53
C MET B 310 -21.41 45.35 -5.04
N GLY B 311 -20.49 46.05 -4.38
CA GLY B 311 -20.56 46.26 -2.94
C GLY B 311 -20.46 47.68 -2.43
N GLY B 312 -21.21 48.57 -3.05
CA GLY B 312 -21.34 49.95 -2.63
C GLY B 312 -22.40 50.03 -1.55
N ALA B 313 -22.47 51.17 -0.83
CA ALA B 313 -23.46 51.37 0.24
C ALA B 313 -24.88 50.99 -0.18
N SER B 314 -25.33 51.40 -1.39
CA SER B 314 -26.69 51.09 -1.88
C SER B 314 -26.89 49.63 -2.37
N ASN B 315 -25.81 48.84 -2.43
CA ASN B 315 -25.83 47.44 -2.86
C ASN B 315 -25.88 46.49 -1.69
N ILE B 316 -25.44 46.94 -0.51
CA ILE B 316 -25.42 46.10 0.69
C ILE B 316 -26.81 46.10 1.37
N THR B 317 -27.28 44.90 1.76
CA THR B 317 -28.55 44.62 2.42
C THR B 317 -28.24 44.02 3.80
N GLN B 318 -28.89 44.55 4.85
CA GLN B 318 -28.61 44.12 6.20
C GLN B 318 -29.81 43.44 6.85
N PRO B 319 -30.01 42.11 6.63
CA PRO B 319 -31.15 41.43 7.27
C PRO B 319 -31.07 41.63 8.77
N THR B 320 -29.88 41.34 9.36
CA THR B 320 -29.57 41.50 10.78
C THR B 320 -28.25 42.28 10.91
N SER B 321 -27.91 42.69 12.14
CA SER B 321 -26.70 43.43 12.51
C SER B 321 -25.43 42.63 12.22
N ASP B 322 -25.55 41.28 12.14
CA ASP B 322 -24.49 40.30 11.88
C ASP B 322 -24.08 40.33 10.40
N VAL B 323 -22.77 40.44 10.13
CA VAL B 323 -22.19 40.47 8.76
C VAL B 323 -22.48 39.18 7.97
N ASN B 324 -22.63 38.04 8.68
CA ASN B 324 -22.88 36.74 8.07
C ASN B 324 -24.20 36.68 7.28
N SER B 325 -25.15 37.59 7.58
CA SER B 325 -26.44 37.69 6.91
C SER B 325 -26.39 38.69 5.74
N TRP B 326 -25.44 39.64 5.77
CA TRP B 326 -25.29 40.69 4.76
C TRP B 326 -25.04 40.17 3.33
N THR B 327 -25.58 40.92 2.34
CA THR B 327 -25.50 40.55 0.93
C THR B 327 -25.03 41.68 -0.01
N TRP B 328 -24.21 41.31 -1.02
CA TRP B 328 -23.78 42.19 -2.09
C TRP B 328 -24.69 41.89 -3.27
N SER B 329 -24.89 42.86 -4.15
CA SER B 329 -25.76 42.65 -5.31
C SER B 329 -25.03 41.92 -6.44
N ARG B 330 -25.83 41.31 -7.35
CA ARG B 330 -25.37 40.56 -8.49
C ARG B 330 -25.79 41.27 -9.77
N THR B 331 -24.83 41.47 -10.69
CA THR B 331 -25.03 42.06 -12.01
C THR B 331 -24.68 41.04 -13.09
N ALA B 332 -25.62 40.79 -14.03
CA ALA B 332 -25.38 39.84 -15.11
C ALA B 332 -24.44 40.41 -16.14
N ASN B 333 -23.48 39.58 -16.57
CA ASN B 333 -22.53 39.88 -17.63
C ASN B 333 -22.80 38.87 -18.75
N THR B 334 -23.38 39.37 -19.84
CA THR B 334 -23.74 38.52 -20.96
C THR B 334 -22.88 38.79 -22.17
N LYS B 335 -22.86 37.84 -23.11
CA LYS B 335 -22.16 37.97 -24.38
C LYS B 335 -22.65 36.91 -25.34
N ASP B 336 -22.96 37.32 -26.57
CA ASP B 336 -23.33 36.43 -27.66
C ASP B 336 -22.71 37.05 -28.92
N VAL B 337 -21.50 36.59 -29.28
CA VAL B 337 -20.73 37.15 -30.38
C VAL B 337 -20.16 36.10 -31.37
N SER B 338 -19.78 36.58 -32.56
CA SER B 338 -19.13 35.84 -33.63
C SER B 338 -18.11 36.77 -34.31
N ASN B 339 -16.90 36.25 -34.57
CA ASN B 339 -15.82 37.01 -35.19
C ASN B 339 -15.25 36.28 -36.40
N LYS B 340 -15.61 36.76 -37.60
CA LYS B 340 -15.16 36.13 -38.83
C LYS B 340 -14.13 36.97 -39.49
N ILE B 341 -13.19 36.30 -40.19
CA ILE B 341 -12.11 36.89 -40.97
C ILE B 341 -11.92 36.11 -42.27
N LEU B 342 -11.76 36.84 -43.39
CA LEU B 342 -11.52 36.26 -44.71
C LEU B 342 -10.36 37.03 -45.29
N THR B 343 -9.19 36.38 -45.41
CA THR B 343 -8.02 37.09 -45.94
C THR B 343 -7.33 36.37 -47.10
N ASN B 344 -6.57 37.13 -47.89
CA ASN B 344 -5.72 36.62 -48.95
C ASN B 344 -4.49 37.47 -48.98
N GLN B 345 -3.41 36.90 -48.44
CA GLN B 345 -2.10 37.54 -48.30
C GLN B 345 -1.07 36.96 -49.25
N THR B 346 -0.61 37.81 -50.18
CA THR B 346 0.39 37.47 -51.20
C THR B 346 1.71 38.14 -50.79
N ASN B 347 2.80 37.34 -50.65
CA ASN B 347 4.15 37.79 -50.22
C ASN B 347 5.20 37.33 -51.22
N LEU B 348 6.25 38.15 -51.44
CA LEU B 348 7.38 37.87 -52.33
C LEU B 348 8.68 38.14 -51.60
N THR B 349 9.58 37.14 -51.53
CA THR B 349 10.91 37.30 -50.92
C THR B 349 12.02 37.07 -51.93
N SER B 350 12.96 38.04 -52.04
CA SER B 350 14.09 37.94 -52.99
C SER B 350 15.39 38.51 -52.46
N THR B 351 16.49 37.77 -52.69
CA THR B 351 17.82 38.25 -52.30
C THR B 351 18.66 38.46 -53.57
N PHE B 352 19.19 39.69 -53.70
CA PHE B 352 19.98 40.17 -54.83
C PHE B 352 20.96 41.24 -54.40
N TYR B 353 21.93 41.57 -55.26
CA TYR B 353 22.90 42.64 -55.03
C TYR B 353 22.70 43.78 -56.00
N THR B 354 23.05 45.00 -55.57
CA THR B 354 23.07 46.24 -56.37
C THR B 354 24.41 46.85 -55.97
N GLY B 355 25.44 46.58 -56.78
CA GLY B 355 26.80 46.97 -56.47
C GLY B 355 27.24 46.14 -55.28
N SER B 356 27.78 46.79 -54.24
CA SER B 356 28.19 46.11 -53.01
C SER B 356 27.03 45.87 -52.03
N ILE B 357 25.91 46.60 -52.20
CA ILE B 357 24.74 46.50 -51.33
C ILE B 357 23.96 45.23 -51.59
N GLY B 358 23.80 44.42 -50.53
CA GLY B 358 23.05 43.18 -50.55
C GLY B 358 21.64 43.42 -50.06
N HIS B 359 20.64 42.93 -50.80
CA HIS B 359 19.23 43.16 -50.48
C HIS B 359 18.46 41.89 -50.15
N ASP B 360 17.69 41.93 -49.06
CA ASP B 360 16.76 40.88 -48.61
C ASP B 360 15.42 41.59 -48.66
N VAL B 361 14.58 41.28 -49.66
CA VAL B 361 13.30 41.98 -49.86
C VAL B 361 12.09 41.10 -49.50
N SER B 362 11.12 41.67 -48.76
CA SER B 362 9.86 41.02 -48.40
C SER B 362 8.73 42.01 -48.65
N THR B 363 8.03 41.80 -49.78
CA THR B 363 6.95 42.68 -50.27
C THR B 363 5.66 41.89 -50.46
N GLY B 364 4.52 42.59 -50.52
CA GLY B 364 3.25 41.91 -50.71
C GLY B 364 1.99 42.74 -50.73
N VAL B 365 0.89 42.08 -51.15
CA VAL B 365 -0.46 42.64 -51.26
C VAL B 365 -1.43 41.82 -50.42
N GLU B 366 -2.22 42.49 -49.59
CA GLU B 366 -3.17 41.83 -48.70
C GLU B 366 -4.60 42.32 -48.88
N PHE B 367 -5.56 41.37 -48.89
CA PHE B 367 -6.99 41.63 -49.00
C PHE B 367 -7.68 40.96 -47.82
N THR B 368 -8.32 41.76 -46.92
CA THR B 368 -9.00 41.23 -45.74
C THR B 368 -10.39 41.80 -45.55
N ARG B 369 -11.34 40.93 -45.11
CA ARG B 369 -12.68 41.30 -44.65
C ARG B 369 -12.86 40.69 -43.28
N GLU B 370 -13.00 41.56 -42.27
CA GLU B 370 -13.21 41.21 -40.86
C GLU B 370 -14.62 41.61 -40.49
N THR B 371 -15.32 40.71 -39.82
CA THR B 371 -16.71 40.96 -39.48
C THR B 371 -17.02 40.46 -38.05
N GLN B 372 -17.76 41.29 -37.30
CA GLN B 372 -18.16 41.04 -35.93
C GLN B 372 -19.62 41.35 -35.76
N THR B 373 -20.36 40.38 -35.17
CA THR B 373 -21.76 40.54 -34.85
C THR B 373 -21.95 40.28 -33.35
N ASN B 374 -22.53 41.25 -32.65
CA ASN B 374 -22.85 41.12 -31.24
C ASN B 374 -24.35 40.98 -31.08
N TYR B 375 -24.82 39.73 -30.94
CA TYR B 375 -26.23 39.41 -30.77
C TYR B 375 -26.73 39.85 -29.40
N GLY B 376 -27.77 40.67 -29.40
CA GLY B 376 -28.40 41.13 -28.18
C GLY B 376 -29.26 40.06 -27.56
N VAL B 377 -29.19 39.97 -26.21
CA VAL B 377 -29.96 39.04 -25.37
C VAL B 377 -30.83 39.84 -24.38
N ASN B 378 -31.91 39.22 -23.88
CA ASN B 378 -32.80 39.88 -22.93
C ASN B 378 -32.07 40.13 -21.59
N PRO B 379 -32.39 41.22 -20.85
CA PRO B 379 -31.71 41.47 -19.56
C PRO B 379 -31.93 40.33 -18.57
N VAL B 380 -30.93 40.08 -17.73
CA VAL B 380 -30.98 38.99 -16.75
C VAL B 380 -30.95 39.53 -15.32
N THR B 381 -32.03 39.26 -14.55
CA THR B 381 -32.15 39.67 -13.16
C THR B 381 -31.56 38.58 -12.26
N LEU B 382 -30.65 38.96 -11.36
CA LEU B 382 -29.99 38.04 -10.46
C LEU B 382 -30.20 38.42 -8.98
N PRO B 383 -30.54 37.45 -8.09
CA PRO B 383 -30.70 37.81 -6.67
C PRO B 383 -29.40 38.22 -6.00
N ALA B 384 -29.49 38.90 -4.85
CA ALA B 384 -28.35 39.31 -4.00
C ALA B 384 -27.59 38.07 -3.53
N VAL B 385 -26.30 38.25 -3.22
CA VAL B 385 -25.45 37.13 -2.81
C VAL B 385 -24.89 37.35 -1.40
N ASN B 386 -24.94 36.32 -0.52
CA ASN B 386 -24.40 36.42 0.85
C ASN B 386 -22.88 36.68 0.77
N ILE B 387 -22.42 37.75 1.44
CA ILE B 387 -21.03 38.24 1.46
C ILE B 387 -20.03 37.16 1.84
N TYR B 388 -20.18 36.53 3.02
CA TYR B 388 -19.23 35.53 3.47
C TYR B 388 -19.64 34.08 3.23
N HIS B 389 -20.93 33.83 2.99
CA HIS B 389 -21.46 32.49 2.75
C HIS B 389 -22.36 32.50 1.51
N PRO B 390 -21.81 32.64 0.29
CA PRO B 390 -22.67 32.73 -0.89
C PRO B 390 -23.39 31.45 -1.32
N ASP B 391 -24.71 31.54 -1.61
CA ASP B 391 -25.48 30.43 -2.16
C ASP B 391 -25.56 30.65 -3.68
N SER B 392 -24.78 29.83 -4.42
CA SER B 392 -24.68 29.85 -5.88
C SER B 392 -25.50 28.69 -6.48
N SER B 393 -26.12 27.86 -5.61
CA SER B 393 -26.94 26.72 -6.00
C SER B 393 -28.37 27.14 -6.34
N ILE B 394 -28.47 28.08 -7.30
CA ILE B 394 -29.71 28.68 -7.79
C ILE B 394 -29.63 28.83 -9.32
N HIS B 395 -30.78 28.86 -10.01
CA HIS B 395 -30.87 28.97 -11.47
C HIS B 395 -31.76 30.16 -11.87
N PRO B 396 -31.25 31.41 -11.77
CA PRO B 396 -32.09 32.59 -12.04
C PRO B 396 -32.64 32.76 -13.46
N GLY B 397 -31.87 32.43 -14.49
CA GLY B 397 -32.31 32.60 -15.87
C GLY B 397 -31.40 32.04 -16.94
N GLY B 398 -31.57 32.51 -18.17
CA GLY B 398 -30.79 32.06 -19.32
C GLY B 398 -30.56 33.13 -20.37
N LEU B 399 -29.83 32.78 -21.44
CA LEU B 399 -29.55 33.72 -22.51
C LEU B 399 -30.57 33.51 -23.62
N THR B 400 -31.37 34.54 -23.89
CA THR B 400 -32.41 34.55 -24.90
C THR B 400 -32.25 35.78 -25.81
N ARG B 401 -31.90 35.55 -27.08
CA ARG B 401 -31.70 36.58 -28.11
C ARG B 401 -32.92 37.47 -28.33
N ASN B 402 -32.72 38.81 -28.44
CA ASN B 402 -33.82 39.74 -28.62
C ASN B 402 -33.89 40.44 -29.98
N GLY B 403 -32.90 40.18 -30.86
CA GLY B 403 -32.87 40.73 -32.22
C GLY B 403 -32.26 42.12 -32.36
N ALA B 404 -31.90 42.74 -31.23
CA ALA B 404 -31.23 44.04 -31.18
C ALA B 404 -29.74 43.75 -31.20
N ASN B 405 -29.10 43.82 -32.39
CA ASN B 405 -27.68 43.48 -32.57
C ASN B 405 -26.78 44.60 -33.13
N ALA B 406 -25.45 44.47 -32.87
CA ALA B 406 -24.41 45.38 -33.37
C ALA B 406 -23.59 44.67 -34.47
N ASN B 407 -23.47 45.30 -35.67
CA ASN B 407 -22.76 44.75 -36.84
C ASN B 407 -21.58 45.59 -37.31
N GLY B 408 -20.40 45.00 -37.24
CA GLY B 408 -19.17 45.64 -37.67
C GLY B 408 -18.50 44.87 -38.81
N GLN B 409 -17.79 45.60 -39.69
CA GLN B 409 -17.07 45.04 -40.84
C GLN B 409 -15.94 45.96 -41.22
N THR B 410 -14.75 45.39 -41.54
CA THR B 410 -13.58 46.15 -41.96
C THR B 410 -12.93 45.53 -43.22
N ASP B 411 -13.06 46.23 -44.34
CA ASP B 411 -12.46 45.81 -45.60
C ASP B 411 -11.09 46.50 -45.70
N THR B 412 -10.02 45.71 -45.68
CA THR B 412 -8.65 46.22 -45.73
C THR B 412 -7.87 45.74 -46.97
N PHE B 413 -7.30 46.72 -47.69
CA PHE B 413 -6.37 46.49 -48.80
C PHE B 413 -5.03 46.99 -48.30
N ALA B 414 -4.02 46.13 -48.30
CA ALA B 414 -2.69 46.53 -47.85
C ALA B 414 -1.62 46.24 -48.91
N ILE B 415 -0.64 47.13 -48.98
CA ILE B 415 0.50 47.05 -49.88
C ILE B 415 1.71 47.46 -49.05
N TYR B 416 2.66 46.54 -48.93
CA TYR B 416 3.86 46.76 -48.13
C TYR B 416 5.12 46.33 -48.88
N ALA B 417 6.28 46.89 -48.46
CA ALA B 417 7.61 46.57 -48.98
C ALA B 417 8.65 46.81 -47.88
N PHE B 418 9.47 45.79 -47.57
CA PHE B 418 10.53 45.87 -46.55
C PHE B 418 11.84 45.44 -47.16
N ASP B 419 12.92 46.12 -46.77
CA ASP B 419 14.26 45.83 -47.25
C ASP B 419 15.29 45.93 -46.16
N THR B 420 16.20 44.96 -46.14
CA THR B 420 17.34 44.90 -45.26
C THR B 420 18.54 44.99 -46.18
N LEU B 421 19.17 46.18 -46.22
CA LEU B 421 20.35 46.44 -47.03
C LEU B 421 21.56 46.10 -46.19
N GLN B 422 22.49 45.32 -46.75
CA GLN B 422 23.73 44.95 -46.10
C GLN B 422 24.79 45.85 -46.72
N ILE B 423 25.13 46.95 -46.04
CA ILE B 423 26.11 47.92 -46.52
C ILE B 423 27.50 47.28 -46.51
N THR B 424 27.95 46.84 -45.31
CA THR B 424 29.22 46.10 -45.11
C THR B 424 28.91 44.82 -44.33
N ARG B 425 29.93 43.95 -44.15
CA ARG B 425 29.88 42.70 -43.39
C ARG B 425 29.46 42.99 -41.94
N ASP B 426 29.86 44.17 -41.41
CA ASP B 426 29.57 44.63 -40.06
C ASP B 426 28.31 45.53 -39.94
N PHE B 427 27.99 46.32 -40.99
CA PHE B 427 26.88 47.29 -40.98
C PHE B 427 25.64 46.88 -41.79
N GLU B 428 24.45 46.91 -41.15
CA GLU B 428 23.17 46.56 -41.76
C GLU B 428 22.10 47.67 -41.62
N LEU B 429 21.38 47.98 -42.71
CA LEU B 429 20.34 49.01 -42.74
C LEU B 429 18.98 48.42 -43.01
N ASN B 430 18.05 48.59 -42.08
CA ASN B 430 16.70 48.04 -42.14
C ASN B 430 15.68 49.12 -42.55
N GLY B 431 14.71 48.71 -43.36
CA GLY B 431 13.65 49.59 -43.86
C GLY B 431 12.34 48.86 -44.05
N GLY B 432 11.26 49.63 -44.23
CA GLY B 432 9.91 49.11 -44.42
C GLY B 432 8.79 50.12 -44.43
N ILE B 433 7.94 50.07 -45.48
CA ILE B 433 6.79 50.94 -45.68
C ILE B 433 5.48 50.11 -45.89
N ARG B 434 4.33 50.64 -45.44
CA ARG B 434 3.02 49.98 -45.60
C ARG B 434 1.90 51.00 -45.77
N LEU B 435 0.93 50.69 -46.65
CA LEU B 435 -0.28 51.47 -46.88
C LEU B 435 -1.50 50.57 -46.65
N ASP B 436 -2.35 50.95 -45.66
CA ASP B 436 -3.58 50.23 -45.32
C ASP B 436 -4.78 51.04 -45.75
N ASN B 437 -5.47 50.60 -46.80
CA ASN B 437 -6.68 51.25 -47.29
C ASN B 437 -7.85 50.51 -46.61
N TYR B 438 -8.47 51.14 -45.61
CA TYR B 438 -9.54 50.47 -44.88
C TYR B 438 -10.92 51.08 -45.08
N HIS B 439 -11.97 50.24 -44.93
N HIS B 439 -11.97 50.26 -44.91
CA HIS B 439 -13.39 50.64 -45.02
CA HIS B 439 -13.36 50.68 -44.94
C HIS B 439 -14.16 49.91 -43.93
C HIS B 439 -14.14 49.92 -43.91
N THR B 440 -14.53 50.62 -42.84
CA THR B 440 -15.26 50.06 -41.70
C THR B 440 -16.70 50.53 -41.73
N GLU B 441 -17.65 49.60 -41.55
CA GLU B 441 -19.07 49.91 -41.48
C GLU B 441 -19.55 49.44 -40.12
N TYR B 442 -20.32 50.28 -39.41
CA TYR B 442 -20.86 49.93 -38.10
C TYR B 442 -22.28 50.38 -37.90
N ASP B 443 -23.08 49.51 -37.28
CA ASP B 443 -24.46 49.77 -36.92
C ASP B 443 -24.82 48.97 -35.67
N SER B 444 -25.65 49.57 -34.81
CA SER B 444 -26.13 48.97 -33.57
C SER B 444 -27.61 49.30 -33.35
N ALA B 445 -28.33 48.37 -32.73
CA ALA B 445 -29.74 48.52 -32.40
C ALA B 445 -29.91 48.03 -30.99
N THR B 446 -30.84 48.65 -30.26
CA THR B 446 -31.16 48.25 -28.87
C THR B 446 -32.66 48.08 -28.75
N ALA B 447 -33.10 47.05 -27.99
CA ALA B 447 -34.53 46.79 -27.79
C ALA B 447 -35.11 47.93 -26.94
N CYS B 448 -36.02 48.70 -27.55
CA CYS B 448 -36.62 49.88 -26.95
C CYS B 448 -37.54 49.59 -25.74
N GLY B 449 -37.76 50.62 -24.91
CA GLY B 449 -38.61 50.55 -23.73
C GLY B 449 -37.94 49.98 -22.49
N GLY B 450 -36.61 49.95 -22.49
CA GLY B 450 -35.81 49.45 -21.37
C GLY B 450 -35.75 50.40 -20.20
N SER B 451 -35.12 49.95 -19.09
CA SER B 451 -35.01 50.70 -17.84
C SER B 451 -33.96 51.83 -17.85
N GLY B 452 -32.67 51.46 -17.82
CA GLY B 452 -31.56 52.39 -17.80
C GLY B 452 -30.32 51.88 -18.49
N ARG B 453 -29.26 52.73 -18.52
CA ARG B 453 -27.95 52.48 -19.15
C ARG B 453 -28.07 52.22 -20.68
N GLY B 454 -28.36 53.30 -21.41
CA GLY B 454 -28.52 53.30 -22.87
C GLY B 454 -29.90 52.90 -23.38
N ALA B 455 -30.93 52.96 -22.49
CA ALA B 455 -32.33 52.61 -22.80
C ALA B 455 -32.93 53.58 -23.83
N ILE B 456 -33.48 53.01 -24.91
CA ILE B 456 -34.04 53.75 -26.04
C ILE B 456 -35.57 53.76 -25.93
N THR B 457 -36.20 54.90 -26.25
CA THR B 457 -37.66 55.02 -26.22
C THR B 457 -38.20 54.47 -27.55
N CYS B 458 -39.38 53.84 -27.49
CA CYS B 458 -39.98 53.24 -28.67
C CYS B 458 -40.61 54.28 -29.58
N PRO B 459 -40.23 54.34 -30.87
CA PRO B 459 -40.92 55.25 -31.80
C PRO B 459 -42.41 54.90 -31.93
N THR B 460 -43.21 55.82 -32.51
CA THR B 460 -44.64 55.63 -32.74
C THR B 460 -44.91 54.35 -33.59
N GLY B 461 -45.89 53.55 -33.19
CA GLY B 461 -46.28 52.32 -33.85
C GLY B 461 -45.28 51.18 -33.73
N VAL B 462 -44.35 51.29 -32.77
CA VAL B 462 -43.28 50.33 -32.50
C VAL B 462 -43.48 49.80 -31.08
N ALA B 463 -43.64 48.47 -30.96
CA ALA B 463 -43.88 47.77 -29.70
C ALA B 463 -42.67 47.73 -28.78
N LYS B 464 -42.92 47.76 -27.45
CA LYS B 464 -41.89 47.68 -26.41
C LYS B 464 -41.03 46.45 -26.69
N GLY B 465 -39.72 46.62 -26.55
CA GLY B 465 -38.75 45.56 -26.77
C GLY B 465 -38.34 45.29 -28.20
N SER B 466 -38.80 46.11 -29.20
CA SER B 466 -38.45 45.95 -30.63
C SER B 466 -37.09 46.55 -30.88
N PRO B 467 -36.23 45.93 -31.73
CA PRO B 467 -34.91 46.56 -32.03
C PRO B 467 -35.03 47.89 -32.78
N VAL B 468 -34.40 48.94 -32.25
CA VAL B 468 -34.40 50.30 -32.81
C VAL B 468 -32.95 50.72 -33.04
N THR B 469 -32.61 51.11 -34.29
CA THR B 469 -31.24 51.52 -34.65
C THR B 469 -30.82 52.77 -33.87
N THR B 470 -29.68 52.66 -33.19
CA THR B 470 -29.06 53.71 -32.41
C THR B 470 -28.04 54.45 -33.28
N VAL B 471 -27.23 53.70 -34.05
CA VAL B 471 -26.18 54.24 -34.93
C VAL B 471 -26.07 53.44 -36.23
N ASP B 472 -25.65 54.09 -37.33
CA ASP B 472 -25.43 53.46 -38.64
C ASP B 472 -24.42 54.30 -39.41
N THR B 473 -23.12 54.03 -39.19
CA THR B 473 -22.04 54.75 -39.85
C THR B 473 -21.14 53.81 -40.63
N ALA B 474 -20.07 54.41 -41.18
CA ALA B 474 -18.97 53.86 -41.94
C ALA B 474 -17.85 54.91 -41.89
N LYS B 475 -16.62 54.47 -42.13
CA LYS B 475 -15.41 55.28 -42.07
C LYS B 475 -14.41 54.65 -43.06
N SER B 476 -13.72 55.51 -43.82
CA SER B 476 -12.71 55.11 -44.79
C SER B 476 -11.47 55.97 -44.59
N GLY B 477 -10.30 55.39 -44.82
CA GLY B 477 -9.02 56.08 -44.69
C GLY B 477 -7.80 55.32 -45.15
N ASN B 478 -6.63 55.96 -44.98
CA ASN B 478 -5.35 55.41 -45.37
C ASN B 478 -4.33 55.44 -44.26
N LEU B 479 -3.80 54.27 -43.89
CA LEU B 479 -2.81 54.22 -42.81
C LEU B 479 -1.45 54.00 -43.44
N MET B 480 -0.64 55.06 -43.49
CA MET B 480 0.70 55.00 -44.04
C MET B 480 1.66 54.91 -42.86
N ASN B 481 2.25 53.73 -42.68
CA ASN B 481 3.20 53.42 -41.62
C ASN B 481 4.55 53.10 -42.21
N TRP B 482 5.60 53.29 -41.41
CA TRP B 482 6.98 53.05 -41.80
C TRP B 482 7.83 52.64 -40.62
N LYS B 483 9.05 52.17 -40.91
CA LYS B 483 10.03 51.75 -39.92
C LYS B 483 11.43 51.79 -40.52
N ALA B 484 12.42 52.08 -39.69
CA ALA B 484 13.81 52.12 -40.14
C ALA B 484 14.69 51.63 -39.03
N GLY B 485 15.70 50.88 -39.40
CA GLY B 485 16.65 50.33 -38.45
C GLY B 485 18.10 50.44 -38.91
N ALA B 486 18.99 50.25 -37.94
CA ALA B 486 20.42 50.23 -38.15
C ALA B 486 21.01 49.23 -37.16
N LEU B 487 21.82 48.32 -37.67
CA LEU B 487 22.51 47.31 -36.87
C LEU B 487 24.01 47.34 -37.22
N TYR B 488 24.88 47.24 -36.20
CA TYR B 488 26.32 47.20 -36.36
C TYR B 488 26.94 46.07 -35.52
N HIS B 489 27.59 45.09 -36.19
CA HIS B 489 28.23 43.93 -35.56
C HIS B 489 29.55 44.33 -34.92
N LEU B 490 29.54 44.55 -33.59
CA LEU B 490 30.73 44.95 -32.84
C LEU B 490 31.80 43.86 -32.87
N THR B 491 31.39 42.62 -32.57
CA THR B 491 32.21 41.42 -32.65
C THR B 491 31.45 40.46 -33.58
N GLU B 492 31.79 39.16 -33.58
CA GLU B 492 31.06 38.15 -34.36
C GLU B 492 30.01 37.50 -33.45
N ASN B 493 30.04 37.88 -32.15
CA ASN B 493 29.13 37.39 -31.11
C ASN B 493 28.06 38.42 -30.71
N GLY B 494 28.32 39.70 -30.93
CA GLY B 494 27.39 40.76 -30.55
C GLY B 494 27.31 42.00 -31.42
N ASN B 495 26.13 42.65 -31.38
CA ASN B 495 25.85 43.87 -32.14
C ASN B 495 25.10 44.92 -31.34
N VAL B 496 24.91 46.10 -31.95
CA VAL B 496 24.16 47.23 -31.40
C VAL B 496 23.12 47.69 -32.45
N TYR B 497 21.86 47.90 -32.02
CA TYR B 497 20.81 48.28 -32.97
C TYR B 497 20.04 49.54 -32.58
N ILE B 498 19.56 50.24 -33.62
CA ILE B 498 18.73 51.43 -33.56
C ILE B 498 17.48 51.08 -34.34
N ASN B 499 16.31 51.45 -33.82
CA ASN B 499 15.06 51.22 -34.51
C ASN B 499 14.02 52.28 -34.19
N TYR B 500 13.29 52.68 -35.23
CA TYR B 500 12.19 53.63 -35.13
C TYR B 500 11.03 53.09 -35.95
N ALA B 501 9.81 53.11 -35.38
CA ALA B 501 8.60 52.61 -36.04
C ALA B 501 7.35 53.42 -35.71
N VAL B 502 6.39 53.43 -36.65
CA VAL B 502 5.08 54.11 -36.51
C VAL B 502 3.95 53.07 -36.58
N SER B 503 3.01 53.12 -35.60
CA SER B 503 1.85 52.24 -35.50
C SER B 503 0.61 53.11 -35.38
N GLN B 504 -0.55 52.64 -35.92
CA GLN B 504 -1.80 53.40 -35.91
C GLN B 504 -3.04 52.53 -35.71
N GLN B 505 -3.98 53.01 -34.87
CA GLN B 505 -5.26 52.35 -34.58
C GLN B 505 -6.38 53.33 -34.97
N PRO B 506 -7.00 53.16 -36.15
CA PRO B 506 -7.99 54.14 -36.60
C PRO B 506 -9.30 54.11 -35.83
N PRO B 507 -10.24 55.06 -36.05
CA PRO B 507 -11.57 54.95 -35.39
C PRO B 507 -12.30 53.69 -35.91
N GLY B 508 -12.78 52.88 -34.98
CA GLY B 508 -13.43 51.62 -35.32
C GLY B 508 -12.45 50.48 -35.47
N GLY B 509 -11.16 50.80 -35.35
CA GLY B 509 -10.08 49.83 -35.42
C GLY B 509 -10.04 48.86 -34.25
N ASN B 510 -10.25 49.35 -33.02
CA ASN B 510 -10.20 48.51 -31.81
C ASN B 510 -11.23 47.37 -31.75
N ASN B 511 -12.50 47.64 -32.05
CA ASN B 511 -13.57 46.65 -31.97
C ASN B 511 -14.71 46.83 -33.00
N PHE B 512 -14.40 47.42 -34.17
CA PHE B 512 -15.37 47.68 -35.25
C PHE B 512 -16.41 48.74 -34.92
N ALA B 513 -16.41 49.28 -33.67
CA ALA B 513 -17.39 50.27 -33.22
C ALA B 513 -17.08 51.67 -33.70
N LEU B 514 -18.06 52.34 -34.31
CA LEU B 514 -17.95 53.72 -34.79
C LEU B 514 -18.88 54.59 -33.98
N ALA B 515 -18.51 55.86 -33.79
CA ALA B 515 -19.32 56.80 -33.01
C ALA B 515 -19.64 58.05 -33.80
N GLN B 516 -20.76 58.71 -33.45
CA GLN B 516 -21.23 59.94 -34.09
C GLN B 516 -20.12 61.00 -34.06
N SER B 517 -19.92 61.67 -35.18
CA SER B 517 -18.96 62.75 -35.32
C SER B 517 -19.49 64.04 -34.65
N GLY B 518 -18.58 64.98 -34.32
CA GLY B 518 -18.94 66.29 -33.77
C GLY B 518 -19.25 66.44 -32.29
N SER B 519 -19.36 65.31 -31.54
CA SER B 519 -19.66 65.31 -30.09
C SER B 519 -19.01 64.13 -29.39
N GLY B 520 -18.95 64.21 -28.07
CA GLY B 520 -18.52 63.10 -27.24
C GLY B 520 -17.04 62.85 -27.18
N ASN B 521 -16.66 61.82 -26.39
CA ASN B 521 -15.28 61.47 -26.10
C ASN B 521 -14.76 60.16 -26.69
N SER B 522 -15.57 59.44 -27.49
CA SER B 522 -15.13 58.17 -28.07
C SER B 522 -14.01 58.39 -29.05
N ALA B 523 -12.94 57.56 -28.97
CA ALA B 523 -11.78 57.57 -29.88
C ALA B 523 -12.25 57.05 -31.22
N ASN B 524 -13.38 56.32 -31.18
CA ASN B 524 -14.05 55.70 -32.31
C ASN B 524 -14.96 56.66 -33.09
N ARG B 525 -14.82 57.99 -32.88
CA ARG B 525 -15.59 59.03 -33.57
C ARG B 525 -15.14 59.02 -35.02
N THR B 526 -16.10 59.02 -35.98
CA THR B 526 -15.81 59.00 -37.42
C THR B 526 -14.97 60.19 -37.91
N ASP B 527 -15.08 61.37 -37.28
CA ASP B 527 -14.31 62.59 -37.63
C ASP B 527 -12.95 62.63 -36.96
N PHE B 528 -12.56 61.61 -36.17
CA PHE B 528 -11.28 61.59 -35.43
C PHE B 528 -10.14 60.92 -36.20
N LYS B 529 -8.91 61.28 -35.82
CA LYS B 529 -7.65 60.80 -36.38
C LYS B 529 -7.28 59.47 -35.70
N PRO B 530 -6.49 58.58 -36.35
CA PRO B 530 -6.07 57.36 -35.65
C PRO B 530 -5.15 57.68 -34.48
N GLN B 531 -5.06 56.78 -33.52
CA GLN B 531 -4.16 56.96 -32.40
C GLN B 531 -2.77 56.50 -32.90
N LYS B 532 -1.75 57.38 -32.80
CA LYS B 532 -0.40 57.09 -33.31
C LYS B 532 0.59 56.69 -32.21
N ALA B 533 1.45 55.69 -32.46
CA ALA B 533 2.49 55.27 -31.52
C ALA B 533 3.88 55.25 -32.17
N ASN B 534 4.74 56.19 -31.75
CA ASN B 534 6.10 56.33 -32.25
C ASN B 534 7.09 55.67 -31.27
N THR B 535 7.62 54.45 -31.64
CA THR B 535 8.54 53.68 -30.79
C THR B 535 9.99 53.88 -31.18
N SER B 536 10.80 54.37 -30.23
CA SER B 536 12.25 54.55 -30.38
C SER B 536 12.93 53.44 -29.59
N GLU B 537 14.01 52.88 -30.14
CA GLU B 537 14.67 51.74 -29.53
C GLU B 537 16.16 51.76 -29.77
N ILE B 538 16.94 51.62 -28.69
CA ILE B 538 18.40 51.50 -28.72
C ILE B 538 18.70 50.23 -27.93
N GLY B 539 19.24 49.23 -28.60
CA GLY B 539 19.53 47.98 -27.95
C GLY B 539 20.80 47.28 -28.37
N THR B 540 21.08 46.18 -27.68
CA THR B 540 22.24 45.32 -27.89
C THR B 540 21.81 43.84 -27.84
N LYS B 541 22.42 43.01 -28.69
CA LYS B 541 22.12 41.58 -28.77
C LYS B 541 23.43 40.78 -28.87
N TRP B 542 23.55 39.70 -28.05
CA TRP B 542 24.75 38.85 -27.98
C TRP B 542 24.40 37.35 -27.99
N GLN B 543 25.11 36.57 -28.82
CA GLN B 543 24.93 35.12 -28.98
C GLN B 543 26.14 34.37 -28.43
N VAL B 544 26.16 34.20 -27.11
CA VAL B 544 27.25 33.59 -26.35
C VAL B 544 27.19 32.05 -26.30
N LEU B 545 28.32 31.43 -25.87
CA LEU B 545 28.54 29.99 -25.68
C LEU B 545 28.02 29.14 -26.86
N ASP B 546 28.82 29.10 -27.94
CA ASP B 546 28.56 28.39 -29.21
C ASP B 546 27.27 28.84 -29.89
N LYS B 547 26.92 30.15 -29.71
CA LYS B 547 25.72 30.82 -30.24
C LYS B 547 24.40 30.19 -29.71
N ARG B 548 24.50 29.33 -28.68
CA ARG B 548 23.39 28.61 -28.07
C ARG B 548 22.65 29.41 -26.96
N LEU B 549 23.23 30.53 -26.51
CA LEU B 549 22.61 31.38 -25.53
C LEU B 549 22.53 32.82 -26.03
N LEU B 550 21.29 33.34 -26.14
CA LEU B 550 21.02 34.69 -26.58
C LEU B 550 20.73 35.60 -25.39
N LEU B 551 21.52 36.68 -25.25
CA LEU B 551 21.35 37.69 -24.21
C LEU B 551 21.08 39.04 -24.90
N THR B 552 19.97 39.71 -24.55
CA THR B 552 19.62 41.00 -25.13
C THR B 552 19.22 42.00 -24.05
N ALA B 553 19.57 43.28 -24.24
CA ALA B 553 19.26 44.42 -23.37
C ALA B 553 18.94 45.63 -24.28
N ALA B 554 17.86 46.38 -23.97
CA ALA B 554 17.41 47.51 -24.81
C ALA B 554 16.68 48.60 -24.05
N LEU B 555 16.81 49.87 -24.50
CA LEU B 555 16.11 51.04 -23.98
C LEU B 555 14.94 51.34 -24.93
N PHE B 556 13.75 51.62 -24.39
CA PHE B 556 12.62 51.90 -25.27
C PHE B 556 11.82 53.13 -24.88
N ARG B 557 11.05 53.64 -25.85
CA ARG B 557 10.10 54.72 -25.69
C ARG B 557 9.05 54.71 -26.76
N THR B 558 7.79 54.43 -26.36
CA THR B 558 6.60 54.45 -27.20
C THR B 558 5.85 55.73 -26.79
N ASP B 559 5.65 56.65 -27.75
CA ASP B 559 4.90 57.88 -27.53
C ASP B 559 3.56 57.71 -28.20
N ILE B 560 2.49 57.60 -27.39
CA ILE B 560 1.13 57.45 -27.90
C ILE B 560 0.53 58.84 -28.01
N GLU B 561 0.10 59.25 -29.21
CA GLU B 561 -0.51 60.56 -29.40
C GLU B 561 -1.92 60.43 -29.95
N ASN B 562 -2.61 61.55 -30.22
CA ASN B 562 -3.98 61.61 -30.71
C ASN B 562 -5.00 60.97 -29.73
N GLU B 563 -4.69 61.02 -28.41
CA GLU B 563 -5.57 60.50 -27.37
C GLU B 563 -6.67 61.50 -27.08
N VAL B 564 -7.88 61.01 -26.82
CA VAL B 564 -9.04 61.85 -26.50
C VAL B 564 -8.93 62.35 -25.07
N GLU B 565 -8.90 63.69 -24.91
CA GLU B 565 -8.88 64.39 -23.63
C GLU B 565 -9.93 65.50 -23.68
N GLN B 566 -10.34 66.04 -22.53
CA GLN B 566 -11.39 67.07 -22.40
C GLN B 566 -10.84 68.50 -22.39
N ASN B 567 -11.53 69.41 -23.08
CA ASN B 567 -11.21 70.84 -23.15
C ASN B 567 -11.69 71.58 -21.89
N ASP B 568 -11.47 72.91 -21.80
CA ASP B 568 -11.92 73.71 -20.66
C ASP B 568 -13.44 73.70 -20.54
N ASP B 569 -14.15 73.74 -21.68
CA ASP B 569 -15.60 73.58 -21.71
C ASP B 569 -15.82 72.07 -21.78
N GLY B 570 -17.07 71.64 -21.88
CA GLY B 570 -17.37 70.21 -21.92
C GLY B 570 -16.68 69.39 -22.99
N THR B 571 -16.51 69.96 -24.21
CA THR B 571 -15.98 69.40 -25.46
C THR B 571 -14.71 68.55 -25.34
N TYR B 572 -14.55 67.59 -26.28
CA TYR B 572 -13.41 66.69 -26.34
C TYR B 572 -12.56 66.94 -27.59
N SER B 573 -11.27 66.59 -27.49
CA SER B 573 -10.26 66.81 -28.51
C SER B 573 -9.15 65.75 -28.38
N GLN B 574 -8.34 65.58 -29.44
CA GLN B 574 -7.24 64.61 -29.52
C GLN B 574 -5.87 65.23 -29.19
N TYR B 575 -5.84 66.03 -28.10
CA TYR B 575 -4.64 66.70 -27.62
C TYR B 575 -3.84 65.84 -26.62
N GLY B 576 -4.41 64.72 -26.21
CA GLY B 576 -3.80 63.84 -25.23
C GLY B 576 -2.61 63.06 -25.71
N LYS B 577 -1.66 62.82 -24.78
CA LYS B 577 -0.43 62.06 -25.03
C LYS B 577 -0.09 61.12 -23.87
N LYS B 578 0.41 59.93 -24.21
CA LYS B 578 0.83 58.87 -23.27
C LYS B 578 2.26 58.41 -23.59
N ARG B 579 2.97 57.92 -22.58
CA ARG B 579 4.33 57.44 -22.80
C ARG B 579 4.61 56.15 -22.04
N VAL B 580 5.21 55.17 -22.74
CA VAL B 580 5.66 53.92 -22.15
C VAL B 580 7.16 53.87 -22.47
N GLU B 581 7.93 54.32 -21.49
CA GLU B 581 9.37 54.49 -21.47
C GLU B 581 9.93 53.42 -20.54
N GLY B 582 11.21 53.09 -20.71
CA GLY B 582 11.89 52.15 -19.84
C GLY B 582 12.94 51.33 -20.53
N TYR B 583 13.21 50.16 -19.97
CA TYR B 583 14.17 49.25 -20.55
C TYR B 583 13.72 47.79 -20.44
N GLU B 584 14.35 46.91 -21.24
CA GLU B 584 14.02 45.50 -21.35
C GLU B 584 15.25 44.63 -21.51
N ILE B 585 15.39 43.59 -20.67
CA ILE B 585 16.49 42.62 -20.75
C ILE B 585 15.89 41.23 -20.90
N SER B 586 16.61 40.28 -21.56
CA SER B 586 16.15 38.89 -21.75
C SER B 586 17.27 37.88 -22.03
N VAL B 587 17.03 36.60 -21.63
CA VAL B 587 17.90 35.42 -21.82
C VAL B 587 17.07 34.30 -22.44
N ALA B 588 17.72 33.38 -23.19
CA ALA B 588 17.09 32.22 -23.83
C ALA B 588 18.13 31.32 -24.46
N GLY B 589 17.98 30.02 -24.24
CA GLY B 589 18.85 29.01 -24.82
C GLY B 589 19.56 28.09 -23.84
N ASN B 590 20.74 27.60 -24.26
CA ASN B 590 21.57 26.71 -23.45
C ASN B 590 22.80 27.42 -22.90
N ILE B 591 22.99 27.36 -21.57
CA ILE B 591 24.15 27.88 -20.84
C ILE B 591 25.23 26.81 -21.04
N THR B 592 24.85 25.54 -20.81
CA THR B 592 25.65 24.31 -21.00
C THR B 592 24.71 23.33 -21.73
N PRO B 593 25.19 22.25 -22.38
CA PRO B 593 24.26 21.33 -23.08
C PRO B 593 23.10 20.72 -22.26
N ALA B 594 23.14 20.82 -20.91
CA ALA B 594 22.09 20.29 -20.02
C ALA B 594 21.26 21.40 -19.34
N TRP B 595 21.83 22.61 -19.27
CA TRP B 595 21.25 23.77 -18.63
C TRP B 595 20.52 24.70 -19.60
N GLN B 596 19.23 24.42 -19.84
CA GLN B 596 18.35 25.22 -20.68
C GLN B 596 17.74 26.32 -19.81
N VAL B 597 17.63 27.54 -20.35
CA VAL B 597 17.10 28.71 -19.68
C VAL B 597 16.30 29.63 -20.64
N ILE B 598 15.33 30.37 -20.09
CA ILE B 598 14.46 31.34 -20.77
C ILE B 598 13.86 32.31 -19.71
N GLY B 599 13.88 33.59 -20.02
CA GLY B 599 13.36 34.61 -19.13
C GLY B 599 13.79 36.00 -19.52
N GLY B 600 13.31 36.95 -18.77
CA GLY B 600 13.60 38.36 -19.00
C GLY B 600 13.04 39.24 -17.91
N TYR B 601 13.56 40.46 -17.85
CA TYR B 601 13.13 41.46 -16.89
C TYR B 601 12.84 42.74 -17.65
N THR B 602 11.76 43.42 -17.23
CA THR B 602 11.37 44.71 -17.79
C THR B 602 11.07 45.75 -16.72
N GLN B 603 11.40 47.00 -17.06
CA GLN B 603 11.04 48.16 -16.28
C GLN B 603 10.25 49.07 -17.22
N GLN B 604 8.95 49.21 -16.98
CA GLN B 604 8.08 49.99 -17.85
C GLN B 604 7.33 51.09 -17.09
N LYS B 605 7.76 52.33 -17.30
CA LYS B 605 7.12 53.50 -16.73
C LYS B 605 6.12 53.97 -17.80
N ALA B 606 4.83 53.65 -17.58
CA ALA B 606 3.72 53.95 -18.47
C ALA B 606 2.91 55.04 -17.83
N THR B 607 2.81 56.21 -18.47
CA THR B 607 2.10 57.35 -17.90
C THR B 607 1.36 58.19 -18.91
N ILE B 608 0.67 59.23 -18.37
CA ILE B 608 -0.04 60.27 -19.11
C ILE B 608 0.91 61.48 -19.17
N LYS B 609 1.27 61.88 -20.39
CA LYS B 609 2.15 63.02 -20.63
C LYS B 609 1.32 64.30 -20.70
N ASN B 610 0.15 64.20 -21.35
CA ASN B 610 -0.81 65.28 -21.56
C ASN B 610 -2.20 64.69 -21.41
N GLY B 611 -2.98 65.25 -20.48
CA GLY B 611 -4.33 64.81 -20.20
C GLY B 611 -4.67 64.47 -18.75
N LYS B 612 -5.95 64.10 -18.50
CA LYS B 612 -6.49 63.76 -17.18
C LYS B 612 -5.85 62.49 -16.64
N ASP B 613 -5.49 62.46 -15.34
CA ASP B 613 -4.90 61.27 -14.69
C ASP B 613 -5.92 60.15 -14.66
N VAL B 614 -5.47 58.91 -14.91
CA VAL B 614 -6.37 57.75 -15.01
C VAL B 614 -6.13 56.70 -13.90
N ALA B 615 -5.09 56.89 -13.06
CA ALA B 615 -4.81 56.00 -11.92
C ALA B 615 -5.70 56.43 -10.75
N GLN B 616 -6.13 55.47 -9.91
CA GLN B 616 -7.00 55.80 -8.79
C GLN B 616 -6.36 56.77 -7.79
N ASP B 617 -5.07 56.53 -7.43
CA ASP B 617 -4.32 57.33 -6.47
C ASP B 617 -3.96 58.76 -6.94
N GLY B 618 -4.43 59.15 -8.12
CA GLY B 618 -4.21 60.47 -8.69
C GLY B 618 -2.89 60.67 -9.41
N SER B 619 -2.02 59.64 -9.43
CA SER B 619 -0.73 59.75 -10.10
C SER B 619 -0.91 59.69 -11.63
N SER B 620 0.17 60.01 -12.38
CA SER B 620 0.20 60.02 -13.86
C SER B 620 0.24 58.61 -14.48
N SER B 621 0.54 57.58 -13.67
CA SER B 621 0.68 56.17 -14.05
C SER B 621 -0.58 55.57 -14.69
N LEU B 622 -0.38 54.69 -15.69
CA LEU B 622 -1.47 54.02 -16.40
C LEU B 622 -1.94 52.79 -15.59
N PRO B 623 -3.26 52.50 -15.49
CA PRO B 623 -3.67 51.37 -14.66
C PRO B 623 -3.38 50.01 -15.29
N TYR B 624 -3.41 48.97 -14.45
CA TYR B 624 -3.24 47.56 -14.81
C TYR B 624 -1.94 47.31 -15.64
N THR B 625 -0.86 48.03 -15.25
CA THR B 625 0.47 47.96 -15.85
C THR B 625 1.52 47.92 -14.72
N PRO B 626 2.33 46.83 -14.55
CA PRO B 626 3.35 46.85 -13.50
C PRO B 626 4.61 47.63 -13.94
N GLU B 627 5.26 48.39 -13.02
CA GLU B 627 6.48 49.13 -13.38
C GLU B 627 7.61 48.12 -13.53
N HIS B 628 7.69 47.14 -12.61
CA HIS B 628 8.71 46.09 -12.60
C HIS B 628 8.06 44.73 -12.78
N ALA B 629 8.67 43.90 -13.64
CA ALA B 629 8.20 42.55 -13.93
C ALA B 629 9.37 41.66 -14.36
N PHE B 630 9.43 40.48 -13.76
CA PHE B 630 10.52 39.53 -13.97
C PHE B 630 9.98 38.13 -14.16
N THR B 631 10.63 37.38 -15.06
CA THR B 631 10.33 35.98 -15.34
C THR B 631 11.60 35.22 -15.68
N LEU B 632 11.77 34.04 -15.12
CA LEU B 632 12.93 33.18 -15.33
C LEU B 632 12.58 31.72 -15.12
N TRP B 633 12.85 30.88 -16.13
CA TRP B 633 12.61 29.44 -16.12
C TRP B 633 13.85 28.70 -16.58
N SER B 634 14.27 27.73 -15.77
CA SER B 634 15.43 26.94 -16.09
C SER B 634 15.18 25.46 -15.93
N GLN B 635 15.80 24.66 -16.81
CA GLN B 635 15.68 23.22 -16.74
C GLN B 635 17.04 22.56 -16.91
N TYR B 636 17.47 21.85 -15.85
CA TYR B 636 18.74 21.15 -15.82
C TYR B 636 18.48 19.65 -16.00
N GLN B 637 19.26 19.01 -16.89
CA GLN B 637 19.17 17.57 -17.08
C GLN B 637 20.17 16.99 -16.09
N ALA B 638 19.69 16.65 -14.87
CA ALA B 638 20.50 16.12 -13.76
C ALA B 638 21.25 14.82 -14.11
N THR B 639 20.50 13.76 -14.48
CA THR B 639 21.02 12.46 -14.92
C THR B 639 20.49 12.19 -16.34
N ASP B 640 20.85 11.04 -16.93
CA ASP B 640 20.35 10.64 -18.25
C ASP B 640 18.83 10.43 -18.24
N ASP B 641 18.25 10.24 -17.04
CA ASP B 641 16.82 9.98 -16.85
C ASP B 641 16.08 11.09 -16.10
N ILE B 642 16.67 11.61 -15.01
CA ILE B 642 16.06 12.64 -14.15
C ILE B 642 16.41 14.06 -14.59
N SER B 643 15.37 14.89 -14.76
CA SER B 643 15.51 16.31 -15.10
C SER B 643 14.78 17.16 -14.05
N VAL B 644 15.32 18.34 -13.74
CA VAL B 644 14.74 19.25 -12.75
C VAL B 644 14.51 20.60 -13.41
N GLY B 645 13.39 21.24 -13.09
CA GLY B 645 13.01 22.55 -13.62
C GLY B 645 12.51 23.50 -12.55
N ALA B 646 12.83 24.79 -12.67
CA ALA B 646 12.38 25.80 -11.72
C ALA B 646 12.11 27.15 -12.37
N GLY B 647 10.97 27.72 -12.00
CA GLY B 647 10.50 29.00 -12.48
C GLY B 647 10.10 29.89 -11.34
N ALA B 648 10.40 31.19 -11.45
CA ALA B 648 10.08 32.19 -10.44
C ALA B 648 9.72 33.46 -11.17
N ARG B 649 8.46 33.89 -11.00
CA ARG B 649 7.94 35.10 -11.64
C ARG B 649 7.65 36.17 -10.60
N TYR B 650 7.84 37.45 -11.00
CA TYR B 650 7.48 38.60 -10.18
C TYR B 650 6.67 39.61 -10.98
N ILE B 651 5.50 40.00 -10.45
CA ILE B 651 4.64 41.02 -11.04
C ILE B 651 4.54 42.13 -9.99
N GLY B 652 4.89 43.35 -10.39
CA GLY B 652 4.90 44.50 -9.48
C GLY B 652 3.55 45.04 -9.10
N SER B 653 3.57 46.20 -8.43
CA SER B 653 2.33 46.87 -8.04
C SER B 653 1.68 47.49 -9.27
N MET B 654 0.34 47.45 -9.30
CA MET B 654 -0.46 47.96 -10.39
C MET B 654 -1.49 48.91 -9.85
N HIS B 655 -1.94 49.82 -10.71
CA HIS B 655 -2.97 50.78 -10.40
C HIS B 655 -4.31 50.29 -10.90
N LYS B 656 -5.36 50.65 -10.16
CA LYS B 656 -6.74 50.42 -10.56
C LYS B 656 -7.14 51.75 -11.26
N GLY B 657 -7.96 51.65 -12.30
CA GLY B 657 -8.45 52.82 -13.01
C GLY B 657 -9.35 53.63 -12.10
N SER B 658 -9.37 54.96 -12.30
CA SER B 658 -10.18 55.91 -11.55
C SER B 658 -11.71 55.58 -11.71
N ASP B 659 -12.41 55.40 -10.58
CA ASP B 659 -13.86 55.07 -10.59
C ASP B 659 -14.53 55.65 -9.36
N GLY B 660 -15.81 55.98 -9.51
CA GLY B 660 -16.65 56.56 -8.46
C GLY B 660 -16.84 55.71 -7.22
N ALA B 661 -16.58 54.38 -7.32
CA ALA B 661 -16.70 53.42 -6.22
C ALA B 661 -15.82 53.83 -5.05
N VAL B 662 -16.43 53.87 -3.88
CA VAL B 662 -15.82 54.34 -2.65
C VAL B 662 -15.29 53.20 -1.77
N GLY B 663 -14.06 53.39 -1.26
CA GLY B 663 -13.43 52.47 -0.31
C GLY B 663 -12.65 51.32 -0.87
N THR B 664 -12.86 50.98 -2.15
CA THR B 664 -12.18 49.88 -2.84
C THR B 664 -10.64 50.12 -2.99
N PRO B 665 -9.80 49.04 -3.07
CA PRO B 665 -8.34 49.26 -3.19
C PRO B 665 -7.96 50.10 -4.42
N ALA B 666 -7.09 51.10 -4.25
CA ALA B 666 -6.64 52.01 -5.31
C ALA B 666 -5.63 51.36 -6.22
N PHE B 667 -4.95 50.36 -5.69
CA PHE B 667 -3.86 49.63 -6.33
C PHE B 667 -3.83 48.23 -5.74
N THR B 668 -2.99 47.35 -6.35
CA THR B 668 -2.77 45.98 -5.90
C THR B 668 -1.31 45.83 -5.61
N GLU B 669 -0.97 45.16 -4.51
CA GLU B 669 0.41 44.93 -4.07
C GLU B 669 1.14 43.97 -5.03
N GLY B 670 2.48 44.00 -4.99
CA GLY B 670 3.33 43.13 -5.81
C GLY B 670 3.31 41.69 -5.34
N TYR B 671 3.69 40.74 -6.22
CA TYR B 671 3.71 39.31 -5.87
C TYR B 671 4.74 38.48 -6.64
N TRP B 672 5.28 37.46 -5.93
CA TRP B 672 6.22 36.45 -6.43
C TRP B 672 5.50 35.10 -6.51
N VAL B 673 5.76 34.31 -7.57
CA VAL B 673 5.15 32.99 -7.75
C VAL B 673 6.24 32.02 -8.19
N ALA B 674 6.42 30.92 -7.44
CA ALA B 674 7.42 29.91 -7.77
C ALA B 674 6.79 28.63 -8.31
N ASP B 675 7.45 28.04 -9.31
CA ASP B 675 7.05 26.82 -9.99
C ASP B 675 8.22 25.86 -10.01
N ALA B 676 7.94 24.56 -9.90
CA ALA B 676 8.95 23.50 -10.00
C ALA B 676 8.51 22.41 -10.97
N LYS B 677 9.45 21.61 -11.43
CA LYS B 677 9.24 20.51 -12.38
C LYS B 677 10.26 19.40 -12.14
N LEU B 678 9.80 18.15 -12.21
CA LEU B 678 10.65 16.98 -12.04
C LEU B 678 10.27 15.94 -13.11
N GLY B 679 11.22 15.63 -14.00
CA GLY B 679 11.01 14.70 -15.11
C GLY B 679 11.82 13.42 -15.05
N TYR B 680 11.21 12.30 -15.48
CA TYR B 680 11.84 10.99 -15.47
C TYR B 680 11.61 10.19 -16.76
N ARG B 681 12.70 9.83 -17.47
CA ARG B 681 12.65 9.05 -18.70
C ARG B 681 12.82 7.53 -18.44
N VAL B 682 11.72 6.77 -18.63
CA VAL B 682 11.64 5.31 -18.41
C VAL B 682 12.35 4.54 -19.55
N ASN B 683 12.24 5.05 -20.79
CA ASN B 683 12.85 4.49 -22.00
C ASN B 683 12.73 5.50 -23.15
N ARG B 684 13.25 5.14 -24.34
CA ARG B 684 13.23 5.95 -25.56
C ARG B 684 11.82 6.43 -25.95
N ASN B 685 10.77 5.66 -25.60
CA ASN B 685 9.38 5.93 -25.95
C ASN B 685 8.49 6.50 -24.83
N LEU B 686 8.87 6.36 -23.53
CA LEU B 686 8.05 6.87 -22.44
C LEU B 686 8.81 7.65 -21.37
N ASP B 687 8.29 8.84 -21.05
CA ASP B 687 8.82 9.71 -20.01
C ASP B 687 7.68 10.37 -19.24
N PHE B 688 7.90 10.64 -17.94
CA PHE B 688 6.93 11.29 -17.06
C PHE B 688 7.43 12.65 -16.60
N GLN B 689 6.51 13.57 -16.26
CA GLN B 689 6.83 14.87 -15.70
C GLN B 689 5.79 15.31 -14.67
N LEU B 690 6.28 15.84 -13.55
CA LEU B 690 5.46 16.32 -12.46
C LEU B 690 5.71 17.81 -12.32
N ASN B 691 4.65 18.60 -12.51
CA ASN B 691 4.74 20.06 -12.40
C ASN B 691 4.02 20.52 -11.15
N VAL B 692 4.58 21.53 -10.46
CA VAL B 692 3.95 22.19 -9.32
C VAL B 692 3.92 23.68 -9.60
N TYR B 693 2.74 24.28 -9.42
CA TYR B 693 2.56 25.70 -9.70
C TYR B 693 2.19 26.38 -8.39
N ASN B 694 2.82 27.53 -8.11
CA ASN B 694 2.65 28.29 -6.87
C ASN B 694 3.07 27.41 -5.71
N LEU B 695 4.31 26.93 -5.82
CA LEU B 695 5.06 26.06 -4.90
C LEU B 695 4.83 26.46 -3.43
N PHE B 696 4.91 27.77 -3.13
CA PHE B 696 4.75 28.29 -1.78
C PHE B 696 3.32 28.57 -1.36
N ASP B 697 2.34 28.27 -2.24
CA ASP B 697 0.91 28.52 -2.02
C ASP B 697 0.66 30.02 -1.69
N THR B 698 1.38 30.90 -2.42
CA THR B 698 1.31 32.36 -2.24
C THR B 698 -0.05 32.89 -2.68
N ASP B 699 -0.65 33.72 -1.82
CA ASP B 699 -1.92 34.37 -2.09
C ASP B 699 -1.66 35.79 -2.66
N TYR B 700 -2.46 36.19 -3.69
CA TYR B 700 -2.30 37.48 -4.38
C TYR B 700 -3.49 37.88 -5.25
N VAL B 701 -3.58 39.16 -5.63
CA VAL B 701 -4.63 39.65 -6.52
C VAL B 701 -4.13 39.42 -7.94
N ALA B 702 -4.79 38.54 -8.70
CA ALA B 702 -4.38 38.25 -10.08
C ALA B 702 -4.78 39.42 -10.99
N SER B 703 -6.02 39.89 -10.81
CA SER B 703 -6.59 41.02 -11.54
C SER B 703 -7.71 41.64 -10.72
N ILE B 704 -7.84 42.97 -10.74
CA ILE B 704 -8.92 43.71 -10.08
C ILE B 704 -9.79 44.39 -11.16
N ASN B 705 -11.08 44.66 -10.86
CA ASN B 705 -11.98 45.32 -11.81
C ASN B 705 -11.90 46.84 -11.66
N LYS B 706 -12.47 47.59 -12.62
CA LYS B 706 -12.45 49.06 -12.66
C LYS B 706 -12.95 49.70 -11.37
N SER B 707 -14.17 49.36 -10.90
CA SER B 707 -14.73 49.89 -9.65
C SER B 707 -13.97 49.39 -8.42
N GLY B 708 -13.36 48.22 -8.56
CA GLY B 708 -12.57 47.59 -7.50
C GLY B 708 -13.33 46.76 -6.49
N TYR B 709 -14.63 46.48 -6.73
CA TYR B 709 -15.46 45.67 -5.81
C TYR B 709 -15.13 44.18 -5.85
N ARG B 710 -14.60 43.69 -6.99
CA ARG B 710 -14.26 42.29 -7.17
C ARG B 710 -12.83 42.12 -7.70
N TYR B 711 -12.26 40.94 -7.43
CA TYR B 711 -10.94 40.60 -7.90
C TYR B 711 -10.83 39.12 -8.16
N HIS B 712 -9.85 38.73 -8.97
CA HIS B 712 -9.56 37.34 -9.26
C HIS B 712 -8.46 36.89 -8.31
N PRO B 713 -8.76 35.95 -7.37
CA PRO B 713 -7.72 35.50 -6.43
C PRO B 713 -6.63 34.68 -7.12
N GLY B 714 -5.42 34.74 -6.56
CA GLY B 714 -4.26 34.04 -7.08
C GLY B 714 -4.38 32.56 -6.85
N GLU B 715 -4.46 31.77 -7.95
CA GLU B 715 -4.58 30.31 -7.97
C GLU B 715 -3.60 29.66 -6.98
N PRO B 716 -4.03 28.65 -6.20
CA PRO B 716 -3.11 28.09 -5.20
C PRO B 716 -2.12 27.08 -5.77
N ARG B 717 -1.45 26.34 -4.85
CA ARG B 717 -0.51 25.26 -5.16
C ARG B 717 -1.30 24.16 -5.85
N THR B 718 -0.90 23.85 -7.10
CA THR B 718 -1.51 22.83 -7.95
C THR B 718 -0.44 21.91 -8.49
N PHE B 719 -0.81 20.65 -8.72
CA PHE B 719 0.05 19.58 -9.22
C PHE B 719 -0.40 19.13 -10.62
N LEU B 720 0.56 18.69 -11.46
CA LEU B 720 0.28 18.19 -12.81
C LEU B 720 1.20 17.04 -13.22
N LEU B 721 0.65 15.81 -13.24
CA LEU B 721 1.40 14.62 -13.61
C LEU B 721 1.12 14.23 -15.07
N THR B 722 2.20 14.12 -15.87
CA THR B 722 2.08 13.84 -17.29
C THR B 722 2.87 12.62 -17.74
N ALA B 723 2.26 11.81 -18.61
CA ALA B 723 2.87 10.65 -19.24
C ALA B 723 2.99 11.02 -20.73
N ASN B 724 4.21 11.01 -21.26
CA ASN B 724 4.49 11.38 -22.66
C ASN B 724 4.91 10.13 -23.43
N MET B 725 4.23 9.83 -24.56
CA MET B 725 4.53 8.66 -25.40
C MET B 725 5.00 9.03 -26.80
N HIS B 726 6.19 8.53 -27.17
CA HIS B 726 6.81 8.81 -28.47
C HIS B 726 6.95 7.56 -29.33
N PHE B 727 6.75 7.69 -30.67
CA PHE B 727 6.86 6.60 -31.64
C PHE B 727 7.45 7.05 -32.98
N THR C 17 50.20 -36.58 -40.23
CA THR C 17 49.97 -36.23 -38.82
C THR C 17 48.87 -37.07 -38.19
N PRO C 18 49.05 -37.55 -36.94
CA PRO C 18 47.97 -38.34 -36.33
C PRO C 18 46.86 -37.45 -35.76
N SER C 19 45.69 -38.05 -35.52
CA SER C 19 44.55 -37.33 -34.99
C SER C 19 44.74 -36.97 -33.53
N LEU C 20 44.33 -35.75 -33.16
CA LEU C 20 44.42 -35.24 -31.79
C LEU C 20 43.45 -35.97 -30.86
N TYR C 21 42.47 -36.70 -31.44
CA TYR C 21 41.49 -37.51 -30.70
C TYR C 21 41.98 -38.95 -30.54
N ALA C 22 42.88 -39.40 -31.44
CA ALA C 22 43.44 -40.75 -31.39
C ALA C 22 44.97 -40.77 -31.26
N PRO C 23 45.50 -40.69 -30.01
CA PRO C 23 46.97 -40.75 -29.83
C PRO C 23 47.47 -42.15 -30.17
N GLN C 24 48.39 -42.22 -31.15
CA GLN C 24 48.94 -43.44 -31.74
C GLN C 24 49.64 -44.39 -30.77
N GLN C 25 50.46 -43.86 -29.83
CA GLN C 25 51.21 -44.71 -28.89
C GLN C 25 51.13 -44.29 -27.43
N SER C 26 51.25 -45.28 -26.53
CA SER C 26 51.28 -45.09 -25.07
C SER C 26 52.59 -44.42 -24.68
N ALA C 27 52.56 -43.66 -23.57
CA ALA C 27 53.75 -43.00 -23.04
C ALA C 27 54.57 -43.94 -22.15
N ASP C 28 54.00 -45.11 -21.79
CA ASP C 28 54.67 -46.12 -20.96
C ASP C 28 55.60 -46.95 -21.82
N PRO C 29 56.93 -47.02 -21.51
CA PRO C 29 57.84 -47.80 -22.36
C PRO C 29 57.65 -49.32 -22.27
N LYS C 30 56.72 -49.77 -21.38
CA LYS C 30 56.35 -51.19 -21.24
C LYS C 30 55.57 -51.66 -22.49
N PHE C 31 54.86 -50.72 -23.15
CA PHE C 31 54.11 -50.95 -24.37
C PHE C 31 54.98 -50.64 -25.58
N SER C 32 55.49 -51.74 -26.20
CA SER C 32 56.42 -51.77 -27.33
C SER C 32 55.77 -51.65 -28.73
N ARG C 33 54.46 -51.37 -28.79
CA ARG C 33 53.73 -51.26 -30.05
C ARG C 33 52.70 -50.14 -30.01
N PRO C 34 52.35 -49.51 -31.18
CA PRO C 34 51.28 -48.48 -31.17
C PRO C 34 49.94 -49.10 -30.76
N VAL C 35 49.03 -48.27 -30.20
CA VAL C 35 47.69 -48.68 -29.73
C VAL C 35 46.98 -49.57 -30.77
N ALA C 36 47.16 -49.24 -32.06
CA ALA C 36 46.60 -49.96 -33.21
C ALA C 36 47.14 -51.38 -33.31
N ASP C 37 48.42 -51.58 -32.95
CA ASP C 37 49.04 -52.90 -33.03
C ASP C 37 49.28 -53.54 -31.64
N THR C 38 48.54 -53.08 -30.62
CA THR C 38 48.59 -53.61 -29.25
C THR C 38 47.44 -54.57 -29.04
N THR C 39 47.78 -55.83 -28.71
CA THR C 39 46.82 -56.93 -28.45
C THR C 39 46.05 -56.73 -27.12
N ARG C 40 45.55 -55.52 -26.86
CA ARG C 40 44.84 -55.21 -25.62
C ARG C 40 43.69 -54.26 -25.86
N THR C 41 42.62 -54.38 -25.04
CA THR C 41 41.49 -53.43 -25.06
C THR C 41 42.08 -52.19 -24.41
N MET C 42 42.44 -51.19 -25.23
CA MET C 42 43.15 -50.00 -24.77
C MET C 42 42.66 -48.70 -25.43
N THR C 43 42.27 -47.74 -24.57
CA THR C 43 41.77 -46.43 -24.99
C THR C 43 42.72 -45.34 -24.44
N VAL C 44 43.10 -44.36 -25.29
CA VAL C 44 43.97 -43.26 -24.88
C VAL C 44 43.22 -41.93 -24.98
N ILE C 45 42.79 -41.38 -23.81
CA ILE C 45 42.09 -40.09 -23.72
C ILE C 45 43.12 -38.94 -23.77
N SER C 46 43.14 -38.21 -24.89
CA SER C 46 44.05 -37.09 -25.12
C SER C 46 43.68 -35.84 -24.32
N GLU C 47 44.64 -34.90 -24.19
CA GLU C 47 44.49 -33.59 -23.52
C GLU C 47 43.42 -32.78 -24.23
N GLN C 48 43.40 -32.85 -25.59
CA GLN C 48 42.44 -32.18 -26.47
C GLN C 48 40.99 -32.55 -26.11
N VAL C 49 40.64 -33.87 -26.19
CA VAL C 49 39.33 -34.46 -25.86
C VAL C 49 38.78 -33.85 -24.55
N ILE C 50 39.61 -33.85 -23.49
CA ILE C 50 39.34 -33.31 -22.16
C ILE C 50 39.01 -31.80 -22.26
N LYS C 51 39.93 -30.99 -22.86
CA LYS C 51 39.79 -29.54 -23.01
C LYS C 51 38.50 -29.16 -23.73
N ASP C 52 38.23 -29.84 -24.86
CA ASP C 52 37.04 -29.66 -25.69
C ASP C 52 35.77 -29.96 -24.92
N GLN C 53 35.81 -30.99 -24.05
CA GLN C 53 34.68 -31.44 -23.21
C GLN C 53 34.49 -30.63 -21.94
N GLY C 54 35.54 -29.95 -21.50
CA GLY C 54 35.52 -29.18 -20.27
C GLY C 54 35.83 -30.02 -19.05
N ALA C 55 36.29 -31.29 -19.27
CA ALA C 55 36.66 -32.28 -18.24
C ALA C 55 37.90 -31.79 -17.49
N THR C 56 37.87 -31.77 -16.14
CA THR C 56 39.01 -31.26 -15.37
C THR C 56 39.52 -32.26 -14.30
N ASN C 57 38.87 -33.42 -14.22
CA ASN C 57 39.25 -34.45 -13.29
C ASN C 57 39.25 -35.84 -13.94
N LEU C 58 39.84 -36.83 -13.26
CA LEU C 58 39.96 -38.19 -13.75
C LEU C 58 38.61 -38.89 -14.00
N THR C 59 37.66 -38.84 -13.03
CA THR C 59 36.32 -39.44 -13.15
C THR C 59 35.58 -38.99 -14.42
N ASP C 60 35.69 -37.68 -14.76
CA ASP C 60 35.07 -37.03 -15.91
C ASP C 60 35.76 -37.40 -17.20
N ALA C 61 37.11 -37.49 -17.19
CA ALA C 61 37.91 -37.90 -18.35
C ALA C 61 37.60 -39.36 -18.68
N LEU C 62 37.30 -40.18 -17.66
CA LEU C 62 36.94 -41.60 -17.80
C LEU C 62 35.57 -41.81 -18.41
N LYS C 63 34.71 -40.77 -18.43
CA LYS C 63 33.38 -40.84 -19.04
C LYS C 63 33.47 -41.14 -20.56
N ASN C 64 34.68 -41.02 -21.15
CA ASN C 64 34.96 -41.34 -22.56
C ASN C 64 35.19 -42.84 -22.79
N VAL C 65 35.18 -43.63 -21.71
CA VAL C 65 35.30 -45.10 -21.71
C VAL C 65 33.97 -45.66 -21.11
N PRO C 66 33.24 -46.57 -21.80
CA PRO C 66 31.94 -47.03 -21.25
C PRO C 66 32.04 -47.97 -20.05
N GLY C 67 31.08 -47.85 -19.13
CA GLY C 67 30.98 -48.67 -17.92
C GLY C 67 32.13 -48.54 -16.95
N VAL C 68 32.60 -47.29 -16.79
CA VAL C 68 33.71 -46.89 -15.91
C VAL C 68 33.19 -45.66 -15.17
N GLY C 69 33.17 -45.72 -13.83
CA GLY C 69 32.71 -44.61 -13.00
C GLY C 69 32.37 -44.97 -11.58
N ALA C 70 32.06 -43.94 -10.76
CA ALA C 70 31.69 -44.09 -9.36
C ALA C 70 30.23 -44.58 -9.17
N PHE C 71 30.03 -45.89 -9.36
CA PHE C 71 28.72 -46.52 -9.29
C PHE C 71 28.26 -46.99 -7.89
N PHE C 72 29.16 -46.99 -6.89
CA PHE C 72 28.84 -47.46 -5.53
C PHE C 72 28.99 -46.37 -4.46
N ALA C 73 27.92 -46.03 -3.71
CA ALA C 73 27.96 -44.97 -2.71
C ALA C 73 28.72 -45.28 -1.40
N GLY C 74 28.74 -46.55 -0.99
CA GLY C 74 29.38 -47.00 0.25
C GLY C 74 28.49 -47.98 1.03
N GLU C 75 28.80 -48.14 2.32
CA GLU C 75 28.05 -49.04 3.20
C GLU C 75 27.23 -48.19 4.18
N ASN C 76 27.42 -48.35 5.50
CA ASN C 76 26.69 -47.54 6.49
C ASN C 76 27.62 -46.75 7.39
N GLY C 77 28.77 -47.33 7.67
CA GLY C 77 29.81 -46.72 8.49
C GLY C 77 30.97 -46.30 7.62
N ASN C 78 30.78 -46.39 6.29
CA ASN C 78 31.74 -46.07 5.23
C ASN C 78 31.02 -45.41 4.08
N SER C 79 31.71 -44.50 3.40
CA SER C 79 31.20 -43.88 2.17
C SER C 79 32.34 -43.79 1.17
N THR C 80 32.02 -43.76 -0.13
CA THR C 80 33.07 -43.62 -1.16
C THR C 80 33.30 -42.14 -1.46
N THR C 81 34.58 -41.77 -1.71
CA THR C 81 35.00 -40.39 -2.02
C THR C 81 35.97 -40.34 -3.16
N GLY C 82 35.95 -39.22 -3.88
CA GLY C 82 36.85 -38.97 -5.00
C GLY C 82 36.63 -39.91 -6.15
N ASP C 83 37.72 -40.30 -6.84
CA ASP C 83 37.69 -41.21 -7.98
C ASP C 83 37.53 -42.63 -7.49
N ALA C 84 36.30 -42.94 -7.01
CA ALA C 84 35.86 -44.25 -6.49
C ALA C 84 35.27 -45.06 -7.66
N ILE C 85 36.12 -45.26 -8.69
CA ILE C 85 35.84 -45.86 -9.98
C ILE C 85 35.62 -47.39 -9.98
N TYR C 86 34.51 -47.81 -10.58
CA TYR C 86 34.16 -49.21 -10.83
C TYR C 86 34.29 -49.43 -12.35
N MET C 87 35.00 -50.49 -12.74
CA MET C 87 35.26 -50.89 -14.13
C MET C 87 35.27 -52.44 -14.23
N ARG C 88 34.71 -53.01 -15.31
CA ARG C 88 34.64 -54.45 -15.58
C ARG C 88 34.22 -55.35 -14.38
N GLY C 89 33.27 -54.88 -13.57
CA GLY C 89 32.74 -55.66 -12.46
C GLY C 89 33.15 -55.35 -11.02
N ALA C 90 34.28 -54.62 -10.82
CA ALA C 90 34.75 -54.31 -9.46
C ALA C 90 35.41 -52.95 -9.32
N ASP C 91 35.66 -52.53 -8.06
CA ASP C 91 36.32 -51.28 -7.69
C ASP C 91 37.78 -51.36 -8.18
N THR C 92 38.17 -50.44 -9.08
CA THR C 92 39.51 -50.38 -9.68
C THR C 92 40.32 -49.16 -9.17
N SER C 93 39.95 -48.65 -7.97
CA SER C 93 40.60 -47.49 -7.35
C SER C 93 42.05 -47.77 -6.91
N ASN C 94 42.32 -49.02 -6.50
CA ASN C 94 43.66 -49.45 -6.12
C ASN C 94 44.52 -49.71 -7.36
N SER C 95 43.89 -49.66 -8.54
CA SER C 95 44.54 -49.86 -9.84
C SER C 95 44.47 -48.57 -10.68
N ILE C 96 44.74 -47.43 -10.01
CA ILE C 96 44.85 -46.11 -10.64
C ILE C 96 46.31 -45.73 -10.54
N TYR C 97 46.89 -45.30 -11.65
CA TYR C 97 48.31 -44.99 -11.74
C TYR C 97 48.59 -43.61 -12.28
N ILE C 98 49.69 -43.02 -11.83
CA ILE C 98 50.24 -41.76 -12.34
C ILE C 98 51.61 -42.15 -12.85
N ASP C 99 51.78 -42.12 -14.18
CA ASP C 99 53.00 -42.46 -14.91
C ASP C 99 53.52 -43.88 -14.62
N GLY C 100 52.59 -44.84 -14.51
CA GLY C 100 52.94 -46.21 -14.22
C GLY C 100 52.97 -46.52 -12.74
N ILE C 101 53.37 -45.53 -11.91
CA ILE C 101 53.43 -45.63 -10.45
C ILE C 101 52.00 -45.57 -9.79
N ARG C 102 51.70 -46.51 -8.88
CA ARG C 102 50.40 -46.59 -8.18
C ARG C 102 50.12 -45.34 -7.37
N ASP C 103 48.86 -44.87 -7.37
CA ASP C 103 48.44 -43.69 -6.61
C ASP C 103 47.18 -44.01 -5.79
N ILE C 104 47.36 -44.52 -4.56
CA ILE C 104 46.24 -44.87 -3.67
C ILE C 104 45.83 -43.63 -2.86
N GLY C 105 44.52 -43.43 -2.73
CA GLY C 105 43.91 -42.31 -2.04
C GLY C 105 42.53 -42.02 -2.59
N SER C 106 41.53 -41.91 -1.69
CA SER C 106 40.12 -41.67 -2.06
C SER C 106 39.86 -40.18 -2.26
N VAL C 107 40.64 -39.59 -3.15
CA VAL C 107 40.63 -38.18 -3.51
C VAL C 107 40.32 -38.05 -5.01
N SER C 108 39.93 -36.84 -5.45
CA SER C 108 39.60 -36.58 -6.85
C SER C 108 40.85 -35.99 -7.50
N ARG C 109 41.33 -36.66 -8.57
CA ARG C 109 42.55 -36.29 -9.26
C ARG C 109 42.26 -35.27 -10.33
N ASP C 110 42.92 -34.10 -10.24
CA ASP C 110 42.76 -33.01 -11.19
C ASP C 110 43.67 -33.28 -12.41
N THR C 111 43.12 -33.11 -13.61
CA THR C 111 43.85 -33.35 -14.87
C THR C 111 44.74 -32.17 -15.33
N PHE C 112 44.90 -31.12 -14.50
CA PHE C 112 45.67 -29.92 -14.82
C PHE C 112 47.11 -30.17 -15.24
N ASN C 113 47.71 -31.27 -14.76
CA ASN C 113 49.08 -31.62 -15.11
C ASN C 113 49.14 -32.91 -15.94
N THR C 114 48.01 -33.36 -16.52
CA THR C 114 48.11 -34.60 -17.28
C THR C 114 47.94 -34.36 -18.79
N GLU C 115 48.80 -35.01 -19.59
CA GLU C 115 48.84 -34.98 -21.04
C GLU C 115 47.82 -35.94 -21.63
N GLN C 116 47.66 -37.13 -21.02
CA GLN C 116 46.73 -38.16 -21.50
C GLN C 116 46.37 -39.19 -20.45
N VAL C 117 45.22 -39.85 -20.61
CA VAL C 117 44.79 -40.89 -19.69
C VAL C 117 44.72 -42.21 -20.49
N GLU C 118 45.48 -43.24 -20.05
CA GLU C 118 45.47 -44.55 -20.72
C GLU C 118 44.61 -45.52 -19.91
N VAL C 119 43.62 -46.15 -20.57
CA VAL C 119 42.73 -47.12 -19.92
C VAL C 119 42.88 -48.47 -20.58
N ILE C 120 43.20 -49.50 -19.77
CA ILE C 120 43.31 -50.87 -20.27
C ILE C 120 42.27 -51.74 -19.58
N LYS C 121 41.43 -52.38 -20.38
CA LYS C 121 40.40 -53.28 -19.89
C LYS C 121 40.93 -54.69 -20.09
N GLY C 122 40.94 -55.43 -18.99
CA GLY C 122 41.48 -56.78 -18.93
C GLY C 122 42.62 -56.73 -17.95
N PRO C 123 42.43 -57.25 -16.71
CA PRO C 123 43.49 -57.16 -15.68
C PRO C 123 44.87 -57.57 -16.17
N SER C 124 45.77 -56.62 -15.95
CA SER C 124 47.18 -56.51 -16.28
C SER C 124 48.04 -57.72 -15.94
N GLY C 125 48.38 -57.83 -14.64
CA GLY C 125 49.27 -58.84 -14.09
C GLY C 125 50.70 -58.35 -14.24
N THR C 126 51.27 -58.59 -15.43
CA THR C 126 52.63 -58.21 -15.83
C THR C 126 52.86 -56.69 -15.92
N ASP C 127 51.82 -55.91 -16.26
CA ASP C 127 51.95 -54.49 -16.50
C ASP C 127 52.45 -53.69 -15.29
N TYR C 128 51.71 -53.70 -14.18
CA TYR C 128 52.07 -52.91 -13.01
C TYR C 128 52.01 -53.69 -11.67
N GLY C 129 52.16 -55.01 -11.76
CA GLY C 129 52.11 -55.89 -10.60
C GLY C 129 50.67 -56.17 -10.19
N ARG C 130 50.40 -56.20 -8.86
CA ARG C 130 49.09 -56.50 -8.28
C ARG C 130 48.03 -55.53 -8.76
N SER C 131 46.78 -56.01 -8.89
CA SER C 131 45.65 -55.19 -9.34
C SER C 131 44.31 -55.85 -9.11
N ALA C 132 43.25 -55.05 -9.27
CA ALA C 132 41.86 -55.49 -9.19
C ALA C 132 41.59 -56.34 -10.45
N PRO C 133 40.67 -57.32 -10.43
CA PRO C 133 40.42 -58.13 -11.66
C PRO C 133 39.54 -57.37 -12.67
N THR C 134 40.04 -56.19 -13.05
CA THR C 134 39.37 -55.20 -13.88
C THR C 134 40.28 -54.69 -15.01
N GLY C 135 41.42 -54.11 -14.63
CA GLY C 135 42.41 -53.54 -15.54
C GLY C 135 43.19 -52.40 -14.92
N SER C 136 43.70 -51.49 -15.77
CA SER C 136 44.53 -50.35 -15.36
C SER C 136 44.10 -49.01 -15.94
N ILE C 137 44.19 -47.93 -15.13
CA ILE C 137 43.91 -46.54 -15.48
C ILE C 137 45.23 -45.80 -15.21
N ASN C 138 45.81 -45.17 -16.23
CA ASN C 138 47.11 -44.50 -16.09
C ASN C 138 47.09 -43.06 -16.59
N MET C 139 47.26 -42.10 -15.67
CA MET C 139 47.32 -40.68 -15.99
C MET C 139 48.77 -40.32 -16.33
N ILE C 140 49.04 -39.90 -17.57
CA ILE C 140 50.37 -39.52 -18.04
C ILE C 140 50.61 -38.02 -17.78
N SER C 141 51.62 -37.71 -16.95
CA SER C 141 52.00 -36.36 -16.55
C SER C 141 52.67 -35.52 -17.65
N LYS C 142 52.33 -34.21 -17.67
CA LYS C 142 52.85 -33.20 -18.58
C LYS C 142 54.34 -33.09 -18.32
N GLN C 143 55.15 -32.94 -19.40
CA GLN C 143 56.59 -32.87 -19.31
C GLN C 143 57.13 -31.72 -20.17
N PRO C 144 58.24 -31.03 -19.77
CA PRO C 144 58.75 -29.92 -20.59
C PRO C 144 58.94 -30.29 -22.06
N ARG C 145 58.42 -29.43 -22.95
CA ARG C 145 58.49 -29.65 -24.40
C ARG C 145 59.67 -28.86 -24.98
N ASN C 146 59.98 -29.07 -26.28
CA ASN C 146 61.09 -28.42 -26.99
C ASN C 146 60.71 -27.00 -27.49
N ASP C 147 59.42 -26.64 -27.40
CA ASP C 147 58.89 -25.35 -27.83
C ASP C 147 58.58 -24.43 -26.64
N SER C 148 58.39 -23.12 -26.89
CA SER C 148 58.07 -22.16 -25.84
C SER C 148 56.72 -21.52 -26.06
N GLY C 149 55.83 -21.71 -25.08
CA GLY C 149 54.47 -21.17 -25.12
C GLY C 149 53.78 -21.09 -23.77
N ILE C 150 52.91 -20.09 -23.62
CA ILE C 150 52.11 -19.86 -22.41
C ILE C 150 50.67 -20.12 -22.78
N ASP C 151 49.97 -20.93 -21.97
CA ASP C 151 48.57 -21.28 -22.19
C ASP C 151 47.78 -20.99 -20.93
N ALA C 152 46.90 -19.98 -20.97
CA ALA C 152 46.07 -19.58 -19.84
C ALA C 152 44.61 -19.92 -20.10
N SER C 153 43.84 -20.25 -19.04
CA SER C 153 42.41 -20.57 -19.16
C SER C 153 41.61 -20.16 -17.93
N ALA C 154 40.61 -19.29 -18.13
CA ALA C 154 39.71 -18.83 -17.07
C ALA C 154 38.33 -19.43 -17.32
N SER C 155 37.68 -19.95 -16.26
CA SER C 155 36.35 -20.57 -16.34
C SER C 155 35.38 -20.14 -15.26
N ILE C 156 34.14 -19.89 -15.69
CA ILE C 156 33.02 -19.47 -14.85
C ILE C 156 31.84 -20.38 -15.20
N GLY C 157 31.21 -20.96 -14.19
CA GLY C 157 30.09 -21.87 -14.42
C GLY C 157 28.99 -21.88 -13.38
N SER C 158 28.04 -22.83 -13.54
CA SER C 158 26.90 -23.01 -12.63
C SER C 158 27.31 -23.13 -11.16
N ALA C 159 26.42 -22.65 -10.25
CA ALA C 159 26.59 -22.64 -8.79
C ALA C 159 27.90 -22.01 -8.30
N TRP C 160 28.19 -20.81 -8.83
CA TRP C 160 29.39 -19.99 -8.55
C TRP C 160 30.71 -20.71 -8.78
N PHE C 161 30.77 -21.54 -9.85
CA PHE C 161 31.99 -22.24 -10.23
C PHE C 161 33.03 -21.23 -10.74
N ARG C 162 34.26 -21.36 -10.25
CA ARG C 162 35.41 -20.53 -10.64
C ARG C 162 36.58 -21.45 -10.96
N ARG C 163 37.31 -21.18 -12.05
CA ARG C 163 38.47 -21.97 -12.44
C ARG C 163 39.53 -21.18 -13.16
N GLY C 164 40.79 -21.50 -12.86
CA GLY C 164 41.94 -20.87 -13.46
C GLY C 164 43.10 -21.83 -13.57
N THR C 165 43.75 -21.82 -14.75
CA THR C 165 44.91 -22.65 -15.05
C THR C 165 45.92 -21.87 -15.83
N LEU C 166 47.15 -22.37 -15.82
CA LEU C 166 48.26 -21.80 -16.57
C LEU C 166 49.22 -22.93 -16.96
N ASP C 167 49.73 -22.87 -18.19
CA ASP C 167 50.66 -23.86 -18.72
C ASP C 167 51.77 -23.16 -19.46
N VAL C 168 52.80 -22.77 -18.70
CA VAL C 168 53.98 -22.08 -19.20
C VAL C 168 55.06 -23.12 -19.45
N ASN C 169 55.70 -23.03 -20.63
CA ASN C 169 56.84 -23.85 -21.02
C ASN C 169 57.88 -22.91 -21.59
N GLN C 170 59.09 -22.90 -21.00
CA GLN C 170 60.16 -22.00 -21.45
C GLN C 170 61.50 -22.72 -21.65
N VAL C 171 62.04 -22.66 -22.87
CA VAL C 171 63.32 -23.24 -23.22
C VAL C 171 64.43 -22.23 -22.78
N ILE C 172 65.34 -22.66 -21.87
CA ILE C 172 66.41 -21.79 -21.38
C ILE C 172 67.61 -21.79 -22.32
N GLY C 173 68.16 -22.97 -22.59
CA GLY C 173 69.34 -23.11 -23.46
C GLY C 173 69.07 -23.77 -24.79
N ASP C 174 69.94 -24.71 -25.13
CA ASP C 174 69.85 -25.50 -26.36
C ASP C 174 69.43 -26.91 -25.98
N THR C 175 69.56 -27.27 -24.68
CA THR C 175 69.23 -28.62 -24.16
C THR C 175 68.38 -28.60 -22.87
N THR C 176 67.96 -27.40 -22.40
CA THR C 176 67.20 -27.25 -21.15
C THR C 176 65.89 -26.47 -21.32
N ALA C 177 64.84 -26.88 -20.60
CA ALA C 177 63.53 -26.24 -20.59
C ALA C 177 62.82 -26.40 -19.25
N VAL C 178 62.02 -25.40 -18.86
CA VAL C 178 61.23 -25.39 -17.62
C VAL C 178 59.74 -25.42 -17.97
N ARG C 179 58.92 -26.07 -17.14
CA ARG C 179 57.48 -26.13 -17.32
C ARG C 179 56.76 -25.86 -15.99
N LEU C 180 55.74 -25.00 -16.03
CA LEU C 180 54.97 -24.67 -14.83
C LEU C 180 53.47 -24.74 -15.10
N ASN C 181 52.78 -25.60 -14.31
CA ASN C 181 51.34 -25.82 -14.38
C ASN C 181 50.69 -25.40 -13.06
N VAL C 182 49.89 -24.34 -13.11
CA VAL C 182 49.19 -23.82 -11.92
C VAL C 182 47.70 -24.03 -12.10
N MET C 183 46.99 -24.34 -11.03
CA MET C 183 45.56 -24.63 -11.05
C MET C 183 44.90 -24.04 -9.81
N GLY C 184 43.67 -23.60 -9.98
CA GLY C 184 42.83 -23.04 -8.93
C GLY C 184 41.36 -23.21 -9.28
N GLU C 185 40.61 -23.86 -8.40
CA GLU C 185 39.19 -24.13 -8.57
C GLU C 185 38.49 -23.81 -7.26
N LYS C 186 37.28 -23.24 -7.35
CA LYS C 186 36.41 -22.93 -6.22
C LYS C 186 34.95 -23.03 -6.70
N THR C 187 34.09 -23.78 -6.00
CA THR C 187 32.70 -23.98 -6.42
C THR C 187 31.73 -24.41 -5.31
N HIS C 188 30.44 -24.48 -5.65
CA HIS C 188 29.36 -25.00 -4.84
C HIS C 188 28.70 -26.00 -5.77
N ASP C 189 27.92 -26.97 -5.24
CA ASP C 189 27.26 -27.96 -6.09
C ASP C 189 25.97 -27.39 -6.64
N ALA C 190 25.78 -27.52 -7.97
CA ALA C 190 24.60 -27.02 -8.65
C ALA C 190 23.32 -27.80 -8.30
N GLY C 191 23.46 -29.06 -7.92
CA GLY C 191 22.31 -29.90 -7.56
C GLY C 191 22.21 -30.34 -6.11
N ARG C 192 23.18 -29.93 -5.27
CA ARG C 192 23.25 -30.32 -3.86
C ARG C 192 23.47 -29.10 -2.98
N ASP C 193 22.59 -28.91 -1.98
CA ASP C 193 22.71 -27.80 -1.03
C ASP C 193 23.94 -27.98 -0.16
N LYS C 194 24.61 -26.87 0.20
CA LYS C 194 25.77 -26.77 1.08
C LYS C 194 27.05 -27.48 0.60
N VAL C 195 26.96 -28.41 -0.35
CA VAL C 195 28.12 -29.13 -0.88
C VAL C 195 28.96 -28.13 -1.64
N LYS C 196 30.19 -27.93 -1.19
CA LYS C 196 31.15 -27.01 -1.81
C LYS C 196 32.51 -27.68 -1.99
N ASN C 197 33.30 -27.18 -2.95
CA ASN C 197 34.65 -27.71 -3.26
C ASN C 197 35.63 -26.56 -3.56
N GLU C 198 36.92 -26.80 -3.27
CA GLU C 198 37.98 -25.81 -3.47
C GLU C 198 39.34 -26.51 -3.55
N ARG C 199 40.14 -26.20 -4.59
CA ARG C 199 41.47 -26.79 -4.72
C ARG C 199 42.43 -25.94 -5.52
N TYR C 200 43.73 -26.12 -5.23
CA TYR C 200 44.85 -25.39 -5.83
C TYR C 200 46.00 -26.37 -6.13
N GLY C 201 46.63 -26.20 -7.30
CA GLY C 201 47.72 -27.05 -7.75
C GLY C 201 48.89 -26.30 -8.34
N VAL C 202 50.12 -26.80 -8.11
CA VAL C 202 51.39 -26.22 -8.59
C VAL C 202 52.36 -27.33 -9.05
N ALA C 203 52.73 -27.34 -10.34
CA ALA C 203 53.61 -28.38 -10.89
C ALA C 203 54.87 -27.82 -11.57
N PRO C 204 55.91 -27.45 -10.78
CA PRO C 204 57.14 -26.91 -11.39
C PRO C 204 58.09 -28.02 -11.83
N SER C 205 58.29 -28.16 -13.15
CA SER C 205 59.14 -29.20 -13.72
C SER C 205 60.28 -28.62 -14.53
N VAL C 206 61.40 -29.37 -14.59
CA VAL C 206 62.61 -29.01 -15.36
C VAL C 206 63.20 -30.26 -16.07
N ALA C 207 63.61 -30.10 -17.34
CA ALA C 207 64.22 -31.16 -18.14
C ALA C 207 65.57 -30.71 -18.70
N PHE C 208 66.56 -31.61 -18.64
CA PHE C 208 67.92 -31.36 -19.11
C PHE C 208 68.32 -32.39 -20.17
N GLY C 209 69.25 -31.99 -21.04
CA GLY C 209 69.77 -32.84 -22.10
C GLY C 209 68.78 -33.14 -23.20
N LEU C 210 67.84 -32.20 -23.44
CA LEU C 210 66.81 -32.34 -24.47
C LEU C 210 67.47 -32.24 -25.83
N GLY C 211 67.17 -33.23 -26.66
CA GLY C 211 67.74 -33.36 -28.00
C GLY C 211 69.04 -34.14 -27.99
N THR C 212 69.52 -34.52 -26.79
CA THR C 212 70.74 -35.32 -26.60
C THR C 212 70.39 -36.77 -26.18
N ALA C 213 71.42 -37.61 -26.01
CA ALA C 213 71.30 -39.01 -25.63
C ALA C 213 71.21 -39.19 -24.11
N ASN C 214 71.40 -38.10 -23.35
CA ASN C 214 71.32 -38.10 -21.89
C ASN C 214 70.25 -37.14 -21.46
N ARG C 215 69.22 -37.63 -20.72
CA ARG C 215 68.12 -36.77 -20.27
C ARG C 215 67.79 -36.90 -18.80
N LEU C 216 67.53 -35.76 -18.15
CA LEU C 216 67.07 -35.75 -16.76
C LEU C 216 65.82 -34.89 -16.63
N TYR C 217 64.73 -35.50 -16.16
CA TYR C 217 63.45 -34.84 -15.95
C TYR C 217 63.18 -34.83 -14.44
N LEU C 218 62.93 -33.64 -13.88
CA LEU C 218 62.60 -33.49 -12.45
C LEU C 218 61.22 -32.88 -12.36
N ASN C 219 60.30 -33.55 -11.67
CA ASN C 219 58.91 -33.11 -11.54
C ASN C 219 58.45 -33.04 -10.10
N TYR C 220 57.63 -32.03 -9.79
CA TYR C 220 57.00 -31.88 -8.48
C TYR C 220 55.55 -31.52 -8.66
N LEU C 221 54.67 -32.10 -7.83
CA LEU C 221 53.24 -31.84 -7.85
C LEU C 221 52.69 -31.61 -6.43
N HIS C 222 51.95 -30.50 -6.25
CA HIS C 222 51.29 -30.18 -5.00
C HIS C 222 49.83 -29.83 -5.22
N VAL C 223 48.91 -30.56 -4.54
CA VAL C 223 47.47 -30.30 -4.63
C VAL C 223 46.85 -30.22 -3.23
N THR C 224 46.17 -29.10 -2.90
CA THR C 224 45.47 -28.95 -1.63
C THR C 224 43.98 -28.85 -1.89
N GLN C 225 43.17 -29.69 -1.23
CA GLN C 225 41.73 -29.68 -1.38
C GLN C 225 41.00 -29.35 -0.07
N HIS C 226 39.93 -28.52 -0.15
CA HIS C 226 39.07 -28.11 0.98
C HIS C 226 37.61 -28.19 0.56
N ASN C 227 37.03 -29.40 0.72
CA ASN C 227 35.67 -29.76 0.30
C ASN C 227 34.64 -29.98 1.44
N THR C 228 33.34 -30.04 1.09
CA THR C 228 32.25 -30.36 1.99
C THR C 228 31.68 -31.67 1.44
N PRO C 229 31.90 -32.82 2.13
CA PRO C 229 31.47 -34.10 1.57
C PRO C 229 29.98 -34.36 1.57
N ASP C 230 29.51 -34.90 0.46
CA ASP C 230 28.13 -35.28 0.28
C ASP C 230 28.04 -36.78 0.50
N GLY C 231 27.16 -37.19 1.40
CA GLY C 231 26.94 -38.59 1.74
C GLY C 231 25.67 -39.17 1.15
N GLY C 232 25.03 -38.43 0.23
CA GLY C 232 23.79 -38.90 -0.39
C GLY C 232 22.50 -38.58 0.34
N ILE C 233 21.37 -38.90 -0.31
CA ILE C 233 20.01 -38.58 0.11
C ILE C 233 19.10 -39.82 0.22
N PRO C 234 17.96 -39.77 1.00
CA PRO C 234 17.08 -40.95 1.11
C PRO C 234 16.58 -41.50 -0.21
N THR C 235 16.57 -42.83 -0.31
CA THR C 235 16.10 -43.53 -1.50
C THR C 235 14.58 -43.58 -1.59
N ILE C 236 13.84 -43.05 -0.56
CA ILE C 236 12.37 -42.98 -0.53
C ILE C 236 11.80 -42.48 -1.86
N GLY C 237 10.77 -43.18 -2.36
CA GLY C 237 10.08 -42.83 -3.61
C GLY C 237 10.75 -43.27 -4.89
N LEU C 238 11.98 -43.82 -4.79
CA LEU C 238 12.70 -44.33 -5.97
C LEU C 238 12.04 -45.59 -6.49
N PRO C 239 12.29 -46.05 -7.74
CA PRO C 239 11.68 -47.33 -8.17
C PRO C 239 12.24 -48.49 -7.33
N GLY C 240 11.33 -49.21 -6.66
CA GLY C 240 11.69 -50.32 -5.79
C GLY C 240 11.64 -50.03 -4.31
N TYR C 241 11.46 -48.74 -3.91
CA TYR C 241 11.36 -48.39 -2.50
C TYR C 241 10.01 -48.74 -1.93
N SER C 242 10.06 -49.38 -0.75
CA SER C 242 8.92 -49.77 0.06
C SER C 242 9.25 -49.30 1.48
N ALA C 243 8.24 -48.80 2.22
CA ALA C 243 8.39 -48.36 3.62
C ALA C 243 8.80 -49.61 4.45
N PRO C 244 9.71 -49.47 5.44
CA PRO C 244 10.24 -50.67 6.11
C PRO C 244 9.30 -51.49 7.00
N SER C 245 8.14 -50.92 7.39
CA SER C 245 7.17 -51.53 8.32
C SER C 245 5.78 -50.90 8.26
N ALA C 246 4.80 -51.58 8.87
CA ALA C 246 3.41 -51.11 8.98
C ALA C 246 3.31 -49.82 9.80
N GLY C 247 4.27 -49.61 10.71
CA GLY C 247 4.34 -48.44 11.55
C GLY C 247 4.73 -47.19 10.79
N THR C 248 5.63 -47.38 9.80
CA THR C 248 6.21 -46.34 8.94
C THR C 248 5.55 -46.33 7.53
N ALA C 249 4.32 -46.86 7.42
CA ALA C 249 3.48 -47.01 6.22
C ALA C 249 3.41 -45.79 5.31
N ALA C 250 3.31 -44.57 5.89
CA ALA C 250 3.19 -43.30 5.13
C ALA C 250 4.26 -43.08 4.05
N LEU C 251 5.48 -43.61 4.29
CA LEU C 251 6.64 -43.51 3.40
C LEU C 251 6.48 -44.17 2.02
N ASN C 252 5.33 -44.85 1.79
CA ASN C 252 4.97 -45.51 0.53
C ASN C 252 4.16 -44.56 -0.35
N HIS C 253 3.79 -43.39 0.21
CA HIS C 253 2.97 -42.40 -0.45
C HIS C 253 3.56 -41.02 -0.45
N SER C 254 4.41 -40.71 0.56
CA SER C 254 5.05 -39.40 0.74
C SER C 254 5.93 -38.94 -0.44
N GLY C 255 6.43 -39.88 -1.23
CA GLY C 255 7.22 -39.57 -2.43
C GLY C 255 8.70 -39.33 -2.23
N LYS C 256 9.39 -38.97 -3.33
CA LYS C 256 10.83 -38.68 -3.35
C LYS C 256 11.15 -37.38 -2.62
N VAL C 257 12.36 -37.29 -2.00
CA VAL C 257 12.82 -36.08 -1.31
C VAL C 257 13.40 -35.11 -2.37
N ASP C 258 13.48 -33.81 -2.06
CA ASP C 258 14.06 -32.80 -2.96
C ASP C 258 15.55 -33.17 -3.17
N THR C 259 15.98 -33.41 -4.42
CA THR C 259 17.37 -33.81 -4.72
C THR C 259 18.44 -32.80 -4.22
N HIS C 260 18.05 -31.55 -3.85
CA HIS C 260 18.98 -30.54 -3.33
C HIS C 260 19.28 -30.79 -1.87
N ASN C 261 18.31 -31.34 -1.09
CA ASN C 261 18.40 -31.62 0.34
C ASN C 261 19.74 -32.16 0.80
N PHE C 262 20.27 -31.57 1.86
CA PHE C 262 21.54 -31.99 2.44
C PHE C 262 21.30 -32.50 3.86
N TYR C 263 21.62 -33.79 4.09
CA TYR C 263 21.42 -34.50 5.36
C TYR C 263 22.68 -34.52 6.22
N GLY C 264 23.61 -33.67 5.88
CA GLY C 264 24.86 -33.55 6.62
C GLY C 264 24.75 -32.50 7.70
N THR C 265 25.90 -32.13 8.26
CA THR C 265 25.96 -31.16 9.34
C THR C 265 27.02 -30.16 8.95
N ASP C 266 26.94 -28.93 9.50
CA ASP C 266 27.92 -27.88 9.21
C ASP C 266 29.28 -28.22 9.83
N SER C 267 29.35 -29.41 10.46
CA SER C 267 30.57 -29.94 11.04
C SER C 267 31.36 -30.79 10.03
N ASP C 268 30.68 -31.21 8.93
CA ASP C 268 31.22 -32.04 7.85
C ASP C 268 32.24 -31.30 7.00
N TYR C 269 33.40 -31.94 6.79
CA TYR C 269 34.51 -31.41 5.99
C TYR C 269 35.27 -32.53 5.30
N ASP C 270 36.12 -32.21 4.31
CA ASP C 270 36.97 -33.16 3.57
C ASP C 270 38.20 -32.42 3.10
N ASP C 271 39.31 -32.62 3.82
CA ASP C 271 40.59 -31.98 3.54
C ASP C 271 41.61 -33.00 3.08
N SER C 272 42.42 -32.64 2.06
CA SER C 272 43.48 -33.47 1.50
C SER C 272 44.64 -32.68 0.88
N THR C 273 45.84 -33.30 0.85
CA THR C 273 47.05 -32.77 0.22
C THR C 273 47.76 -33.88 -0.52
N THR C 274 48.31 -33.56 -1.69
CA THR C 274 49.10 -34.49 -2.49
C THR C 274 50.48 -33.89 -2.75
N ASP C 275 51.54 -34.66 -2.48
CA ASP C 275 52.91 -34.22 -2.72
C ASP C 275 53.65 -35.33 -3.45
N THR C 276 53.75 -35.19 -4.77
CA THR C 276 54.43 -36.15 -5.64
C THR C 276 55.72 -35.51 -6.14
N ALA C 277 56.84 -36.24 -6.04
CA ALA C 277 58.15 -35.79 -6.50
C ALA C 277 58.77 -36.90 -7.33
N THR C 278 59.16 -36.58 -8.59
CA THR C 278 59.72 -37.56 -9.53
C THR C 278 61.05 -37.11 -10.12
N MET C 279 61.96 -38.07 -10.29
CA MET C 279 63.29 -37.89 -10.87
C MET C 279 63.50 -39.00 -11.90
N ARG C 280 63.53 -38.60 -13.20
CA ARG C 280 63.72 -39.53 -14.31
C ARG C 280 65.03 -39.32 -15.05
N PHE C 281 65.86 -40.36 -15.11
CA PHE C 281 67.11 -40.35 -15.85
C PHE C 281 66.96 -41.26 -17.06
N GLU C 282 67.28 -40.76 -18.25
CA GLU C 282 67.19 -41.56 -19.47
C GLU C 282 68.53 -41.51 -20.24
N HIS C 283 68.98 -42.69 -20.76
CA HIS C 283 70.23 -42.78 -21.53
C HIS C 283 70.10 -43.63 -22.78
N ASP C 284 70.40 -43.03 -23.95
CA ASP C 284 70.34 -43.74 -25.22
C ASP C 284 71.70 -44.41 -25.49
N ILE C 285 71.77 -45.76 -25.33
CA ILE C 285 72.99 -46.56 -25.56
C ILE C 285 73.32 -46.53 -27.06
N ASN C 286 72.27 -46.59 -27.89
CA ASN C 286 72.28 -46.50 -29.35
C ASN C 286 70.89 -46.02 -29.83
N ASP C 287 70.64 -46.01 -31.15
CA ASP C 287 69.37 -45.57 -31.74
C ASP C 287 68.25 -46.61 -31.64
N ASN C 288 68.55 -47.79 -31.06
CA ASN C 288 67.59 -48.88 -30.85
C ASN C 288 67.44 -49.24 -29.37
N THR C 289 68.46 -48.91 -28.53
CA THR C 289 68.52 -49.19 -27.10
C THR C 289 68.48 -47.92 -26.25
N THR C 290 67.63 -47.93 -25.21
CA THR C 290 67.43 -46.84 -24.25
C THR C 290 67.19 -47.44 -22.87
N ILE C 291 67.94 -46.95 -21.86
CA ILE C 291 67.82 -47.33 -20.45
C ILE C 291 67.26 -46.15 -19.66
N ARG C 292 66.25 -46.40 -18.79
CA ARG C 292 65.58 -45.39 -17.96
C ARG C 292 65.60 -45.78 -16.49
N ASN C 293 65.60 -44.78 -15.60
CA ASN C 293 65.46 -44.95 -14.15
C ASN C 293 64.48 -43.89 -13.66
N THR C 294 63.47 -44.32 -12.90
CA THR C 294 62.46 -43.41 -12.36
C THR C 294 62.34 -43.60 -10.85
N THR C 295 62.54 -42.51 -10.11
CA THR C 295 62.39 -42.50 -8.66
C THR C 295 61.21 -41.60 -8.33
N ARG C 296 60.36 -42.03 -7.39
CA ARG C 296 59.22 -41.25 -6.97
C ARG C 296 58.96 -41.41 -5.49
N TRP C 297 58.63 -40.28 -4.86
CA TRP C 297 58.17 -40.21 -3.49
C TRP C 297 56.81 -39.52 -3.57
N SER C 298 55.73 -40.22 -3.23
CA SER C 298 54.40 -39.62 -3.21
C SER C 298 53.75 -39.79 -1.84
N ARG C 299 52.83 -38.86 -1.49
CA ARG C 299 52.10 -38.86 -0.22
C ARG C 299 50.75 -38.17 -0.38
N VAL C 300 49.65 -38.89 -0.05
CA VAL C 300 48.32 -38.29 -0.04
C VAL C 300 47.77 -38.43 1.38
N LYS C 301 47.38 -37.29 1.96
CA LYS C 301 46.80 -37.15 3.30
C LYS C 301 45.30 -36.84 3.11
N GLN C 302 44.42 -37.47 3.90
CA GLN C 302 42.99 -37.20 3.86
C GLN C 302 42.36 -37.33 5.22
N ASP C 303 41.51 -36.38 5.57
CA ASP C 303 40.74 -36.41 6.81
C ASP C 303 39.38 -35.81 6.56
N TYR C 304 38.32 -36.55 6.97
CA TYR C 304 36.96 -36.09 6.79
C TYR C 304 35.98 -36.58 7.82
N LEU C 305 34.90 -35.80 8.00
CA LEU C 305 33.70 -36.06 8.78
C LEU C 305 32.61 -35.93 7.73
N MET C 306 31.73 -36.92 7.67
CA MET C 306 30.71 -37.09 6.66
C MET C 306 29.49 -37.73 7.29
N THR C 307 28.32 -37.55 6.67
CA THR C 307 27.10 -38.11 7.22
C THR C 307 26.47 -39.16 6.33
N ALA C 308 26.33 -40.38 6.90
CA ALA C 308 25.61 -41.51 6.33
C ALA C 308 24.27 -41.54 7.05
N ILE C 309 23.18 -41.73 6.30
CA ILE C 309 21.84 -41.72 6.88
C ILE C 309 21.17 -43.09 6.79
N MET C 310 20.33 -43.42 7.79
CA MET C 310 19.67 -44.73 7.87
C MET C 310 18.17 -44.65 8.09
N GLY C 311 17.44 -45.52 7.41
CA GLY C 311 15.98 -45.51 7.48
C GLY C 311 15.26 -46.81 7.73
N GLY C 312 15.78 -47.60 8.66
CA GLY C 312 15.15 -48.84 9.07
C GLY C 312 14.02 -48.52 10.05
N ALA C 313 13.21 -49.51 10.40
CA ALA C 313 12.13 -49.28 11.35
C ALA C 313 12.70 -48.64 12.64
N SER C 314 13.76 -49.26 13.22
CA SER C 314 14.48 -48.81 14.42
C SER C 314 15.10 -47.42 14.30
N ASN C 315 15.32 -46.93 13.07
CA ASN C 315 15.91 -45.61 12.80
C ASN C 315 14.87 -44.49 12.63
N ILE C 316 13.67 -44.80 12.14
CA ILE C 316 12.63 -43.78 11.95
C ILE C 316 12.01 -43.36 13.30
N THR C 317 11.80 -42.05 13.46
CA THR C 317 11.20 -41.45 14.65
C THR C 317 10.00 -40.62 14.20
N GLN C 318 8.87 -40.77 14.91
CA GLN C 318 7.63 -40.09 14.57
C GLN C 318 7.15 -39.19 15.72
N PRO C 319 7.64 -37.93 15.80
CA PRO C 319 7.17 -37.02 16.86
C PRO C 319 5.66 -36.89 16.83
N THR C 320 5.10 -36.73 15.63
CA THR C 320 3.68 -36.66 15.33
C THR C 320 3.36 -37.68 14.22
N SER C 321 2.06 -37.81 13.88
CA SER C 321 1.56 -38.69 12.82
C SER C 321 2.06 -38.23 11.44
N ASP C 322 2.28 -36.90 11.28
CA ASP C 322 2.74 -36.25 10.04
C ASP C 322 4.18 -36.63 9.67
N VAL C 323 4.41 -36.94 8.37
CA VAL C 323 5.71 -37.33 7.81
C VAL C 323 6.70 -36.14 7.82
N ASN C 324 6.17 -34.93 7.90
CA ASN C 324 6.97 -33.71 7.96
C ASN C 324 7.70 -33.58 9.30
N SER C 325 7.32 -34.39 10.31
CA SER C 325 8.01 -34.41 11.61
C SER C 325 8.96 -35.60 11.69
N TRP C 326 8.80 -36.59 10.78
CA TRP C 326 9.57 -37.83 10.77
C TRP C 326 11.04 -37.64 10.49
N THR C 327 11.89 -38.23 11.35
CA THR C 327 13.34 -38.15 11.24
C THR C 327 13.99 -39.51 10.96
N TRP C 328 15.09 -39.49 10.18
CA TRP C 328 15.93 -40.64 9.91
C TRP C 328 17.16 -40.52 10.82
N SER C 329 17.87 -41.63 11.08
CA SER C 329 19.04 -41.60 11.95
C SER C 329 20.31 -41.16 11.19
N ARG C 330 21.19 -40.36 11.85
CA ARG C 330 22.45 -39.91 11.28
C ARG C 330 23.61 -40.74 11.88
N THR C 331 24.51 -41.23 11.01
CA THR C 331 25.67 -42.01 11.44
C THR C 331 26.92 -41.39 10.82
N ALA C 332 27.91 -41.03 11.65
CA ALA C 332 29.13 -40.39 11.19
C ALA C 332 30.02 -41.35 10.48
N ASN C 333 30.59 -40.89 9.35
CA ASN C 333 31.59 -41.61 8.57
C ASN C 333 32.82 -40.73 8.61
N THR C 334 33.82 -41.14 9.40
CA THR C 334 35.05 -40.40 9.56
C THR C 334 36.18 -41.13 8.86
N LYS C 335 37.26 -40.43 8.50
CA LYS C 335 38.47 -40.99 7.89
C LYS C 335 39.63 -40.05 8.17
N ASP C 336 40.80 -40.61 8.53
CA ASP C 336 42.04 -39.88 8.75
C ASP C 336 43.16 -40.84 8.33
N VAL C 337 43.69 -40.64 7.12
CA VAL C 337 44.65 -41.57 6.51
C VAL C 337 45.80 -40.87 5.78
N SER C 338 46.92 -41.59 5.59
CA SER C 338 48.10 -41.13 4.87
C SER C 338 48.66 -42.29 4.04
N ASN C 339 48.61 -42.16 2.70
CA ASN C 339 49.12 -43.20 1.80
C ASN C 339 50.37 -42.66 1.11
N LYS C 340 51.53 -43.26 1.43
CA LYS C 340 52.84 -42.91 0.90
C LYS C 340 53.38 -44.00 -0.01
N ILE C 341 54.16 -43.61 -1.03
CA ILE C 341 54.81 -44.53 -1.99
C ILE C 341 56.20 -44.02 -2.35
N LEU C 342 57.20 -44.89 -2.21
CA LEU C 342 58.59 -44.63 -2.54
C LEU C 342 59.03 -45.76 -3.46
N THR C 343 59.35 -45.43 -4.72
CA THR C 343 59.74 -46.45 -5.69
C THR C 343 60.95 -46.08 -6.51
N ASN C 344 61.60 -47.10 -7.06
CA ASN C 344 62.72 -46.97 -7.99
C ASN C 344 62.50 -47.98 -9.09
N GLN C 345 62.09 -47.49 -10.27
CA GLN C 345 61.78 -48.30 -11.43
C GLN C 345 62.81 -48.11 -12.56
N THR C 346 63.59 -49.15 -12.86
CA THR C 346 64.53 -49.05 -13.99
C THR C 346 63.94 -49.85 -15.19
N ASN C 347 64.08 -49.31 -16.43
CA ASN C 347 63.51 -49.91 -17.66
C ASN C 347 64.45 -49.84 -18.86
N LEU C 348 64.69 -51.00 -19.51
CA LEU C 348 65.54 -51.10 -20.69
C LEU C 348 64.74 -51.54 -21.92
N THR C 349 64.79 -50.73 -23.01
CA THR C 349 64.11 -51.03 -24.26
C THR C 349 65.12 -51.22 -25.40
N SER C 350 65.10 -52.38 -26.06
CA SER C 350 66.00 -52.63 -27.18
C SER C 350 65.32 -53.25 -28.39
N THR C 351 65.77 -52.86 -29.60
CA THR C 351 65.27 -53.37 -30.87
C THR C 351 66.41 -54.06 -31.59
N PHE C 352 66.24 -55.36 -31.90
CA PHE C 352 67.28 -56.16 -32.56
C PHE C 352 66.67 -57.32 -33.33
N TYR C 353 67.49 -57.99 -34.17
CA TYR C 353 67.06 -59.15 -34.92
C TYR C 353 67.76 -60.42 -34.45
N THR C 354 67.08 -61.57 -34.56
CA THR C 354 67.59 -62.92 -34.29
C THR C 354 67.35 -63.65 -35.61
N GLY C 355 68.14 -63.31 -36.61
CA GLY C 355 67.96 -63.82 -37.96
C GLY C 355 66.79 -63.08 -38.58
N SER C 356 65.72 -63.80 -38.89
CA SER C 356 64.52 -63.23 -39.50
C SER C 356 63.51 -62.62 -38.48
N ILE C 357 63.69 -62.90 -37.17
CA ILE C 357 62.77 -62.42 -36.13
C ILE C 357 63.18 -61.06 -35.59
N GLY C 358 62.28 -60.10 -35.68
CA GLY C 358 62.45 -58.74 -35.17
C GLY C 358 61.94 -58.59 -33.77
N HIS C 359 62.83 -58.24 -32.83
CA HIS C 359 62.53 -58.11 -31.41
C HIS C 359 62.44 -56.65 -30.94
N ASP C 360 61.50 -56.39 -30.02
CA ASP C 360 61.29 -55.11 -29.35
C ASP C 360 61.13 -55.50 -27.89
N VAL C 361 62.20 -55.37 -27.11
CA VAL C 361 62.25 -55.76 -25.70
C VAL C 361 62.02 -54.56 -24.77
N SER C 362 61.27 -54.80 -23.67
CA SER C 362 60.99 -53.84 -22.60
C SER C 362 61.13 -54.64 -21.30
N THR C 363 62.23 -54.40 -20.58
CA THR C 363 62.58 -55.14 -19.36
C THR C 363 62.99 -54.22 -18.20
N GLY C 364 63.03 -54.75 -16.97
CA GLY C 364 63.43 -53.94 -15.82
C GLY C 364 63.13 -54.48 -14.43
N VAL C 365 63.64 -53.76 -13.41
CA VAL C 365 63.51 -54.09 -11.99
C VAL C 365 62.93 -52.95 -11.19
N GLU C 366 61.90 -53.24 -10.40
CA GLU C 366 61.24 -52.21 -9.59
C GLU C 366 61.36 -52.46 -8.08
N PHE C 367 61.74 -51.43 -7.33
CA PHE C 367 61.84 -51.50 -5.87
C PHE C 367 60.80 -50.54 -5.28
N THR C 368 59.79 -51.08 -4.56
CA THR C 368 58.71 -50.24 -4.01
C THR C 368 58.40 -50.47 -2.52
N ARG C 369 58.09 -49.39 -1.81
CA ARG C 369 57.63 -49.40 -0.42
C ARG C 369 56.36 -48.57 -0.40
N GLU C 370 55.28 -49.22 0.00
CA GLU C 370 53.96 -48.62 0.11
C GLU C 370 53.54 -48.62 1.57
N THR C 371 53.06 -47.47 2.04
CA THR C 371 52.64 -47.36 3.44
C THR C 371 51.32 -46.60 3.58
N GLN C 372 50.43 -47.18 4.38
CA GLN C 372 49.12 -46.60 4.68
C GLN C 372 48.84 -46.68 6.15
N THR C 373 48.67 -45.53 6.80
CA THR C 373 48.33 -45.52 8.22
C THR C 373 46.98 -44.83 8.41
N ASN C 374 46.06 -45.50 9.13
CA ASN C 374 44.72 -44.98 9.42
C ASN C 374 44.65 -44.53 10.84
N TYR C 375 44.68 -43.21 11.05
CA TYR C 375 44.61 -42.62 12.36
C TYR C 375 43.20 -42.76 12.95
N GLY C 376 43.13 -43.44 14.09
CA GLY C 376 41.86 -43.64 14.79
C GLY C 376 41.36 -42.34 15.37
N VAL C 377 40.02 -42.19 15.43
CA VAL C 377 39.41 -40.97 15.97
C VAL C 377 38.33 -41.31 16.95
N ASN C 378 38.03 -40.35 17.85
CA ASN C 378 36.99 -40.47 18.85
C ASN C 378 35.62 -40.61 18.16
N PRO C 379 34.77 -41.55 18.64
CA PRO C 379 33.43 -41.68 18.05
C PRO C 379 32.69 -40.37 18.03
N VAL C 380 32.04 -40.06 16.89
CA VAL C 380 31.27 -38.83 16.70
C VAL C 380 29.75 -39.16 16.78
N THR C 381 29.03 -38.45 17.67
CA THR C 381 27.58 -38.62 17.80
C THR C 381 26.89 -37.52 16.98
N LEU C 382 25.99 -37.93 16.06
CA LEU C 382 25.20 -37.02 15.21
C LEU C 382 23.69 -37.15 15.49
N PRO C 383 22.96 -36.02 15.63
CA PRO C 383 21.51 -36.13 15.91
C PRO C 383 20.71 -36.53 14.68
N ALA C 384 19.48 -37.02 14.89
CA ALA C 384 18.56 -37.43 13.82
C ALA C 384 18.23 -36.27 12.85
N VAL C 385 18.07 -36.61 11.56
CA VAL C 385 17.79 -35.66 10.48
C VAL C 385 16.36 -35.80 9.92
N ASN C 386 15.62 -34.68 9.82
CA ASN C 386 14.26 -34.71 9.29
C ASN C 386 14.29 -35.13 7.82
N ILE C 387 13.49 -36.16 7.49
CA ILE C 387 13.37 -36.73 6.15
C ILE C 387 13.20 -35.66 5.06
N TYR C 388 12.11 -34.90 5.08
CA TYR C 388 11.83 -33.94 4.00
C TYR C 388 12.36 -32.53 4.23
N HIS C 389 12.71 -32.19 5.47
CA HIS C 389 13.20 -30.86 5.79
C HIS C 389 14.46 -30.99 6.64
N PRO C 390 15.58 -31.45 6.01
CA PRO C 390 16.80 -31.67 6.80
C PRO C 390 17.49 -30.41 7.30
N ASP C 391 17.50 -30.22 8.64
CA ASP C 391 18.22 -29.11 9.27
C ASP C 391 19.69 -29.53 9.36
N SER C 392 20.49 -29.02 8.42
CA SER C 392 21.93 -29.24 8.30
C SER C 392 22.74 -28.06 8.91
N SER C 393 22.04 -27.01 9.39
N SER C 393 22.04 -27.03 9.39
CA SER C 393 22.65 -25.84 10.00
CA SER C 393 22.65 -25.84 9.99
C SER C 393 22.92 -26.07 11.50
C SER C 393 22.92 -26.07 11.49
N ILE C 394 23.77 -27.07 11.79
CA ILE C 394 24.16 -27.48 13.15
C ILE C 394 25.61 -27.96 13.15
N HIS C 395 26.34 -27.84 14.30
CA HIS C 395 27.74 -28.26 14.43
C HIS C 395 27.88 -29.33 15.56
N PRO C 396 27.58 -30.63 15.30
CA PRO C 396 27.60 -31.64 16.38
C PRO C 396 28.95 -32.09 16.97
N GLY C 397 30.06 -31.74 16.34
CA GLY C 397 31.39 -32.14 16.80
C GLY C 397 32.46 -32.13 15.74
N GLY C 398 33.67 -32.56 16.11
CA GLY C 398 34.82 -32.60 15.21
C GLY C 398 35.68 -33.85 15.31
N LEU C 399 36.65 -33.97 14.41
CA LEU C 399 37.56 -35.11 14.36
C LEU C 399 38.71 -34.94 15.34
N THR C 400 38.84 -35.88 16.32
CA THR C 400 39.90 -35.91 17.34
C THR C 400 40.55 -37.30 17.39
N ARG C 401 41.85 -37.37 17.07
CA ARG C 401 42.66 -38.60 17.08
C ARG C 401 42.73 -39.28 18.48
N ASN C 402 42.36 -40.57 18.57
CA ASN C 402 42.37 -41.26 19.86
C ASN C 402 43.66 -42.08 20.14
N GLY C 403 44.52 -42.21 19.13
CA GLY C 403 45.78 -42.94 19.23
C GLY C 403 45.69 -44.39 18.80
N ALA C 404 44.48 -44.88 18.51
CA ALA C 404 44.24 -46.26 18.09
C ALA C 404 44.28 -46.31 16.57
N ASN C 405 45.47 -46.55 16.01
CA ASN C 405 45.74 -46.56 14.56
C ASN C 405 45.98 -47.94 13.96
N ALA C 406 45.79 -48.05 12.62
CA ALA C 406 46.05 -49.26 11.82
C ALA C 406 47.16 -48.92 10.84
N ASN C 407 48.30 -49.62 10.93
CA ASN C 407 49.44 -49.35 10.06
C ASN C 407 49.70 -50.46 9.06
N GLY C 408 49.68 -50.10 7.78
CA GLY C 408 49.93 -51.03 6.68
C GLY C 408 51.17 -50.66 5.90
N GLN C 409 51.90 -51.69 5.40
CA GLN C 409 53.14 -51.54 4.62
C GLN C 409 53.35 -52.73 3.67
N THR C 410 53.74 -52.45 2.42
CA THR C 410 54.04 -53.48 1.43
C THR C 410 55.33 -53.13 0.70
N ASP C 411 56.32 -54.02 0.80
CA ASP C 411 57.60 -53.93 0.16
C ASP C 411 57.60 -54.94 -1.01
N THR C 412 57.61 -54.41 -2.24
CA THR C 412 57.63 -55.19 -3.47
C THR C 412 58.96 -55.05 -4.20
N PHE C 413 59.49 -56.18 -4.67
CA PHE C 413 60.64 -56.30 -5.55
C PHE C 413 60.09 -57.01 -6.78
N ALA C 414 60.02 -56.29 -7.92
CA ALA C 414 59.51 -56.84 -9.17
C ALA C 414 60.57 -56.91 -10.27
N ILE C 415 60.53 -57.97 -11.07
CA ILE C 415 61.39 -58.21 -12.24
C ILE C 415 60.49 -58.65 -13.39
N TYR C 416 60.60 -57.99 -14.55
CA TYR C 416 59.78 -58.31 -15.73
C TYR C 416 60.58 -58.24 -17.06
N ALA C 417 60.13 -59.01 -18.06
CA ALA C 417 60.72 -59.02 -19.41
C ALA C 417 59.56 -59.14 -20.37
N PHE C 418 59.46 -58.21 -21.34
CA PHE C 418 58.40 -58.19 -22.36
C PHE C 418 59.05 -58.15 -23.74
N ASP C 419 58.44 -58.85 -24.73
CA ASP C 419 58.94 -58.89 -26.10
C ASP C 419 57.82 -59.13 -27.13
N THR C 420 57.87 -58.35 -28.23
CA THR C 420 56.97 -58.45 -29.38
C THR C 420 57.83 -58.98 -30.53
N LEU C 421 57.53 -60.22 -30.97
CA LEU C 421 58.26 -60.88 -32.04
C LEU C 421 57.60 -60.58 -33.37
N GLN C 422 58.39 -60.04 -34.31
CA GLN C 422 57.97 -59.71 -35.65
C GLN C 422 58.40 -60.90 -36.52
N ILE C 423 57.53 -61.92 -36.61
CA ILE C 423 57.77 -63.14 -37.37
C ILE C 423 57.88 -62.82 -38.88
N THR C 424 56.78 -62.28 -39.45
CA THR C 424 56.68 -61.82 -40.85
C THR C 424 56.19 -60.37 -40.77
N ARG C 425 56.18 -59.67 -41.93
CA ARG C 425 55.69 -58.30 -42.06
C ARG C 425 54.21 -58.22 -41.56
N ASP C 426 53.43 -59.29 -41.83
CA ASP C 426 52.03 -59.40 -41.46
C ASP C 426 51.74 -60.12 -40.11
N PHE C 427 52.64 -61.00 -39.61
CA PHE C 427 52.41 -61.75 -38.37
C PHE C 427 53.33 -61.37 -37.20
N GLU C 428 52.72 -61.03 -36.04
CA GLU C 428 53.38 -60.62 -34.80
C GLU C 428 52.96 -61.47 -33.56
N LEU C 429 53.93 -61.89 -32.73
CA LEU C 429 53.68 -62.68 -31.51
C LEU C 429 54.24 -61.95 -30.30
N ASN C 430 53.37 -61.47 -29.40
CA ASN C 430 53.91 -60.82 -28.21
C ASN C 430 53.81 -61.70 -26.97
N GLY C 431 54.61 -61.35 -25.96
CA GLY C 431 54.67 -62.04 -24.69
C GLY C 431 55.30 -61.19 -23.61
N GLY C 432 55.20 -61.66 -22.37
CA GLY C 432 55.75 -61.00 -21.20
C GLY C 432 55.60 -61.78 -19.91
N ILE C 433 56.65 -61.79 -19.06
CA ILE C 433 56.65 -62.47 -17.74
C ILE C 433 57.02 -61.53 -16.58
N ARG C 434 56.38 -61.68 -15.42
CA ARG C 434 56.68 -60.84 -14.25
C ARG C 434 56.68 -61.60 -12.93
N LEU C 435 57.71 -61.38 -12.10
CA LEU C 435 57.81 -61.96 -10.77
C LEU C 435 57.87 -60.83 -9.74
N ASP C 436 56.89 -60.81 -8.79
CA ASP C 436 56.80 -59.82 -7.69
C ASP C 436 56.99 -60.55 -6.37
N ASN C 437 58.03 -60.19 -5.63
CA ASN C 437 58.30 -60.75 -4.31
C ASN C 437 57.84 -59.67 -3.35
N TYR C 438 56.72 -59.91 -2.64
CA TYR C 438 56.15 -58.91 -1.73
C TYR C 438 56.25 -59.29 -0.26
N HIS C 439 56.18 -58.27 0.62
N HIS C 439 56.17 -58.28 0.63
CA HIS C 439 56.21 -58.41 2.09
CA HIS C 439 56.11 -58.47 2.08
C HIS C 439 55.29 -57.36 2.74
C HIS C 439 55.27 -57.37 2.72
N THR C 440 54.08 -57.77 3.15
CA THR C 440 53.06 -56.92 3.76
C THR C 440 53.03 -57.06 5.29
N GLU C 441 53.06 -55.92 6.00
CA GLU C 441 52.92 -55.85 7.46
C GLU C 441 51.64 -55.09 7.79
N TYR C 442 50.90 -55.58 8.79
CA TYR C 442 49.64 -54.98 9.21
C TYR C 442 49.36 -55.20 10.67
N ASP C 443 49.03 -54.11 11.35
CA ASP C 443 48.67 -54.08 12.77
C ASP C 443 47.62 -53.02 13.02
N SER C 444 46.59 -53.36 13.81
CA SER C 444 45.49 -52.46 14.16
C SER C 444 45.22 -52.47 15.66
N ALA C 445 44.91 -51.29 16.22
CA ALA C 445 44.56 -51.14 17.62
C ALA C 445 43.27 -50.38 17.69
N THR C 446 42.45 -50.65 18.71
CA THR C 446 41.18 -49.96 18.94
C THR C 446 41.11 -49.52 20.39
N ALA C 447 40.51 -48.35 20.66
CA ALA C 447 40.34 -47.81 22.01
C ALA C 447 39.34 -48.70 22.77
N CYS C 448 39.83 -49.39 23.81
CA CYS C 448 39.06 -50.35 24.60
C CYS C 448 37.91 -49.73 25.41
N GLY C 449 36.94 -50.57 25.74
CA GLY C 449 35.74 -50.20 26.50
C GLY C 449 34.81 -49.32 25.70
N GLY C 450 34.69 -49.63 24.42
CA GLY C 450 33.94 -48.88 23.42
C GLY C 450 32.42 -48.99 23.42
N SER C 451 31.87 -50.10 23.97
CA SER C 451 30.42 -50.37 24.07
C SER C 451 29.66 -50.13 22.75
N GLY C 452 30.00 -50.94 21.75
CA GLY C 452 29.39 -50.86 20.44
C GLY C 452 29.56 -52.14 19.65
N ARG C 453 29.72 -51.98 18.32
CA ARG C 453 29.90 -53.08 17.37
C ARG C 453 31.39 -53.16 17.01
N GLY C 454 32.03 -54.26 17.44
CA GLY C 454 33.45 -54.49 17.24
C GLY C 454 34.32 -53.90 18.34
N ALA C 455 33.68 -53.51 19.47
CA ALA C 455 34.37 -52.95 20.63
C ALA C 455 35.06 -54.07 21.42
N ILE C 456 36.20 -53.74 22.06
CA ILE C 456 37.00 -54.71 22.82
C ILE C 456 37.13 -54.28 24.27
N THR C 457 37.13 -55.24 25.20
CA THR C 457 37.24 -54.93 26.62
C THR C 457 38.68 -54.61 27.00
N CYS C 458 38.83 -53.73 27.99
CA CYS C 458 40.14 -53.30 28.47
C CYS C 458 40.83 -54.38 29.26
N PRO C 459 42.13 -54.64 28.97
CA PRO C 459 42.88 -55.57 29.82
C PRO C 459 43.05 -54.97 31.23
N THR C 460 43.25 -55.82 32.26
CA THR C 460 43.42 -55.31 33.63
C THR C 460 44.67 -54.42 33.72
N GLY C 461 44.56 -53.31 34.43
CA GLY C 461 45.64 -52.35 34.60
C GLY C 461 45.68 -51.32 33.49
N VAL C 462 44.77 -51.46 32.50
CA VAL C 462 44.61 -50.60 31.32
C VAL C 462 43.29 -49.83 31.48
N ALA C 463 43.36 -48.51 31.27
CA ALA C 463 42.25 -47.59 31.38
C ALA C 463 41.32 -47.59 30.17
N LYS C 464 40.03 -47.30 30.39
CA LYS C 464 39.00 -47.18 29.35
C LYS C 464 39.45 -46.09 28.38
N GLY C 465 39.41 -46.41 27.08
CA GLY C 465 39.81 -45.49 26.03
C GLY C 465 41.24 -45.65 25.53
N SER C 466 42.03 -46.53 26.17
CA SER C 466 43.43 -46.77 25.76
C SER C 466 43.50 -47.62 24.49
N PRO C 467 44.45 -47.40 23.56
CA PRO C 467 44.52 -48.27 22.36
C PRO C 467 45.10 -49.66 22.69
N VAL C 468 44.32 -50.71 22.38
CA VAL C 468 44.69 -52.11 22.62
C VAL C 468 44.76 -52.82 21.26
N THR C 469 45.96 -53.32 20.88
CA THR C 469 46.21 -54.01 19.60
C THR C 469 45.34 -55.27 19.44
N THR C 470 44.63 -55.38 18.31
CA THR C 470 43.76 -56.54 18.04
C THR C 470 44.39 -57.51 17.06
N VAL C 471 45.21 -57.00 16.14
CA VAL C 471 45.90 -57.78 15.13
C VAL C 471 47.32 -57.23 14.90
N ASP C 472 48.29 -58.11 14.67
CA ASP C 472 49.67 -57.73 14.36
C ASP C 472 50.25 -58.87 13.56
N THR C 473 50.08 -58.79 12.23
CA THR C 473 50.53 -59.83 11.32
C THR C 473 51.46 -59.31 10.26
N ALA C 474 51.87 -60.23 9.38
CA ALA C 474 52.71 -60.05 8.23
C ALA C 474 52.37 -61.19 7.23
N LYS C 475 52.61 -60.94 5.93
CA LYS C 475 52.38 -61.90 4.85
C LYS C 475 53.38 -61.66 3.74
N SER C 476 53.98 -62.75 3.25
CA SER C 476 54.97 -62.77 2.18
C SER C 476 54.67 -63.85 1.14
N GLY C 477 54.92 -63.51 -0.12
CA GLY C 477 54.72 -64.44 -1.23
C GLY C 477 55.39 -63.98 -2.50
N ASN C 478 55.15 -64.72 -3.59
CA ASN C 478 55.68 -64.45 -4.92
C ASN C 478 54.57 -64.50 -5.95
N LEU C 479 54.42 -63.43 -6.73
CA LEU C 479 53.37 -63.37 -7.73
C LEU C 479 53.98 -63.53 -9.12
N MET C 480 53.74 -64.69 -9.74
CA MET C 480 54.24 -65.01 -11.08
C MET C 480 53.10 -64.81 -12.09
N ASN C 481 53.23 -63.78 -12.91
CA ASN C 481 52.26 -63.43 -13.96
C ASN C 481 52.90 -63.46 -15.33
N TRP C 482 52.07 -63.64 -16.36
CA TRP C 482 52.51 -63.75 -17.75
C TRP C 482 51.37 -63.39 -18.68
N LYS C 483 51.71 -62.98 -19.91
CA LYS C 483 50.76 -62.65 -20.97
C LYS C 483 51.28 -63.14 -22.32
N ALA C 484 50.37 -63.56 -23.20
CA ALA C 484 50.73 -64.03 -24.53
C ALA C 484 49.68 -63.61 -25.54
N GLY C 485 50.14 -63.15 -26.70
CA GLY C 485 49.26 -62.70 -27.76
C GLY C 485 49.80 -62.90 -29.16
N ALA C 486 48.89 -62.81 -30.15
CA ALA C 486 49.17 -62.90 -31.58
C ALA C 486 48.39 -61.84 -32.37
N LEU C 487 49.07 -61.22 -33.34
CA LEU C 487 48.52 -60.19 -34.21
C LEU C 487 48.80 -60.54 -35.66
N TYR C 488 47.77 -60.42 -36.51
CA TYR C 488 47.90 -60.69 -37.92
C TYR C 488 47.29 -59.55 -38.73
N HIS C 489 48.09 -58.94 -39.63
CA HIS C 489 47.66 -57.83 -40.46
C HIS C 489 46.95 -58.35 -41.70
N LEU C 490 45.60 -58.27 -41.70
CA LEU C 490 44.78 -58.73 -42.84
C LEU C 490 45.04 -57.87 -44.08
N THR C 491 44.95 -56.54 -43.91
CA THR C 491 45.25 -55.55 -44.94
C THR C 491 46.27 -54.55 -44.35
N GLU C 492 46.63 -53.50 -45.10
CA GLU C 492 47.55 -52.47 -44.61
C GLU C 492 46.88 -51.51 -43.61
N ASN C 493 45.55 -51.72 -43.36
CA ASN C 493 44.73 -50.92 -42.46
C ASN C 493 44.15 -51.76 -41.34
N GLY C 494 43.83 -53.02 -41.64
CA GLY C 494 43.21 -53.96 -40.70
C GLY C 494 44.07 -55.07 -40.17
N ASN C 495 43.76 -55.51 -38.95
CA ASN C 495 44.44 -56.60 -38.26
C ASN C 495 43.53 -57.35 -37.32
N VAL C 496 43.81 -58.63 -37.07
CA VAL C 496 43.08 -59.50 -36.14
C VAL C 496 44.00 -59.87 -34.94
N TYR C 497 43.46 -59.93 -33.70
CA TYR C 497 44.29 -60.27 -32.54
C TYR C 497 43.63 -61.20 -31.54
N ILE C 498 44.47 -61.90 -30.76
CA ILE C 498 44.13 -62.77 -29.63
C ILE C 498 45.12 -62.45 -28.53
N ASN C 499 44.67 -62.49 -27.27
CA ASN C 499 45.54 -62.26 -26.12
C ASN C 499 45.04 -63.03 -24.93
N TYR C 500 45.96 -63.45 -24.04
CA TYR C 500 45.65 -64.15 -22.79
C TYR C 500 46.58 -63.62 -21.72
N ALA C 501 46.04 -63.26 -20.55
CA ALA C 501 46.84 -62.74 -19.43
C ALA C 501 46.36 -63.19 -18.05
N VAL C 502 47.30 -63.28 -17.08
CA VAL C 502 47.02 -63.68 -15.71
C VAL C 502 47.28 -62.50 -14.77
N SER C 503 46.36 -62.26 -13.81
CA SER C 503 46.45 -61.19 -12.82
C SER C 503 46.17 -61.73 -11.43
N GLN C 504 46.86 -61.20 -10.42
CA GLN C 504 46.74 -61.64 -9.02
C GLN C 504 46.67 -60.48 -8.02
N GLN C 505 45.86 -60.67 -6.96
CA GLN C 505 45.67 -59.73 -5.86
C GLN C 505 45.87 -60.54 -4.58
N PRO C 506 47.04 -60.42 -3.91
CA PRO C 506 47.31 -61.27 -2.76
C PRO C 506 46.59 -60.81 -1.50
N PRO C 507 46.55 -61.64 -0.43
CA PRO C 507 45.98 -61.15 0.83
C PRO C 507 46.83 -59.96 1.31
N GLY C 508 46.17 -58.83 1.59
CA GLY C 508 46.83 -57.59 1.98
C GLY C 508 47.11 -56.66 0.82
N GLY C 509 46.91 -57.14 -0.40
CA GLY C 509 47.11 -56.40 -1.63
C GLY C 509 46.17 -55.23 -1.86
N ASN C 510 44.84 -55.48 -1.79
CA ASN C 510 43.76 -54.51 -1.99
C ASN C 510 43.83 -53.22 -1.11
N ASN C 511 44.12 -53.37 0.20
CA ASN C 511 44.10 -52.23 1.15
C ASN C 511 45.09 -52.29 2.32
N PHE C 512 46.10 -53.17 2.26
CA PHE C 512 47.11 -53.37 3.31
C PHE C 512 46.59 -54.18 4.52
N ALA C 513 45.25 -54.35 4.66
CA ALA C 513 44.65 -55.10 5.77
C ALA C 513 44.90 -56.59 5.69
N LEU C 514 45.42 -57.18 6.78
CA LEU C 514 45.65 -58.63 6.89
C LEU C 514 44.76 -59.17 7.99
N ALA C 515 44.28 -60.40 7.80
CA ALA C 515 43.34 -61.04 8.72
C ALA C 515 43.92 -62.25 9.43
N GLN C 516 43.44 -62.49 10.64
CA GLN C 516 43.79 -63.65 11.45
C GLN C 516 43.46 -64.93 10.66
N SER C 517 44.48 -65.78 10.43
CA SER C 517 44.39 -67.03 9.69
C SER C 517 43.62 -68.17 10.39
N GLY C 518 42.95 -68.99 9.58
CA GLY C 518 42.24 -70.20 10.00
C GLY C 518 40.85 -70.03 10.54
N SER C 519 40.18 -68.89 10.27
CA SER C 519 38.86 -68.66 10.87
C SER C 519 37.75 -68.15 10.00
N GLY C 520 37.81 -66.85 9.67
CA GLY C 520 36.71 -66.14 9.04
C GLY C 520 36.62 -66.22 7.55
N ASN C 521 35.79 -65.32 7.00
CA ASN C 521 35.44 -65.13 5.58
C ASN C 521 36.36 -64.17 4.82
N SER C 522 37.33 -63.51 5.50
CA SER C 522 38.19 -62.52 4.85
C SER C 522 39.11 -63.05 3.79
N ALA C 523 39.22 -62.30 2.67
CA ALA C 523 40.13 -62.57 1.54
C ALA C 523 41.58 -62.28 1.92
N ASN C 524 41.76 -61.50 3.00
CA ASN C 524 43.05 -61.06 3.51
C ASN C 524 43.63 -61.97 4.59
N ARG C 525 43.03 -63.17 4.75
CA ARG C 525 43.49 -64.21 5.66
C ARG C 525 44.91 -64.56 5.23
N THR C 526 45.85 -64.53 6.18
CA THR C 526 47.27 -64.75 5.88
C THR C 526 47.52 -66.16 5.30
N ASP C 527 46.68 -67.17 5.62
CA ASP C 527 46.79 -68.54 5.10
C ASP C 527 46.03 -68.71 3.77
N PHE C 528 45.60 -67.61 3.14
CA PHE C 528 44.83 -67.66 1.90
C PHE C 528 45.65 -67.39 0.64
N LYS C 529 45.16 -67.94 -0.49
CA LYS C 529 45.75 -67.83 -1.82
C LYS C 529 45.36 -66.49 -2.41
N PRO C 530 46.16 -65.90 -3.34
CA PRO C 530 45.72 -64.63 -3.97
C PRO C 530 44.52 -64.87 -4.88
N GLN C 531 43.75 -63.82 -5.15
CA GLN C 531 42.61 -63.91 -6.06
C GLN C 531 43.17 -63.82 -7.50
N LYS C 532 43.03 -64.93 -8.28
CA LYS C 532 43.52 -64.99 -9.66
C LYS C 532 42.45 -64.58 -10.69
N ALA C 533 42.88 -63.96 -11.80
CA ALA C 533 41.99 -63.53 -12.89
C ALA C 533 42.64 -63.80 -14.25
N ASN C 534 42.03 -64.71 -15.02
CA ASN C 534 42.51 -65.19 -16.30
C ASN C 534 41.67 -64.60 -17.44
N THR C 535 42.18 -63.53 -18.10
CA THR C 535 41.49 -62.83 -19.19
C THR C 535 41.84 -63.43 -20.54
N SER C 536 40.84 -63.50 -21.45
CA SER C 536 40.92 -63.98 -22.84
C SER C 536 40.35 -62.90 -23.76
N GLU C 537 41.00 -62.68 -24.91
CA GLU C 537 40.54 -61.66 -25.87
C GLU C 537 40.68 -62.16 -27.29
N ILE C 538 39.71 -61.82 -28.15
CA ILE C 538 39.74 -62.04 -29.59
C ILE C 538 39.16 -60.75 -30.17
N GLY C 539 40.00 -59.98 -30.88
CA GLY C 539 39.58 -58.70 -31.44
C GLY C 539 40.16 -58.30 -32.78
N THR C 540 39.86 -57.05 -33.21
CA THR C 540 40.30 -56.46 -34.48
C THR C 540 40.56 -54.99 -34.30
N LYS C 541 41.53 -54.45 -35.04
CA LYS C 541 41.88 -53.03 -35.02
C LYS C 541 42.08 -52.53 -36.44
N TRP C 542 41.34 -51.48 -36.81
CA TRP C 542 41.37 -50.90 -38.15
C TRP C 542 41.69 -49.43 -38.12
N GLN C 543 42.75 -49.02 -38.84
CA GLN C 543 43.17 -47.63 -38.96
C GLN C 543 42.71 -47.11 -40.32
N VAL C 544 41.42 -46.74 -40.39
CA VAL C 544 40.74 -46.28 -41.60
C VAL C 544 40.92 -44.76 -41.85
N LEU C 545 40.48 -44.29 -43.04
CA LEU C 545 40.47 -42.92 -43.53
C LEU C 545 41.82 -42.23 -43.31
N ASP C 546 42.80 -42.63 -44.15
CA ASP C 546 44.19 -42.19 -44.18
C ASP C 546 44.89 -42.39 -42.83
N LYS C 547 44.66 -43.56 -42.20
CA LYS C 547 45.20 -43.97 -40.90
C LYS C 547 44.96 -42.91 -39.76
N ARG C 548 43.84 -42.15 -39.85
CA ARG C 548 43.50 -41.11 -38.87
C ARG C 548 42.34 -41.49 -37.95
N LEU C 549 41.49 -42.42 -38.39
CA LEU C 549 40.40 -42.94 -37.59
C LEU C 549 40.68 -44.40 -37.20
N LEU C 550 40.53 -44.71 -35.91
CA LEU C 550 40.74 -46.04 -35.37
C LEU C 550 39.41 -46.69 -34.97
N LEU C 551 39.16 -47.89 -35.49
CA LEU C 551 37.97 -48.69 -35.18
C LEU C 551 38.46 -49.97 -34.52
N THR C 552 37.79 -50.40 -33.45
CA THR C 552 38.17 -51.58 -32.69
C THR C 552 36.93 -52.29 -32.19
N ALA C 553 36.92 -53.65 -32.24
CA ALA C 553 35.86 -54.53 -31.72
C ALA C 553 36.53 -55.76 -31.14
N ALA C 554 36.15 -56.20 -29.91
CA ALA C 554 36.77 -57.36 -29.25
C ALA C 554 35.84 -58.16 -28.35
N LEU C 555 36.00 -59.51 -28.35
CA LEU C 555 35.28 -60.45 -27.47
C LEU C 555 36.20 -60.74 -26.29
N PHE C 556 35.69 -60.70 -25.05
CA PHE C 556 36.52 -60.90 -23.87
C PHE C 556 35.92 -61.85 -22.81
N ARG C 557 36.78 -62.38 -21.91
CA ARG C 557 36.38 -63.23 -20.80
C ARG C 557 37.45 -63.27 -19.72
N THR C 558 37.11 -62.74 -18.53
CA THR C 558 37.96 -62.74 -17.35
C THR C 558 37.33 -63.73 -16.40
N ASP C 559 38.10 -64.75 -15.97
CA ASP C 559 37.63 -65.75 -15.02
C ASP C 559 38.29 -65.49 -13.65
N ILE C 560 37.52 -64.94 -12.69
CA ILE C 560 38.03 -64.64 -11.34
C ILE C 560 37.89 -65.88 -10.44
N GLU C 561 38.99 -66.35 -9.84
CA GLU C 561 39.02 -67.53 -8.98
C GLU C 561 39.65 -67.24 -7.64
N ASN C 562 39.56 -68.19 -6.68
CA ASN C 562 40.06 -68.13 -5.29
C ASN C 562 39.25 -67.16 -4.41
N GLU C 563 37.99 -66.90 -4.83
CA GLU C 563 37.03 -66.06 -4.11
C GLU C 563 36.61 -66.79 -2.86
N VAL C 564 36.39 -66.05 -1.76
CA VAL C 564 35.99 -66.67 -0.49
C VAL C 564 34.50 -66.92 -0.49
N GLU C 565 34.12 -68.17 -0.22
CA GLU C 565 32.74 -68.64 -0.16
C GLU C 565 32.58 -69.56 1.05
N GLN C 566 31.34 -69.71 1.55
CA GLN C 566 31.02 -70.52 2.72
C GLN C 566 30.80 -71.99 2.41
N ASN C 567 31.26 -72.88 3.30
CA ASN C 567 31.09 -74.33 3.24
C ASN C 567 29.76 -74.75 3.92
N ASP C 568 29.43 -76.07 3.92
CA ASP C 568 28.19 -76.61 4.52
C ASP C 568 28.12 -76.31 6.02
N ASP C 569 29.24 -76.47 6.76
CA ASP C 569 29.31 -76.05 8.16
C ASP C 569 29.54 -74.53 8.18
N GLY C 570 29.80 -73.94 9.33
CA GLY C 570 30.02 -72.49 9.42
C GLY C 570 31.17 -71.94 8.60
N THR C 571 32.21 -72.78 8.39
CA THR C 571 33.51 -72.61 7.71
C THR C 571 33.43 -71.93 6.34
N TYR C 572 34.52 -71.21 5.98
CA TYR C 572 34.76 -70.52 4.72
C TYR C 572 35.97 -71.15 4.00
N SER C 573 35.92 -71.12 2.67
CA SER C 573 36.92 -71.70 1.76
C SER C 573 37.07 -70.82 0.52
N GLN C 574 38.09 -71.07 -0.31
CA GLN C 574 38.35 -70.31 -1.54
C GLN C 574 37.90 -71.09 -2.81
N TYR C 575 36.71 -71.71 -2.73
CA TYR C 575 36.10 -72.46 -3.84
C TYR C 575 35.29 -71.54 -4.78
N GLY C 576 35.18 -70.26 -4.44
CA GLY C 576 34.43 -69.28 -5.22
C GLY C 576 35.00 -68.98 -6.58
N LYS C 577 34.09 -68.62 -7.54
CA LYS C 577 34.40 -68.26 -8.94
C LYS C 577 33.46 -67.17 -9.50
N LYS C 578 34.05 -66.16 -10.14
CA LYS C 578 33.38 -65.03 -10.82
C LYS C 578 33.74 -64.97 -12.31
N ARG C 579 32.86 -64.35 -13.10
CA ARG C 579 33.10 -64.23 -14.53
C ARG C 579 32.55 -62.94 -15.08
N VAL C 580 33.38 -62.25 -15.89
CA VAL C 580 33.01 -61.02 -16.60
C VAL C 580 33.31 -61.26 -18.10
N GLU C 581 32.25 -61.59 -18.84
CA GLU C 581 32.23 -61.91 -20.27
C GLU C 581 31.60 -60.80 -21.09
N GLY C 582 31.86 -60.84 -22.39
CA GLY C 582 31.21 -59.91 -23.30
C GLY C 582 32.02 -59.39 -24.47
N TYR C 583 31.58 -58.23 -24.98
CA TYR C 583 32.28 -57.63 -26.10
C TYR C 583 32.45 -56.13 -25.90
N GLU C 584 33.44 -55.56 -26.60
CA GLU C 584 33.84 -54.16 -26.45
C GLU C 584 34.18 -53.51 -27.79
N ILE C 585 33.49 -52.41 -28.13
CA ILE C 585 33.67 -51.64 -29.38
C ILE C 585 34.21 -50.25 -29.03
N SER C 586 35.05 -49.66 -29.92
CA SER C 586 35.64 -48.32 -29.76
C SER C 586 35.96 -47.63 -31.07
N VAL C 587 35.73 -46.29 -31.12
CA VAL C 587 36.01 -45.37 -32.24
C VAL C 587 36.79 -44.16 -31.71
N ALA C 588 37.78 -43.68 -32.49
CA ALA C 588 38.60 -42.51 -32.13
C ALA C 588 39.32 -41.96 -33.33
N GLY C 589 39.39 -40.63 -33.43
CA GLY C 589 40.11 -39.95 -34.50
C GLY C 589 39.34 -38.92 -35.30
N ASN C 590 39.76 -38.76 -36.55
CA ASN C 590 39.17 -37.83 -37.50
C ASN C 590 38.47 -38.60 -38.64
N ILE C 591 37.15 -38.37 -38.81
CA ILE C 591 36.32 -38.96 -39.88
C ILE C 591 36.69 -38.20 -41.16
N THR C 592 36.75 -36.86 -41.05
CA THR C 592 37.17 -35.91 -42.07
C THR C 592 38.13 -34.93 -41.33
N PRO C 593 38.95 -34.08 -41.99
CA PRO C 593 39.85 -33.18 -41.24
C PRO C 593 39.17 -32.30 -40.17
N ALA C 594 37.91 -31.86 -40.42
CA ALA C 594 37.12 -31.03 -39.52
C ALA C 594 36.29 -31.82 -38.50
N TRP C 595 35.98 -33.10 -38.81
CA TRP C 595 35.15 -33.94 -37.96
C TRP C 595 35.94 -34.89 -37.07
N GLN C 596 35.95 -34.61 -35.76
CA GLN C 596 36.61 -35.41 -34.73
C GLN C 596 35.58 -36.16 -33.93
N VAL C 597 35.88 -37.43 -33.55
CA VAL C 597 34.98 -38.30 -32.80
C VAL C 597 35.75 -39.20 -31.80
N ILE C 598 35.10 -39.57 -30.70
CA ILE C 598 35.60 -40.46 -29.64
C ILE C 598 34.41 -41.20 -29.00
N GLY C 599 34.58 -42.48 -28.72
CA GLY C 599 33.49 -43.25 -28.13
C GLY C 599 33.68 -44.75 -28.12
N GLY C 600 32.73 -45.44 -27.50
CA GLY C 600 32.75 -46.88 -27.37
C GLY C 600 31.50 -47.48 -26.76
N TYR C 601 31.31 -48.80 -26.99
CA TYR C 601 30.20 -49.59 -26.48
C TYR C 601 30.76 -50.83 -25.77
N THR C 602 30.05 -51.32 -24.75
CA THR C 602 30.44 -52.52 -24.00
C THR C 602 29.22 -53.35 -23.62
N GLN C 603 29.37 -54.66 -23.60
CA GLN C 603 28.32 -55.53 -23.10
C GLN C 603 28.96 -56.48 -22.10
N GLN C 604 28.99 -56.08 -20.83
CA GLN C 604 29.63 -56.85 -19.77
C GLN C 604 28.64 -57.64 -18.88
N LYS C 605 28.63 -58.98 -19.07
CA LYS C 605 27.84 -59.87 -18.24
C LYS C 605 28.77 -60.35 -17.12
N ALA C 606 28.69 -59.67 -15.96
CA ALA C 606 29.50 -59.95 -14.78
C ALA C 606 28.61 -60.70 -13.81
N THR C 607 28.96 -61.95 -13.46
CA THR C 607 28.15 -62.84 -12.60
C THR C 607 29.00 -63.73 -11.68
N ILE C 608 28.32 -64.55 -10.84
CA ILE C 608 28.92 -65.57 -9.96
C ILE C 608 28.81 -66.94 -10.64
N LYS C 609 29.95 -67.62 -10.81
CA LYS C 609 29.99 -68.97 -11.38
C LYS C 609 29.91 -70.04 -10.30
N ASN C 610 30.50 -69.77 -9.12
CA ASN C 610 30.49 -70.65 -7.94
C ASN C 610 30.36 -69.80 -6.69
N GLY C 611 29.28 -69.99 -5.96
CA GLY C 611 29.07 -69.27 -4.70
C GLY C 611 27.74 -68.57 -4.46
N LYS C 612 27.60 -68.03 -3.24
CA LYS C 612 26.42 -67.30 -2.75
C LYS C 612 26.21 -66.05 -3.61
N ASP C 613 24.94 -65.82 -3.99
CA ASP C 613 24.50 -64.69 -4.80
C ASP C 613 24.73 -63.39 -4.04
N VAL C 614 25.43 -62.46 -4.69
CA VAL C 614 25.83 -61.18 -4.12
C VAL C 614 24.82 -60.05 -4.40
N ALA C 615 23.96 -60.21 -5.44
CA ALA C 615 22.95 -59.21 -5.81
C ALA C 615 21.72 -59.33 -4.91
N GLN C 616 21.09 -58.18 -4.60
CA GLN C 616 19.90 -58.12 -3.73
C GLN C 616 18.76 -59.05 -4.19
N ASP C 617 18.41 -59.01 -5.49
CA ASP C 617 17.33 -59.83 -6.08
C ASP C 617 17.71 -61.33 -6.27
N GLY C 618 18.81 -61.75 -5.66
CA GLY C 618 19.27 -63.14 -5.68
C GLY C 618 19.69 -63.71 -7.02
N SER C 619 19.78 -62.87 -8.07
CA SER C 619 20.21 -63.36 -9.36
C SER C 619 21.72 -63.50 -9.36
N SER C 620 22.26 -64.40 -10.22
CA SER C 620 23.70 -64.61 -10.37
C SER C 620 24.22 -63.40 -11.12
N SER C 621 24.65 -62.37 -10.38
CA SER C 621 25.09 -61.10 -10.96
C SER C 621 25.79 -60.27 -9.91
N LEU C 622 26.88 -59.62 -10.34
CA LEU C 622 27.70 -58.78 -9.51
C LEU C 622 27.04 -57.40 -9.41
N PRO C 623 27.05 -56.73 -8.24
CA PRO C 623 26.36 -55.44 -8.12
C PRO C 623 27.17 -54.25 -8.62
N TYR C 624 26.51 -53.08 -8.72
CA TYR C 624 27.10 -51.80 -9.14
C TYR C 624 27.96 -51.92 -10.43
N THR C 625 27.47 -52.77 -11.39
CA THR C 625 28.08 -53.07 -12.68
C THR C 625 26.98 -53.10 -13.76
N PRO C 626 26.95 -52.11 -14.70
CA PRO C 626 25.90 -52.12 -15.74
C PRO C 626 26.21 -53.14 -16.83
N GLU C 627 25.19 -53.85 -17.34
CA GLU C 627 25.44 -54.83 -18.39
C GLU C 627 25.75 -54.19 -19.74
N HIS C 628 25.11 -53.04 -20.04
CA HIS C 628 25.27 -52.32 -21.29
C HIS C 628 25.66 -50.89 -21.01
N ALA C 629 26.77 -50.43 -21.60
CA ALA C 629 27.22 -49.05 -21.43
C ALA C 629 27.72 -48.48 -22.75
N PHE C 630 27.33 -47.22 -23.05
CA PHE C 630 27.66 -46.54 -24.30
C PHE C 630 28.08 -45.12 -24.07
N THR C 631 29.07 -44.67 -24.83
CA THR C 631 29.58 -43.29 -24.76
C THR C 631 30.11 -42.84 -26.12
N LEU C 632 29.73 -41.62 -26.56
CA LEU C 632 30.13 -41.06 -27.84
C LEU C 632 30.09 -39.53 -27.84
N TRP C 633 31.26 -38.92 -28.08
CA TRP C 633 31.46 -37.47 -28.16
C TRP C 633 31.99 -37.15 -29.53
N SER C 634 31.45 -36.09 -30.15
CA SER C 634 31.87 -35.61 -31.45
C SER C 634 31.94 -34.10 -31.52
N GLN C 635 33.03 -33.58 -32.10
CA GLN C 635 33.24 -32.16 -32.33
C GLN C 635 33.59 -31.93 -33.78
N TYR C 636 32.81 -31.05 -34.44
CA TYR C 636 32.98 -30.68 -35.84
C TYR C 636 33.35 -29.19 -35.92
N GLN C 637 34.26 -28.85 -36.84
CA GLN C 637 34.68 -27.46 -37.06
C GLN C 637 33.85 -26.91 -38.24
N ALA C 638 32.65 -26.36 -37.91
CA ALA C 638 31.67 -25.78 -38.84
C ALA C 638 32.28 -24.73 -39.80
N THR C 639 32.83 -23.64 -39.24
CA THR C 639 33.49 -22.57 -39.99
C THR C 639 34.93 -22.43 -39.47
N ASP C 640 35.70 -21.48 -40.02
CA ASP C 640 37.07 -21.20 -39.57
C ASP C 640 37.10 -20.72 -38.11
N ASP C 641 35.95 -20.24 -37.60
CA ASP C 641 35.79 -19.70 -36.24
C ASP C 641 34.89 -20.54 -35.33
N ILE C 642 33.68 -20.92 -35.79
CA ILE C 642 32.70 -21.69 -35.01
C ILE C 642 32.95 -23.20 -35.06
N SER C 643 32.85 -23.86 -33.89
CA SER C 643 32.98 -25.31 -33.73
C SER C 643 31.85 -25.84 -32.84
N VAL C 644 31.15 -26.89 -33.30
CA VAL C 644 30.03 -27.48 -32.57
C VAL C 644 30.45 -28.85 -32.02
N GLY C 645 30.02 -29.16 -30.79
CA GLY C 645 30.31 -30.42 -30.12
C GLY C 645 29.08 -31.02 -29.47
N ALA C 646 29.02 -32.37 -29.38
CA ALA C 646 27.89 -33.09 -28.78
C ALA C 646 28.34 -34.45 -28.23
N GLY C 647 27.79 -34.84 -27.09
CA GLY C 647 28.14 -36.11 -26.46
C GLY C 647 26.95 -36.83 -25.85
N ALA C 648 26.84 -38.14 -26.08
CA ALA C 648 25.75 -38.95 -25.54
C ALA C 648 26.27 -40.12 -24.74
N ARG C 649 25.72 -40.34 -23.52
CA ARG C 649 26.14 -41.43 -22.64
C ARG C 649 24.97 -42.22 -22.10
N TYR C 650 25.03 -43.54 -22.21
CA TYR C 650 24.04 -44.42 -21.61
C TYR C 650 24.73 -45.39 -20.66
N ILE C 651 24.26 -45.39 -19.41
CA ILE C 651 24.69 -46.29 -18.36
C ILE C 651 23.48 -47.16 -18.07
N GLY C 652 23.65 -48.47 -18.20
CA GLY C 652 22.60 -49.45 -17.99
C GLY C 652 22.16 -49.64 -16.56
N SER C 653 21.26 -50.60 -16.36
CA SER C 653 20.76 -50.93 -15.04
C SER C 653 21.70 -51.86 -14.34
N MET C 654 21.93 -51.59 -13.06
CA MET C 654 22.83 -52.37 -12.21
C MET C 654 22.15 -52.74 -10.92
N HIS C 655 22.60 -53.86 -10.32
CA HIS C 655 22.09 -54.40 -9.05
C HIS C 655 22.71 -53.75 -7.82
N LYS C 656 21.95 -53.73 -6.71
CA LYS C 656 22.46 -53.28 -5.40
C LYS C 656 22.92 -54.59 -4.72
N GLY C 657 24.02 -54.54 -3.97
CA GLY C 657 24.51 -55.69 -3.23
C GLY C 657 23.48 -56.09 -2.19
N SER C 658 23.39 -57.39 -1.87
CA SER C 658 22.43 -57.88 -0.87
C SER C 658 22.72 -57.35 0.54
N ASP C 659 21.64 -57.04 1.30
CA ASP C 659 21.69 -56.54 2.67
C ASP C 659 20.35 -56.81 3.37
N GLY C 660 20.43 -56.97 4.69
CA GLY C 660 19.29 -57.20 5.58
C GLY C 660 18.30 -56.05 5.66
N ALA C 661 18.70 -54.85 5.17
CA ALA C 661 17.82 -53.66 5.13
C ALA C 661 16.57 -53.98 4.32
N VAL C 662 15.41 -53.70 4.90
CA VAL C 662 14.11 -54.01 4.32
C VAL C 662 13.49 -52.82 3.58
N GLY C 663 12.99 -53.06 2.37
CA GLY C 663 12.26 -52.10 1.55
C GLY C 663 13.04 -51.30 0.54
N THR C 664 14.35 -51.17 0.73
CA THR C 664 15.28 -50.40 -0.15
C THR C 664 15.35 -50.96 -1.60
N PRO C 665 15.58 -50.10 -2.64
CA PRO C 665 15.68 -50.60 -4.02
C PRO C 665 16.73 -51.70 -4.24
N ALA C 666 16.35 -52.80 -4.91
CA ALA C 666 17.20 -53.96 -5.19
C ALA C 666 18.21 -53.69 -6.33
N PHE C 667 17.89 -52.70 -7.18
CA PHE C 667 18.67 -52.30 -8.34
C PHE C 667 18.39 -50.83 -8.63
N THR C 668 19.11 -50.26 -9.61
CA THR C 668 18.86 -48.91 -10.10
C THR C 668 18.54 -49.05 -11.57
N GLU C 669 17.80 -48.09 -12.14
CA GLU C 669 17.44 -48.08 -13.55
C GLU C 669 18.48 -47.38 -14.43
N GLY C 670 18.47 -47.74 -15.71
CA GLY C 670 19.38 -47.18 -16.71
C GLY C 670 19.07 -45.73 -17.02
N TYR C 671 20.08 -44.96 -17.48
CA TYR C 671 19.95 -43.54 -17.79
C TYR C 671 20.79 -43.05 -18.97
N TRP C 672 20.27 -42.02 -19.66
CA TRP C 672 20.87 -41.33 -20.81
C TRP C 672 21.29 -39.89 -20.43
N VAL C 673 22.58 -39.54 -20.60
CA VAL C 673 23.07 -38.19 -20.31
C VAL C 673 23.60 -37.55 -21.59
N ALA C 674 23.05 -36.38 -21.95
CA ALA C 674 23.47 -35.68 -23.16
C ALA C 674 24.22 -34.39 -22.82
N ASP C 675 25.26 -34.07 -23.63
CA ASP C 675 26.11 -32.87 -23.49
C ASP C 675 26.25 -32.18 -24.84
N ALA C 676 26.58 -30.87 -24.85
CA ALA C 676 26.80 -30.08 -26.06
C ALA C 676 27.93 -29.04 -25.85
N LYS C 677 28.50 -28.51 -26.95
CA LYS C 677 29.62 -27.55 -26.94
C LYS C 677 29.53 -26.52 -28.10
N LEU C 678 29.93 -25.25 -27.82
CA LEU C 678 29.97 -24.18 -28.82
C LEU C 678 31.23 -23.34 -28.69
N GLY C 679 32.18 -23.61 -29.57
CA GLY C 679 33.47 -22.93 -29.62
C GLY C 679 33.52 -21.79 -30.62
N TYR C 680 34.28 -20.74 -30.27
CA TYR C 680 34.44 -19.55 -31.10
C TYR C 680 35.86 -19.02 -31.07
N ARG C 681 36.56 -19.07 -32.23
CA ARG C 681 37.94 -18.57 -32.37
C ARG C 681 37.93 -17.09 -32.72
N VAL C 682 38.34 -16.23 -31.77
CA VAL C 682 38.41 -14.77 -31.97
C VAL C 682 39.62 -14.48 -32.87
N ASN C 683 40.81 -14.91 -32.42
CA ASN C 683 42.05 -14.77 -33.15
C ASN C 683 42.95 -15.99 -32.88
N ARG C 684 44.20 -15.95 -33.37
CA ARG C 684 45.20 -17.01 -33.21
C ARG C 684 45.66 -17.21 -31.75
N ASN C 685 45.38 -16.22 -30.86
CA ASN C 685 45.76 -16.20 -29.45
C ASN C 685 44.58 -16.32 -28.46
N LEU C 686 43.34 -16.18 -28.93
CA LEU C 686 42.18 -16.24 -28.04
C LEU C 686 40.96 -16.90 -28.66
N ASP C 687 40.32 -17.79 -27.89
CA ASP C 687 39.09 -18.48 -28.23
C ASP C 687 38.26 -18.74 -26.98
N PHE C 688 36.94 -18.94 -27.17
CA PHE C 688 35.98 -19.24 -26.11
C PHE C 688 35.31 -20.56 -26.43
N GLN C 689 34.60 -21.13 -25.43
CA GLN C 689 33.79 -22.35 -25.53
C GLN C 689 32.73 -22.40 -24.47
N LEU C 690 31.54 -22.85 -24.85
CA LEU C 690 30.41 -23.01 -23.94
C LEU C 690 29.98 -24.47 -23.89
N ASN C 691 30.11 -25.10 -22.70
CA ASN C 691 29.72 -26.49 -22.47
C ASN C 691 28.43 -26.56 -21.65
N VAL C 692 27.54 -27.48 -22.01
CA VAL C 692 26.28 -27.71 -21.33
C VAL C 692 26.15 -29.17 -21.02
N TYR C 693 26.19 -29.49 -19.72
CA TYR C 693 26.14 -30.87 -19.25
C TYR C 693 24.73 -31.21 -18.81
N ASN C 694 24.27 -32.44 -19.13
CA ASN C 694 22.92 -32.92 -18.86
C ASN C 694 21.91 -31.95 -19.47
N LEU C 695 22.10 -31.70 -20.76
CA LEU C 695 21.33 -30.85 -21.66
C LEU C 695 19.79 -30.97 -21.44
N PHE C 696 19.29 -32.22 -21.25
CA PHE C 696 17.87 -32.52 -21.07
C PHE C 696 17.40 -32.50 -19.60
N ASP C 697 18.30 -32.10 -18.68
CA ASP C 697 18.05 -32.01 -17.24
C ASP C 697 17.43 -33.32 -16.67
N THR C 698 17.90 -34.49 -17.20
CA THR C 698 17.46 -35.83 -16.80
C THR C 698 17.85 -36.10 -15.34
N ASP C 699 16.94 -36.74 -14.60
CA ASP C 699 17.17 -37.14 -13.21
C ASP C 699 17.41 -38.65 -13.17
N TYR C 700 18.39 -39.09 -12.38
CA TYR C 700 18.78 -40.50 -12.29
C TYR C 700 19.59 -40.77 -11.02
N VAL C 701 19.76 -42.06 -10.68
CA VAL C 701 20.58 -42.49 -9.55
C VAL C 701 22.00 -42.65 -10.09
N ALA C 702 22.96 -41.84 -9.61
CA ALA C 702 24.35 -41.92 -10.05
C ALA C 702 25.03 -43.11 -9.37
N SER C 703 24.69 -43.34 -8.08
CA SER C 703 25.17 -44.45 -7.25
C SER C 703 24.21 -44.71 -6.08
N ILE C 704 24.19 -45.95 -5.56
CA ILE C 704 23.44 -46.37 -4.37
C ILE C 704 24.40 -47.03 -3.35
N ASN C 705 24.06 -46.99 -2.04
CA ASN C 705 24.87 -47.65 -1.01
C ASN C 705 24.41 -49.12 -0.81
N LYS C 706 25.15 -49.93 0.00
CA LYS C 706 24.88 -51.35 0.28
C LYS C 706 23.51 -51.58 0.86
N SER C 707 23.17 -50.91 1.99
CA SER C 707 21.83 -51.04 2.62
C SER C 707 20.77 -50.50 1.67
N GLY C 708 21.10 -49.42 0.95
CA GLY C 708 20.25 -48.80 -0.05
C GLY C 708 19.30 -47.75 0.47
N TYR C 709 19.61 -47.14 1.64
CA TYR C 709 18.78 -46.10 2.26
C TYR C 709 19.15 -44.73 1.68
N ARG C 710 20.35 -44.61 1.08
CA ARG C 710 20.84 -43.37 0.51
C ARG C 710 21.41 -43.53 -0.90
N TYR C 711 21.19 -42.50 -1.72
CA TYR C 711 21.70 -42.49 -3.08
C TYR C 711 22.28 -41.11 -3.46
N HIS C 712 23.10 -41.08 -4.51
CA HIS C 712 23.68 -39.87 -5.07
C HIS C 712 22.88 -39.51 -6.32
N PRO C 713 22.11 -38.39 -6.31
CA PRO C 713 21.32 -38.05 -7.51
C PRO C 713 22.18 -37.57 -8.69
N GLY C 714 21.59 -37.62 -9.86
CA GLY C 714 22.23 -37.16 -11.09
C GLY C 714 22.38 -35.65 -11.07
N GLU C 715 23.59 -35.17 -11.48
CA GLU C 715 23.85 -33.74 -11.51
C GLU C 715 22.99 -33.08 -12.60
N PRO C 716 22.25 -32.00 -12.30
CA PRO C 716 21.39 -31.39 -13.32
C PRO C 716 22.15 -30.64 -14.43
N ARG C 717 21.38 -30.01 -15.33
CA ARG C 717 21.85 -29.17 -16.42
C ARG C 717 22.76 -28.09 -15.82
N THR C 718 24.01 -28.02 -16.31
CA THR C 718 25.04 -27.09 -15.87
C THR C 718 25.70 -26.49 -17.10
N PHE C 719 26.10 -25.23 -16.99
CA PHE C 719 26.68 -24.42 -18.04
C PHE C 719 28.12 -24.05 -17.67
N LEU C 720 29.05 -24.14 -18.63
CA LEU C 720 30.46 -23.81 -18.39
C LEU C 720 31.08 -22.95 -19.51
N LEU C 721 31.49 -21.72 -19.15
CA LEU C 721 32.10 -20.78 -20.07
C LEU C 721 33.60 -20.64 -19.79
N THR C 722 34.41 -20.99 -20.80
CA THR C 722 35.88 -20.98 -20.76
C THR C 722 36.43 -19.93 -21.71
N ALA C 723 37.51 -19.25 -21.31
CA ALA C 723 38.23 -18.25 -22.11
C ALA C 723 39.70 -18.67 -22.15
N ASN C 724 40.19 -19.07 -23.35
CA ASN C 724 41.55 -19.57 -23.53
C ASN C 724 42.50 -18.55 -24.15
N MET C 725 43.66 -18.33 -23.52
CA MET C 725 44.71 -17.42 -24.03
C MET C 725 45.94 -18.25 -24.42
N HIS C 726 46.29 -18.27 -25.72
CA HIS C 726 47.41 -19.05 -26.26
C HIS C 726 48.56 -18.15 -26.71
N PHE C 727 49.81 -18.56 -26.39
CA PHE C 727 51.05 -17.85 -26.75
C PHE C 727 52.20 -18.83 -26.99
N THR D 17 -6.89 18.26 48.12
CA THR D 17 -6.90 17.42 46.92
C THR D 17 -5.52 17.38 46.21
N PRO D 18 -5.10 16.26 45.56
CA PRO D 18 -3.78 16.26 44.90
C PRO D 18 -3.79 16.95 43.55
N SER D 19 -2.57 17.26 43.05
CA SER D 19 -2.37 17.88 41.75
C SER D 19 -2.17 16.77 40.74
N LEU D 20 -2.58 17.03 39.49
CA LEU D 20 -2.42 16.07 38.40
C LEU D 20 -0.95 16.01 37.98
N TYR D 21 -0.23 17.14 38.12
CA TYR D 21 1.20 17.26 37.80
C TYR D 21 2.13 16.72 38.91
N ALA D 22 1.56 16.39 40.08
CA ALA D 22 2.31 15.83 41.20
C ALA D 22 1.53 14.71 41.92
N PRO D 23 1.72 13.42 41.52
CA PRO D 23 1.00 12.33 42.21
C PRO D 23 1.52 12.17 43.64
N GLN D 24 0.60 12.19 44.64
CA GLN D 24 0.92 12.13 46.08
C GLN D 24 1.62 10.85 46.54
N GLN D 25 1.43 9.70 45.86
CA GLN D 25 2.11 8.50 46.30
C GLN D 25 2.56 7.56 45.16
N SER D 26 3.56 6.74 45.48
CA SER D 26 4.09 5.71 44.59
C SER D 26 3.06 4.57 44.54
N ALA D 27 3.04 3.84 43.41
CA ALA D 27 2.17 2.70 43.21
C ALA D 27 2.80 1.42 43.76
N ASP D 28 4.06 1.51 44.24
CA ASP D 28 4.79 0.37 44.79
C ASP D 28 4.48 0.18 46.27
N PRO D 29 3.99 -1.01 46.70
CA PRO D 29 3.75 -1.25 48.14
C PRO D 29 5.03 -1.22 49.00
N LYS D 30 6.22 -1.30 48.36
CA LYS D 30 7.53 -1.22 49.01
C LYS D 30 7.79 0.20 49.60
N PHE D 31 6.97 1.18 49.17
CA PHE D 31 7.08 2.58 49.60
C PHE D 31 5.95 2.98 50.54
N SER D 32 6.21 2.82 51.85
CA SER D 32 5.29 3.02 52.98
C SER D 32 4.87 4.50 53.29
N ARG D 33 5.45 5.51 52.59
CA ARG D 33 5.12 6.92 52.81
C ARG D 33 4.87 7.71 51.51
N PRO D 34 4.05 8.78 51.52
CA PRO D 34 3.85 9.57 50.29
C PRO D 34 5.16 10.24 49.83
N VAL D 35 5.25 10.61 48.54
CA VAL D 35 6.42 11.24 47.90
C VAL D 35 7.03 12.35 48.79
N ALA D 36 6.17 13.19 49.39
CA ALA D 36 6.59 14.29 50.26
C ALA D 36 7.18 13.81 51.60
N ASP D 37 6.69 12.68 52.11
CA ASP D 37 7.14 12.14 53.38
C ASP D 37 8.16 11.03 53.17
N THR D 38 8.59 10.81 51.92
CA THR D 38 9.59 9.79 51.55
C THR D 38 11.00 10.38 51.59
N THR D 39 11.91 9.74 52.35
CA THR D 39 13.30 10.18 52.50
C THR D 39 14.16 9.79 51.27
N ARG D 40 13.70 10.10 50.04
CA ARG D 40 14.41 9.76 48.81
C ARG D 40 14.30 10.87 47.78
N THR D 41 15.21 10.90 46.78
CA THR D 41 15.16 11.86 45.66
C THR D 41 14.23 11.25 44.63
N MET D 42 12.92 11.37 44.90
CA MET D 42 11.86 10.80 44.09
C MET D 42 11.17 11.81 43.21
N THR D 43 10.76 11.34 42.02
CA THR D 43 10.05 12.12 41.01
C THR D 43 9.03 11.22 40.33
N VAL D 44 7.74 11.57 40.46
CA VAL D 44 6.67 10.82 39.82
C VAL D 44 6.09 11.64 38.65
N ILE D 45 6.35 11.16 37.42
CA ILE D 45 5.89 11.80 36.18
C ILE D 45 4.55 11.10 35.82
N SER D 46 3.44 11.83 35.95
CA SER D 46 2.08 11.33 35.71
C SER D 46 1.74 11.10 34.22
N GLU D 47 0.57 10.48 33.94
CA GLU D 47 0.06 10.28 32.58
C GLU D 47 -0.22 11.65 31.97
N GLN D 48 -0.74 12.57 32.81
CA GLN D 48 -1.09 13.95 32.52
C GLN D 48 0.03 14.77 31.90
N VAL D 49 1.22 14.79 32.54
CA VAL D 49 2.39 15.54 32.06
C VAL D 49 2.87 15.08 30.70
N ILE D 50 2.84 13.75 30.47
CA ILE D 50 3.22 13.08 29.22
C ILE D 50 2.24 13.48 28.10
N LYS D 51 0.92 13.38 28.38
CA LYS D 51 -0.15 13.71 27.45
C LYS D 51 -0.06 15.16 26.96
N ASP D 52 0.23 16.09 27.87
CA ASP D 52 0.35 17.53 27.58
C ASP D 52 1.62 17.85 26.80
N GLN D 53 2.69 17.08 27.05
CA GLN D 53 3.98 17.25 26.37
C GLN D 53 4.02 16.62 24.98
N GLY D 54 3.30 15.53 24.81
CA GLY D 54 3.26 14.78 23.57
C GLY D 54 4.24 13.63 23.61
N ALA D 55 4.74 13.31 24.82
CA ALA D 55 5.68 12.22 25.07
C ALA D 55 4.96 10.90 24.81
N THR D 56 5.53 10.06 23.96
CA THR D 56 4.93 8.78 23.57
C THR D 56 5.84 7.61 24.01
N ASN D 57 6.97 7.95 24.67
CA ASN D 57 7.97 6.99 25.12
C ASN D 57 8.66 7.44 26.39
N LEU D 58 9.39 6.50 27.05
CA LEU D 58 10.11 6.71 28.30
C LEU D 58 11.16 7.81 28.17
N THR D 59 12.07 7.77 27.15
CA THR D 59 13.11 8.77 26.94
C THR D 59 12.55 10.19 26.94
N ASP D 60 11.49 10.42 26.16
CA ASP D 60 10.80 11.72 26.06
C ASP D 60 10.25 12.15 27.42
N ALA D 61 9.53 11.23 28.10
CA ALA D 61 8.91 11.42 29.41
C ALA D 61 9.96 11.71 30.49
N LEU D 62 11.17 11.10 30.36
CA LEU D 62 12.29 11.24 31.28
C LEU D 62 12.98 12.60 31.17
N LYS D 63 12.58 13.41 30.18
CA LYS D 63 13.14 14.76 30.03
C LYS D 63 12.67 15.67 31.16
N ASN D 64 11.59 15.26 31.87
CA ASN D 64 11.03 15.98 33.01
C ASN D 64 11.85 15.86 34.28
N VAL D 65 13.00 15.16 34.22
CA VAL D 65 13.96 14.98 35.32
C VAL D 65 15.33 15.40 34.79
N PRO D 66 15.99 16.39 35.46
CA PRO D 66 17.25 16.95 34.91
C PRO D 66 18.43 15.99 34.71
N GLY D 67 19.04 16.08 33.53
CA GLY D 67 20.22 15.30 33.15
C GLY D 67 20.00 13.81 33.11
N VAL D 68 18.90 13.39 32.49
CA VAL D 68 18.52 11.98 32.35
C VAL D 68 18.10 11.77 30.90
N GLY D 69 18.99 11.14 30.13
CA GLY D 69 18.79 10.82 28.71
C GLY D 69 19.87 9.92 28.15
N ALA D 70 19.76 9.56 26.85
CA ALA D 70 20.74 8.71 26.17
C ALA D 70 21.89 9.58 25.68
N PHE D 71 22.94 9.67 26.50
CA PHE D 71 24.09 10.56 26.23
C PHE D 71 25.30 9.89 25.53
N PHE D 72 25.26 8.57 25.36
CA PHE D 72 26.35 7.83 24.72
C PHE D 72 25.84 7.18 23.43
N ALA D 73 26.62 7.23 22.34
CA ALA D 73 26.22 6.70 21.04
C ALA D 73 26.73 5.30 20.72
N GLY D 74 27.50 4.71 21.64
CA GLY D 74 28.10 3.40 21.48
C GLY D 74 29.59 3.47 21.21
N GLU D 75 30.18 2.39 20.69
CA GLU D 75 31.62 2.40 20.43
C GLU D 75 31.92 2.36 18.92
N ASN D 76 32.55 1.30 18.41
CA ASN D 76 32.85 1.17 16.98
C ASN D 76 32.13 -0.04 16.38
N GLY D 77 32.05 -1.11 17.17
CA GLY D 77 31.35 -2.33 16.82
C GLY D 77 30.03 -2.40 17.56
N ASN D 78 29.82 -1.46 18.52
CA ASN D 78 28.64 -1.29 19.39
C ASN D 78 27.91 -0.02 18.97
N SER D 79 26.62 0.04 19.26
CA SER D 79 25.80 1.20 19.01
C SER D 79 24.67 1.18 20.01
N THR D 80 24.48 2.28 20.75
CA THR D 80 23.38 2.30 21.71
C THR D 80 22.06 2.43 20.96
N THR D 81 21.07 1.65 21.41
CA THR D 81 19.75 1.61 20.79
C THR D 81 18.66 1.69 21.85
N GLY D 82 17.60 2.42 21.53
CA GLY D 82 16.46 2.60 22.42
C GLY D 82 16.79 3.42 23.66
N ASP D 83 16.04 3.20 24.75
CA ASP D 83 16.23 3.91 26.02
C ASP D 83 17.57 3.53 26.72
N ALA D 84 18.71 4.05 26.20
CA ALA D 84 20.07 3.84 26.73
C ALA D 84 20.40 5.01 27.65
N ILE D 85 19.50 5.22 28.61
CA ILE D 85 19.48 6.29 29.59
C ILE D 85 20.68 6.28 30.52
N TYR D 86 21.26 7.47 30.68
CA TYR D 86 22.36 7.74 31.58
C TYR D 86 21.79 8.64 32.63
N MET D 87 21.98 8.27 33.90
CA MET D 87 21.47 9.00 35.05
C MET D 87 22.53 8.92 36.13
N ARG D 88 22.88 10.07 36.73
CA ARG D 88 23.90 10.18 37.76
C ARG D 88 25.22 9.46 37.40
N GLY D 89 25.75 9.80 36.22
CA GLY D 89 27.03 9.35 35.72
C GLY D 89 27.25 7.91 35.32
N ALA D 90 26.21 7.22 34.84
CA ALA D 90 26.33 5.84 34.40
C ALA D 90 25.09 5.40 33.66
N ASP D 91 25.25 4.39 32.79
CA ASP D 91 24.13 3.79 32.05
C ASP D 91 23.22 3.09 33.05
N THR D 92 21.92 3.44 33.03
CA THR D 92 20.92 2.90 33.94
C THR D 92 19.76 2.18 33.18
N SER D 93 20.12 1.44 32.11
CA SER D 93 19.17 0.73 31.26
C SER D 93 18.75 -0.60 31.89
N ASN D 94 19.70 -1.25 32.59
CA ASN D 94 19.55 -2.51 33.32
C ASN D 94 18.79 -2.27 34.63
N SER D 95 18.45 -1.01 34.90
CA SER D 95 17.71 -0.62 36.09
C SER D 95 16.37 0.05 35.73
N ILE D 96 15.77 -0.37 34.61
CA ILE D 96 14.44 0.07 34.15
C ILE D 96 13.49 -1.10 34.46
N TYR D 97 12.53 -0.82 35.33
CA TYR D 97 11.52 -1.75 35.78
C TYR D 97 10.19 -1.32 35.25
N ILE D 98 9.33 -2.30 35.01
CA ILE D 98 7.93 -2.16 34.67
C ILE D 98 7.27 -2.83 35.86
N ASP D 99 6.51 -2.06 36.66
CA ASP D 99 5.80 -2.53 37.88
C ASP D 99 6.75 -3.21 38.88
N GLY D 100 7.92 -2.61 39.06
CA GLY D 100 8.95 -3.07 39.99
C GLY D 100 9.63 -4.36 39.62
N ILE D 101 9.44 -4.82 38.35
CA ILE D 101 10.05 -6.03 37.78
C ILE D 101 10.97 -5.57 36.63
N ARG D 102 12.26 -5.99 36.66
CA ARG D 102 13.26 -5.60 35.66
C ARG D 102 12.86 -5.87 34.22
N ASP D 103 13.06 -4.87 33.36
CA ASP D 103 12.76 -4.92 31.95
C ASP D 103 14.05 -4.57 31.14
N ILE D 104 14.79 -5.58 30.71
CA ILE D 104 16.04 -5.40 29.95
C ILE D 104 15.76 -5.52 28.43
N GLY D 105 16.23 -4.52 27.68
CA GLY D 105 16.04 -4.46 26.24
C GLY D 105 16.49 -3.13 25.68
N SER D 106 17.31 -3.16 24.61
CA SER D 106 17.84 -1.96 23.96
C SER D 106 16.79 -1.46 22.97
N VAL D 107 15.56 -1.29 23.49
CA VAL D 107 14.35 -0.88 22.79
C VAL D 107 13.77 0.38 23.43
N SER D 108 12.94 1.11 22.67
CA SER D 108 12.23 2.29 23.16
C SER D 108 10.87 1.82 23.70
N ARG D 109 10.57 2.15 24.97
CA ARG D 109 9.35 1.73 25.63
C ARG D 109 8.27 2.78 25.44
N ASP D 110 7.18 2.41 24.74
CA ASP D 110 6.05 3.29 24.48
C ASP D 110 5.23 3.45 25.74
N THR D 111 4.70 4.66 25.98
CA THR D 111 3.94 4.98 27.20
C THR D 111 2.41 4.85 27.07
N PHE D 112 1.91 4.14 26.04
CA PHE D 112 0.48 3.95 25.80
C PHE D 112 -0.25 3.16 26.91
N ASN D 113 0.53 2.45 27.76
CA ASN D 113 0.00 1.60 28.83
C ASN D 113 0.57 1.95 30.21
N THR D 114 1.35 3.04 30.33
CA THR D 114 1.90 3.35 31.65
C THR D 114 1.21 4.57 32.25
N GLU D 115 0.66 4.39 33.47
CA GLU D 115 -0.06 5.41 34.24
C GLU D 115 0.90 6.50 34.73
N GLN D 116 2.07 6.10 35.27
CA GLN D 116 3.09 7.01 35.79
C GLN D 116 4.48 6.38 35.77
N VAL D 117 5.53 7.24 35.78
CA VAL D 117 6.94 6.85 35.80
C VAL D 117 7.57 7.38 37.10
N GLU D 118 8.09 6.46 37.95
CA GLU D 118 8.71 6.78 39.24
C GLU D 118 10.22 6.72 39.14
N VAL D 119 10.83 7.91 39.22
CA VAL D 119 12.27 8.11 39.12
C VAL D 119 12.91 8.44 40.46
N ILE D 120 13.72 7.53 40.98
CA ILE D 120 14.47 7.68 42.22
C ILE D 120 15.96 7.84 41.89
N LYS D 121 16.54 8.96 42.33
CA LYS D 121 17.96 9.24 42.14
C LYS D 121 18.69 8.92 43.45
N GLY D 122 19.62 8.00 43.36
CA GLY D 122 20.35 7.50 44.51
C GLY D 122 19.91 6.06 44.67
N PRO D 123 20.79 5.09 44.31
CA PRO D 123 20.37 3.68 44.36
C PRO D 123 20.27 3.08 45.77
N SER D 124 19.41 2.08 45.88
CA SER D 124 19.21 1.28 47.08
C SER D 124 19.00 -0.18 46.64
N GLY D 125 19.83 -1.06 47.18
CA GLY D 125 19.78 -2.49 46.89
C GLY D 125 18.57 -3.15 47.52
N THR D 126 17.95 -2.47 48.52
CA THR D 126 16.75 -2.91 49.23
C THR D 126 15.55 -2.80 48.32
N ASP D 127 15.53 -1.75 47.48
CA ASP D 127 14.41 -1.44 46.60
C ASP D 127 14.09 -2.54 45.61
N TYR D 128 15.01 -2.87 44.68
CA TYR D 128 14.73 -3.88 43.66
C TYR D 128 15.89 -4.86 43.39
N GLY D 129 16.72 -5.12 44.39
CA GLY D 129 17.86 -6.03 44.26
C GLY D 129 19.04 -5.36 43.59
N ARG D 130 19.61 -6.01 42.53
CA ARG D 130 20.75 -5.50 41.74
C ARG D 130 20.36 -4.18 41.10
N SER D 131 21.32 -3.25 41.00
CA SER D 131 21.09 -1.91 40.43
C SER D 131 22.39 -1.27 39.95
N ALA D 132 22.26 -0.26 39.07
CA ALA D 132 23.38 0.55 38.62
C ALA D 132 23.59 1.57 39.75
N PRO D 133 24.80 2.19 39.90
CA PRO D 133 24.98 3.18 40.98
C PRO D 133 24.41 4.54 40.59
N THR D 134 23.13 4.51 40.12
CA THR D 134 22.38 5.62 39.56
C THR D 134 21.09 5.88 40.39
N GLY D 135 20.18 4.90 40.35
CA GLY D 135 18.89 4.88 41.03
C GLY D 135 17.89 3.99 40.29
N SER D 136 16.58 4.28 40.40
CA SER D 136 15.56 3.47 39.73
C SER D 136 14.65 4.23 38.77
N ILE D 137 14.17 3.54 37.72
CA ILE D 137 13.17 4.03 36.78
C ILE D 137 12.10 2.94 36.73
N ASN D 138 10.87 3.27 37.20
CA ASN D 138 9.77 2.31 37.27
C ASN D 138 8.52 2.84 36.57
N MET D 139 8.19 2.23 35.44
CA MET D 139 7.01 2.54 34.62
C MET D 139 5.84 1.71 35.18
N ILE D 140 4.89 2.38 35.84
CA ILE D 140 3.71 1.74 36.40
C ILE D 140 2.69 1.51 35.28
N SER D 141 2.24 0.25 35.11
CA SER D 141 1.27 -0.17 34.09
C SER D 141 -0.18 0.14 34.48
N LYS D 142 -1.02 0.41 33.46
CA LYS D 142 -2.44 0.72 33.55
C LYS D 142 -3.25 -0.52 33.92
N GLN D 143 -4.02 -0.42 35.03
CA GLN D 143 -4.89 -1.50 35.54
C GLN D 143 -6.37 -1.13 35.31
N PRO D 144 -7.34 -2.08 35.32
CA PRO D 144 -8.74 -1.69 35.08
C PRO D 144 -9.32 -0.73 36.13
N ARG D 145 -10.15 0.22 35.66
CA ARG D 145 -10.79 1.27 36.46
C ARG D 145 -12.19 0.84 36.96
N ASN D 146 -12.74 1.60 37.95
CA ASN D 146 -14.08 1.40 38.50
C ASN D 146 -15.07 2.01 37.50
N ASP D 147 -14.74 3.22 37.02
CA ASP D 147 -15.50 4.01 36.05
C ASP D 147 -15.28 3.50 34.62
N SER D 148 -16.35 3.44 33.82
CA SER D 148 -16.27 3.04 32.43
C SER D 148 -16.02 4.25 31.53
N GLY D 149 -15.22 4.06 30.49
CA GLY D 149 -14.89 5.12 29.56
C GLY D 149 -13.93 4.75 28.45
N ILE D 150 -14.12 5.38 27.28
CA ILE D 150 -13.31 5.26 26.05
C ILE D 150 -12.53 6.58 25.88
N ASP D 151 -11.24 6.48 25.54
CA ASP D 151 -10.36 7.62 25.34
C ASP D 151 -9.45 7.31 24.17
N ALA D 152 -9.73 7.91 23.02
CA ALA D 152 -8.97 7.72 21.78
C ALA D 152 -8.23 8.97 21.36
N SER D 153 -7.06 8.80 20.71
CA SER D 153 -6.26 9.90 20.20
C SER D 153 -5.65 9.65 18.83
N ALA D 154 -5.76 10.65 17.96
CA ALA D 154 -5.19 10.62 16.61
C ALA D 154 -4.10 11.71 16.55
N SER D 155 -2.97 11.42 15.85
CA SER D 155 -1.87 12.37 15.76
C SER D 155 -1.24 12.49 14.38
N ILE D 156 -0.93 13.74 13.98
CA ILE D 156 -0.26 14.11 12.74
C ILE D 156 0.93 15.02 13.07
N GLY D 157 2.08 14.76 12.46
CA GLY D 157 3.27 15.55 12.74
C GLY D 157 4.30 15.63 11.64
N SER D 158 5.41 16.35 11.92
CA SER D 158 6.53 16.56 11.00
C SER D 158 7.17 15.25 10.56
N ALA D 159 7.66 15.21 9.31
CA ALA D 159 8.28 14.04 8.65
C ALA D 159 7.32 12.85 8.53
N TRP D 160 6.04 13.16 8.19
CA TRP D 160 4.93 12.22 8.01
C TRP D 160 4.70 11.33 9.24
N PHE D 161 4.53 11.97 10.40
CA PHE D 161 4.25 11.28 11.66
C PHE D 161 2.76 10.98 11.77
N ARG D 162 2.43 9.76 12.22
CA ARG D 162 1.06 9.27 12.41
C ARG D 162 1.01 8.44 13.69
N ARG D 163 -0.05 8.61 14.50
CA ARG D 163 -0.24 7.88 15.74
C ARG D 163 -1.70 7.76 16.12
N GLY D 164 -2.09 6.55 16.48
CA GLY D 164 -3.43 6.21 16.92
C GLY D 164 -3.38 5.42 18.20
N THR D 165 -4.11 5.87 19.23
CA THR D 165 -4.20 5.21 20.53
C THR D 165 -5.63 5.10 21.00
N LEU D 166 -5.94 4.02 21.75
CA LEU D 166 -7.27 3.71 22.28
C LEU D 166 -7.17 3.16 23.71
N ASP D 167 -7.81 3.84 24.69
CA ASP D 167 -7.83 3.43 26.10
C ASP D 167 -9.29 3.18 26.53
N VAL D 168 -9.76 1.94 26.30
CA VAL D 168 -11.14 1.54 26.60
C VAL D 168 -11.24 0.79 27.92
N ASN D 169 -12.13 1.26 28.80
CA ASN D 169 -12.36 0.64 30.11
C ASN D 169 -13.84 0.31 30.28
N GLN D 170 -14.13 -0.97 30.57
CA GLN D 170 -15.50 -1.41 30.74
C GLN D 170 -15.66 -2.27 31.98
N VAL D 171 -16.55 -1.83 32.88
CA VAL D 171 -16.90 -2.55 34.10
C VAL D 171 -18.06 -3.49 33.73
N ILE D 172 -17.94 -4.77 34.11
CA ILE D 172 -18.96 -5.77 33.80
C ILE D 172 -19.95 -5.87 34.98
N GLY D 173 -19.55 -6.59 36.04
CA GLY D 173 -20.39 -6.76 37.22
C GLY D 173 -20.04 -5.75 38.29
N ASP D 174 -20.51 -5.99 39.52
CA ASP D 174 -20.20 -5.10 40.64
C ASP D 174 -18.74 -5.24 41.10
N THR D 175 -18.03 -6.28 40.60
CA THR D 175 -16.64 -6.57 41.00
C THR D 175 -15.66 -6.79 39.83
N THR D 176 -16.15 -7.01 38.60
CA THR D 176 -15.30 -7.29 37.45
C THR D 176 -15.25 -6.15 36.44
N ALA D 177 -14.03 -5.85 35.93
CA ALA D 177 -13.75 -4.81 34.91
C ALA D 177 -12.62 -5.20 33.96
N VAL D 178 -12.77 -4.84 32.66
CA VAL D 178 -11.79 -5.07 31.59
C VAL D 178 -11.19 -3.76 31.07
N ARG D 179 -9.96 -3.81 30.57
CA ARG D 179 -9.26 -2.64 30.02
C ARG D 179 -8.40 -3.01 28.85
N LEU D 180 -8.59 -2.32 27.70
CA LEU D 180 -7.79 -2.59 26.52
C LEU D 180 -7.12 -1.31 26.02
N ASN D 181 -5.78 -1.37 25.89
CA ASN D 181 -4.95 -0.28 25.38
C ASN D 181 -4.36 -0.71 24.04
N VAL D 182 -4.68 0.03 22.98
CA VAL D 182 -4.18 -0.28 21.64
C VAL D 182 -3.39 0.93 21.15
N MET D 183 -2.29 0.69 20.41
CA MET D 183 -1.39 1.74 19.92
C MET D 183 -0.87 1.42 18.52
N GLY D 184 -0.79 2.45 17.69
CA GLY D 184 -0.28 2.40 16.32
C GLY D 184 0.53 3.64 16.05
N GLU D 185 1.71 3.46 15.46
CA GLU D 185 2.63 4.56 15.13
C GLU D 185 3.43 4.20 13.87
N LYS D 186 3.56 5.16 12.96
CA LYS D 186 4.27 5.03 11.69
C LYS D 186 4.87 6.41 11.39
N THR D 187 6.22 6.52 11.32
CA THR D 187 6.87 7.82 11.10
C THR D 187 8.26 7.74 10.44
N HIS D 188 8.71 8.88 9.86
CA HIS D 188 10.05 9.10 9.32
C HIS D 188 10.79 9.98 10.34
N ASP D 189 12.02 10.42 10.02
CA ASP D 189 12.79 11.31 10.90
C ASP D 189 12.96 12.67 10.25
N ALA D 190 12.67 13.72 11.02
CA ALA D 190 12.75 15.12 10.59
C ALA D 190 14.15 15.60 10.22
N GLY D 191 15.14 15.20 11.02
CA GLY D 191 16.52 15.61 10.79
C GLY D 191 17.44 14.55 10.24
N ARG D 192 16.91 13.37 9.87
CA ARG D 192 17.72 12.25 9.39
C ARG D 192 17.05 11.53 8.21
N ASP D 193 17.77 11.44 7.07
CA ASP D 193 17.29 10.76 5.86
C ASP D 193 17.23 9.25 6.05
N LYS D 194 16.24 8.58 5.39
CA LYS D 194 15.99 7.12 5.34
C LYS D 194 15.60 6.45 6.69
N VAL D 195 15.62 7.19 7.81
CA VAL D 195 15.23 6.63 9.09
C VAL D 195 13.70 6.55 9.16
N LYS D 196 13.19 5.34 9.42
CA LYS D 196 11.77 5.07 9.58
C LYS D 196 11.58 4.39 10.96
N ASN D 197 10.40 4.56 11.57
CA ASN D 197 10.05 3.99 12.88
C ASN D 197 8.57 3.65 12.90
N GLU D 198 8.27 2.36 12.97
CA GLU D 198 6.90 1.84 12.94
C GLU D 198 6.68 0.85 14.08
N ARG D 199 5.60 1.07 14.87
CA ARG D 199 5.29 0.18 15.98
C ARG D 199 3.80 0.06 16.29
N TYR D 200 3.40 -1.12 16.80
CA TYR D 200 2.03 -1.38 17.22
C TYR D 200 1.98 -2.12 18.56
N GLY D 201 1.07 -1.69 19.42
CA GLY D 201 0.86 -2.27 20.74
C GLY D 201 -0.57 -2.69 21.03
N VAL D 202 -0.72 -3.76 21.82
CA VAL D 202 -2.00 -4.30 22.31
C VAL D 202 -1.78 -4.63 23.79
N ALA D 203 -2.73 -4.21 24.66
CA ALA D 203 -2.64 -4.44 26.11
C ALA D 203 -4.00 -4.71 26.79
N PRO D 204 -4.49 -5.97 26.70
CA PRO D 204 -5.75 -6.32 27.38
C PRO D 204 -5.51 -6.56 28.88
N SER D 205 -6.56 -6.42 29.68
CA SER D 205 -6.53 -6.59 31.13
C SER D 205 -7.89 -7.00 31.68
N VAL D 206 -7.91 -7.71 32.83
CA VAL D 206 -9.14 -8.10 33.52
C VAL D 206 -8.90 -8.09 35.05
N ALA D 207 -9.81 -7.43 35.80
CA ALA D 207 -9.76 -7.32 37.26
C ALA D 207 -10.98 -7.95 37.84
N PHE D 208 -10.78 -8.83 38.84
CA PHE D 208 -11.85 -9.54 39.56
C PHE D 208 -11.84 -9.13 41.03
N GLY D 209 -13.01 -9.09 41.65
CA GLY D 209 -13.16 -8.72 43.06
C GLY D 209 -12.82 -7.28 43.41
N LEU D 210 -13.13 -6.33 42.51
CA LEU D 210 -12.87 -4.91 42.77
C LEU D 210 -13.80 -4.40 43.87
N GLY D 211 -13.19 -3.73 44.85
CA GLY D 211 -13.89 -3.21 46.01
C GLY D 211 -14.22 -4.30 47.01
N THR D 212 -13.39 -5.37 47.00
CA THR D 212 -13.49 -6.56 47.85
C THR D 212 -12.12 -6.84 48.49
N ALA D 213 -12.09 -7.65 49.57
CA ALA D 213 -10.88 -8.08 50.26
C ALA D 213 -10.02 -8.95 49.35
N ASN D 214 -10.65 -9.75 48.44
CA ASN D 214 -9.94 -10.60 47.50
C ASN D 214 -9.98 -10.03 46.09
N ARG D 215 -8.80 -9.90 45.45
CA ARG D 215 -8.66 -9.33 44.11
C ARG D 215 -7.69 -10.13 43.24
N LEU D 216 -7.97 -10.17 41.92
CA LEU D 216 -7.15 -10.83 40.91
C LEU D 216 -7.09 -9.92 39.69
N TYR D 217 -5.86 -9.55 39.29
CA TYR D 217 -5.55 -8.69 38.14
C TYR D 217 -4.76 -9.52 37.12
N LEU D 218 -5.29 -9.65 35.89
CA LEU D 218 -4.64 -10.39 34.80
C LEU D 218 -4.37 -9.42 33.68
N ASN D 219 -3.10 -9.36 33.24
CA ASN D 219 -2.62 -8.44 32.21
C ASN D 219 -1.78 -9.13 31.16
N TYR D 220 -1.81 -8.58 29.94
CA TYR D 220 -1.00 -8.97 28.80
C TYR D 220 -0.55 -7.73 28.01
N LEU D 221 0.65 -7.79 27.41
CA LEU D 221 1.22 -6.70 26.61
C LEU D 221 2.01 -7.25 25.44
N HIS D 222 1.71 -6.78 24.23
CA HIS D 222 2.39 -7.14 23.00
C HIS D 222 2.81 -5.89 22.25
N VAL D 223 4.09 -5.83 21.84
CA VAL D 223 4.64 -4.72 21.05
C VAL D 223 5.55 -5.27 19.94
N THR D 224 5.22 -4.97 18.68
CA THR D 224 6.02 -5.32 17.50
C THR D 224 6.56 -4.01 16.96
N GLN D 225 7.85 -3.97 16.63
CA GLN D 225 8.52 -2.77 16.10
C GLN D 225 9.28 -3.09 14.82
N HIS D 226 9.23 -2.15 13.87
CA HIS D 226 9.93 -2.23 12.60
C HIS D 226 10.51 -0.85 12.32
N ASN D 227 11.68 -0.59 12.89
CA ASN D 227 12.39 0.66 12.77
C ASN D 227 13.58 0.51 11.83
N THR D 228 14.20 1.63 11.46
CA THR D 228 15.39 1.74 10.63
C THR D 228 16.41 2.42 11.56
N PRO D 229 17.55 1.77 11.87
CA PRO D 229 18.44 2.35 12.87
C PRO D 229 19.47 3.33 12.31
N ASP D 230 19.75 4.35 13.12
CA ASP D 230 20.66 5.45 12.83
C ASP D 230 21.90 5.36 13.70
N GLY D 231 23.05 5.19 13.06
CA GLY D 231 24.34 5.07 13.74
C GLY D 231 25.09 6.39 13.84
N GLY D 232 24.47 7.49 13.42
CA GLY D 232 25.08 8.81 13.48
C GLY D 232 25.78 9.29 12.23
N ILE D 233 26.40 10.49 12.33
CA ILE D 233 27.08 11.22 11.25
C ILE D 233 28.53 11.65 11.61
N PRO D 234 29.44 11.87 10.62
CA PRO D 234 30.80 12.32 10.97
C PRO D 234 30.84 13.62 11.77
N THR D 235 31.73 13.63 12.76
CA THR D 235 31.97 14.75 13.64
C THR D 235 32.84 15.85 12.99
N ILE D 236 33.05 15.80 11.65
CA ILE D 236 33.87 16.81 10.93
C ILE D 236 33.22 18.18 11.11
N GLY D 237 34.06 19.19 11.40
CA GLY D 237 33.65 20.57 11.57
C GLY D 237 33.02 20.93 12.89
N LEU D 238 32.93 19.96 13.82
CA LEU D 238 32.33 20.19 15.14
C LEU D 238 33.31 20.95 16.03
N PRO D 239 32.86 21.62 17.12
CA PRO D 239 33.83 22.30 18.01
C PRO D 239 34.72 21.30 18.71
N GLY D 240 35.99 21.28 18.35
CA GLY D 240 36.97 20.34 18.91
C GLY D 240 37.57 19.38 17.89
N TYR D 241 36.89 19.20 16.74
CA TYR D 241 37.34 18.35 15.63
C TYR D 241 38.62 18.92 15.01
N SER D 242 39.52 18.01 14.63
CA SER D 242 40.79 18.28 13.97
C SER D 242 41.00 17.17 12.93
N ALA D 243 41.62 17.48 11.76
CA ALA D 243 41.92 16.47 10.74
C ALA D 243 42.90 15.43 11.34
N PRO D 244 42.72 14.12 11.07
CA PRO D 244 43.55 13.11 11.75
C PRO D 244 45.02 12.99 11.29
N SER D 245 45.37 13.63 10.16
CA SER D 245 46.71 13.57 9.57
C SER D 245 46.97 14.72 8.58
N ALA D 246 48.25 14.89 8.18
CA ALA D 246 48.66 15.89 7.20
C ALA D 246 48.09 15.50 5.82
N GLY D 247 48.00 14.18 5.58
CA GLY D 247 47.45 13.60 4.36
C GLY D 247 46.01 13.97 4.12
N THR D 248 45.22 14.11 5.21
CA THR D 248 43.80 14.46 5.24
C THR D 248 43.56 15.90 5.75
N ALA D 249 44.59 16.77 5.67
CA ALA D 249 44.55 18.17 6.13
C ALA D 249 43.33 18.96 5.68
N ALA D 250 42.85 18.71 4.44
CA ALA D 250 41.68 19.34 3.82
C ALA D 250 40.45 19.38 4.73
N LEU D 251 40.27 18.31 5.57
CA LEU D 251 39.17 18.12 6.52
C LEU D 251 39.07 19.17 7.65
N ASN D 252 40.07 20.06 7.74
CA ASN D 252 40.07 21.13 8.72
C ASN D 252 39.35 22.37 8.18
N HIS D 253 38.90 22.32 6.92
CA HIS D 253 38.27 23.46 6.24
C HIS D 253 37.00 23.12 5.49
N SER D 254 36.72 21.81 5.27
CA SER D 254 35.55 21.39 4.51
C SER D 254 34.22 21.57 5.28
N GLY D 255 34.31 21.81 6.60
CA GLY D 255 33.15 22.09 7.45
C GLY D 255 32.28 20.90 7.82
N LYS D 256 31.18 21.17 8.51
CA LYS D 256 30.24 20.14 8.95
C LYS D 256 29.48 19.47 7.79
N VAL D 257 29.16 18.18 7.96
CA VAL D 257 28.36 17.42 6.98
C VAL D 257 26.90 17.86 7.16
N ASP D 258 26.05 17.64 6.14
CA ASP D 258 24.63 17.95 6.24
C ASP D 258 24.07 17.01 7.34
N THR D 259 23.42 17.57 8.36
CA THR D 259 22.90 16.79 9.50
C THR D 259 21.82 15.77 9.10
N HIS D 260 21.32 15.84 7.85
CA HIS D 260 20.31 14.91 7.34
C HIS D 260 20.92 13.65 6.75
N ASN D 261 22.17 13.75 6.23
CA ASN D 261 22.93 12.69 5.54
C ASN D 261 22.91 11.30 6.21
N PHE D 262 22.45 10.27 5.45
CA PHE D 262 22.42 8.90 5.96
C PHE D 262 23.60 8.09 5.45
N TYR D 263 24.43 7.64 6.41
CA TYR D 263 25.67 6.88 6.18
C TYR D 263 25.48 5.38 6.27
N GLY D 264 24.22 4.97 6.46
CA GLY D 264 23.85 3.58 6.55
C GLY D 264 23.67 2.90 5.22
N THR D 265 22.80 1.88 5.21
CA THR D 265 22.50 1.10 4.01
C THR D 265 20.99 0.79 3.92
N ASP D 266 20.52 0.40 2.72
CA ASP D 266 19.12 0.04 2.54
C ASP D 266 18.75 -1.32 3.18
N SER D 267 19.77 -2.07 3.69
CA SER D 267 19.58 -3.33 4.40
C SER D 267 19.39 -3.11 5.89
N ASP D 268 19.71 -1.89 6.39
CA ASP D 268 19.59 -1.51 7.79
C ASP D 268 18.14 -1.55 8.28
N TYR D 269 17.90 -2.32 9.34
CA TYR D 269 16.59 -2.53 9.96
C TYR D 269 16.77 -2.72 11.46
N ASP D 270 15.70 -2.51 12.23
CA ASP D 270 15.64 -2.69 13.68
C ASP D 270 14.28 -3.30 14.01
N ASP D 271 14.25 -4.61 14.23
CA ASP D 271 13.01 -5.33 14.52
C ASP D 271 13.02 -5.86 15.95
N SER D 272 11.93 -5.62 16.71
CA SER D 272 11.81 -6.09 18.09
C SER D 272 10.37 -6.40 18.53
N THR D 273 10.20 -7.51 19.29
CA THR D 273 8.90 -7.92 19.83
C THR D 273 8.96 -8.10 21.35
N THR D 274 7.92 -7.61 22.05
CA THR D 274 7.82 -7.71 23.50
C THR D 274 6.47 -8.33 23.91
N ASP D 275 6.51 -9.36 24.78
CA ASP D 275 5.34 -10.06 25.28
C ASP D 275 5.48 -10.24 26.79
N THR D 276 4.58 -9.63 27.59
CA THR D 276 4.63 -9.70 29.05
C THR D 276 3.25 -10.05 29.63
N ALA D 277 3.14 -11.27 30.17
CA ALA D 277 1.94 -11.79 30.82
C ALA D 277 2.17 -11.63 32.32
N THR D 278 1.21 -11.00 33.03
CA THR D 278 1.29 -10.70 34.47
C THR D 278 -0.01 -11.08 35.19
N MET D 279 0.13 -11.72 36.37
CA MET D 279 -0.99 -12.19 37.19
C MET D 279 -0.76 -11.80 38.67
N ARG D 280 -1.64 -10.90 39.19
CA ARG D 280 -1.54 -10.36 40.56
C ARG D 280 -2.73 -10.69 41.45
N PHE D 281 -2.50 -11.44 42.55
CA PHE D 281 -3.53 -11.78 43.55
C PHE D 281 -3.34 -10.83 44.74
N GLU D 282 -4.43 -10.37 45.37
CA GLU D 282 -4.34 -9.46 46.53
C GLU D 282 -5.39 -9.83 47.58
N HIS D 283 -4.92 -10.10 48.81
CA HIS D 283 -5.79 -10.47 49.93
C HIS D 283 -5.73 -9.48 51.11
N ASP D 284 -6.85 -8.80 51.38
CA ASP D 284 -6.93 -7.88 52.51
C ASP D 284 -7.27 -8.72 53.74
N ILE D 285 -6.29 -8.90 54.67
CA ILE D 285 -6.47 -9.66 55.90
C ILE D 285 -7.40 -8.84 56.80
N ASN D 286 -7.15 -7.54 56.85
CA ASN D 286 -7.90 -6.51 57.59
C ASN D 286 -7.60 -5.15 56.95
N ASP D 287 -8.42 -4.12 57.24
CA ASP D 287 -8.27 -2.75 56.72
C ASP D 287 -6.84 -2.19 56.78
N ASN D 288 -5.98 -2.75 57.69
CA ASN D 288 -4.58 -2.39 57.92
C ASN D 288 -3.56 -3.31 57.21
N THR D 289 -3.90 -4.60 57.08
CA THR D 289 -3.02 -5.63 56.52
C THR D 289 -3.47 -6.08 55.12
N THR D 290 -2.48 -6.18 54.20
CA THR D 290 -2.66 -6.62 52.81
C THR D 290 -1.47 -7.48 52.38
N ILE D 291 -1.76 -8.62 51.74
CA ILE D 291 -0.80 -9.60 51.21
C ILE D 291 -1.04 -9.74 49.71
N ARG D 292 0.04 -9.75 48.91
CA ARG D 292 -0.02 -9.81 47.43
C ARG D 292 0.89 -10.90 46.85
N ASN D 293 0.58 -11.35 45.63
CA ASN D 293 1.40 -12.32 44.91
C ASN D 293 1.38 -11.92 43.45
N THR D 294 2.54 -11.46 42.94
CA THR D 294 2.71 -11.01 41.56
C THR D 294 3.59 -11.99 40.79
N THR D 295 3.01 -12.55 39.72
CA THR D 295 3.69 -13.51 38.84
C THR D 295 3.79 -12.92 37.45
N ARG D 296 5.01 -12.81 36.91
CA ARG D 296 5.22 -12.28 35.56
C ARG D 296 6.16 -13.13 34.72
N TRP D 297 5.74 -13.36 33.47
CA TRP D 297 6.56 -13.98 32.43
C TRP D 297 6.72 -12.89 31.38
N SER D 298 7.96 -12.61 30.98
CA SER D 298 8.22 -11.58 29.98
C SER D 298 9.35 -11.93 29.02
N ARG D 299 9.17 -11.62 27.73
CA ARG D 299 10.18 -11.86 26.71
C ARG D 299 10.31 -10.65 25.79
N VAL D 300 11.56 -10.18 25.58
CA VAL D 300 11.88 -9.07 24.69
C VAL D 300 12.96 -9.54 23.70
N LYS D 301 12.58 -9.67 22.43
CA LYS D 301 13.46 -10.08 21.34
C LYS D 301 13.75 -8.85 20.53
N GLN D 302 14.97 -8.75 19.97
CA GLN D 302 15.42 -7.66 19.10
C GLN D 302 16.53 -8.16 18.18
N ASP D 303 16.43 -7.81 16.89
CA ASP D 303 17.43 -8.09 15.87
C ASP D 303 17.60 -6.90 14.95
N TYR D 304 18.85 -6.46 14.75
CA TYR D 304 19.14 -5.31 13.91
C TYR D 304 20.46 -5.36 13.17
N LEU D 305 20.53 -4.56 12.08
CA LEU D 305 21.70 -4.31 11.25
C LEU D 305 21.81 -2.78 11.17
N MET D 306 22.94 -2.25 11.65
CA MET D 306 23.21 -0.81 11.69
C MET D 306 24.49 -0.54 10.99
N THR D 307 24.80 0.75 10.85
CA THR D 307 26.04 1.18 10.27
C THR D 307 26.69 2.20 11.17
N ALA D 308 27.89 1.88 11.63
CA ALA D 308 28.79 2.74 12.36
C ALA D 308 29.82 3.18 11.29
N ILE D 309 30.33 4.41 11.41
CA ILE D 309 31.32 4.94 10.48
C ILE D 309 32.63 5.15 11.24
N MET D 310 33.75 5.15 10.49
CA MET D 310 35.08 5.36 11.05
C MET D 310 35.90 6.27 10.16
N GLY D 311 36.59 7.25 10.76
CA GLY D 311 37.34 8.25 10.01
C GLY D 311 38.74 8.61 10.42
N GLY D 312 39.52 7.61 10.83
CA GLY D 312 40.94 7.79 11.14
C GLY D 312 41.73 7.90 9.85
N ALA D 313 43.03 8.19 9.95
CA ALA D 313 43.88 8.33 8.77
C ALA D 313 43.85 7.07 7.88
N SER D 314 43.83 5.88 8.49
CA SER D 314 43.77 4.58 7.83
C SER D 314 42.39 4.24 7.26
N ASN D 315 41.32 4.90 7.81
CA ASN D 315 39.92 4.71 7.45
C ASN D 315 39.45 5.60 6.29
N ILE D 316 40.30 6.58 5.88
CA ILE D 316 40.01 7.52 4.80
C ILE D 316 40.71 7.13 3.46
N THR D 317 39.96 7.22 2.34
CA THR D 317 40.48 6.98 1.00
C THR D 317 40.20 8.22 0.14
N GLN D 318 41.21 8.64 -0.67
CA GLN D 318 41.13 9.85 -1.49
C GLN D 318 41.25 9.49 -2.97
N PRO D 319 40.11 9.16 -3.66
CA PRO D 319 40.19 8.84 -5.11
C PRO D 319 40.77 10.01 -5.92
N THR D 320 40.30 11.22 -5.60
CA THR D 320 40.70 12.53 -6.13
C THR D 320 41.19 13.31 -4.91
N SER D 321 41.97 14.39 -5.13
CA SER D 321 42.48 15.28 -4.08
C SER D 321 41.34 16.12 -3.48
N ASP D 322 40.19 16.19 -4.20
CA ASP D 322 38.98 16.91 -3.82
C ASP D 322 38.21 16.08 -2.80
N VAL D 323 37.92 16.68 -1.63
CA VAL D 323 37.21 16.07 -0.49
C VAL D 323 35.84 15.46 -0.84
N ASN D 324 35.22 15.95 -1.92
CA ASN D 324 33.93 15.46 -2.38
C ASN D 324 33.99 13.99 -2.81
N SER D 325 35.20 13.53 -3.22
CA SER D 325 35.45 12.15 -3.65
C SER D 325 35.81 11.25 -2.46
N TRP D 326 36.38 11.84 -1.38
CA TRP D 326 36.87 11.15 -0.18
C TRP D 326 35.80 10.38 0.56
N THR D 327 36.22 9.26 1.19
CA THR D 327 35.35 8.36 1.94
C THR D 327 35.85 8.05 3.38
N TRP D 328 34.91 7.58 4.20
CA TRP D 328 35.08 7.06 5.55
C TRP D 328 34.62 5.60 5.46
N SER D 329 35.17 4.71 6.29
CA SER D 329 34.80 3.30 6.25
C SER D 329 33.56 3.01 7.09
N ARG D 330 32.73 2.09 6.61
CA ARG D 330 31.53 1.62 7.30
C ARG D 330 31.88 0.37 8.12
N THR D 331 31.17 0.17 9.23
CA THR D 331 31.30 -1.00 10.10
C THR D 331 29.90 -1.46 10.47
N ALA D 332 29.60 -2.73 10.21
CA ALA D 332 28.31 -3.31 10.51
C ALA D 332 28.12 -3.45 12.04
N ASN D 333 26.95 -3.05 12.54
CA ASN D 333 26.59 -3.19 13.95
C ASN D 333 25.32 -4.05 14.04
N THR D 334 25.53 -5.34 14.31
CA THR D 334 24.45 -6.35 14.35
C THR D 334 24.09 -6.81 15.78
N LYS D 335 22.84 -7.25 15.96
CA LYS D 335 22.32 -7.75 17.23
C LYS D 335 21.13 -8.65 16.96
N ASP D 336 21.11 -9.84 17.57
CA ASP D 336 20.03 -10.83 17.50
C ASP D 336 20.04 -11.34 18.95
N VAL D 337 19.13 -10.80 19.79
CA VAL D 337 19.07 -11.06 21.23
C VAL D 337 17.65 -11.44 21.76
N SER D 338 17.60 -12.09 22.93
CA SER D 338 16.35 -12.46 23.59
C SER D 338 16.56 -12.34 25.09
N ASN D 339 15.72 -11.51 25.75
CA ASN D 339 15.76 -11.27 27.19
C ASN D 339 14.44 -11.78 27.77
N LYS D 340 14.53 -12.81 28.64
CA LYS D 340 13.39 -13.47 29.28
C LYS D 340 13.46 -13.33 30.80
N ILE D 341 12.30 -13.07 31.43
CA ILE D 341 12.20 -12.96 32.88
C ILE D 341 10.97 -13.68 33.39
N LEU D 342 11.18 -14.55 34.37
CA LEU D 342 10.12 -15.27 35.06
C LEU D 342 10.32 -14.90 36.53
N THR D 343 9.23 -14.45 37.20
CA THR D 343 9.30 -14.00 38.60
C THR D 343 8.01 -14.22 39.37
N ASN D 344 8.17 -14.50 40.67
CA ASN D 344 7.09 -14.58 41.65
C ASN D 344 7.51 -13.71 42.80
N GLN D 345 6.70 -12.69 43.09
CA GLN D 345 6.94 -11.71 44.15
C GLN D 345 5.79 -11.72 45.12
N THR D 346 6.08 -11.93 46.42
CA THR D 346 5.07 -11.91 47.50
C THR D 346 5.37 -10.75 48.41
N ASN D 347 4.36 -9.89 48.68
CA ASN D 347 4.53 -8.70 49.52
C ASN D 347 3.41 -8.56 50.52
N LEU D 348 3.79 -8.35 51.79
CA LEU D 348 2.88 -8.16 52.92
C LEU D 348 3.12 -6.78 53.53
N THR D 349 2.07 -5.97 53.60
CA THR D 349 2.10 -4.64 54.20
C THR D 349 1.14 -4.60 55.38
N SER D 350 1.65 -4.24 56.56
CA SER D 350 0.84 -4.15 57.78
C SER D 350 1.07 -2.84 58.52
N THR D 351 0.05 -2.39 59.29
CA THR D 351 0.15 -1.18 60.10
C THR D 351 -0.45 -1.46 61.47
N PHE D 352 0.33 -1.17 62.53
CA PHE D 352 -0.02 -1.46 63.92
C PHE D 352 0.81 -0.59 64.88
N TYR D 353 0.49 -0.67 66.18
CA TYR D 353 1.22 0.04 67.22
C TYR D 353 1.91 -0.95 68.15
N THR D 354 3.05 -0.52 68.69
CA THR D 354 3.86 -1.19 69.71
C THR D 354 4.00 -0.09 70.76
N GLY D 355 2.94 0.05 71.56
CA GLY D 355 2.83 1.10 72.56
C GLY D 355 2.56 2.42 71.86
N SER D 356 3.47 3.38 72.04
CA SER D 356 3.40 4.72 71.44
C SER D 356 3.91 4.72 69.99
N ILE D 357 4.79 3.76 69.63
CA ILE D 357 5.39 3.67 68.29
C ILE D 357 4.40 3.10 67.28
N GLY D 358 4.26 3.79 66.16
CA GLY D 358 3.43 3.38 65.03
C GLY D 358 4.30 2.73 63.98
N HIS D 359 3.80 1.64 63.37
CA HIS D 359 4.54 0.88 62.35
C HIS D 359 3.79 0.80 61.01
N ASP D 360 4.52 0.99 59.90
CA ASP D 360 4.05 0.87 58.52
C ASP D 360 5.06 -0.09 57.88
N VAL D 361 4.79 -1.40 58.05
CA VAL D 361 5.67 -2.49 57.61
C VAL D 361 5.35 -2.93 56.18
N SER D 362 6.40 -3.26 55.42
CA SER D 362 6.36 -3.74 54.05
C SER D 362 7.44 -4.81 53.97
N THR D 363 7.05 -6.07 53.73
CA THR D 363 7.99 -7.19 53.72
C THR D 363 7.65 -8.17 52.60
N GLY D 364 8.59 -9.00 52.19
CA GLY D 364 8.30 -9.97 51.14
C GLY D 364 9.39 -10.92 50.70
N VAL D 365 8.99 -11.94 49.89
CA VAL D 365 9.87 -12.96 49.30
C VAL D 365 9.70 -13.00 47.80
N GLU D 366 10.84 -12.91 47.08
CA GLU D 366 10.91 -12.92 45.62
C GLU D 366 11.68 -14.12 45.07
N PHE D 367 11.24 -14.63 43.92
CA PHE D 367 11.82 -15.80 43.21
C PHE D 367 11.91 -15.40 41.75
N THR D 368 13.11 -15.27 41.20
CA THR D 368 13.27 -14.82 39.81
C THR D 368 14.30 -15.61 39.02
N ARG D 369 14.01 -15.82 37.72
CA ARG D 369 14.92 -16.40 36.75
C ARG D 369 14.98 -15.42 35.59
N GLU D 370 16.18 -14.88 35.34
CA GLU D 370 16.45 -13.96 34.24
C GLU D 370 17.36 -14.69 33.27
N THR D 371 17.08 -14.60 31.97
CA THR D 371 17.90 -15.26 30.96
C THR D 371 18.07 -14.32 29.76
N GLN D 372 19.25 -14.37 29.11
CA GLN D 372 19.61 -13.57 27.95
C GLN D 372 20.43 -14.41 26.99
N THR D 373 20.06 -14.39 25.69
CA THR D 373 20.78 -15.13 24.66
C THR D 373 21.05 -14.23 23.46
N ASN D 374 22.33 -14.05 23.14
CA ASN D 374 22.77 -13.24 22.02
C ASN D 374 23.16 -14.18 20.91
N TYR D 375 22.24 -14.41 19.94
CA TYR D 375 22.47 -15.29 18.80
C TYR D 375 23.47 -14.68 17.84
N GLY D 376 24.53 -15.44 17.57
CA GLY D 376 25.59 -14.99 16.68
C GLY D 376 25.17 -14.97 15.23
N VAL D 377 25.68 -14.00 14.46
CA VAL D 377 25.40 -13.88 13.03
C VAL D 377 26.70 -13.80 12.22
N ASN D 378 26.63 -14.13 10.93
CA ASN D 378 27.80 -14.07 10.08
C ASN D 378 28.23 -12.62 9.93
N PRO D 379 29.54 -12.30 9.90
CA PRO D 379 29.95 -10.90 9.75
C PRO D 379 29.45 -10.32 8.44
N VAL D 380 28.93 -9.08 8.49
CA VAL D 380 28.42 -8.36 7.32
C VAL D 380 29.53 -7.40 6.93
N THR D 381 29.93 -7.44 5.65
CA THR D 381 30.97 -6.60 5.08
C THR D 381 30.29 -5.39 4.46
N LEU D 382 30.69 -4.19 4.89
CA LEU D 382 30.11 -2.97 4.35
C LEU D 382 31.13 -2.16 3.52
N PRO D 383 30.72 -1.58 2.38
CA PRO D 383 31.67 -0.77 1.60
C PRO D 383 31.79 0.65 2.15
N ALA D 384 32.92 1.34 1.85
CA ALA D 384 33.18 2.72 2.28
C ALA D 384 32.15 3.70 1.74
N VAL D 385 31.76 4.65 2.57
CA VAL D 385 30.77 5.69 2.29
C VAL D 385 31.46 7.05 2.06
N ASN D 386 30.98 7.83 1.06
CA ASN D 386 31.45 9.19 0.75
C ASN D 386 31.15 10.13 1.95
N ILE D 387 32.11 11.01 2.29
CA ILE D 387 31.99 11.91 3.45
C ILE D 387 30.82 12.88 3.34
N TYR D 388 30.80 13.72 2.29
CA TYR D 388 29.79 14.77 2.14
C TYR D 388 28.60 14.39 1.28
N HIS D 389 28.73 13.32 0.49
CA HIS D 389 27.64 12.86 -0.37
C HIS D 389 27.45 11.33 -0.20
N PRO D 390 26.98 10.86 0.99
CA PRO D 390 26.83 9.41 1.19
C PRO D 390 25.82 8.72 0.29
N ASP D 391 26.20 7.57 -0.28
CA ASP D 391 25.27 6.78 -1.07
C ASP D 391 24.84 5.56 -0.23
N SER D 392 23.66 5.66 0.42
CA SER D 392 23.05 4.61 1.24
C SER D 392 22.18 3.63 0.40
N SER D 393 21.96 3.95 -0.90
N SER D 393 21.99 3.95 -0.90
CA SER D 393 21.16 3.14 -1.81
CA SER D 393 21.20 3.16 -1.84
C SER D 393 21.91 1.88 -2.27
C SER D 393 21.97 1.90 -2.28
N ILE D 394 22.28 1.02 -1.30
CA ILE D 394 23.01 -0.26 -1.49
C ILE D 394 22.38 -1.33 -0.62
N HIS D 395 22.43 -2.60 -1.07
CA HIS D 395 21.81 -3.74 -0.38
C HIS D 395 22.79 -4.86 0.00
N PRO D 396 23.43 -4.76 1.18
CA PRO D 396 24.37 -5.81 1.63
C PRO D 396 23.66 -7.11 2.00
N GLY D 397 22.40 -7.00 2.41
CA GLY D 397 21.56 -8.13 2.78
C GLY D 397 21.25 -8.21 4.26
N GLY D 398 20.42 -9.16 4.63
CA GLY D 398 20.03 -9.42 6.03
C GLY D 398 21.04 -10.25 6.78
N LEU D 399 20.71 -10.62 8.04
CA LEU D 399 21.63 -11.40 8.88
C LEU D 399 21.35 -12.89 8.80
N THR D 400 22.36 -13.71 9.15
CA THR D 400 22.27 -15.17 9.15
C THR D 400 22.91 -15.71 10.42
N ARG D 401 22.12 -16.35 11.32
CA ARG D 401 22.64 -16.96 12.55
C ARG D 401 23.70 -18.02 12.24
N ASN D 402 24.80 -18.03 13.02
CA ASN D 402 25.93 -18.94 12.80
C ASN D 402 26.06 -20.08 13.85
N GLY D 403 25.27 -20.02 14.92
CA GLY D 403 25.30 -21.03 15.98
C GLY D 403 26.25 -20.70 17.11
N ALA D 404 27.06 -19.64 16.93
CA ALA D 404 28.03 -19.20 17.92
C ALA D 404 27.37 -18.13 18.77
N ASN D 405 26.68 -18.54 19.86
CA ASN D 405 25.93 -17.66 20.76
C ASN D 405 26.46 -17.62 22.21
N ALA D 406 25.95 -16.62 22.99
CA ALA D 406 26.25 -16.37 24.39
C ALA D 406 25.00 -16.52 25.22
N ASN D 407 25.01 -17.43 26.20
CA ASN D 407 23.86 -17.71 27.07
C ASN D 407 24.11 -17.39 28.55
N GLY D 408 23.45 -16.34 29.02
CA GLY D 408 23.50 -15.90 30.40
C GLY D 408 22.18 -16.14 31.11
N GLN D 409 22.24 -16.51 32.41
CA GLN D 409 21.08 -16.75 33.27
C GLN D 409 21.40 -16.44 34.71
N THR D 410 20.47 -15.77 35.42
CA THR D 410 20.59 -15.42 36.84
C THR D 410 19.36 -15.86 37.59
N ASP D 411 19.56 -16.73 38.61
CA ASP D 411 18.50 -17.18 39.51
C ASP D 411 18.69 -16.38 40.78
N THR D 412 17.59 -15.72 41.24
CA THR D 412 17.63 -14.84 42.42
C THR D 412 16.47 -15.11 43.37
N PHE D 413 16.82 -15.31 44.65
CA PHE D 413 15.90 -15.42 45.77
C PHE D 413 16.21 -14.28 46.72
N ALA D 414 15.26 -13.34 46.85
CA ALA D 414 15.41 -12.17 47.71
C ALA D 414 14.33 -12.09 48.79
N ILE D 415 14.76 -11.76 50.02
CA ILE D 415 13.91 -11.55 51.20
C ILE D 415 14.17 -10.13 51.70
N TYR D 416 13.12 -9.40 52.05
CA TYR D 416 13.26 -8.01 52.51
C TYR D 416 12.26 -7.66 53.58
N ALA D 417 12.59 -6.63 54.36
CA ALA D 417 11.74 -6.08 55.42
C ALA D 417 12.04 -4.60 55.54
N PHE D 418 10.99 -3.80 55.42
CA PHE D 418 10.99 -2.34 55.45
C PHE D 418 10.05 -1.93 56.59
N ASP D 419 10.41 -0.89 57.34
CA ASP D 419 9.60 -0.38 58.43
C ASP D 419 9.75 1.12 58.57
N THR D 420 8.61 1.80 58.71
CA THR D 420 8.55 3.23 58.93
C THR D 420 7.98 3.43 60.32
N LEU D 421 8.85 3.80 61.27
CA LEU D 421 8.44 4.04 62.66
C LEU D 421 7.92 5.47 62.82
N GLN D 422 6.80 5.62 63.54
CA GLN D 422 6.21 6.94 63.84
C GLN D 422 6.41 7.18 65.35
N ILE D 423 7.56 7.77 65.70
CA ILE D 423 7.95 8.04 67.08
C ILE D 423 7.07 9.11 67.71
N THR D 424 6.84 10.23 66.99
CA THR D 424 5.93 11.34 67.34
C THR D 424 5.22 11.80 66.07
N ARG D 425 4.26 12.74 66.20
CA ARG D 425 3.50 13.30 65.07
C ARG D 425 4.45 13.99 64.08
N ASP D 426 5.51 14.65 64.62
CA ASP D 426 6.55 15.38 63.87
C ASP D 426 7.80 14.52 63.50
N PHE D 427 8.04 13.39 64.21
CA PHE D 427 9.25 12.57 64.00
C PHE D 427 8.98 11.14 63.49
N GLU D 428 9.73 10.73 62.46
CA GLU D 428 9.66 9.43 61.79
C GLU D 428 11.05 8.82 61.53
N LEU D 429 11.16 7.50 61.68
CA LEU D 429 12.36 6.70 61.43
C LEU D 429 12.05 5.76 60.28
N ASN D 430 13.01 5.56 59.40
CA ASN D 430 12.88 4.74 58.21
C ASN D 430 14.00 3.68 58.21
N GLY D 431 13.61 2.43 58.04
CA GLY D 431 14.52 1.31 58.02
C GLY D 431 14.17 0.32 56.94
N GLY D 432 15.16 -0.45 56.52
CA GLY D 432 15.01 -1.45 55.48
C GLY D 432 16.24 -2.30 55.31
N ILE D 433 16.02 -3.62 55.25
CA ILE D 433 17.04 -4.65 55.01
C ILE D 433 16.55 -5.61 53.96
N ARG D 434 17.47 -6.07 53.07
CA ARG D 434 17.20 -7.03 52.01
C ARG D 434 18.41 -7.88 51.76
N LEU D 435 18.17 -9.17 51.58
CA LEU D 435 19.20 -10.14 51.23
C LEU D 435 18.82 -10.75 49.89
N ASP D 436 19.80 -10.82 48.96
CA ASP D 436 19.62 -11.44 47.64
C ASP D 436 20.57 -12.61 47.50
N ASN D 437 20.03 -13.83 47.39
CA ASN D 437 20.85 -15.03 47.17
C ASN D 437 20.79 -15.28 45.66
N TYR D 438 21.93 -15.18 44.96
CA TYR D 438 21.95 -15.31 43.49
C TYR D 438 22.89 -16.40 42.94
N HIS D 439 22.63 -16.79 41.68
CA HIS D 439 23.45 -17.72 40.90
C HIS D 439 23.42 -17.32 39.44
N THR D 440 24.54 -16.77 38.94
CA THR D 440 24.70 -16.38 37.54
C THR D 440 25.48 -17.46 36.80
N GLU D 441 25.13 -17.69 35.52
CA GLU D 441 25.76 -18.68 34.65
C GLU D 441 25.93 -18.04 33.29
N TYR D 442 27.20 -18.03 32.80
CA TYR D 442 27.53 -17.46 31.49
C TYR D 442 28.42 -18.36 30.62
N ASP D 443 28.17 -18.31 29.31
CA ASP D 443 28.93 -19.00 28.29
C ASP D 443 28.83 -18.25 26.99
N SER D 444 29.95 -18.15 26.26
CA SER D 444 29.97 -17.54 24.94
C SER D 444 30.88 -18.34 24.02
N ALA D 445 30.44 -18.49 22.76
CA ALA D 445 31.16 -19.15 21.67
C ALA D 445 31.21 -18.20 20.46
N THR D 446 32.31 -18.30 19.68
CA THR D 446 32.50 -17.49 18.48
C THR D 446 32.92 -18.43 17.33
N ALA D 447 32.34 -18.19 16.13
CA ALA D 447 32.64 -18.98 14.92
C ALA D 447 34.13 -18.84 14.57
N CYS D 448 34.82 -19.97 14.40
CA CYS D 448 36.24 -19.99 14.13
C CYS D 448 36.59 -19.70 12.67
N GLY D 449 37.87 -19.44 12.43
CA GLY D 449 38.43 -19.16 11.11
C GLY D 449 38.08 -17.82 10.49
N GLY D 450 37.63 -16.88 11.32
CA GLY D 450 37.26 -15.55 10.86
C GLY D 450 38.44 -14.72 10.40
N SER D 451 38.27 -14.03 9.26
CA SER D 451 39.30 -13.15 8.69
C SER D 451 39.06 -11.70 9.16
N GLY D 452 39.20 -11.50 10.46
CA GLY D 452 39.03 -10.21 11.14
C GLY D 452 39.82 -10.14 12.42
N ARG D 453 39.23 -9.52 13.46
CA ARG D 453 39.86 -9.38 14.79
C ARG D 453 38.84 -9.62 15.90
N GLY D 454 39.19 -10.58 16.76
CA GLY D 454 38.37 -11.10 17.84
C GLY D 454 37.96 -12.52 17.48
N ALA D 455 38.50 -13.00 16.32
CA ALA D 455 38.26 -14.30 15.72
C ALA D 455 39.30 -15.31 16.17
N ILE D 456 38.86 -16.58 16.37
CA ILE D 456 39.72 -17.68 16.81
C ILE D 456 40.04 -18.59 15.64
N THR D 457 41.19 -19.27 15.70
CA THR D 457 41.59 -20.20 14.65
C THR D 457 40.85 -21.50 14.86
N CYS D 458 40.47 -22.16 13.75
CA CYS D 458 39.77 -23.43 13.81
C CYS D 458 40.72 -24.53 14.24
N PRO D 459 40.40 -25.24 15.35
CA PRO D 459 41.27 -26.33 15.80
C PRO D 459 41.19 -27.52 14.84
N THR D 460 42.06 -28.53 15.03
CA THR D 460 42.09 -29.73 14.19
C THR D 460 40.72 -30.44 14.18
N GLY D 461 40.33 -30.92 13.01
CA GLY D 461 39.06 -31.62 12.78
C GLY D 461 37.83 -30.75 12.91
N VAL D 462 38.01 -29.46 13.17
CA VAL D 462 36.90 -28.53 13.35
C VAL D 462 36.77 -27.62 12.13
N ALA D 463 35.76 -27.91 11.29
CA ALA D 463 35.42 -27.18 10.06
C ALA D 463 35.28 -25.68 10.32
N LYS D 464 35.62 -24.86 9.30
CA LYS D 464 35.54 -23.38 9.32
C LYS D 464 34.13 -22.95 9.72
N GLY D 465 34.03 -21.91 10.53
CA GLY D 465 32.76 -21.35 10.98
C GLY D 465 32.12 -22.04 12.16
N SER D 466 32.75 -23.12 12.68
CA SER D 466 32.27 -23.90 13.82
C SER D 466 32.40 -23.10 15.09
N PRO D 467 31.42 -23.15 16.02
CA PRO D 467 31.52 -22.32 17.22
C PRO D 467 32.46 -22.85 18.29
N VAL D 468 33.53 -22.09 18.56
CA VAL D 468 34.53 -22.38 19.58
C VAL D 468 34.17 -21.54 20.83
N THR D 469 34.03 -22.19 21.99
CA THR D 469 33.71 -21.53 23.26
C THR D 469 34.90 -20.68 23.70
N THR D 470 34.62 -19.48 24.21
CA THR D 470 35.65 -18.54 24.64
C THR D 470 35.54 -18.31 26.16
N VAL D 471 34.32 -18.42 26.71
CA VAL D 471 34.01 -18.31 28.14
C VAL D 471 32.84 -19.27 28.51
N ASP D 472 32.96 -19.95 29.67
CA ASP D 472 31.96 -20.89 30.22
C ASP D 472 32.24 -21.00 31.74
N THR D 473 31.54 -20.13 32.53
CA THR D 473 31.74 -20.04 33.97
C THR D 473 30.41 -19.78 34.70
N ALA D 474 30.46 -19.57 36.04
CA ALA D 474 29.32 -19.32 36.92
C ALA D 474 29.76 -18.60 38.20
N LYS D 475 28.83 -17.85 38.82
CA LYS D 475 29.07 -17.11 40.06
C LYS D 475 27.87 -17.26 41.01
N SER D 476 28.17 -17.58 42.28
CA SER D 476 27.18 -17.73 43.36
C SER D 476 27.54 -16.72 44.44
N GLY D 477 26.55 -15.98 44.89
CA GLY D 477 26.77 -14.99 45.94
C GLY D 477 25.52 -14.52 46.64
N ASN D 478 25.73 -13.69 47.66
CA ASN D 478 24.70 -13.06 48.48
C ASN D 478 24.90 -11.54 48.46
N LEU D 479 23.79 -10.78 48.54
CA LEU D 479 23.84 -9.32 48.53
C LEU D 479 23.05 -8.75 49.70
N MET D 480 23.75 -8.40 50.78
CA MET D 480 23.14 -7.80 51.97
C MET D 480 23.10 -6.29 51.79
N ASN D 481 21.88 -5.78 51.60
CA ASN D 481 21.62 -4.36 51.40
C ASN D 481 20.69 -3.81 52.47
N TRP D 482 20.91 -2.55 52.84
CA TRP D 482 20.12 -1.87 53.85
C TRP D 482 20.01 -0.37 53.54
N LYS D 483 19.15 0.34 54.29
CA LYS D 483 18.93 1.79 54.20
C LYS D 483 18.33 2.29 55.50
N ALA D 484 18.66 3.52 55.87
CA ALA D 484 18.14 4.17 57.06
C ALA D 484 17.76 5.60 56.75
N GLY D 485 16.71 6.07 57.41
CA GLY D 485 16.20 7.42 57.25
C GLY D 485 15.57 7.99 58.51
N ALA D 486 15.49 9.32 58.55
CA ALA D 486 14.88 10.10 59.63
C ALA D 486 14.23 11.32 59.01
N LEU D 487 13.00 11.62 59.44
CA LEU D 487 12.25 12.77 58.92
C LEU D 487 11.68 13.61 60.06
N TYR D 488 11.85 14.93 59.98
CA TYR D 488 11.34 15.85 60.99
C TYR D 488 10.42 16.89 60.37
N HIS D 489 9.18 16.96 60.87
CA HIS D 489 8.17 17.90 60.41
C HIS D 489 8.35 19.24 61.11
N LEU D 490 8.99 20.17 60.39
CA LEU D 490 9.28 21.53 60.85
C LEU D 490 7.99 22.31 61.08
N THR D 491 7.11 22.34 60.06
CA THR D 491 5.79 22.96 60.05
C THR D 491 4.85 21.84 59.54
N GLU D 492 3.52 22.07 59.53
CA GLU D 492 2.60 21.04 59.02
C GLU D 492 2.63 20.99 57.47
N ASN D 493 3.32 21.97 56.85
CA ASN D 493 3.51 22.12 55.40
C ASN D 493 4.95 21.76 54.95
N GLY D 494 5.92 21.74 55.88
CA GLY D 494 7.31 21.46 55.54
C GLY D 494 8.04 20.48 56.44
N ASN D 495 9.12 19.89 55.90
CA ASN D 495 9.95 18.92 56.62
C ASN D 495 11.42 18.92 56.21
N VAL D 496 12.24 18.22 57.00
CA VAL D 496 13.68 18.04 56.79
C VAL D 496 14.01 16.55 57.00
N TYR D 497 14.87 15.98 56.12
CA TYR D 497 15.22 14.56 56.21
C TYR D 497 16.70 14.25 55.99
N ILE D 498 17.11 13.06 56.49
CA ILE D 498 18.43 12.48 56.33
C ILE D 498 18.27 11.04 55.90
N ASN D 499 19.05 10.60 54.90
CA ASN D 499 18.96 9.23 54.41
C ASN D 499 20.34 8.66 54.03
N TYR D 500 20.48 7.34 54.20
CA TYR D 500 21.67 6.55 53.87
C TYR D 500 21.24 5.24 53.30
N ALA D 501 21.97 4.74 52.27
CA ALA D 501 21.66 3.48 51.61
C ALA D 501 22.88 2.79 51.00
N VAL D 502 22.78 1.47 50.85
CA VAL D 502 23.80 0.62 50.24
C VAL D 502 23.17 -0.10 49.04
N SER D 503 23.82 0.02 47.88
CA SER D 503 23.40 -0.62 46.64
C SER D 503 24.60 -1.41 46.09
N GLN D 504 24.33 -2.50 45.34
CA GLN D 504 25.38 -3.37 44.80
C GLN D 504 25.02 -3.92 43.43
N GLN D 505 26.06 -4.18 42.63
CA GLN D 505 25.97 -4.75 41.30
C GLN D 505 27.02 -5.85 41.23
N PRO D 506 26.59 -7.12 41.39
CA PRO D 506 27.56 -8.22 41.45
C PRO D 506 28.25 -8.58 40.13
N PRO D 507 29.35 -9.37 40.12
CA PRO D 507 29.92 -9.81 38.85
C PRO D 507 28.86 -10.63 38.11
N GLY D 508 28.46 -10.14 36.94
CA GLY D 508 27.42 -10.76 36.12
C GLY D 508 26.07 -10.07 36.24
N GLY D 509 26.03 -9.02 37.05
CA GLY D 509 24.82 -8.23 37.27
C GLY D 509 24.51 -7.25 36.16
N ASN D 510 25.54 -6.62 35.57
CA ASN D 510 25.37 -5.64 34.49
C ASN D 510 24.65 -6.20 33.23
N ASN D 511 25.12 -7.34 32.68
CA ASN D 511 24.53 -7.92 31.47
C ASN D 511 24.73 -9.43 31.34
N PHE D 512 24.67 -10.16 32.47
CA PHE D 512 24.80 -11.63 32.55
C PHE D 512 26.19 -12.15 32.24
N ALA D 513 26.99 -11.37 31.50
CA ALA D 513 28.36 -11.69 31.12
C ALA D 513 29.23 -11.90 32.33
N LEU D 514 29.99 -13.00 32.33
CA LEU D 514 30.92 -13.32 33.40
C LEU D 514 32.31 -13.48 32.75
N ALA D 515 33.36 -13.32 33.55
CA ALA D 515 34.73 -13.45 33.09
C ALA D 515 35.41 -14.53 33.90
N GLN D 516 36.36 -15.25 33.29
CA GLN D 516 37.11 -16.29 34.01
C GLN D 516 37.90 -15.63 35.16
N SER D 517 37.83 -16.23 36.37
CA SER D 517 38.55 -15.73 37.55
C SER D 517 40.06 -15.77 37.32
N GLY D 518 40.78 -14.80 37.89
CA GLY D 518 42.24 -14.76 37.84
C GLY D 518 42.94 -13.75 36.94
N SER D 519 42.31 -13.33 35.83
CA SER D 519 42.95 -12.40 34.89
C SER D 519 41.96 -11.44 34.21
N GLY D 520 42.52 -10.35 33.67
CA GLY D 520 41.76 -9.32 32.96
C GLY D 520 41.26 -8.16 33.81
N ASN D 521 40.68 -7.15 33.12
CA ASN D 521 40.14 -5.92 33.72
C ASN D 521 38.61 -5.94 33.90
N SER D 522 37.96 -7.09 33.60
CA SER D 522 36.51 -7.23 33.69
C SER D 522 35.97 -7.17 35.11
N ALA D 523 34.97 -6.31 35.33
CA ALA D 523 34.27 -6.16 36.60
C ALA D 523 33.42 -7.40 36.86
N ASN D 524 33.12 -8.13 35.76
CA ASN D 524 32.34 -9.37 35.71
C ASN D 524 33.15 -10.63 36.04
N ARG D 525 34.37 -10.48 36.59
CA ARG D 525 35.25 -11.57 37.03
C ARG D 525 34.62 -12.27 38.23
N THR D 526 34.55 -13.62 38.20
CA THR D 526 33.92 -14.43 39.26
C THR D 526 34.67 -14.35 40.61
N ASP D 527 35.93 -13.90 40.60
CA ASP D 527 36.70 -13.73 41.85
C ASP D 527 36.52 -12.32 42.43
N PHE D 528 35.90 -11.43 41.66
CA PHE D 528 35.72 -10.05 42.07
C PHE D 528 34.51 -9.84 42.95
N LYS D 529 34.58 -8.75 43.75
CA LYS D 529 33.54 -8.26 44.67
C LYS D 529 32.55 -7.41 43.84
N PRO D 530 31.28 -7.21 44.29
CA PRO D 530 30.36 -6.35 43.53
C PRO D 530 30.77 -4.90 43.73
N GLN D 531 30.32 -3.98 42.85
CA GLN D 531 30.64 -2.57 43.09
C GLN D 531 29.59 -1.99 44.05
N LYS D 532 30.07 -1.57 45.23
CA LYS D 532 29.21 -1.01 46.27
C LYS D 532 29.08 0.49 46.10
N ALA D 533 27.85 0.98 46.21
CA ALA D 533 27.51 2.40 46.16
C ALA D 533 26.88 2.75 47.51
N ASN D 534 27.45 3.76 48.19
CA ASN D 534 26.91 4.21 49.48
C ASN D 534 26.39 5.63 49.29
N THR D 535 25.07 5.85 49.48
CA THR D 535 24.49 7.19 49.24
C THR D 535 24.04 7.92 50.50
N SER D 536 24.63 9.09 50.72
CA SER D 536 24.25 9.98 51.80
C SER D 536 23.36 11.07 51.22
N GLU D 537 22.42 11.57 52.02
CA GLU D 537 21.44 12.55 51.58
C GLU D 537 20.86 13.34 52.74
N ILE D 538 20.85 14.67 52.60
CA ILE D 538 20.24 15.61 53.55
C ILE D 538 19.32 16.47 52.69
N GLY D 539 18.03 16.41 52.97
CA GLY D 539 17.04 17.13 52.18
C GLY D 539 15.91 17.82 52.92
N THR D 540 15.09 18.55 52.14
CA THR D 540 13.92 19.30 52.61
C THR D 540 12.79 19.23 51.57
N LYS D 541 11.57 18.92 52.03
CA LYS D 541 10.38 18.79 51.18
C LYS D 541 9.22 19.61 51.75
N TRP D 542 8.55 20.40 50.86
CA TRP D 542 7.45 21.29 51.25
C TRP D 542 6.20 21.16 50.36
N GLN D 543 5.01 21.17 50.99
CA GLN D 543 3.72 21.11 50.32
C GLN D 543 2.99 22.44 50.53
N VAL D 544 3.27 23.39 49.64
CA VAL D 544 2.73 24.75 49.71
C VAL D 544 1.45 24.91 48.86
N LEU D 545 0.82 26.12 48.96
CA LEU D 545 -0.42 26.56 48.30
C LEU D 545 -1.49 25.51 48.47
N ASP D 546 -1.84 25.25 49.75
CA ASP D 546 -2.82 24.24 50.20
C ASP D 546 -2.44 22.81 49.75
N LYS D 547 -1.14 22.47 49.98
CA LYS D 547 -0.49 21.18 49.69
C LYS D 547 -0.58 20.77 48.18
N ARG D 548 -0.70 21.76 47.27
CA ARG D 548 -0.82 21.51 45.83
C ARG D 548 0.48 21.70 45.04
N LEU D 549 1.53 22.26 45.67
CA LEU D 549 2.82 22.46 45.04
C LEU D 549 3.92 21.81 45.87
N LEU D 550 4.65 20.85 45.28
CA LEU D 550 5.74 20.15 45.96
C LEU D 550 7.13 20.70 45.60
N LEU D 551 7.70 21.45 46.56
CA LEU D 551 9.05 22.03 46.45
C LEU D 551 10.03 21.08 47.15
N THR D 552 11.13 20.70 46.48
CA THR D 552 12.15 19.82 47.08
C THR D 552 13.58 20.34 46.88
N ALA D 553 14.49 20.00 47.81
CA ALA D 553 15.92 20.36 47.78
C ALA D 553 16.73 19.28 48.52
N ALA D 554 17.88 18.87 47.94
CA ALA D 554 18.73 17.84 48.54
C ALA D 554 20.21 17.98 48.21
N LEU D 555 21.07 17.68 49.20
CA LEU D 555 22.52 17.63 49.06
C LEU D 555 22.81 16.14 49.10
N PHE D 556 23.59 15.63 48.13
CA PHE D 556 23.85 14.19 48.03
C PHE D 556 25.30 13.81 47.76
N ARG D 557 25.64 12.56 48.12
CA ARG D 557 26.93 11.99 47.84
C ARG D 557 26.81 10.50 47.62
N THR D 558 27.15 10.06 46.42
CA THR D 558 27.17 8.64 46.08
C THR D 558 28.64 8.26 45.93
N ASP D 559 29.17 7.47 46.86
CA ASP D 559 30.53 6.98 46.81
C ASP D 559 30.42 5.60 46.17
N ILE D 560 31.28 5.31 45.17
CA ILE D 560 31.33 4.04 44.43
C ILE D 560 32.69 3.38 44.69
N GLU D 561 32.68 2.17 45.23
CA GLU D 561 33.88 1.41 45.56
C GLU D 561 33.94 0.07 44.84
N ASN D 562 35.12 -0.61 44.89
CA ASN D 562 35.41 -1.89 44.23
C ASN D 562 35.43 -1.76 42.68
N GLU D 563 35.76 -0.56 42.20
CA GLU D 563 35.92 -0.28 40.78
C GLU D 563 37.24 -0.89 40.34
N VAL D 564 37.25 -1.55 39.17
CA VAL D 564 38.44 -2.22 38.62
C VAL D 564 39.40 -1.16 38.10
N GLU D 565 40.68 -1.32 38.46
CA GLU D 565 41.81 -0.47 38.10
C GLU D 565 43.09 -1.32 37.94
N GLN D 566 44.07 -0.85 37.15
CA GLN D 566 45.33 -1.55 36.87
C GLN D 566 46.39 -1.26 37.93
N ASN D 567 47.01 -2.33 38.49
CA ASN D 567 48.09 -2.20 39.48
C ASN D 567 49.36 -1.79 38.76
N ASP D 568 50.43 -1.38 39.50
CA ASP D 568 51.68 -0.94 38.86
C ASP D 568 52.22 -1.97 37.87
N ASP D 569 52.10 -3.28 38.17
CA ASP D 569 52.46 -4.32 37.20
C ASP D 569 51.30 -4.44 36.17
N GLY D 570 51.18 -5.58 35.51
CA GLY D 570 50.11 -5.75 34.52
C GLY D 570 48.74 -5.79 35.14
N THR D 571 48.60 -6.64 36.20
CA THR D 571 47.46 -7.02 37.04
C THR D 571 46.40 -5.96 37.28
N TYR D 572 45.18 -6.41 37.59
CA TYR D 572 44.04 -5.55 37.92
C TYR D 572 43.49 -5.86 39.31
N SER D 573 43.14 -4.78 40.03
CA SER D 573 42.60 -4.76 41.39
C SER D 573 41.37 -3.87 41.45
N GLN D 574 40.57 -4.02 42.52
CA GLN D 574 39.35 -3.23 42.71
C GLN D 574 39.59 -2.07 43.68
N TYR D 575 40.72 -1.35 43.52
CA TYR D 575 41.10 -0.21 44.35
C TYR D 575 40.44 1.10 43.91
N GLY D 576 39.81 1.07 42.74
CA GLY D 576 39.11 2.20 42.14
C GLY D 576 37.96 2.72 42.96
N LYS D 577 37.75 4.04 42.87
CA LYS D 577 36.70 4.78 43.56
C LYS D 577 36.15 5.87 42.65
N LYS D 578 34.86 6.18 42.80
CA LYS D 578 34.17 7.23 42.05
C LYS D 578 33.19 7.93 42.99
N ARG D 579 33.02 9.24 42.80
CA ARG D 579 32.10 10.00 43.62
C ARG D 579 31.22 10.84 42.72
N VAL D 580 29.90 10.85 43.03
CA VAL D 580 28.89 11.67 42.36
C VAL D 580 28.30 12.48 43.52
N GLU D 581 28.69 13.75 43.55
CA GLU D 581 28.39 14.71 44.60
C GLU D 581 27.60 15.86 43.98
N GLY D 582 26.71 16.47 44.76
CA GLY D 582 25.96 17.60 44.27
C GLY D 582 24.69 17.92 45.00
N TYR D 583 23.84 18.71 44.33
CA TYR D 583 22.53 19.12 44.83
C TYR D 583 21.44 19.01 43.76
N GLU D 584 20.20 18.82 44.23
CA GLU D 584 19.01 18.62 43.45
C GLU D 584 17.87 19.44 44.03
N ILE D 585 17.18 20.18 43.17
CA ILE D 585 16.04 21.01 43.52
C ILE D 585 14.97 20.77 42.48
N SER D 586 13.74 20.44 42.91
CA SER D 586 12.65 20.15 42.00
C SER D 586 11.33 20.77 42.40
N VAL D 587 10.42 20.94 41.42
CA VAL D 587 9.06 21.46 41.57
C VAL D 587 8.09 20.58 40.80
N ALA D 588 6.87 20.43 41.32
CA ALA D 588 5.79 19.65 40.71
C ALA D 588 4.47 20.01 41.38
N GLY D 589 3.50 20.40 40.56
CA GLY D 589 2.16 20.72 41.05
C GLY D 589 1.53 21.97 40.47
N ASN D 590 0.56 22.54 41.23
CA ASN D 590 -0.21 23.72 40.88
C ASN D 590 0.23 24.96 41.65
N ILE D 591 0.43 26.08 40.93
CA ILE D 591 0.81 27.38 41.51
C ILE D 591 -0.52 28.13 41.79
N THR D 592 -1.45 28.02 40.83
CA THR D 592 -2.83 28.52 40.84
C THR D 592 -3.65 27.34 40.23
N PRO D 593 -5.00 27.28 40.32
CA PRO D 593 -5.71 26.14 39.71
C PRO D 593 -5.55 26.02 38.19
N ALA D 594 -5.26 27.15 37.49
CA ALA D 594 -5.04 27.20 36.04
C ALA D 594 -3.57 27.00 35.65
N TRP D 595 -2.66 27.26 36.60
CA TRP D 595 -1.21 27.17 36.42
C TRP D 595 -0.59 25.84 36.94
N GLN D 596 -0.15 24.98 36.01
CA GLN D 596 0.46 23.70 36.31
C GLN D 596 1.96 23.75 35.99
N VAL D 597 2.79 23.12 36.83
CA VAL D 597 4.25 23.15 36.70
C VAL D 597 4.90 21.79 37.08
N ILE D 598 6.08 21.52 36.49
CA ILE D 598 6.94 20.34 36.69
C ILE D 598 8.36 20.68 36.16
N GLY D 599 9.37 20.06 36.76
CA GLY D 599 10.77 20.24 36.41
C GLY D 599 11.69 20.46 37.59
N GLY D 600 12.99 20.55 37.31
CA GLY D 600 14.01 20.76 38.33
C GLY D 600 15.41 20.98 37.80
N TYR D 601 16.35 21.32 38.71
CA TYR D 601 17.77 21.57 38.43
C TYR D 601 18.67 20.60 39.19
N THR D 602 19.84 20.29 38.62
CA THR D 602 20.81 19.40 39.26
C THR D 602 22.25 19.82 39.02
N GLN D 603 23.07 19.64 40.04
CA GLN D 603 24.49 19.88 39.96
C GLN D 603 25.14 18.59 40.38
N GLN D 604 25.82 17.93 39.45
CA GLN D 604 26.46 16.65 39.71
C GLN D 604 27.92 16.61 39.28
N LYS D 605 28.80 16.55 40.28
CA LYS D 605 30.23 16.43 40.06
C LYS D 605 30.57 14.91 40.11
N ALA D 606 30.49 14.24 38.91
CA ALA D 606 30.82 12.83 38.75
C ALA D 606 32.30 12.73 38.38
N THR D 607 33.13 12.30 39.35
CA THR D 607 34.59 12.21 39.18
C THR D 607 35.14 10.83 39.58
N ILE D 608 36.43 10.60 39.24
CA ILE D 608 37.22 9.42 39.63
C ILE D 608 37.93 9.90 40.92
N LYS D 609 37.68 9.25 42.08
CA LYS D 609 38.41 9.66 43.29
C LYS D 609 39.76 8.95 43.39
N ASN D 610 39.80 7.69 42.95
CA ASN D 610 40.98 6.84 42.90
C ASN D 610 40.86 6.04 41.62
N GLY D 611 41.93 6.06 40.84
CA GLY D 611 41.98 5.32 39.59
C GLY D 611 42.42 6.11 38.38
N LYS D 612 42.29 5.49 37.20
CA LYS D 612 42.68 6.06 35.92
C LYS D 612 41.58 6.95 35.33
N ASP D 613 42.01 7.98 34.58
CA ASP D 613 41.16 8.93 33.89
C ASP D 613 40.31 8.23 32.85
N VAL D 614 39.07 8.71 32.69
CA VAL D 614 38.08 8.15 31.78
C VAL D 614 37.65 9.20 30.74
N ALA D 615 37.83 10.50 31.04
CA ALA D 615 37.53 11.62 30.12
C ALA D 615 38.68 11.79 29.14
N GLN D 616 38.37 12.23 27.90
CA GLN D 616 39.37 12.41 26.85
C GLN D 616 40.40 13.50 27.21
N ASP D 617 39.96 14.63 27.79
CA ASP D 617 40.81 15.78 28.15
C ASP D 617 41.66 15.57 29.42
N GLY D 618 41.83 14.33 29.86
CA GLY D 618 42.63 13.94 31.01
C GLY D 618 42.19 14.43 32.38
N SER D 619 40.98 15.03 32.49
CA SER D 619 40.48 15.50 33.79
C SER D 619 39.75 14.39 34.54
N SER D 620 39.86 14.39 35.89
CA SER D 620 39.16 13.42 36.73
C SER D 620 37.71 13.84 36.67
N SER D 621 36.96 13.21 35.74
CA SER D 621 35.58 13.55 35.40
C SER D 621 35.00 12.42 34.55
N LEU D 622 33.81 11.96 34.92
CA LEU D 622 33.14 10.86 34.25
C LEU D 622 32.49 11.28 32.90
N PRO D 623 32.61 10.44 31.84
CA PRO D 623 32.03 10.84 30.55
C PRO D 623 30.54 10.61 30.46
N TYR D 624 29.92 11.28 29.46
CA TYR D 624 28.50 11.23 29.10
C TYR D 624 27.63 11.61 30.29
N THR D 625 28.11 12.63 31.05
CA THR D 625 27.48 13.14 32.27
C THR D 625 27.60 14.68 32.34
N PRO D 626 26.46 15.41 32.30
CA PRO D 626 26.54 16.88 32.39
C PRO D 626 26.70 17.33 33.85
N GLU D 627 27.44 18.43 34.10
CA GLU D 627 27.61 18.92 35.47
C GLU D 627 26.33 19.61 35.93
N HIS D 628 25.72 20.41 35.04
CA HIS D 628 24.49 21.15 35.29
C HIS D 628 23.44 20.81 34.24
N ALA D 629 22.21 20.62 34.69
CA ALA D 629 21.07 20.31 33.85
C ALA D 629 19.81 20.84 34.47
N PHE D 630 19.01 21.50 33.66
CA PHE D 630 17.76 22.15 34.01
C PHE D 630 16.68 21.63 33.08
N THR D 631 15.44 21.60 33.59
CA THR D 631 14.24 21.18 32.88
C THR D 631 13.02 21.83 33.57
N LEU D 632 12.15 22.51 32.78
CA LEU D 632 10.99 23.17 33.33
C LEU D 632 9.87 23.21 32.33
N TRP D 633 8.70 22.72 32.74
CA TRP D 633 7.50 22.67 31.90
C TRP D 633 6.37 23.36 32.66
N SER D 634 5.60 24.18 31.96
CA SER D 634 4.49 24.90 32.57
C SER D 634 3.31 25.05 31.62
N GLN D 635 2.12 24.70 32.10
CA GLN D 635 0.88 24.82 31.33
C GLN D 635 -0.11 25.70 32.09
N TYR D 636 -0.52 26.79 31.45
CA TYR D 636 -1.50 27.70 32.01
C TYR D 636 -2.80 27.64 31.24
N GLN D 637 -3.93 27.51 31.95
CA GLN D 637 -5.25 27.51 31.33
C GLN D 637 -5.65 28.99 31.16
N ALA D 638 -5.24 29.59 30.02
CA ALA D 638 -5.48 31.00 29.68
C ALA D 638 -6.97 31.37 29.70
N THR D 639 -7.80 30.61 28.97
CA THR D 639 -9.26 30.76 28.91
C THR D 639 -9.90 29.39 29.25
N ASP D 640 -11.24 29.28 29.21
CA ASP D 640 -11.95 28.03 29.47
C ASP D 640 -11.62 26.98 28.39
N ASP D 641 -11.46 27.43 27.13
CA ASP D 641 -11.17 26.59 25.97
C ASP D 641 -9.67 26.52 25.64
N ILE D 642 -8.96 27.67 25.74
CA ILE D 642 -7.54 27.75 25.37
C ILE D 642 -6.57 27.59 26.56
N SER D 643 -5.68 26.58 26.45
CA SER D 643 -4.58 26.30 27.38
C SER D 643 -3.28 26.55 26.61
N VAL D 644 -2.26 27.11 27.30
CA VAL D 644 -0.96 27.41 26.70
C VAL D 644 0.12 26.69 27.49
N GLY D 645 1.07 26.09 26.79
CA GLY D 645 2.21 25.38 27.39
C GLY D 645 3.56 25.89 26.93
N ALA D 646 4.58 25.75 27.79
CA ALA D 646 5.96 26.17 27.50
C ALA D 646 6.95 25.30 28.26
N GLY D 647 8.04 24.96 27.59
CA GLY D 647 9.09 24.12 28.12
C GLY D 647 10.49 24.60 27.82
N ALA D 648 11.38 24.47 28.80
CA ALA D 648 12.77 24.88 28.68
C ALA D 648 13.67 23.85 29.34
N ARG D 649 14.61 23.33 28.56
CA ARG D 649 15.58 22.33 29.03
C ARG D 649 17.00 22.77 28.75
N TYR D 650 17.86 22.64 29.75
CA TYR D 650 19.28 22.88 29.58
C TYR D 650 20.02 21.59 29.88
N ILE D 651 20.95 21.25 28.99
CA ILE D 651 21.81 20.08 29.14
C ILE D 651 23.23 20.62 29.05
N GLY D 652 24.00 20.42 30.12
CA GLY D 652 25.36 20.90 30.23
C GLY D 652 26.35 20.28 29.28
N SER D 653 27.57 20.84 29.24
CA SER D 653 28.63 20.28 28.42
C SER D 653 29.07 18.96 29.07
N MET D 654 29.39 17.95 28.25
CA MET D 654 29.83 16.67 28.82
C MET D 654 31.03 16.11 28.07
N HIS D 655 31.83 15.31 28.79
CA HIS D 655 33.04 14.73 28.26
C HIS D 655 32.79 13.49 27.45
N LYS D 656 33.61 13.31 26.41
CA LYS D 656 33.65 12.10 25.60
C LYS D 656 34.64 11.18 26.35
N GLY D 657 34.43 9.87 26.27
CA GLY D 657 35.33 8.94 26.93
C GLY D 657 36.70 8.95 26.27
N SER D 658 37.71 8.44 26.99
CA SER D 658 39.08 8.35 26.51
C SER D 658 39.16 7.28 25.41
N ASP D 659 39.82 7.61 24.28
CA ASP D 659 39.99 6.72 23.11
C ASP D 659 41.15 7.14 22.22
N GLY D 660 41.83 6.13 21.66
CA GLY D 660 42.98 6.28 20.77
C GLY D 660 42.74 7.02 19.47
N ALA D 661 41.45 7.25 19.10
CA ALA D 661 41.06 8.01 17.92
C ALA D 661 41.62 9.44 18.01
N VAL D 662 42.40 9.84 16.99
CA VAL D 662 43.09 11.14 16.91
C VAL D 662 42.26 12.25 16.22
N GLY D 663 42.15 13.39 16.91
CA GLY D 663 41.52 14.58 16.39
C GLY D 663 40.04 14.78 16.63
N THR D 664 39.35 13.75 17.10
CA THR D 664 37.91 13.79 17.39
C THR D 664 37.59 14.70 18.61
N PRO D 665 36.37 15.30 18.71
CA PRO D 665 36.07 16.15 19.87
C PRO D 665 36.22 15.42 21.19
N ALA D 666 36.90 16.04 22.18
CA ALA D 666 37.13 15.50 23.52
C ALA D 666 35.90 15.71 24.43
N PHE D 667 34.99 16.56 23.97
CA PHE D 667 33.78 16.91 24.68
C PHE D 667 32.75 17.42 23.69
N THR D 668 31.54 17.63 24.20
CA THR D 668 30.41 18.17 23.48
C THR D 668 30.00 19.37 24.30
N GLU D 669 29.57 20.45 23.63
CA GLU D 669 29.14 21.68 24.30
C GLU D 669 27.72 21.52 24.83
N GLY D 670 27.35 22.38 25.79
CA GLY D 670 26.01 22.43 26.38
C GLY D 670 24.98 22.92 25.39
N TYR D 671 23.67 22.74 25.71
CA TYR D 671 22.59 23.18 24.83
C TYR D 671 21.28 23.47 25.55
N TRP D 672 20.54 24.45 25.01
CA TRP D 672 19.22 24.88 25.46
C TRP D 672 18.20 24.52 24.37
N VAL D 673 17.17 23.73 24.72
CA VAL D 673 16.08 23.37 23.80
C VAL D 673 14.76 23.95 24.36
N ALA D 674 14.03 24.69 23.52
CA ALA D 674 12.76 25.30 23.94
C ALA D 674 11.53 24.63 23.31
N ASP D 675 10.47 24.44 24.09
CA ASP D 675 9.23 23.81 23.62
C ASP D 675 8.03 24.71 23.92
N ALA D 676 6.94 24.54 23.15
CA ALA D 676 5.71 25.29 23.37
C ALA D 676 4.51 24.42 23.03
N LYS D 677 3.37 24.72 23.65
CA LYS D 677 2.11 24.01 23.45
C LYS D 677 0.94 24.99 23.37
N LEU D 678 -0.07 24.61 22.57
CA LEU D 678 -1.32 25.33 22.40
C LEU D 678 -2.45 24.30 22.35
N GLY D 679 -3.35 24.36 23.32
CA GLY D 679 -4.45 23.42 23.45
C GLY D 679 -5.80 24.10 23.40
N TYR D 680 -6.71 23.57 22.56
CA TYR D 680 -8.06 24.09 22.39
C TYR D 680 -9.13 23.02 22.60
N ARG D 681 -10.10 23.32 23.46
CA ARG D 681 -11.21 22.43 23.77
C ARG D 681 -12.45 22.85 22.97
N VAL D 682 -13.07 21.87 22.29
CA VAL D 682 -14.29 22.10 21.51
C VAL D 682 -15.48 21.91 22.47
N ASN D 683 -15.56 20.73 23.09
CA ASN D 683 -16.60 20.31 24.04
C ASN D 683 -16.02 19.33 25.07
N ARG D 684 -16.87 18.74 25.92
CA ARG D 684 -16.42 17.79 26.94
C ARG D 684 -16.09 16.38 26.37
N ASN D 685 -15.90 16.29 25.03
CA ASN D 685 -15.56 15.05 24.32
C ASN D 685 -14.36 15.22 23.39
N LEU D 686 -14.27 16.35 22.68
CA LEU D 686 -13.20 16.64 21.72
C LEU D 686 -12.29 17.79 22.13
N ASP D 687 -10.97 17.58 22.00
CA ASP D 687 -9.92 18.57 22.28
C ASP D 687 -8.77 18.42 21.30
N PHE D 688 -8.04 19.53 21.04
CA PHE D 688 -6.89 19.56 20.14
C PHE D 688 -5.63 20.01 20.87
N GLN D 689 -4.45 19.61 20.36
CA GLN D 689 -3.19 19.92 21.00
C GLN D 689 -2.06 20.10 19.97
N LEU D 690 -1.46 21.29 19.94
CA LEU D 690 -0.34 21.61 19.05
C LEU D 690 0.91 21.83 19.89
N ASN D 691 1.88 20.93 19.75
CA ASN D 691 3.16 21.03 20.45
C ASN D 691 4.27 21.30 19.42
N VAL D 692 5.10 22.31 19.68
CA VAL D 692 6.26 22.63 18.85
C VAL D 692 7.49 22.29 19.69
N TYR D 693 8.35 21.41 19.17
CA TYR D 693 9.56 20.95 19.84
C TYR D 693 10.75 21.59 19.16
N ASN D 694 11.74 22.07 19.96
CA ASN D 694 12.94 22.78 19.50
C ASN D 694 12.49 24.04 18.75
N LEU D 695 11.85 24.94 19.50
CA LEU D 695 11.26 26.21 19.09
C LEU D 695 12.18 27.07 18.23
N PHE D 696 13.47 27.17 18.60
CA PHE D 696 14.44 28.01 17.92
C PHE D 696 15.30 27.28 16.89
N ASP D 697 14.88 26.06 16.46
CA ASP D 697 15.58 25.19 15.48
C ASP D 697 17.10 25.11 15.79
N THR D 698 17.42 24.96 17.10
CA THR D 698 18.79 24.89 17.61
C THR D 698 19.47 23.60 17.16
N ASP D 699 20.67 23.74 16.60
CA ASP D 699 21.52 22.66 16.14
C ASP D 699 22.51 22.33 17.26
N TYR D 700 22.57 21.05 17.71
CA TYR D 700 23.43 20.60 18.81
C TYR D 700 23.86 19.12 18.73
N VAL D 701 24.77 18.68 19.65
CA VAL D 701 25.22 17.28 19.70
C VAL D 701 24.37 16.57 20.76
N ALA D 702 23.50 15.65 20.33
CA ALA D 702 22.61 14.89 21.22
C ALA D 702 23.40 13.81 22.00
N SER D 703 24.37 13.16 21.34
CA SER D 703 25.27 12.15 21.89
C SER D 703 26.45 11.89 20.93
N ILE D 704 27.54 11.30 21.44
CA ILE D 704 28.76 11.00 20.68
C ILE D 704 29.29 9.60 21.07
N ASN D 705 30.00 8.93 20.14
CA ASN D 705 30.54 7.60 20.44
C ASN D 705 31.88 7.70 21.17
N LYS D 706 32.37 6.58 21.73
CA LYS D 706 33.64 6.50 22.47
C LYS D 706 34.82 7.05 21.67
N SER D 707 34.93 6.69 20.37
CA SER D 707 36.04 7.14 19.51
C SER D 707 35.89 8.60 19.12
N GLY D 708 34.67 9.06 18.94
CA GLY D 708 34.36 10.44 18.60
C GLY D 708 34.18 10.70 17.13
N TYR D 709 34.15 9.65 16.28
CA TYR D 709 34.00 9.82 14.83
C TYR D 709 32.57 10.16 14.43
N ARG D 710 31.59 9.61 15.16
CA ARG D 710 30.20 9.80 14.84
C ARG D 710 29.39 10.37 16.00
N TYR D 711 28.42 11.23 15.66
CA TYR D 711 27.53 11.84 16.63
C TYR D 711 26.13 11.87 16.08
N HIS D 712 25.15 11.97 16.97
CA HIS D 712 23.75 12.08 16.62
C HIS D 712 23.38 13.56 16.77
N PRO D 713 22.94 14.26 15.69
CA PRO D 713 22.54 15.66 15.86
C PRO D 713 21.13 15.78 16.47
N GLY D 714 20.94 16.78 17.31
CA GLY D 714 19.64 17.02 17.92
C GLY D 714 18.62 17.31 16.84
N GLU D 715 17.45 16.64 16.90
CA GLU D 715 16.40 16.80 15.89
C GLU D 715 15.91 18.25 15.79
N PRO D 716 15.63 18.74 14.55
CA PRO D 716 15.21 20.14 14.41
C PRO D 716 13.75 20.41 14.78
N ARG D 717 13.31 21.65 14.55
CA ARG D 717 11.95 22.11 14.82
C ARG D 717 10.90 21.17 14.22
N THR D 718 10.14 20.55 15.10
CA THR D 718 9.06 19.64 14.75
C THR D 718 7.76 20.17 15.33
N PHE D 719 6.65 19.76 14.71
CA PHE D 719 5.29 20.16 15.06
C PHE D 719 4.46 18.90 15.25
N LEU D 720 3.64 18.83 16.32
CA LEU D 720 2.77 17.69 16.56
C LEU D 720 1.32 18.11 16.86
N LEU D 721 0.40 17.77 15.94
CA LEU D 721 -1.03 18.05 16.07
C LEU D 721 -1.77 16.78 16.52
N THR D 722 -2.35 16.84 17.73
CA THR D 722 -3.08 15.73 18.34
C THR D 722 -4.55 16.09 18.55
N ALA D 723 -5.44 15.14 18.26
CA ALA D 723 -6.88 15.29 18.46
C ALA D 723 -7.31 14.24 19.49
N ASN D 724 -7.65 14.69 20.70
CA ASN D 724 -8.08 13.82 21.80
C ASN D 724 -9.61 13.71 21.83
N MET D 725 -10.12 12.47 21.79
CA MET D 725 -11.54 12.14 21.80
C MET D 725 -11.87 11.25 23.02
N HIS D 726 -12.66 11.81 23.97
CA HIS D 726 -13.04 11.18 25.23
C HIS D 726 -14.52 10.82 25.30
N PHE D 727 -14.85 9.83 26.15
CA PHE D 727 -16.21 9.34 26.40
C PHE D 727 -16.34 8.86 27.86
C1 BOG E . -41.99 -25.59 13.10
O1 BOG E . -42.38 -25.75 14.43
C2 BOG E . -40.48 -25.82 13.03
O2 BOG E . -39.80 -24.88 13.86
C3 BOG E . -40.00 -25.69 11.59
O3 BOG E . -38.62 -26.02 11.50
C4 BOG E . -40.81 -26.61 10.67
O4 BOG E . -40.47 -26.33 9.32
C5 BOG E . -42.30 -26.36 10.87
O5 BOG E . -42.66 -26.51 12.26
C6 BOG E . -43.18 -27.33 10.10
O6 BOG E . -44.56 -27.05 10.31
C1' BOG E . -43.80 -25.70 14.64
C2' BOG E . -44.12 -26.08 16.06
C3' BOG E . -44.24 -24.88 17.00
C4' BOG E . -45.09 -25.12 18.24
C5' BOG E . -46.50 -25.64 17.95
C6' BOG E . -47.57 -25.18 18.92
C7' BOG E . -49.00 -25.56 18.51
C8' BOG E . -49.98 -24.41 18.52
H1 BOG E . -42.21 -24.57 12.77
H2 BOG E . -40.24 -26.83 13.37
HO2 BOG E . -40.13 -25.02 14.78
H3 BOG E . -40.12 -24.67 11.25
HO3 BOG E . -38.11 -25.18 11.64
H4 BOG E . -40.57 -27.65 10.90
HO4 BOG E . -40.27 -27.21 8.89
H5 BOG E . -42.56 -25.36 10.53
H61 BOG E . -43.04 -28.34 10.50
H62 BOG E . -42.92 -27.36 9.04
HO6 BOG E . -44.93 -27.71 10.95
H1'1 BOG E . -44.32 -26.38 13.96
H1'2 BOG E . -44.17 -24.70 14.41
H2'1 BOG E . -43.36 -26.76 16.44
H2'2 BOG E . -45.01 -26.69 16.06
H3'1 BOG E . -44.63 -24.02 16.47
H3'2 BOG E . -43.24 -24.59 17.32
H4'1 BOG E . -45.15 -24.20 18.83
H4'2 BOG E . -44.59 -25.82 18.90
H5'1 BOG E . -46.47 -26.72 17.94
H5'2 BOG E . -46.79 -25.38 16.93
H6'1 BOG E . -47.52 -24.10 19.06
H6'2 BOG E . -47.37 -25.58 19.91
H7'1 BOG E . -49.37 -26.36 19.15
H7'2 BOG E . -48.99 -26.01 17.52
H8'1 BOG E . -51.00 -24.75 18.33
H8'2 BOG E . -49.76 -23.67 17.74
H8'3 BOG E . -49.99 -23.87 19.46
C1 BOG F . 4.67 26.66 1.97
O1 BOG F . 5.33 25.47 1.62
C2 BOG F . 3.60 26.33 3.00
O2 BOG F . 2.65 25.42 2.48
C3 BOG F . 2.91 27.62 3.43
O3 BOG F . 1.97 27.35 4.47
C4 BOG F . 3.91 28.66 3.89
O4 BOG F . 3.25 29.90 4.09
C5 BOG F . 5.02 28.86 2.85
O5 BOG F . 5.60 27.60 2.50
C6 BOG F . 6.14 29.74 3.34
O6 BOG F . 7.07 30.06 2.32
C1' BOG F . 6.37 25.63 0.64
C2' BOG F . 6.67 24.33 -0.04
C3' BOG F . 7.99 23.70 0.39
C4' BOG F . 8.93 23.28 -0.74
C5' BOG F . 10.16 24.16 -0.93
C6' BOG F . 11.11 23.64 -2.00
C7' BOG F . 11.87 24.72 -2.77
C8' BOG F . 12.74 24.15 -3.89
H1 BOG F . 4.20 27.10 1.10
H2 BOG F . 4.06 25.89 3.89
HO2 BOG F . 2.98 24.51 2.68
H3 BOG F . 2.35 28.03 2.58
HO3 BOG F . 1.21 26.87 4.06
H4 BOG F . 4.35 28.34 4.83
HO4 BOG F . 2.74 29.82 4.95
H5 BOG F . 4.59 29.31 1.95
H61 BOG F . 6.73 29.19 4.07
H62 BOG F . 5.77 30.63 3.84
HO6 BOG F . 7.73 30.69 2.68
H1'1 BOG F . 7.25 26.06 1.12
H1'2 BOG F . 6.07 26.35 -0.10
H2'1 BOG F . 6.64 24.47 -1.12
H2'2 BOG F . 5.86 23.62 0.14
H3'1 BOG F . 7.77 22.81 0.99
H3'2 BOG F . 8.54 24.35 1.07
H4'1 BOG F . 8.39 23.20 -1.69
H4'2 BOG F . 9.25 22.26 -0.57
H5'1 BOG F . 10.70 24.22 0.02
H5'2 BOG F . 9.87 25.18 -1.15
H6'1 BOG F . 10.56 23.03 -2.72
H6'2 BOG F . 11.83 22.95 -1.56
H7'1 BOG F . 12.50 25.29 -2.08
H7'2 BOG F . 11.19 25.45 -3.18
H8'1 BOG F . 13.12 24.93 -4.54
H8'2 BOG F . 12.18 23.46 -4.52
H8'3 BOG F . 13.61 23.61 -3.52
#